data_7T8S
#
_entry.id   7T8S
#
_cell.length_a   178.359
_cell.length_b   178.359
_cell.length_c   173.546
_cell.angle_alpha   90.000
_cell.angle_beta   90.000
_cell.angle_gamma   90.000
#
_symmetry.space_group_name_H-M   'P 41 21 2'
#
loop_
_entity.id
_entity.type
_entity.pdbx_description
1 polymer 'Phycoerythrin beta subunit'
2 polymer 'phycoerythrin alpha-1 subunit'
3 polymer 'phycoerythrin alpha-2 subunit'
4 non-polymer PHYCOERYTHROBILIN
5 non-polymer 'Bilin 584 (single linked)'
6 non-polymer 'Bilin 584 (doubly linked)'
7 non-polymer GLYCEROL
8 non-polymer 'Bilin 618 (single linked)'
9 water water
#
loop_
_entity_poly.entity_id
_entity_poly.type
_entity_poly.pdbx_seq_one_letter_code
_entity_poly.pdbx_strand_id
1 'polypeptide(L)'
;MALDAFSKVVTNADAKAAYVGGADLQALKKFISEGNKRLDAVNSIVSNASCIVSDAVSGMICENPSLISPSG(MEN)CYT
NRRMAACLRDGEIILRYVSYALLSGDSSVLEDRCLNGLKETYSSLGVPANSNARAVSIMKACAVAFVNNTASQRKLSTPQ
GDCSALASEVAGYFDKVSAAIG
;
A,C,E,G,I,K,M,O
2 'polypeptide(L)' AFDKSAKAPVITIFDHRGCTAHKNAEYKGALTNSIDDEMCVKVQSVKIAVSEADAAKKLQEFISYEAKGIDGAYTGRK B,F,J,N
3 'polypeptide(L)' ADDKSGKAPVITVFDHRGCQRGGPDREYKGKKANGPDDEMCVKVQSAKIAVSATTADSVLQQTISTLYRK D,H,L,P
#
loop_
_chem_comp.id
_chem_comp.type
_chem_comp.name
_chem_comp.formula
GOL non-polymer GLYCEROL 'C3 H8 O3'
KP9 non-polymer 'Bilin 618 (single linked)' 'C33 H36 N4 O6'
KPX non-polymer 'Bilin 584 (single linked)' 'C33 H38 N4 O6'
KQ6 non-polymer 'Bilin 584 (doubly linked)' 'C33 H40 N4 O6'
PEB non-polymer PHYCOERYTHROBILIN 'C33 H40 N4 O6'
#
# COMPACT_ATOMS: atom_id res chain seq x y z
N ALA A 2 24.55 -1.15 2.22
CA ALA A 2 25.19 0.07 1.71
C ALA A 2 26.14 -0.26 0.56
N LEU A 3 26.25 0.66 -0.40
CA LEU A 3 27.11 0.45 -1.56
C LEU A 3 27.37 1.77 -2.25
N ASP A 4 28.65 2.15 -2.37
CA ASP A 4 29.08 3.25 -3.23
C ASP A 4 29.08 2.71 -4.66
N ALA A 5 27.98 2.97 -5.39
CA ALA A 5 27.70 2.29 -6.64
C ALA A 5 28.06 3.11 -7.89
N PHE A 6 28.31 4.40 -7.75
CA PHE A 6 28.56 5.27 -8.90
C PHE A 6 29.94 5.92 -8.84
N SER A 7 30.91 5.26 -8.19
CA SER A 7 32.25 5.84 -8.08
C SER A 7 32.90 6.05 -9.44
N LYS A 8 32.41 5.40 -10.48
CA LYS A 8 32.99 5.53 -11.82
C LYS A 8 32.50 6.78 -12.56
N ALA A 15 32.81 13.35 -15.92
CA ALA A 15 32.46 13.35 -17.33
C ALA A 15 31.07 12.74 -17.55
N LYS A 16 31.01 11.44 -17.79
CA LYS A 16 29.79 10.80 -18.26
C LYS A 16 28.83 10.52 -17.11
N ALA A 17 27.54 10.49 -17.45
CA ALA A 17 26.50 10.16 -16.48
C ALA A 17 26.28 8.65 -16.44
N ALA A 18 25.94 8.14 -15.26
CA ALA A 18 25.57 6.75 -15.08
C ALA A 18 24.05 6.65 -14.96
N TYR A 19 23.48 5.62 -15.58
CA TYR A 19 22.05 5.39 -15.59
C TYR A 19 21.77 3.99 -15.07
N VAL A 20 20.95 3.89 -14.01
CA VAL A 20 20.63 2.63 -13.37
C VAL A 20 19.12 2.47 -13.38
N GLY A 21 18.62 1.60 -14.25
CA GLY A 21 17.21 1.26 -14.29
C GLY A 21 17.00 -0.23 -14.48
N GLY A 22 15.76 -0.65 -14.66
CA GLY A 22 15.51 -2.05 -14.98
C GLY A 22 16.20 -3.00 -14.01
N ALA A 23 16.94 -3.96 -14.58
CA ALA A 23 17.55 -5.01 -13.76
C ALA A 23 18.59 -4.44 -12.80
N ASP A 24 19.43 -3.52 -13.28
CA ASP A 24 20.43 -2.94 -12.39
C ASP A 24 19.79 -2.23 -11.22
N LEU A 25 18.68 -1.53 -11.46
CA LEU A 25 17.97 -0.83 -10.39
C LEU A 25 17.33 -1.81 -9.42
N GLN A 26 16.69 -2.87 -9.94
CA GLN A 26 16.13 -3.90 -9.08
C GLN A 26 17.20 -4.44 -8.13
N ALA A 27 18.42 -4.65 -8.64
CA ALA A 27 19.51 -5.15 -7.80
C ALA A 27 19.99 -4.08 -6.83
N LEU A 28 20.14 -2.84 -7.31
CA LEU A 28 20.63 -1.77 -6.45
C LEU A 28 19.80 -1.63 -5.19
N LYS A 29 18.47 -1.72 -5.33
CA LYS A 29 17.60 -1.52 -4.18
C LYS A 29 17.71 -2.66 -3.16
N LYS A 30 18.30 -3.80 -3.55
CA LYS A 30 18.61 -4.84 -2.59
C LYS A 30 19.94 -4.60 -1.89
N PHE A 31 20.83 -3.80 -2.49
CA PHE A 31 22.15 -3.53 -1.94
C PHE A 31 22.16 -2.37 -0.96
N ILE A 32 21.16 -1.50 -1.02
CA ILE A 32 20.97 -0.46 -0.03
C ILE A 32 19.72 -0.82 0.77
N SER A 33 19.72 -0.47 2.04
CA SER A 33 18.59 -0.82 2.90
C SER A 33 17.37 0.01 2.53
N GLU A 34 16.20 -0.62 2.57
CA GLU A 34 14.92 0.05 2.30
C GLU A 34 14.98 0.79 0.97
N GLY A 35 15.30 0.02 -0.08
CA GLY A 35 15.64 0.62 -1.36
C GLY A 35 14.62 1.62 -1.87
N ASN A 36 13.34 1.21 -1.93
CA ASN A 36 12.32 2.10 -2.48
C ASN A 36 12.18 3.37 -1.64
N LYS A 37 12.04 3.20 -0.31
CA LYS A 37 11.91 4.34 0.59
C LYS A 37 13.13 5.26 0.50
N ARG A 38 14.31 4.66 0.40
CA ARG A 38 15.54 5.44 0.31
C ARG A 38 15.54 6.32 -0.93
N LEU A 39 15.13 5.77 -2.07
CA LEU A 39 15.11 6.58 -3.29
C LEU A 39 14.07 7.69 -3.20
N ASP A 40 12.93 7.43 -2.57
CA ASP A 40 11.97 8.50 -2.30
C ASP A 40 12.61 9.57 -1.42
N ALA A 41 13.30 9.16 -0.36
CA ALA A 41 13.92 10.11 0.55
C ALA A 41 14.95 10.98 -0.17
N VAL A 42 15.83 10.34 -0.95
CA VAL A 42 16.79 11.09 -1.74
C VAL A 42 16.07 12.07 -2.66
N ASN A 43 15.00 11.62 -3.31
CA ASN A 43 14.31 12.45 -4.27
C ASN A 43 13.67 13.66 -3.60
N SER A 44 13.11 13.47 -2.40
CA SER A 44 12.46 14.59 -1.72
C SER A 44 13.45 15.67 -1.35
N ILE A 45 14.71 15.30 -1.19
CA ILE A 45 15.73 16.30 -0.87
C ILE A 45 16.24 16.97 -2.14
N VAL A 46 16.72 16.16 -3.09
CA VAL A 46 17.34 16.69 -4.30
CA VAL A 46 17.35 16.73 -4.28
C VAL A 46 16.35 17.54 -5.10
N SER A 47 15.09 17.12 -5.13
CA SER A 47 14.08 17.89 -5.86
C SER A 47 13.77 19.23 -5.21
N ASN A 48 14.27 19.48 -3.98
CA ASN A 48 14.11 20.75 -3.30
C ASN A 48 15.45 21.42 -3.02
N ALA A 49 16.48 21.06 -3.78
CA ALA A 49 17.85 21.44 -3.45
C ALA A 49 18.05 22.95 -3.52
N SER A 50 17.48 23.62 -4.51
CA SER A 50 17.68 25.07 -4.62
C SER A 50 17.05 25.80 -3.45
N CYS A 51 15.87 25.38 -3.02
CA CYS A 51 15.24 26.02 -1.87
C CYS A 51 15.99 25.72 -0.59
N ILE A 52 16.48 24.48 -0.41
CA ILE A 52 17.20 24.15 0.81
C ILE A 52 18.42 25.05 0.95
N VAL A 53 19.21 25.17 -0.11
CA VAL A 53 20.43 25.96 -0.06
C VAL A 53 20.09 27.44 0.16
N SER A 54 19.12 27.96 -0.59
CA SER A 54 18.76 29.35 -0.45
C SER A 54 18.24 29.64 0.97
N ASP A 55 17.42 28.74 1.51
CA ASP A 55 16.89 28.96 2.85
C ASP A 55 18.00 28.94 3.89
N ALA A 56 18.97 28.03 3.72
CA ALA A 56 20.05 27.91 4.71
C ALA A 56 21.00 29.11 4.66
N VAL A 57 21.34 29.58 3.46
CA VAL A 57 22.22 30.72 3.33
C VAL A 57 21.50 32.00 3.78
N SER A 58 20.23 32.14 3.40
CA SER A 58 19.46 33.29 3.87
C SER A 58 19.30 33.26 5.38
N GLY A 59 19.03 32.09 5.96
CA GLY A 59 18.87 32.02 7.40
C GLY A 59 20.16 32.30 8.15
N MET A 60 21.27 31.78 7.63
CA MET A 60 22.59 32.15 8.14
C MET A 60 22.76 33.66 8.14
N ILE A 61 22.34 34.32 7.06
CA ILE A 61 22.56 35.75 6.94
C ILE A 61 21.59 36.53 7.83
N CYS A 62 20.31 36.14 7.85
CA CYS A 62 19.36 36.90 8.64
C CYS A 62 19.63 36.78 10.13
N GLU A 63 20.28 35.69 10.56
CA GLU A 63 20.73 35.59 11.94
C GLU A 63 22.01 36.38 12.19
N ASN A 64 22.80 36.66 11.16
CA ASN A 64 24.04 37.43 11.30
C ASN A 64 24.14 38.40 10.12
N PRO A 65 23.37 39.49 10.17
CA PRO A 65 23.30 40.40 9.02
C PRO A 65 24.64 40.94 8.55
N SER A 66 25.61 41.07 9.46
CA SER A 66 26.91 41.60 9.10
C SER A 66 27.65 40.74 8.06
N LEU A 67 27.17 39.53 7.79
CA LEU A 67 27.82 38.67 6.80
C LEU A 67 27.85 39.30 5.41
N ILE A 68 26.92 40.19 5.09
CA ILE A 68 26.91 40.88 3.81
C ILE A 68 27.23 42.35 3.97
N SER A 69 27.70 42.77 5.14
CA SER A 69 28.32 44.06 5.30
C SER A 69 29.71 44.04 4.67
N PRO A 70 30.32 45.20 4.47
CA PRO A 70 31.64 45.24 3.80
C PRO A 70 32.70 44.38 4.46
N SER A 71 32.58 44.06 5.75
CA SER A 71 33.56 43.22 6.42
C SER A 71 33.11 41.77 6.56
N GLY A 72 31.96 41.42 5.98
CA GLY A 72 31.42 40.07 6.09
C GLY A 72 31.91 39.14 5.00
N MEN A 73 31.95 37.85 5.29
CA MEN A 73 32.56 36.90 4.39
C MEN A 73 31.72 36.62 3.13
O MEN A 73 32.21 36.09 2.14
CB MEN A 73 32.86 35.53 5.07
CG MEN A 73 33.86 34.71 4.28
OD1 MEN A 73 33.58 33.55 3.88
ND2 MEN A 73 35.10 35.24 3.99
CE2 MEN A 73 36.08 34.52 3.25
HA MEN A 73 33.51 37.36 3.96
HB2 MEN A 73 31.89 34.99 5.17
HB3 MEN A 73 33.24 35.75 6.10
HD2 MEN A 73 35.32 36.15 4.31
HE21 MEN A 73 36.88 34.15 3.94
HE22 MEN A 73 36.55 35.21 2.48
HE23 MEN A 73 35.61 33.66 2.72
N CYS A 74 30.45 37.03 3.16
CA CYS A 74 29.62 36.90 1.96
C CYS A 74 29.52 38.20 1.17
N TYR A 75 30.35 39.18 1.52
CA TYR A 75 30.34 40.46 0.82
C TYR A 75 30.94 40.34 -0.57
N THR A 76 30.33 41.04 -1.53
CA THR A 76 30.64 40.99 -2.95
C THR A 76 29.94 39.79 -3.60
N ASN A 77 29.58 39.94 -4.88
CA ASN A 77 28.92 38.86 -5.60
C ASN A 77 29.81 37.63 -5.70
N ARG A 78 31.12 37.83 -5.84
CA ARG A 78 32.03 36.69 -5.95
C ARG A 78 31.97 35.81 -4.71
N ARG A 79 31.99 36.42 -3.51
CA ARG A 79 31.96 35.62 -2.28
C ARG A 79 30.60 34.97 -2.07
N MET A 80 29.50 35.72 -2.28
CA MET A 80 28.19 35.12 -2.13
C MET A 80 28.02 33.94 -3.07
N ALA A 81 28.54 34.06 -4.31
CA ALA A 81 28.47 32.97 -5.25
C ALA A 81 29.24 31.75 -4.74
N ALA A 82 30.43 31.97 -4.18
CA ALA A 82 31.20 30.86 -3.64
C ALA A 82 30.46 30.19 -2.49
N CYS A 83 29.79 30.99 -1.65
CA CYS A 83 29.07 30.42 -0.51
C CYS A 83 27.84 29.64 -0.96
N LEU A 84 27.02 30.24 -1.83
CA LEU A 84 25.88 29.52 -2.39
C LEU A 84 26.32 28.24 -3.07
N ARG A 85 27.46 28.28 -3.76
CA ARG A 85 28.01 27.09 -4.39
C ARG A 85 28.37 26.03 -3.35
N ASP A 86 29.13 26.42 -2.32
CA ASP A 86 29.56 25.46 -1.31
C ASP A 86 28.36 24.83 -0.61
N GLY A 87 27.34 25.65 -0.29
CA GLY A 87 26.14 25.08 0.28
C GLY A 87 25.56 23.98 -0.58
N GLU A 88 25.52 24.21 -1.90
CA GLU A 88 24.99 23.20 -2.81
C GLU A 88 25.92 21.98 -2.86
N ILE A 89 27.23 22.22 -2.94
CA ILE A 89 28.18 21.10 -2.98
C ILE A 89 27.98 20.19 -1.78
N ILE A 90 27.88 20.79 -0.59
CA ILE A 90 27.75 19.99 0.63
C ILE A 90 26.43 19.24 0.64
N LEU A 91 25.34 19.91 0.28
CA LEU A 91 24.05 19.23 0.26
C LEU A 91 24.07 18.04 -0.70
N ARG A 92 24.73 18.19 -1.85
CA ARG A 92 24.71 17.11 -2.83
C ARG A 92 25.56 15.92 -2.37
N TYR A 93 26.70 16.17 -1.73
CA TYR A 93 27.45 15.05 -1.19
C TYR A 93 26.67 14.35 -0.10
N VAL A 94 25.91 15.10 0.69
CA VAL A 94 25.04 14.46 1.68
C VAL A 94 23.99 13.61 0.98
N SER A 95 23.41 14.12 -0.12
CA SER A 95 22.39 13.34 -0.82
C SER A 95 22.95 12.06 -1.40
N TYR A 96 24.22 12.06 -1.83
CA TYR A 96 24.83 10.84 -2.31
C TYR A 96 25.16 9.87 -1.17
N ALA A 97 25.46 10.39 0.01
CA ALA A 97 25.62 9.51 1.16
C ALA A 97 24.32 8.79 1.45
N LEU A 98 23.20 9.51 1.32
CA LEU A 98 21.89 8.88 1.56
C LEU A 98 21.54 7.90 0.45
N LEU A 99 21.92 8.20 -0.79
CA LEU A 99 21.69 7.25 -1.88
C LEU A 99 22.52 5.99 -1.69
N SER A 100 23.80 6.13 -1.32
CA SER A 100 24.67 4.98 -1.17
CA SER A 100 24.67 4.98 -1.16
C SER A 100 24.47 4.27 0.17
N GLY A 101 23.95 4.96 1.17
CA GLY A 101 23.76 4.39 2.48
C GLY A 101 24.96 4.42 3.40
N ASP A 102 26.00 5.18 3.06
CA ASP A 102 27.13 5.37 3.97
C ASP A 102 27.83 6.68 3.61
N SER A 103 28.86 7.02 4.39
CA SER A 103 29.50 8.33 4.33
C SER A 103 30.92 8.29 3.77
N SER A 104 31.31 7.19 3.11
CA SER A 104 32.69 7.08 2.67
C SER A 104 33.05 8.19 1.69
N VAL A 105 32.25 8.37 0.64
CA VAL A 105 32.52 9.42 -0.34
C VAL A 105 32.35 10.79 0.29
N LEU A 106 31.35 10.95 1.16
CA LEU A 106 31.15 12.24 1.84
C LEU A 106 32.42 12.66 2.57
N GLU A 107 33.04 11.75 3.30
CA GLU A 107 34.26 12.07 4.03
C GLU A 107 35.44 12.24 3.06
N ASP A 108 35.60 11.30 2.13
CA ASP A 108 36.83 11.27 1.34
C ASP A 108 36.89 12.39 0.32
N ARG A 109 35.76 12.71 -0.30
CA ARG A 109 35.75 13.61 -1.45
C ARG A 109 35.21 15.00 -1.14
N CYS A 110 34.73 15.24 0.09
CA CYS A 110 34.16 16.54 0.43
C CYS A 110 34.74 17.09 1.72
N LEU A 111 34.66 16.33 2.81
CA LEU A 111 34.96 16.86 4.13
C LEU A 111 36.45 16.82 4.49
N ASN A 112 37.18 15.81 4.05
CA ASN A 112 38.59 15.70 4.42
CA ASN A 112 38.59 15.71 4.41
C ASN A 112 39.36 16.88 3.82
N GLY A 113 40.07 17.61 4.68
CA GLY A 113 40.80 18.81 4.29
C GLY A 113 39.95 20.05 4.16
N LEU A 114 38.64 19.96 4.36
CA LEU A 114 37.78 21.10 4.11
C LEU A 114 37.92 22.16 5.21
N LYS A 115 38.01 21.72 6.47
CA LYS A 115 38.19 22.68 7.56
C LYS A 115 39.49 23.46 7.38
N GLU A 116 40.58 22.75 7.02
CA GLU A 116 41.84 23.44 6.78
CA GLU A 116 41.84 23.43 6.76
C GLU A 116 41.69 24.51 5.71
N THR A 117 40.93 24.21 4.64
CA THR A 117 40.72 25.19 3.58
C THR A 117 39.94 26.40 4.09
N TYR A 118 38.84 26.16 4.79
CA TYR A 118 38.05 27.27 5.32
C TYR A 118 38.86 28.07 6.34
N SER A 119 39.74 27.41 7.09
CA SER A 119 40.56 28.13 8.07
C SER A 119 41.51 29.11 7.39
N SER A 120 42.19 28.67 6.32
CA SER A 120 43.13 29.55 5.64
C SER A 120 42.42 30.67 4.87
N LEU A 121 41.18 30.45 4.45
CA LEU A 121 40.43 31.48 3.75
C LEU A 121 39.73 32.45 4.70
N GLY A 122 39.58 32.09 5.96
CA GLY A 122 38.79 32.90 6.86
C GLY A 122 37.30 32.75 6.68
N VAL A 123 36.84 31.63 6.15
CA VAL A 123 35.41 31.37 6.04
C VAL A 123 34.90 31.09 7.46
N PRO A 124 33.96 31.87 7.98
CA PRO A 124 33.61 31.74 9.40
C PRO A 124 32.92 30.42 9.71
N ALA A 125 33.46 29.70 10.69
CA ALA A 125 32.95 28.37 11.02
C ALA A 125 31.61 28.45 11.77
N ASN A 126 31.43 29.46 12.61
CA ASN A 126 30.17 29.57 13.33
C ASN A 126 29.01 29.83 12.37
N SER A 127 29.26 30.57 11.28
CA SER A 127 28.21 30.82 10.30
C SER A 127 27.97 29.60 9.43
N ASN A 128 29.06 28.93 9.03
CA ASN A 128 28.91 27.67 8.29
C ASN A 128 28.11 26.66 9.09
N ALA A 129 28.32 26.61 10.40
CA ALA A 129 27.57 25.68 11.25
C ALA A 129 26.07 25.92 11.14
N ARG A 130 25.65 27.19 11.11
CA ARG A 130 24.21 27.48 11.04
C ARG A 130 23.65 27.12 9.67
N ALA A 131 24.38 27.40 8.60
CA ALA A 131 23.93 26.98 7.28
C ALA A 131 23.73 25.48 7.26
N VAL A 132 24.71 24.72 7.75
CA VAL A 132 24.59 23.27 7.74
C VAL A 132 23.42 22.83 8.62
N SER A 133 23.28 23.45 9.78
CA SER A 133 22.19 23.08 10.69
CA SER A 133 22.19 23.08 10.68
C SER A 133 20.83 23.33 10.04
N ILE A 134 20.68 24.42 9.31
CA ILE A 134 19.40 24.68 8.65
C ILE A 134 19.15 23.66 7.55
N MET A 135 20.16 23.38 6.71
CA MET A 135 20.00 22.35 5.68
C MET A 135 19.60 21.02 6.28
N LYS A 136 20.19 20.67 7.43
CA LYS A 136 19.81 19.45 8.14
C LYS A 136 18.33 19.46 8.49
N ALA A 137 17.84 20.57 9.06
CA ALA A 137 16.44 20.66 9.43
C ALA A 137 15.53 20.53 8.22
N CYS A 138 15.91 21.16 7.10
CA CYS A 138 15.15 21.00 5.86
C CYS A 138 15.09 19.54 5.44
N ALA A 139 16.25 18.89 5.33
CA ALA A 139 16.32 17.52 4.82
C ALA A 139 15.47 16.58 5.66
N VAL A 140 15.55 16.69 6.98
CA VAL A 140 14.77 15.82 7.84
C VAL A 140 13.29 15.99 7.55
N ALA A 141 12.83 17.22 7.39
CA ALA A 141 11.42 17.45 7.13
C ALA A 141 11.03 16.93 5.74
N PHE A 142 11.92 17.05 4.76
CA PHE A 142 11.59 16.53 3.44
C PHE A 142 11.51 15.01 3.45
N VAL A 143 12.38 14.36 4.22
CA VAL A 143 12.36 12.90 4.31
C VAL A 143 11.05 12.43 4.91
N ASN A 144 10.60 13.06 6.01
CA ASN A 144 9.33 12.70 6.63
C ASN A 144 8.13 13.39 5.97
N ASN A 145 8.36 14.15 4.91
CA ASN A 145 7.28 14.84 4.19
C ASN A 145 6.47 15.75 5.12
N THR A 146 7.17 16.51 5.97
CA THR A 146 6.51 17.48 6.84
C THR A 146 6.83 18.93 6.45
N ALA A 147 7.50 19.15 5.32
CA ALA A 147 7.77 20.51 4.87
C ALA A 147 6.47 21.16 4.40
N SER A 148 6.51 22.49 4.22
CA SER A 148 5.32 23.18 3.75
C SER A 148 4.95 22.72 2.34
N GLN A 149 5.96 22.46 1.50
CA GLN A 149 5.76 21.93 0.16
C GLN A 149 5.93 20.43 0.16
N ARG A 150 4.92 19.71 -0.37
CA ARG A 150 4.91 18.25 -0.41
C ARG A 150 4.52 17.82 -1.82
N LYS A 151 5.42 18.06 -2.76
CA LYS A 151 5.09 17.86 -4.17
C LYS A 151 5.28 16.42 -4.65
N LEU A 152 5.84 15.54 -3.83
CA LEU A 152 6.05 14.15 -4.18
C LEU A 152 5.09 13.27 -3.38
N SER A 153 4.47 12.31 -4.06
CA SER A 153 3.49 11.42 -3.46
C SER A 153 4.14 10.07 -3.15
N THR A 154 3.96 9.57 -1.94
CA THR A 154 4.49 8.28 -1.51
C THR A 154 3.41 7.49 -0.79
N PRO A 155 3.52 6.17 -0.78
CA PRO A 155 2.66 5.38 0.12
C PRO A 155 2.97 5.75 1.56
N GLN A 156 1.93 5.86 2.37
CA GLN A 156 2.13 6.29 3.75
C GLN A 156 2.94 5.25 4.51
N GLY A 157 3.97 5.71 5.23
CA GLY A 157 4.80 4.83 6.02
C GLY A 157 5.79 5.61 6.86
N ASP A 158 6.61 4.86 7.60
CA ASP A 158 7.55 5.41 8.57
C ASP A 158 8.94 5.46 7.94
N CYS A 159 9.47 6.67 7.77
CA CYS A 159 10.81 6.87 7.23
C CYS A 159 11.74 7.49 8.27
N SER A 160 11.43 7.31 9.55
CA SER A 160 12.21 7.95 10.60
C SER A 160 13.66 7.44 10.62
N ALA A 161 13.87 6.17 10.28
CA ALA A 161 15.24 5.65 10.23
C ALA A 161 16.04 6.39 9.17
N LEU A 162 15.46 6.57 7.98
CA LEU A 162 16.14 7.30 6.92
C LEU A 162 16.35 8.76 7.32
N ALA A 163 15.37 9.35 7.97
CA ALA A 163 15.53 10.73 8.43
C ALA A 163 16.67 10.83 9.43
N SER A 164 16.75 9.89 10.36
CA SER A 164 17.85 9.88 11.31
CA SER A 164 17.85 9.88 11.31
C SER A 164 19.18 9.68 10.61
N GLU A 165 19.22 8.81 9.59
CA GLU A 165 20.45 8.57 8.85
C GLU A 165 20.95 9.85 8.19
N VAL A 166 20.09 10.56 7.47
CA VAL A 166 20.54 11.77 6.79
C VAL A 166 20.93 12.83 7.80
N ALA A 167 20.24 12.88 8.94
CA ALA A 167 20.63 13.79 10.01
C ALA A 167 22.06 13.50 10.46
N GLY A 168 22.41 12.21 10.58
CA GLY A 168 23.76 11.85 10.96
C GLY A 168 24.80 12.30 9.96
N TYR A 169 24.46 12.24 8.67
CA TYR A 169 25.39 12.72 7.66
C TYR A 169 25.65 14.22 7.81
N PHE A 170 24.59 15.00 8.07
CA PHE A 170 24.79 16.42 8.32
C PHE A 170 25.63 16.66 9.58
N ASP A 171 25.45 15.83 10.60
CA ASP A 171 26.27 15.95 11.81
C ASP A 171 27.74 15.70 11.51
N LYS A 172 28.06 14.80 10.57
CA LYS A 172 29.44 14.60 10.18
C LYS A 172 30.01 15.85 9.52
N VAL A 173 29.20 16.51 8.69
CA VAL A 173 29.61 17.79 8.11
C VAL A 173 29.91 18.78 9.22
N SER A 174 28.96 18.95 10.15
CA SER A 174 29.13 19.92 11.22
C SER A 174 30.39 19.63 12.03
N ALA A 175 30.62 18.36 12.37
CA ALA A 175 31.81 18.01 13.14
C ALA A 175 33.08 18.29 12.36
N ALA A 176 33.06 18.12 11.04
CA ALA A 176 34.28 18.27 10.26
C ALA A 176 34.70 19.73 10.12
N ILE A 177 33.74 20.64 9.91
CA ILE A 177 34.05 22.03 9.64
C ILE A 177 33.70 22.93 10.82
N GLY A 178 33.31 22.35 11.95
CA GLY A 178 32.98 23.14 13.14
C GLY A 178 34.24 23.65 13.83
N ALA B 1 41.38 13.39 0.67
CA ALA B 1 41.17 14.87 0.70
C ALA B 1 40.52 15.36 -0.59
N PHE B 2 39.56 16.27 -0.44
CA PHE B 2 38.88 16.82 -1.61
C PHE B 2 39.88 17.60 -2.47
N ASP B 3 39.53 17.74 -3.75
CA ASP B 3 40.47 18.22 -4.76
C ASP B 3 40.21 19.66 -5.18
N LYS B 4 39.35 20.37 -4.48
CA LYS B 4 39.06 21.79 -4.71
C LYS B 4 38.45 22.05 -6.08
N SER B 5 38.03 21.01 -6.80
CA SER B 5 37.53 21.16 -8.16
C SER B 5 36.09 21.68 -8.21
N ALA B 6 35.41 21.75 -7.07
CA ALA B 6 34.01 22.15 -7.00
C ALA B 6 33.08 21.17 -7.68
N LYS B 7 33.52 19.93 -7.90
CA LYS B 7 32.66 18.90 -8.47
C LYS B 7 31.90 18.18 -7.37
N ALA B 8 30.66 17.80 -7.66
CA ALA B 8 29.81 17.15 -6.68
C ALA B 8 28.85 16.21 -7.41
N PRO B 9 28.36 15.16 -6.75
CA PRO B 9 27.42 14.25 -7.40
C PRO B 9 26.03 14.86 -7.54
N VAL B 10 25.57 14.98 -8.78
CA VAL B 10 24.21 15.41 -9.07
C VAL B 10 23.37 14.16 -9.33
N ILE B 11 22.38 13.95 -8.49
CA ILE B 11 21.47 12.80 -8.58
C ILE B 11 20.17 13.28 -9.21
N THR B 12 19.66 12.52 -10.18
CA THR B 12 18.34 12.77 -10.74
C THR B 12 17.54 11.48 -10.66
N ILE B 13 16.43 11.50 -9.94
CA ILE B 13 15.59 10.33 -9.72
C ILE B 13 14.42 10.40 -10.68
N PHE B 14 14.31 9.40 -11.56
CA PHE B 14 13.25 9.31 -12.55
C PHE B 14 12.29 8.20 -12.14
N ASP B 15 11.31 8.52 -11.30
CA ASP B 15 10.22 7.58 -11.02
C ASP B 15 9.13 7.87 -12.05
N HIS B 16 9.32 7.30 -13.24
CA HIS B 16 8.48 7.59 -14.40
C HIS B 16 7.60 6.41 -14.78
N ARG B 17 6.99 5.78 -13.78
CA ARG B 17 6.01 4.72 -14.06
C ARG B 17 4.89 5.26 -14.93
N GLY B 18 4.58 4.54 -16.01
CA GLY B 18 3.54 4.91 -16.94
C GLY B 18 3.95 5.83 -18.08
N CYS B 19 5.20 6.32 -18.09
CA CYS B 19 5.60 7.35 -19.05
C CYS B 19 6.13 6.71 -20.33
N THR B 20 5.21 6.25 -21.18
CA THR B 20 5.59 5.74 -22.48
C THR B 20 5.92 6.84 -23.48
N ALA B 21 5.61 8.10 -23.16
CA ALA B 21 5.89 9.21 -24.06
C ALA B 21 7.39 9.39 -24.29
N HIS B 22 8.23 8.91 -23.38
CA HIS B 22 9.67 8.95 -23.53
C HIS B 22 10.20 7.51 -23.64
N LYS B 23 10.89 7.22 -24.74
CA LYS B 23 11.47 5.90 -24.94
C LYS B 23 12.73 5.76 -24.09
N ASN B 24 12.81 4.68 -23.32
CA ASN B 24 13.82 4.53 -22.27
C ASN B 24 15.11 4.01 -22.89
N ALA B 25 15.83 4.91 -23.57
CA ALA B 25 17.07 4.58 -24.26
C ALA B 25 18.32 4.95 -23.47
N GLU B 26 18.19 5.65 -22.35
CA GLU B 26 19.36 6.10 -21.62
C GLU B 26 20.03 4.95 -20.86
N TYR B 27 19.24 4.15 -20.14
CA TYR B 27 19.75 2.96 -19.48
C TYR B 27 19.87 1.83 -20.51
N LYS B 28 21.05 1.21 -20.58
CA LYS B 28 21.36 0.23 -21.61
C LYS B 28 21.42 -1.21 -21.08
N GLY B 29 21.16 -1.43 -19.80
CA GLY B 29 21.27 -2.75 -19.23
C GLY B 29 20.03 -3.59 -19.47
N ALA B 30 19.97 -4.72 -18.75
CA ALA B 30 18.87 -5.65 -18.90
C ALA B 30 17.61 -5.15 -18.20
N LEU B 31 16.48 -5.68 -18.62
CA LEU B 31 15.17 -5.31 -18.11
C LEU B 31 14.60 -6.43 -17.25
N THR B 32 13.46 -6.14 -16.60
CA THR B 32 12.87 -7.06 -15.64
C THR B 32 11.42 -7.41 -15.93
N ASN B 33 10.77 -6.77 -16.89
CA ASN B 33 9.32 -6.91 -17.09
C ASN B 33 8.57 -6.56 -15.81
N SER B 34 8.88 -5.39 -15.27
CA SER B 34 8.27 -4.90 -14.04
C SER B 34 8.45 -3.39 -14.02
N ILE B 35 7.87 -2.76 -13.00
CA ILE B 35 7.93 -1.30 -12.89
C ILE B 35 9.36 -0.80 -12.81
N ASP B 36 10.32 -1.65 -12.43
CA ASP B 36 11.70 -1.20 -12.40
C ASP B 36 12.20 -0.80 -13.79
N ASP B 37 11.58 -1.32 -14.86
CA ASP B 37 11.91 -0.88 -16.21
C ASP B 37 11.42 0.54 -16.48
N GLU B 38 10.54 1.08 -15.64
CA GLU B 38 9.95 2.40 -15.82
C GLU B 38 10.54 3.44 -14.88
N MET B 39 11.60 3.10 -14.17
CA MET B 39 12.26 4.00 -13.24
C MET B 39 13.76 3.94 -13.47
N CYS B 40 14.45 4.99 -13.03
CA CYS B 40 15.88 5.08 -13.32
C CYS B 40 16.53 6.07 -12.36
N VAL B 41 17.73 5.74 -11.92
CA VAL B 41 18.55 6.63 -11.10
C VAL B 41 19.72 7.11 -11.96
N LYS B 42 19.88 8.42 -12.04
CA LYS B 42 20.97 9.04 -12.79
C LYS B 42 21.91 9.72 -11.81
N VAL B 43 23.21 9.49 -11.97
CA VAL B 43 24.23 10.12 -11.16
C VAL B 43 25.32 10.65 -12.10
N GLN B 44 25.74 11.89 -11.85
CA GLN B 44 26.78 12.52 -12.67
C GLN B 44 27.58 13.48 -11.80
N SER B 45 28.89 13.48 -12.00
CA SER B 45 29.78 14.42 -11.34
C SER B 45 29.81 15.71 -12.14
N VAL B 46 29.37 16.80 -11.53
CA VAL B 46 29.21 18.09 -12.21
C VAL B 46 29.94 19.16 -11.41
N LYS B 47 30.64 20.05 -12.12
CA LYS B 47 31.23 21.22 -11.48
C LYS B 47 30.10 22.17 -11.08
N ILE B 48 29.94 22.35 -9.77
CA ILE B 48 28.90 23.24 -9.26
C ILE B 48 29.39 24.68 -9.42
N ALA B 49 28.53 25.53 -9.97
CA ALA B 49 28.90 26.90 -10.28
C ALA B 49 27.73 27.83 -10.00
N VAL B 50 28.05 29.01 -9.51
CA VAL B 50 27.09 30.08 -9.30
C VAL B 50 27.71 31.34 -9.89
N SER B 51 27.00 31.98 -10.81
CA SER B 51 27.51 33.19 -11.43
C SER B 51 27.40 34.37 -10.48
N GLU B 52 28.22 35.39 -10.73
CA GLU B 52 28.15 36.59 -9.91
C GLU B 52 26.81 37.30 -10.12
N ALA B 53 26.30 37.29 -11.35
CA ALA B 53 25.00 37.89 -11.59
C ALA B 53 23.92 37.17 -10.79
N ASP B 54 23.94 35.84 -10.76
CA ASP B 54 22.94 35.11 -9.98
C ASP B 54 23.12 35.36 -8.49
N ALA B 55 24.37 35.47 -8.02
CA ALA B 55 24.58 35.81 -6.62
C ALA B 55 24.03 37.21 -6.29
N ALA B 56 24.10 38.14 -7.25
CA ALA B 56 23.53 39.46 -7.01
C ALA B 56 22.02 39.39 -6.85
N LYS B 57 21.37 38.49 -7.59
CA LYS B 57 19.92 38.34 -7.43
C LYS B 57 19.58 37.81 -6.04
N LYS B 58 20.39 36.87 -5.53
CA LYS B 58 20.14 36.33 -4.21
C LYS B 58 20.36 37.38 -3.13
N LEU B 59 21.42 38.18 -3.28
CA LEU B 59 21.65 39.28 -2.35
C LEU B 59 20.46 40.23 -2.31
N GLN B 60 19.89 40.56 -3.48
CA GLN B 60 18.73 41.45 -3.53
C GLN B 60 17.56 40.87 -2.75
N GLU B 61 17.40 39.55 -2.78
CA GLU B 61 16.34 38.90 -2.01
C GLU B 61 16.67 38.88 -0.52
N PHE B 62 17.94 38.60 -0.17
CA PHE B 62 18.31 38.39 1.22
C PHE B 62 18.37 39.68 2.03
N ILE B 63 18.67 40.81 1.37
CA ILE B 63 19.08 42.00 2.11
C ILE B 63 17.94 42.61 2.92
N SER B 64 16.70 42.21 2.65
CA SER B 64 15.62 42.59 3.55
C SER B 64 15.80 41.98 4.94
N TYR B 65 16.56 40.89 5.02
CA TYR B 65 16.69 40.10 6.25
C TYR B 65 15.34 39.54 6.69
N GLU B 66 14.41 39.43 5.74
CA GLU B 66 13.15 38.74 5.98
C GLU B 66 12.83 37.82 4.81
N ALA B 67 13.89 37.31 4.16
CA ALA B 67 13.74 36.35 3.06
C ALA B 67 13.64 34.96 3.66
N LYS B 68 12.42 34.60 4.07
CA LYS B 68 12.16 33.25 4.53
C LYS B 68 10.80 32.82 4.00
N GLY B 69 10.71 31.54 3.70
CA GLY B 69 9.46 30.95 3.25
C GLY B 69 8.57 30.59 4.42
N ILE B 70 7.58 29.74 4.13
CA ILE B 70 6.60 29.39 5.14
C ILE B 70 7.25 28.65 6.30
N ASP B 71 8.13 27.70 6.00
CA ASP B 71 8.73 26.87 7.04
C ASP B 71 9.78 27.63 7.84
N GLY B 72 10.06 27.08 9.02
CA GLY B 72 11.18 27.53 9.82
C GLY B 72 10.85 28.63 10.81
N ALA B 73 11.37 28.52 12.02
N ALA B 73 11.35 28.50 12.03
CA ALA B 73 11.21 29.58 13.00
CA ALA B 73 11.24 29.57 13.00
C ALA B 73 11.97 30.82 12.55
C ALA B 73 11.93 30.82 12.46
N TYR B 74 11.37 31.98 12.77
CA TYR B 74 12.03 33.25 12.44
C TYR B 74 13.09 33.50 13.51
N THR B 75 14.35 33.24 13.15
CA THR B 75 15.47 33.44 14.03
C THR B 75 16.29 34.66 13.68
N GLY B 76 15.90 35.42 12.66
CA GLY B 76 16.71 36.51 12.20
C GLY B 76 16.67 37.71 13.13
N ARG B 77 17.49 38.70 12.81
CA ARG B 77 17.53 39.96 13.53
C ARG B 77 17.78 41.06 12.50
N LYS B 78 18.02 42.27 12.99
CA LYS B 78 18.35 43.40 12.13
C LYS B 78 19.63 44.07 12.63
N ALA C 15 16.99 53.81 -15.76
CA ALA C 15 17.67 52.69 -15.15
C ALA C 15 18.10 53.02 -13.72
N LYS C 16 18.14 54.32 -13.41
CA LYS C 16 18.57 54.77 -12.09
C LYS C 16 17.52 54.44 -11.04
N ALA C 17 17.97 53.97 -9.89
CA ALA C 17 17.06 53.52 -8.85
C ALA C 17 16.52 54.68 -8.03
N ALA C 18 15.25 54.55 -7.61
CA ALA C 18 14.60 55.49 -6.71
C ALA C 18 14.59 54.90 -5.30
N TYR C 19 14.76 55.78 -4.31
CA TYR C 19 14.76 55.39 -2.91
C TYR C 19 13.74 56.23 -2.16
N VAL C 20 12.91 55.56 -1.36
CA VAL C 20 11.84 56.20 -0.61
C VAL C 20 12.01 55.76 0.84
N GLY C 21 12.62 56.63 1.65
CA GLY C 21 12.72 56.43 3.09
C GLY C 21 12.35 57.70 3.82
N GLY C 22 12.58 57.74 5.13
CA GLY C 22 12.33 58.94 5.93
C GLY C 22 11.01 59.63 5.64
N ALA C 23 11.07 60.96 5.45
CA ALA C 23 9.83 61.74 5.30
C ALA C 23 9.04 61.29 4.08
N ASP C 24 9.73 61.01 2.98
CA ASP C 24 9.04 60.52 1.77
C ASP C 24 8.29 59.22 2.06
N LEU C 25 8.91 58.30 2.81
CA LEU C 25 8.24 57.04 3.15
C LEU C 25 7.08 57.28 4.11
N GLN C 26 7.25 58.20 5.06
CA GLN C 26 6.15 58.61 5.92
C GLN C 26 4.95 59.04 5.08
N ALA C 27 5.20 59.90 4.09
CA ALA C 27 4.12 60.37 3.23
C ALA C 27 3.52 59.24 2.41
N LEU C 28 4.36 58.36 1.88
CA LEU C 28 3.87 57.28 1.03
C LEU C 28 2.84 56.44 1.78
N LYS C 29 3.15 56.07 3.04
CA LYS C 29 2.25 55.23 3.82
C LYS C 29 0.98 55.98 4.23
N LYS C 30 0.94 57.30 4.08
CA LYS C 30 -0.30 58.04 4.22
C LYS C 30 -1.13 58.00 2.95
N PHE C 31 -0.50 57.73 1.80
CA PHE C 31 -1.20 57.73 0.52
C PHE C 31 -1.82 56.37 0.20
N ILE C 32 -1.06 55.30 0.37
CA ILE C 32 -1.55 53.95 0.09
C ILE C 32 -2.21 53.40 1.35
N SER C 33 -3.14 52.47 1.16
CA SER C 33 -3.90 51.93 2.29
C SER C 33 -3.07 50.88 3.01
N GLU C 34 -3.22 50.83 4.33
CA GLU C 34 -2.50 49.88 5.17
C GLU C 34 -1.01 49.85 4.82
N GLY C 35 -0.41 51.04 4.84
CA GLY C 35 0.96 51.19 4.32
C GLY C 35 1.94 50.20 4.90
N ASN C 36 2.02 50.13 6.23
CA ASN C 36 2.99 49.25 6.86
C ASN C 36 2.76 47.80 6.43
N LYS C 37 1.53 47.30 6.58
CA LYS C 37 1.24 45.93 6.17
C LYS C 37 1.49 45.75 4.68
N ARG C 38 1.16 46.76 3.88
CA ARG C 38 1.33 46.65 2.44
C ARG C 38 2.79 46.43 2.07
N LEU C 39 3.70 47.16 2.72
CA LEU C 39 5.13 46.96 2.43
C LEU C 39 5.63 45.61 2.93
N ASP C 40 5.11 45.12 4.06
CA ASP C 40 5.42 43.76 4.47
C ASP C 40 4.93 42.75 3.45
N ALA C 41 3.76 42.99 2.86
CA ALA C 41 3.22 42.08 1.85
C ALA C 41 4.14 42.04 0.64
N VAL C 42 4.48 43.22 0.12
CA VAL C 42 5.42 43.29 -1.01
C VAL C 42 6.71 42.57 -0.64
N ASN C 43 7.25 42.88 0.54
CA ASN C 43 8.52 42.30 0.99
C ASN C 43 8.45 40.78 0.97
N SER C 44 7.35 40.20 1.46
CA SER C 44 7.23 38.75 1.55
C SER C 44 7.25 38.10 0.17
N ILE C 45 6.85 38.83 -0.86
CA ILE C 45 6.83 38.31 -2.24
C ILE C 45 8.20 38.48 -2.88
N VAL C 46 8.71 39.72 -2.90
CA VAL C 46 9.98 39.95 -3.62
C VAL C 46 11.14 39.25 -2.92
N SER C 47 11.11 39.12 -1.59
CA SER C 47 12.17 38.41 -0.89
C SER C 47 12.15 36.91 -1.19
N ASN C 48 11.07 36.39 -1.78
CA ASN C 48 10.94 35.00 -2.15
C ASN C 48 10.70 34.85 -3.66
N ALA C 49 11.16 35.84 -4.43
CA ALA C 49 10.79 35.92 -5.84
C ALA C 49 11.24 34.69 -6.62
N SER C 50 12.53 34.35 -6.52
CA SER C 50 13.03 33.26 -7.34
C SER C 50 12.31 31.95 -7.02
N CYS C 51 11.96 31.74 -5.75
CA CYS C 51 11.26 30.51 -5.38
C CYS C 51 9.85 30.48 -5.96
N ILE C 52 9.14 31.60 -5.87
CA ILE C 52 7.79 31.66 -6.41
C ILE C 52 7.80 31.36 -7.90
N VAL C 53 8.70 32.02 -8.64
CA VAL C 53 8.74 31.84 -10.09
C VAL C 53 9.10 30.40 -10.46
N SER C 54 10.16 29.86 -9.83
CA SER C 54 10.61 28.52 -10.17
CA SER C 54 10.60 28.52 -10.19
C SER C 54 9.55 27.48 -9.83
N ASP C 55 8.88 27.64 -8.68
CA ASP C 55 7.87 26.68 -8.26
C ASP C 55 6.67 26.68 -9.21
N ALA C 56 6.28 27.87 -9.68
CA ALA C 56 5.15 27.96 -10.59
C ALA C 56 5.47 27.34 -11.95
N VAL C 57 6.66 27.63 -12.47
CA VAL C 57 7.06 27.04 -13.74
C VAL C 57 7.25 25.53 -13.57
N SER C 58 7.88 25.10 -12.48
CA SER C 58 8.05 23.67 -12.24
C SER C 58 6.69 22.99 -12.08
N GLY C 59 5.75 23.63 -11.39
CA GLY C 59 4.44 23.03 -11.20
C GLY C 59 3.62 22.99 -12.47
N MET C 60 3.69 24.08 -13.27
CA MET C 60 3.13 24.07 -14.61
C MET C 60 3.60 22.85 -15.39
N ILE C 61 4.88 22.52 -15.27
CA ILE C 61 5.45 21.44 -16.05
C ILE C 61 5.14 20.08 -15.43
N CYS C 62 5.21 19.97 -14.10
CA CYS C 62 5.01 18.65 -13.52
C CYS C 62 3.61 18.14 -13.81
N GLU C 63 2.63 19.06 -13.92
CA GLU C 63 1.26 18.72 -14.31
C GLU C 63 1.10 18.52 -15.81
N ASN C 64 2.09 18.92 -16.60
CA ASN C 64 2.04 18.75 -18.05
C ASN C 64 3.46 18.53 -18.56
N PRO C 65 3.99 17.30 -18.39
CA PRO C 65 5.37 17.05 -18.79
C PRO C 65 5.67 17.29 -20.27
N SER C 66 4.67 17.26 -21.14
CA SER C 66 4.92 17.51 -22.56
C SER C 66 5.57 18.87 -22.80
N LEU C 67 5.48 19.78 -21.83
CA LEU C 67 6.12 21.08 -21.97
C LEU C 67 7.64 20.96 -22.11
N ILE C 68 8.24 19.89 -21.57
CA ILE C 68 9.67 19.68 -21.69
C ILE C 68 9.97 18.46 -22.55
N SER C 69 8.99 17.96 -23.30
CA SER C 69 9.27 17.05 -24.39
C SER C 69 9.88 17.83 -25.54
N PRO C 70 10.46 17.15 -26.51
CA PRO C 70 11.12 17.89 -27.61
C PRO C 70 10.20 18.87 -28.33
N SER C 71 8.88 18.70 -28.24
CA SER C 71 7.94 19.59 -28.91
C SER C 71 7.31 20.61 -27.97
N GLY C 72 7.69 20.62 -26.70
CA GLY C 72 7.12 21.53 -25.73
C GLY C 72 7.82 22.89 -25.71
N MEN C 73 7.10 23.90 -25.22
CA MEN C 73 7.55 25.25 -25.28
C MEN C 73 8.57 25.64 -24.21
O MEN C 73 9.06 26.77 -24.15
CB MEN C 73 6.39 26.28 -25.16
CG MEN C 73 6.76 27.63 -25.75
OD1 MEN C 73 6.74 28.67 -25.04
ND2 MEN C 73 7.12 27.68 -27.06
CE2 MEN C 73 7.50 28.88 -27.73
HA MEN C 73 8.13 25.38 -26.24
HB2 MEN C 73 6.14 26.37 -24.07
HB3 MEN C 73 5.51 25.84 -25.68
HD2 MEN C 73 7.14 26.84 -27.59
HE21 MEN C 73 8.55 28.79 -28.13
HE22 MEN C 73 7.46 29.75 -27.02
HE23 MEN C 73 6.80 29.08 -28.58
N CYS C 74 8.89 24.70 -23.34
CA CYS C 74 9.97 24.91 -22.37
C CYS C 74 11.19 24.01 -22.65
N TYR C 75 11.17 23.33 -23.79
CA TYR C 75 12.27 22.47 -24.17
C TYR C 75 13.51 23.30 -24.50
N THR C 76 14.66 22.84 -24.00
CA THR C 76 15.97 23.48 -24.12
C THR C 76 16.15 24.55 -23.05
N ASN C 77 17.41 24.76 -22.64
CA ASN C 77 17.71 25.78 -21.63
C ASN C 77 17.28 27.16 -22.09
N ARG C 78 17.38 27.44 -23.38
CA ARG C 78 16.99 28.75 -23.90
C ARG C 78 15.52 29.03 -23.63
N ARG C 79 14.65 28.07 -23.95
CA ARG C 79 13.22 28.29 -23.73
C ARG C 79 12.89 28.34 -22.25
N MET C 80 13.47 27.44 -21.44
CA MET C 80 13.20 27.45 -20.01
C MET C 80 13.57 28.79 -19.38
N ALA C 81 14.73 29.34 -19.77
CA ALA C 81 15.16 30.60 -19.19
C ALA C 81 14.23 31.74 -19.58
N ALA C 82 13.80 31.77 -20.85
CA ALA C 82 12.86 32.81 -21.27
C ALA C 82 11.55 32.70 -20.51
N CYS C 83 11.11 31.46 -20.23
CA CYS C 83 9.87 31.28 -19.49
C CYS C 83 10.04 31.73 -18.04
N LEU C 84 11.12 31.29 -17.39
CA LEU C 84 11.38 31.75 -16.04
C LEU C 84 11.52 33.27 -16.00
N ARG C 85 12.14 33.86 -17.02
CA ARG C 85 12.26 35.31 -17.08
C ARG C 85 10.88 35.96 -17.15
N ASP C 86 10.01 35.46 -18.04
CA ASP C 86 8.65 36.00 -18.14
C ASP C 86 7.90 35.87 -16.82
N GLY C 87 8.02 34.72 -16.16
CA GLY C 87 7.37 34.56 -14.87
C GLY C 87 7.80 35.62 -13.87
N GLU C 88 9.09 35.95 -13.87
CA GLU C 88 9.61 36.97 -12.96
C GLU C 88 9.12 38.36 -13.36
N ILE C 89 9.16 38.68 -14.67
CA ILE C 89 8.63 39.97 -15.14
C ILE C 89 7.21 40.16 -14.65
N ILE C 90 6.36 39.15 -14.85
CA ILE C 90 4.97 39.24 -14.44
C ILE C 90 4.86 39.37 -12.94
N LEU C 91 5.58 38.52 -12.19
CA LEU C 91 5.53 38.61 -10.74
C LEU C 91 5.93 40.00 -10.27
N ARG C 92 6.96 40.57 -10.87
CA ARG C 92 7.45 41.86 -10.40
C ARG C 92 6.48 42.99 -10.73
N TYR C 93 5.84 42.94 -11.90
CA TYR C 93 4.83 43.95 -12.18
C TYR C 93 3.64 43.80 -11.24
N VAL C 94 3.32 42.57 -10.83
CA VAL C 94 2.29 42.41 -9.83
C VAL C 94 2.73 42.99 -8.49
N SER C 95 4.00 42.78 -8.11
CA SER C 95 4.47 43.36 -6.85
C SER C 95 4.44 44.88 -6.88
N TYR C 96 4.69 45.47 -8.04
CA TYR C 96 4.62 46.92 -8.18
C TYR C 96 3.18 47.42 -8.11
N ALA C 97 2.24 46.64 -8.63
CA ALA C 97 0.83 46.97 -8.48
C ALA C 97 0.43 46.95 -7.01
N LEU C 98 0.93 45.97 -6.26
CA LEU C 98 0.62 45.92 -4.83
C LEU C 98 1.27 47.10 -4.10
N LEU C 99 2.51 47.43 -4.45
CA LEU C 99 3.17 48.59 -3.86
C LEU C 99 2.40 49.87 -4.16
N SER C 100 1.86 49.98 -5.39
CA SER C 100 1.21 51.19 -5.87
C SER C 100 -0.25 51.28 -5.45
N GLY C 101 -0.92 50.14 -5.27
CA GLY C 101 -2.32 50.13 -4.94
C GLY C 101 -3.25 50.14 -6.13
N ASP C 102 -2.74 50.00 -7.35
CA ASP C 102 -3.62 49.82 -8.50
C ASP C 102 -2.85 49.09 -9.60
N SER C 103 -3.59 48.72 -10.65
CA SER C 103 -3.09 47.86 -11.71
C SER C 103 -2.72 48.62 -12.99
N SER C 104 -2.67 49.96 -12.94
CA SER C 104 -2.53 50.72 -14.17
C SER C 104 -1.21 50.42 -14.87
N VAL C 105 -0.10 50.49 -14.14
CA VAL C 105 1.20 50.22 -14.76
C VAL C 105 1.28 48.74 -15.18
N LEU C 106 0.79 47.84 -14.34
CA LEU C 106 0.77 46.43 -14.70
C LEU C 106 0.10 46.21 -16.05
N GLU C 107 -1.07 46.84 -16.25
CA GLU C 107 -1.81 46.62 -17.48
C GLU C 107 -1.12 47.28 -18.66
N ASP C 108 -0.63 48.51 -18.47
CA ASP C 108 -0.09 49.27 -19.58
C ASP C 108 1.30 48.80 -19.99
N ARG C 109 2.15 48.49 -19.01
CA ARG C 109 3.55 48.18 -19.30
C ARG C 109 3.84 46.69 -19.44
N CYS C 110 2.88 45.82 -19.08
CA CYS C 110 3.13 44.38 -19.11
C CYS C 110 2.05 43.65 -19.89
N LEU C 111 0.78 43.83 -19.51
CA LEU C 111 -0.27 42.98 -20.06
C LEU C 111 -0.74 43.45 -21.44
N ASN C 112 -0.89 44.75 -21.65
CA ASN C 112 -1.39 45.25 -22.93
CA ASN C 112 -1.39 45.25 -22.94
C ASN C 112 -0.44 44.83 -24.05
N GLY C 113 -0.97 44.09 -25.02
CA GLY C 113 -0.18 43.56 -26.12
C GLY C 113 0.49 42.23 -25.84
N LEU C 114 0.35 41.68 -24.63
CA LEU C 114 1.12 40.48 -24.27
C LEU C 114 0.52 39.21 -24.88
N LYS C 115 -0.82 39.08 -24.85
CA LYS C 115 -1.47 37.94 -25.49
C LYS C 115 -1.13 37.87 -26.96
N GLU C 116 -1.17 39.01 -27.64
CA GLU C 116 -0.81 39.05 -29.05
C GLU C 116 0.64 38.61 -29.25
N THR C 117 1.54 39.04 -28.36
CA THR C 117 2.92 38.58 -28.41
C THR C 117 3.00 37.07 -28.29
N TYR C 118 2.35 36.52 -27.26
CA TYR C 118 2.42 35.07 -27.04
C TYR C 118 1.78 34.29 -28.18
N SER C 119 0.71 34.81 -28.78
CA SER C 119 0.09 34.12 -29.91
C SER C 119 1.05 34.01 -31.09
N SER C 120 1.78 35.09 -31.40
CA SER C 120 2.71 35.05 -32.51
C SER C 120 3.90 34.14 -32.20
N LEU C 121 4.30 34.03 -30.93
CA LEU C 121 5.40 33.14 -30.55
C LEU C 121 4.95 31.70 -30.33
N GLY C 122 3.65 31.45 -30.16
CA GLY C 122 3.19 30.13 -29.82
C GLY C 122 3.43 29.74 -28.38
N VAL C 123 3.54 30.71 -27.48
CA VAL C 123 3.68 30.42 -26.06
C VAL C 123 2.32 29.92 -25.58
N PRO C 124 2.24 28.73 -24.98
CA PRO C 124 0.92 28.11 -24.75
C PRO C 124 0.13 28.80 -23.66
N ALA C 125 -1.12 29.17 -23.99
CA ALA C 125 -1.97 29.90 -23.07
C ALA C 125 -2.46 29.03 -21.92
N ASN C 126 -2.78 27.76 -22.19
CA ASN C 126 -3.20 26.87 -21.11
C ASN C 126 -2.12 26.73 -20.05
N SER C 127 -0.86 26.75 -20.48
CA SER C 127 0.23 26.58 -19.53
C SER C 127 0.51 27.87 -18.77
N ASN C 128 0.49 29.01 -19.47
CA ASN C 128 0.63 30.30 -18.79
C ASN C 128 -0.47 30.48 -17.75
N ALA C 129 -1.70 30.09 -18.10
CA ALA C 129 -2.79 30.19 -17.13
C ALA C 129 -2.44 29.49 -15.83
N ARG C 130 -1.85 28.29 -15.92
CA ARG C 130 -1.53 27.55 -14.70
C ARG C 130 -0.35 28.17 -13.98
N ALA C 131 0.68 28.60 -14.71
CA ALA C 131 1.81 29.26 -14.07
C ALA C 131 1.37 30.47 -13.28
N VAL C 132 0.46 31.27 -13.84
CA VAL C 132 -0.03 32.45 -13.15
C VAL C 132 -0.83 32.06 -11.91
N SER C 133 -1.68 31.05 -12.02
CA SER C 133 -2.50 30.68 -10.87
C SER C 133 -1.63 30.14 -9.73
N ILE C 134 -0.49 29.53 -10.05
CA ILE C 134 0.37 29.05 -8.97
C ILE C 134 1.09 30.21 -8.30
N MET C 135 1.62 31.15 -9.09
CA MET C 135 2.22 32.34 -8.49
C MET C 135 1.21 33.06 -7.61
N LYS C 136 -0.04 33.15 -8.08
CA LYS C 136 -1.10 33.72 -7.25
C LYS C 136 -1.24 32.96 -5.94
N ALA C 137 -1.26 31.62 -6.00
CA ALA C 137 -1.38 30.83 -4.78
C ALA C 137 -0.20 31.09 -3.84
N CYS C 138 1.01 31.19 -4.39
CA CYS C 138 2.16 31.55 -3.58
C CYS C 138 1.96 32.90 -2.88
N ALA C 139 1.62 33.93 -3.66
CA ALA C 139 1.54 35.29 -3.12
C ALA C 139 0.48 35.39 -2.04
N VAL C 140 -0.69 34.80 -2.29
CA VAL C 140 -1.76 34.84 -1.30
C VAL C 140 -1.31 34.18 -0.01
N ALA C 141 -0.57 33.06 -0.12
CA ALA C 141 -0.13 32.35 1.08
C ALA C 141 0.87 33.16 1.88
N PHE C 142 1.73 33.92 1.19
CA PHE C 142 2.71 34.72 1.92
C PHE C 142 2.04 35.92 2.57
N VAL C 143 1.10 36.56 1.88
CA VAL C 143 0.40 37.71 2.46
C VAL C 143 -0.53 37.24 3.58
N ASN C 144 -1.48 36.37 3.26
CA ASN C 144 -2.36 35.80 4.28
C ASN C 144 -1.71 34.55 4.89
N ASN C 145 -0.56 34.78 5.51
CA ASN C 145 0.22 33.69 6.10
C ASN C 145 -0.33 33.35 7.48
N THR C 146 -0.90 32.14 7.61
CA THR C 146 -1.49 31.68 8.86
C THR C 146 -0.52 30.89 9.71
N ALA C 147 0.78 31.00 9.45
CA ALA C 147 1.76 30.30 10.28
C ALA C 147 1.80 30.90 11.67
N SER C 148 2.36 30.15 12.60
CA SER C 148 2.50 30.63 13.96
C SER C 148 3.34 31.91 14.00
N GLN C 149 3.12 32.69 15.05
CA GLN C 149 3.90 33.91 15.24
C GLN C 149 5.39 33.62 15.21
N ARG C 150 5.80 32.50 15.83
CA ARG C 150 7.22 32.16 15.90
C ARG C 150 7.84 31.89 14.54
N LYS C 151 7.04 31.67 13.51
CA LYS C 151 7.53 31.42 12.17
C LYS C 151 7.37 32.63 11.26
N LEU C 152 6.92 33.75 11.79
CA LEU C 152 6.72 34.97 11.02
C LEU C 152 7.77 36.02 11.41
N SER C 153 8.22 36.78 10.43
CA SER C 153 9.09 37.93 10.66
C SER C 153 8.30 39.21 10.91
N THR C 154 6.98 39.16 10.84
CA THR C 154 6.10 40.30 11.02
C THR C 154 5.17 40.06 12.20
N PRO C 155 4.55 41.11 12.74
CA PRO C 155 3.53 40.90 13.78
C PRO C 155 2.31 40.19 13.20
N GLN C 156 1.84 39.17 13.91
CA GLN C 156 0.70 38.41 13.43
C GLN C 156 -0.54 39.30 13.39
N GLY C 157 -1.23 39.29 12.25
CA GLY C 157 -2.44 40.08 12.12
C GLY C 157 -3.20 39.69 10.87
N ASP C 158 -4.22 40.48 10.55
CA ASP C 158 -5.13 40.21 9.45
C ASP C 158 -4.71 40.98 8.20
N CYS C 159 -4.18 40.26 7.22
CA CYS C 159 -3.78 40.81 5.92
C CYS C 159 -4.66 40.28 4.80
N SER C 160 -5.90 39.89 5.12
CA SER C 160 -6.76 39.27 4.11
C SER C 160 -7.16 40.25 3.03
N ALA C 161 -7.30 41.53 3.37
CA ALA C 161 -7.67 42.51 2.34
C ALA C 161 -6.54 42.67 1.33
N LEU C 162 -5.30 42.76 1.80
CA LEU C 162 -4.16 42.83 0.89
C LEU C 162 -4.03 41.57 0.06
N ALA C 163 -4.31 40.41 0.67
CA ALA C 163 -4.26 39.15 -0.06
C ALA C 163 -5.28 39.14 -1.20
N SER C 164 -6.51 39.57 -0.90
CA SER C 164 -7.52 39.65 -1.95
CA SER C 164 -7.53 39.65 -1.94
C SER C 164 -7.13 40.65 -3.02
N GLU C 165 -6.45 41.73 -2.65
CA GLU C 165 -6.03 42.71 -3.64
C GLU C 165 -4.97 42.12 -4.57
N VAL C 166 -3.93 41.50 -4.01
CA VAL C 166 -2.90 40.93 -4.88
C VAL C 166 -3.49 39.83 -5.74
N ALA C 167 -4.41 39.03 -5.18
CA ALA C 167 -5.10 38.02 -5.96
C ALA C 167 -5.79 38.64 -7.17
N GLY C 168 -6.41 39.81 -6.98
CA GLY C 168 -7.07 40.48 -8.09
C GLY C 168 -6.10 40.84 -9.19
N TYR C 169 -4.89 41.28 -8.82
CA TYR C 169 -3.90 41.63 -9.83
C TYR C 169 -3.51 40.41 -10.65
N PHE C 170 -3.32 39.26 -10.00
CA PHE C 170 -3.05 38.03 -10.76
C PHE C 170 -4.22 37.69 -11.66
N ASP C 171 -5.45 37.87 -11.19
CA ASP C 171 -6.60 37.59 -12.02
C ASP C 171 -6.61 38.47 -13.26
N LYS C 172 -6.10 39.71 -13.16
CA LYS C 172 -6.02 40.55 -14.34
C LYS C 172 -4.98 40.04 -15.31
N VAL C 173 -3.87 39.49 -14.81
CA VAL C 173 -2.91 38.81 -15.67
C VAL C 173 -3.60 37.66 -16.41
N SER C 174 -4.28 36.80 -15.65
CA SER C 174 -4.93 35.63 -16.24
C SER C 174 -5.90 36.01 -17.34
N ALA C 175 -6.70 37.06 -17.11
CA ALA C 175 -7.68 37.47 -18.10
C ALA C 175 -7.00 38.02 -19.35
N ALA C 176 -5.89 38.76 -19.15
CA ALA C 176 -5.24 39.41 -20.28
C ALA C 176 -4.60 38.40 -21.22
N ILE C 177 -4.01 37.33 -20.68
CA ILE C 177 -3.33 36.34 -21.52
C ILE C 177 -4.11 35.03 -21.61
N GLY C 178 -5.36 35.01 -21.13
CA GLY C 178 -6.18 33.83 -21.23
C GLY C 178 -6.73 33.64 -22.63
N ALA D 1 1.19 49.64 -23.99
CA ALA D 1 1.61 48.29 -24.47
C ALA D 1 3.01 47.97 -23.97
N ASP D 2 3.32 46.69 -23.77
CA ASP D 2 4.67 46.34 -23.33
C ASP D 2 5.67 46.67 -24.44
N ASP D 3 6.89 46.99 -24.03
CA ASP D 3 7.95 47.38 -24.97
C ASP D 3 8.85 46.22 -25.35
N LYS D 4 8.60 45.03 -24.83
CA LYS D 4 9.35 43.81 -25.15
C LYS D 4 10.83 43.93 -24.76
N SER D 5 11.15 44.86 -23.86
CA SER D 5 12.52 45.05 -23.41
C SER D 5 12.98 44.01 -22.41
N GLY D 6 12.07 43.24 -21.82
CA GLY D 6 12.44 42.30 -20.78
C GLY D 6 12.72 42.93 -19.44
N LYS D 7 12.40 44.21 -19.26
CA LYS D 7 12.60 44.90 -18.00
C LYS D 7 11.35 44.83 -17.13
N ALA D 8 11.55 45.03 -15.83
CA ALA D 8 10.47 45.04 -14.86
C ALA D 8 10.93 45.79 -13.62
N PRO D 9 9.99 46.24 -12.77
CA PRO D 9 10.38 46.96 -11.56
C PRO D 9 10.88 46.01 -10.48
N VAL D 10 12.16 46.15 -10.11
CA VAL D 10 12.73 45.37 -9.02
C VAL D 10 12.59 46.19 -7.74
N ILE D 11 11.82 45.67 -6.78
CA ILE D 11 11.57 46.35 -5.51
C ILE D 11 12.40 45.67 -4.43
N THR D 12 13.12 46.46 -3.66
CA THR D 12 13.82 45.99 -2.47
C THR D 12 13.27 46.74 -1.27
N VAL D 13 12.86 46.00 -0.25
CA VAL D 13 12.26 46.57 0.96
C VAL D 13 13.26 46.40 2.10
N PHE D 14 13.64 47.53 2.72
CA PHE D 14 14.60 47.57 3.82
C PHE D 14 13.89 48.02 5.10
N ASP D 15 13.31 47.09 5.83
CA ASP D 15 12.87 47.39 7.21
C ASP D 15 14.08 47.12 8.08
N HIS D 16 14.94 48.14 8.22
CA HIS D 16 16.18 48.01 8.94
C HIS D 16 16.17 48.77 10.26
N ARG D 17 15.01 48.84 10.91
CA ARG D 17 14.93 49.39 12.25
C ARG D 17 15.90 48.65 13.16
N GLY D 18 16.63 49.42 13.97
CA GLY D 18 17.62 48.88 14.88
C GLY D 18 18.95 48.52 14.26
N CYS D 19 19.11 48.76 12.96
CA CYS D 19 20.33 48.37 12.26
C CYS D 19 21.48 49.35 12.52
N GLN D 20 22.66 48.80 12.79
CA GLN D 20 23.91 49.56 12.79
C GLN D 20 24.69 49.11 11.56
N ARG D 21 24.48 49.83 10.46
CA ARG D 21 25.06 49.47 9.18
C ARG D 21 26.57 49.60 9.15
N GLY D 22 27.16 50.37 10.07
CA GLY D 22 28.57 50.64 10.04
C GLY D 22 28.99 51.69 9.04
N GLY D 23 28.06 52.21 8.26
CA GLY D 23 28.32 53.26 7.32
C GLY D 23 27.10 54.13 7.10
N PRO D 24 27.27 55.27 6.43
CA PRO D 24 26.15 56.20 6.28
C PRO D 24 25.05 55.66 5.39
N ASP D 25 23.82 56.16 5.63
CA ASP D 25 22.66 55.87 4.78
C ASP D 25 22.54 56.99 3.76
N ARG D 26 23.13 56.79 2.58
CA ARG D 26 23.24 57.84 1.58
C ARG D 26 22.35 57.64 0.37
N GLU D 27 21.65 56.51 0.27
CA GLU D 27 20.87 56.23 -0.93
C GLU D 27 19.64 57.11 -1.01
N TYR D 28 18.86 57.16 0.07
CA TYR D 28 17.71 58.06 0.12
C TYR D 28 18.19 59.49 0.22
N LYS D 29 17.73 60.34 -0.70
CA LYS D 29 18.21 61.71 -0.80
C LYS D 29 17.23 62.74 -0.24
N GLY D 30 16.09 62.31 0.29
CA GLY D 30 15.09 63.21 0.81
C GLY D 30 15.34 63.60 2.25
N LYS D 31 14.30 64.18 2.85
CA LYS D 31 14.37 64.70 4.20
C LYS D 31 13.99 63.62 5.20
N LYS D 32 14.51 63.78 6.41
CA LYS D 32 14.30 62.86 7.51
C LYS D 32 12.90 62.98 8.06
N ALA D 33 12.35 61.86 8.47
CA ALA D 33 11.08 61.89 9.21
C ALA D 33 11.23 62.21 10.70
N ASN D 34 12.42 62.08 11.28
CA ASN D 34 12.62 62.23 12.71
C ASN D 34 11.80 61.18 13.47
N GLY D 35 11.92 59.94 13.00
CA GLY D 35 11.22 58.81 13.55
C GLY D 35 11.71 57.52 12.92
N PRO D 36 11.06 56.40 13.25
CA PRO D 36 11.54 55.09 12.76
C PRO D 36 11.59 54.97 11.24
N ASP D 37 10.80 55.76 10.51
CA ASP D 37 10.89 55.73 9.06
C ASP D 37 12.27 56.12 8.56
N ASP D 38 13.09 56.76 9.40
CA ASP D 38 14.46 57.06 9.01
C ASP D 38 15.35 55.82 9.01
N GLU D 39 14.87 54.70 9.53
CA GLU D 39 15.60 53.44 9.52
C GLU D 39 15.06 52.46 8.49
N MET D 40 14.09 52.88 7.68
CA MET D 40 13.49 51.99 6.68
C MET D 40 13.50 52.69 5.33
N CYS D 41 13.48 51.87 4.28
CA CYS D 41 13.59 52.43 2.94
C CYS D 41 13.05 51.43 1.93
N VAL D 42 12.50 51.97 0.85
CA VAL D 42 12.06 51.20 -0.32
C VAL D 42 12.95 51.60 -1.49
N LYS D 43 13.39 50.60 -2.26
CA LYS D 43 14.14 50.81 -3.49
C LYS D 43 13.34 50.24 -4.66
N VAL D 44 13.21 51.02 -5.73
CA VAL D 44 12.54 50.57 -6.95
C VAL D 44 13.42 50.91 -8.13
N GLN D 45 13.70 49.91 -8.98
CA GLN D 45 14.54 50.11 -10.15
C GLN D 45 14.04 49.25 -11.30
N SER D 46 13.83 49.88 -12.46
CA SER D 46 13.50 49.14 -13.67
C SER D 46 14.78 48.52 -14.23
N ALA D 47 14.82 47.19 -14.30
CA ALA D 47 16.02 46.48 -14.69
C ALA D 47 15.67 45.35 -15.65
N LYS D 48 16.62 45.06 -16.53
CA LYS D 48 16.49 43.92 -17.42
C LYS D 48 16.49 42.64 -16.59
N ILE D 49 15.46 41.82 -16.75
CA ILE D 49 15.37 40.55 -16.03
C ILE D 49 16.14 39.50 -16.83
N ALA D 50 17.07 38.81 -16.18
CA ALA D 50 17.94 37.85 -16.84
C ALA D 50 17.99 36.55 -16.04
N VAL D 51 17.89 35.43 -16.75
CA VAL D 51 17.92 34.09 -16.16
C VAL D 51 19.04 33.30 -16.82
N SER D 52 19.92 32.74 -16.00
CA SER D 52 21.08 32.03 -16.49
C SER D 52 20.74 30.62 -16.97
N ALA D 53 21.66 30.07 -17.77
CA ALA D 53 21.52 28.68 -18.20
C ALA D 53 21.59 27.72 -17.01
N THR D 54 22.43 28.04 -16.02
CA THR D 54 22.53 27.22 -14.81
C THR D 54 21.19 27.15 -14.10
N THR D 55 20.53 28.30 -13.92
CA THR D 55 19.23 28.32 -13.28
C THR D 55 18.22 27.50 -14.08
N ALA D 56 18.17 27.72 -15.39
CA ALA D 56 17.24 26.99 -16.24
C ALA D 56 17.50 25.49 -16.16
N ASP D 57 18.77 25.09 -16.18
CA ASP D 57 19.10 23.68 -16.05
C ASP D 57 18.72 23.16 -14.66
N SER D 58 18.87 23.99 -13.64
CA SER D 58 18.54 23.56 -12.29
C SER D 58 17.04 23.30 -12.15
N VAL D 59 16.21 24.20 -12.70
CA VAL D 59 14.76 24.01 -12.61
C VAL D 59 14.34 22.75 -13.37
N LEU D 60 14.94 22.52 -14.54
CA LEU D 60 14.61 21.31 -15.29
C LEU D 60 14.97 20.07 -14.50
N GLN D 61 16.17 20.05 -13.90
CA GLN D 61 16.64 18.86 -13.21
C GLN D 61 15.82 18.56 -11.97
N GLN D 62 15.29 19.59 -11.31
CA GLN D 62 14.43 19.42 -10.14
C GLN D 62 12.96 19.27 -10.52
N THR D 63 12.61 19.51 -11.78
CA THR D 63 11.26 19.28 -12.25
C THR D 63 11.10 17.89 -12.86
N ILE D 64 12.10 17.43 -13.63
CA ILE D 64 11.99 16.15 -14.31
C ILE D 64 11.84 15.01 -13.32
N SER D 65 12.30 15.20 -12.09
CA SER D 65 12.26 14.16 -11.06
C SER D 65 10.95 14.15 -10.28
N THR D 66 10.01 15.06 -10.57
CA THR D 66 8.73 15.09 -9.88
C THR D 66 7.54 15.06 -10.85
N LEU D 67 7.76 14.77 -12.12
CA LEU D 67 6.67 14.70 -13.09
C LEU D 67 5.58 13.74 -12.60
N TYR D 68 4.32 14.13 -12.80
CA TYR D 68 3.20 13.26 -12.46
C TYR D 68 3.40 11.88 -13.09
N ARG D 69 2.96 10.84 -12.36
CA ARG D 69 3.21 9.46 -12.75
C ARG D 69 1.96 8.64 -12.47
N LYS D 70 2.01 7.38 -12.88
CA LYS D 70 0.97 6.41 -12.55
C LYS D 70 1.35 5.70 -11.25
N ALA E 2 -68.47 -11.37 46.22
CA ALA E 2 -67.03 -11.56 46.10
C ALA E 2 -66.59 -12.82 46.81
N LEU E 3 -65.59 -13.48 46.27
CA LEU E 3 -65.13 -14.75 46.84
C LEU E 3 -63.74 -15.06 46.32
N ASP E 4 -62.77 -15.15 47.23
CA ASP E 4 -61.45 -15.71 46.94
C ASP E 4 -61.62 -17.21 46.73
N ALA E 5 -61.85 -17.63 45.49
CA ALA E 5 -62.29 -18.98 45.19
C ALA E 5 -61.16 -19.93 44.80
N PHE E 6 -59.96 -19.41 44.55
CA PHE E 6 -58.85 -20.23 44.07
C PHE E 6 -57.68 -20.26 45.03
N SER E 7 -57.88 -19.82 46.29
CA SER E 7 -56.78 -19.75 47.24
C SER E 7 -56.06 -21.09 47.41
N LYS E 8 -56.69 -22.19 47.04
CA LYS E 8 -56.09 -23.51 47.15
C LYS E 8 -54.99 -23.77 46.12
N VAL E 9 -54.77 -22.86 45.17
CA VAL E 9 -53.68 -22.99 44.21
C VAL E 9 -52.57 -21.99 44.52
N ALA E 15 -49.08 -27.05 43.43
CA ALA E 15 -48.69 -26.18 42.34
C ALA E 15 -49.59 -26.38 41.10
N LYS E 16 -50.65 -27.18 41.25
CA LYS E 16 -51.48 -27.54 40.12
C LYS E 16 -52.50 -26.44 39.81
N ALA E 17 -52.96 -26.44 38.56
CA ALA E 17 -53.96 -25.49 38.13
C ALA E 17 -55.35 -25.95 38.54
N ALA E 18 -56.21 -24.97 38.86
CA ALA E 18 -57.61 -25.21 39.15
C ALA E 18 -58.42 -24.84 37.91
N TYR E 19 -59.44 -25.64 37.60
CA TYR E 19 -60.29 -25.42 36.44
C TYR E 19 -61.73 -25.34 36.91
N VAL E 20 -62.40 -24.24 36.59
CA VAL E 20 -63.77 -23.99 37.00
C VAL E 20 -64.61 -23.78 35.74
N GLY E 21 -65.39 -24.78 35.38
CA GLY E 21 -66.30 -24.71 34.26
C GLY E 21 -67.62 -25.35 34.61
N GLY E 22 -68.52 -25.47 33.64
CA GLY E 22 -69.78 -26.17 33.89
C GLY E 22 -70.50 -25.67 35.13
N ALA E 23 -70.89 -26.60 36.00
CA ALA E 23 -71.69 -26.24 37.18
C ALA E 23 -70.91 -25.36 38.15
N ASP E 24 -69.64 -25.68 38.38
CA ASP E 24 -68.85 -24.86 39.30
C ASP E 24 -68.75 -23.42 38.79
N LEU E 25 -68.60 -23.25 37.48
CA LEU E 25 -68.54 -21.92 36.89
C LEU E 25 -69.87 -21.20 37.01
N GLN E 26 -70.97 -21.90 36.73
CA GLN E 26 -72.30 -21.33 36.92
C GLN E 26 -72.46 -20.81 38.34
N ALA E 27 -71.96 -21.55 39.32
CA ALA E 27 -72.05 -21.11 40.71
C ALA E 27 -71.13 -19.93 40.98
N LEU E 28 -69.89 -19.98 40.47
CA LEU E 28 -68.93 -18.91 40.72
C LEU E 28 -69.50 -17.57 40.29
N LYS E 29 -70.17 -17.52 39.14
CA LYS E 29 -70.68 -16.25 38.63
C LYS E 29 -71.83 -15.70 39.46
N LYS E 30 -72.45 -16.52 40.31
CA LYS E 30 -73.42 -16.01 41.26
C LYS E 30 -72.77 -15.47 42.53
N PHE E 31 -71.53 -15.88 42.82
CA PHE E 31 -70.84 -15.47 44.04
C PHE E 31 -70.06 -14.18 43.87
N ILE E 32 -69.75 -13.79 42.64
CA ILE E 32 -69.12 -12.52 42.33
C ILE E 32 -70.14 -11.65 41.58
N SER E 33 -70.05 -10.35 41.78
CA SER E 33 -70.99 -9.44 41.15
C SER E 33 -70.74 -9.37 39.64
N GLU E 34 -71.83 -9.33 38.88
CA GLU E 34 -71.76 -9.19 37.42
C GLU E 34 -70.83 -10.23 36.81
N GLY E 35 -71.13 -11.50 37.10
CA GLY E 35 -70.20 -12.58 36.78
C GLY E 35 -69.74 -12.58 35.34
N ASN E 36 -70.68 -12.55 34.39
CA ASN E 36 -70.30 -12.60 32.99
C ASN E 36 -69.46 -11.39 32.60
N LYS E 37 -69.93 -10.19 32.94
CA LYS E 37 -69.18 -8.98 32.62
C LYS E 37 -67.82 -8.99 33.31
N ARG E 38 -67.78 -9.44 34.57
CA ARG E 38 -66.52 -9.47 35.31
C ARG E 38 -65.49 -10.36 34.62
N LEU E 39 -65.90 -11.53 34.13
CA LEU E 39 -64.95 -12.40 33.45
C LEU E 39 -64.51 -11.79 32.12
N ASP E 40 -65.41 -11.09 31.42
CA ASP E 40 -64.98 -10.35 30.23
C ASP E 40 -63.92 -9.30 30.61
N ALA E 41 -64.18 -8.55 31.68
CA ALA E 41 -63.25 -7.50 32.09
C ALA E 41 -61.89 -8.08 32.47
N VAL E 42 -61.90 -9.15 33.25
CA VAL E 42 -60.64 -9.82 33.58
C VAL E 42 -59.93 -10.24 32.31
N ASN E 43 -60.67 -10.84 31.37
CA ASN E 43 -60.05 -11.35 30.16
C ASN E 43 -59.45 -10.23 29.34
N SER E 44 -60.12 -9.07 29.28
CA SER E 44 -59.58 -7.97 28.47
C SER E 44 -58.26 -7.47 29.04
N ILE E 45 -58.00 -7.66 30.33
CA ILE E 45 -56.74 -7.23 30.93
C ILE E 45 -55.67 -8.30 30.75
N VAL E 46 -55.96 -9.54 31.14
CA VAL E 46 -54.94 -10.59 31.12
CA VAL E 46 -54.93 -10.57 31.12
C VAL E 46 -54.50 -10.89 29.69
N SER E 47 -55.44 -10.88 28.75
CA SER E 47 -55.10 -11.14 27.35
C SER E 47 -54.21 -10.06 26.74
N ASN E 48 -54.03 -8.93 27.43
CA ASN E 48 -53.13 -7.87 27.00
C ASN E 48 -52.01 -7.62 28.01
N ALA E 49 -51.70 -8.62 28.84
CA ALA E 49 -50.80 -8.40 29.98
C ALA E 49 -49.40 -8.02 29.51
N SER E 50 -48.88 -8.66 28.46
CA SER E 50 -47.52 -8.34 28.02
C SER E 50 -47.43 -6.88 27.58
N CYS E 51 -48.42 -6.41 26.84
CA CYS E 51 -48.38 -5.04 26.34
C CYS E 51 -48.57 -4.05 27.48
N ILE E 52 -49.44 -4.37 28.43
CA ILE E 52 -49.63 -3.46 29.57
C ILE E 52 -48.32 -3.26 30.31
N VAL E 53 -47.63 -4.36 30.63
CA VAL E 53 -46.38 -4.26 31.39
C VAL E 53 -45.32 -3.55 30.56
N SER E 54 -45.19 -3.91 29.28
CA SER E 54 -44.18 -3.26 28.45
C SER E 54 -44.46 -1.77 28.32
N ASP E 55 -45.72 -1.41 28.10
CA ASP E 55 -46.07 0.00 27.93
C ASP E 55 -45.80 0.80 29.20
N ALA E 56 -46.10 0.22 30.36
CA ALA E 56 -45.93 0.94 31.61
C ALA E 56 -44.45 1.11 31.98
N VAL E 57 -43.64 0.06 31.76
CA VAL E 57 -42.22 0.17 32.07
C VAL E 57 -41.52 1.09 31.07
N SER E 58 -41.89 1.01 29.78
CA SER E 58 -41.32 1.95 28.82
C SER E 58 -41.73 3.38 29.14
N GLY E 59 -42.99 3.58 29.54
CA GLY E 59 -43.42 4.93 29.87
C GLY E 59 -42.73 5.47 31.10
N MET E 60 -42.57 4.64 32.13
CA MET E 60 -41.75 5.00 33.27
C MET E 60 -40.36 5.44 32.82
N ILE E 61 -39.78 4.70 31.88
CA ILE E 61 -38.42 4.99 31.45
C ILE E 61 -38.37 6.21 30.54
N CYS E 62 -39.31 6.34 29.61
CA CYS E 62 -39.25 7.49 28.70
C CYS E 62 -39.52 8.80 29.43
N GLU E 63 -40.23 8.76 30.57
CA GLU E 63 -40.38 9.97 31.38
C GLU E 63 -39.15 10.26 32.22
N ASN E 64 -38.34 9.24 32.52
CA ASN E 64 -37.14 9.41 33.34
C ASN E 64 -36.02 8.61 32.70
N PRO E 65 -35.47 9.11 31.59
CA PRO E 65 -34.46 8.33 30.84
C PRO E 65 -33.30 7.83 31.69
N SER E 66 -32.95 8.54 32.75
CA SER E 66 -31.81 8.13 33.56
C SER E 66 -32.01 6.77 34.22
N LEU E 67 -33.23 6.24 34.21
CA LEU E 67 -33.48 4.95 34.85
C LEU E 67 -32.63 3.83 34.24
N ILE E 68 -32.22 3.98 32.99
CA ILE E 68 -31.37 3.00 32.33
C ILE E 68 -29.97 3.55 32.09
N SER E 69 -29.62 4.69 32.70
CA SER E 69 -28.24 5.12 32.76
C SER E 69 -27.49 4.27 33.78
N PRO E 70 -26.16 4.34 33.78
CA PRO E 70 -25.39 3.49 34.71
C PRO E 70 -25.77 3.65 36.17
N SER E 71 -26.36 4.77 36.56
CA SER E 71 -26.78 4.99 37.94
C SER E 71 -28.26 4.75 38.15
N GLY E 72 -28.98 4.29 37.13
CA GLY E 72 -30.41 4.05 37.23
C GLY E 72 -30.75 2.65 37.71
N MEN E 73 -31.91 2.53 38.36
CA MEN E 73 -32.31 1.30 39.00
C MEN E 73 -32.68 0.18 38.03
O MEN E 73 -32.80 -0.98 38.37
CB MEN E 73 -33.52 1.50 39.94
CG MEN E 73 -33.62 0.38 40.96
OD1 MEN E 73 -34.66 -0.32 41.03
ND2 MEN E 73 -32.57 0.15 41.80
CE2 MEN E 73 -32.58 -0.88 42.80
HA MEN E 73 -31.41 0.88 39.54
HB2 MEN E 73 -34.43 1.55 39.30
HB3 MEN E 73 -33.39 2.49 40.44
HD2 MEN E 73 -31.76 0.72 41.73
HE21 MEN E 73 -32.70 -0.43 43.81
HE22 MEN E 73 -31.60 -1.45 42.76
HE23 MEN E 73 -33.42 -1.60 42.60
N CYS E 74 -32.85 0.55 36.77
CA CYS E 74 -33.12 -0.45 35.72
C CYS E 74 -31.88 -0.77 34.89
N TYR E 75 -30.72 -0.29 35.34
CA TYR E 75 -29.48 -0.55 34.63
C TYR E 75 -29.04 -1.99 34.82
N THR E 76 -28.52 -2.58 33.75
CA THR E 76 -28.13 -3.99 33.67
C THR E 76 -29.35 -4.83 33.33
N ASN E 77 -29.13 -5.94 32.61
CA ASN E 77 -30.22 -6.83 32.24
C ASN E 77 -30.90 -7.43 33.46
N ARG E 78 -30.11 -7.74 34.50
CA ARG E 78 -30.67 -8.33 35.71
C ARG E 78 -31.72 -7.42 36.34
N ARG E 79 -31.40 -6.14 36.48
CA ARG E 79 -32.34 -5.22 37.11
C ARG E 79 -33.57 -4.99 36.23
N MET E 80 -33.37 -4.79 34.93
CA MET E 80 -34.51 -4.62 34.03
C MET E 80 -35.40 -5.85 34.08
N ALA E 81 -34.81 -7.05 34.16
CA ALA E 81 -35.60 -8.26 34.23
C ALA E 81 -36.45 -8.28 35.50
N ALA E 82 -35.87 -7.92 36.63
CA ALA E 82 -36.62 -7.89 37.89
C ALA E 82 -37.75 -6.87 37.83
N CYS E 83 -37.52 -5.73 37.19
CA CYS E 83 -38.55 -4.71 37.11
C CYS E 83 -39.70 -5.16 36.21
N LEU E 84 -39.36 -5.69 35.03
CA LEU E 84 -40.39 -6.25 34.15
C LEU E 84 -41.17 -7.36 34.86
N ARG E 85 -40.47 -8.17 35.66
CA ARG E 85 -41.14 -9.22 36.42
C ARG E 85 -42.11 -8.63 37.44
N ASP E 86 -41.64 -7.66 38.23
CA ASP E 86 -42.49 -7.08 39.26
C ASP E 86 -43.72 -6.43 38.64
N GLY E 87 -43.54 -5.74 37.51
CA GLY E 87 -44.69 -5.15 36.84
C GLY E 87 -45.76 -6.19 36.53
N GLU E 88 -45.34 -7.36 36.03
CA GLU E 88 -46.29 -8.43 35.73
C GLU E 88 -46.90 -9.00 37.00
N ILE E 89 -46.08 -9.23 38.03
CA ILE E 89 -46.58 -9.76 39.30
C ILE E 89 -47.70 -8.87 39.84
N ILE E 90 -47.46 -7.56 39.86
CA ILE E 90 -48.45 -6.63 40.38
C ILE E 90 -49.69 -6.66 39.52
N LEU E 91 -49.53 -6.66 38.20
CA LEU E 91 -50.69 -6.70 37.31
C LEU E 91 -51.50 -7.97 37.54
N ARG E 92 -50.82 -9.10 37.72
CA ARG E 92 -51.56 -10.35 37.85
C ARG E 92 -52.31 -10.42 39.17
N TYR E 93 -51.70 -9.94 40.25
CA TYR E 93 -52.42 -9.91 41.52
C TYR E 93 -53.62 -8.99 41.43
N VAL E 94 -53.48 -7.87 40.71
CA VAL E 94 -54.63 -7.01 40.48
C VAL E 94 -55.69 -7.73 39.65
N SER E 95 -55.27 -8.50 38.65
CA SER E 95 -56.26 -9.23 37.85
C SER E 95 -56.98 -10.29 38.68
N TYR E 96 -56.29 -10.91 39.65
CA TYR E 96 -56.97 -11.86 40.52
C TYR E 96 -57.91 -11.16 41.48
N ALA E 97 -57.59 -9.93 41.89
CA ALA E 97 -58.52 -9.18 42.72
C ALA E 97 -59.83 -8.92 41.96
N LEU E 98 -59.72 -8.60 40.67
CA LEU E 98 -60.91 -8.35 39.86
C LEU E 98 -61.70 -9.63 39.62
N LEU E 99 -61.02 -10.76 39.47
CA LEU E 99 -61.71 -12.03 39.34
C LEU E 99 -62.47 -12.36 40.62
N SER E 100 -61.84 -12.18 41.78
CA SER E 100 -62.50 -12.55 43.02
C SER E 100 -63.38 -11.44 43.57
N GLY E 101 -63.21 -10.20 43.11
CA GLY E 101 -64.04 -9.12 43.57
C GLY E 101 -63.64 -8.49 44.89
N ASP E 102 -62.43 -8.75 45.38
CA ASP E 102 -61.93 -8.05 46.57
C ASP E 102 -60.41 -8.11 46.55
N SER E 103 -59.80 -7.45 47.54
CA SER E 103 -58.36 -7.22 47.58
C SER E 103 -57.65 -8.01 48.67
N SER E 104 -58.29 -9.03 49.24
CA SER E 104 -57.67 -9.74 50.35
C SER E 104 -56.35 -10.37 49.93
N VAL E 105 -56.36 -11.15 48.85
CA VAL E 105 -55.12 -11.77 48.39
C VAL E 105 -54.14 -10.71 47.91
N LEU E 106 -54.63 -9.68 47.21
CA LEU E 106 -53.76 -8.61 46.76
C LEU E 106 -52.97 -8.00 47.91
N GLU E 107 -53.66 -7.73 49.04
CA GLU E 107 -52.98 -7.15 50.19
C GLU E 107 -52.08 -8.18 50.88
N ASP E 108 -52.61 -9.39 51.11
CA ASP E 108 -51.92 -10.32 51.98
C ASP E 108 -50.69 -10.93 51.33
N ARG E 109 -50.76 -11.21 50.02
CA ARG E 109 -49.73 -11.97 49.35
C ARG E 109 -48.91 -11.14 48.37
N CYS E 110 -49.26 -9.87 48.16
CA CYS E 110 -48.48 -9.03 47.26
C CYS E 110 -48.01 -7.74 47.94
N LEU E 111 -48.95 -6.98 48.52
CA LEU E 111 -48.63 -5.63 48.96
C LEU E 111 -48.02 -5.58 50.36
N ASN E 112 -48.53 -6.37 51.30
CA ASN E 112 -48.03 -6.32 52.67
C ASN E 112 -46.53 -6.57 52.69
N GLY E 113 -45.78 -5.63 53.27
CA GLY E 113 -44.34 -5.74 53.34
C GLY E 113 -43.59 -5.33 52.09
N LEU E 114 -44.29 -4.96 51.02
CA LEU E 114 -43.62 -4.69 49.75
C LEU E 114 -42.87 -3.38 49.78
N LYS E 115 -43.45 -2.34 50.37
CA LYS E 115 -42.77 -1.05 50.47
C LYS E 115 -41.47 -1.18 51.25
N GLU E 116 -41.49 -1.96 52.33
CA GLU E 116 -40.27 -2.16 53.11
CA GLU E 116 -40.27 -2.16 53.12
C GLU E 116 -39.19 -2.82 52.28
N THR E 117 -39.56 -3.80 51.46
CA THR E 117 -38.58 -4.46 50.60
C THR E 117 -38.02 -3.48 49.58
N TYR E 118 -38.89 -2.73 48.91
CA TYR E 118 -38.40 -1.77 47.92
C TYR E 118 -37.52 -0.69 48.56
N SER E 119 -37.82 -0.32 49.82
CA SER E 119 -36.99 0.68 50.49
C SER E 119 -35.59 0.17 50.72
N SER E 120 -35.45 -1.07 51.20
CA SER E 120 -34.12 -1.60 51.50
C SER E 120 -33.33 -1.88 50.23
N LEU E 121 -34.00 -2.16 49.12
CA LEU E 121 -33.33 -2.37 47.85
C LEU E 121 -33.02 -1.09 47.11
N GLY E 122 -33.70 0.01 47.46
CA GLY E 122 -33.58 1.24 46.70
C GLY E 122 -34.34 1.27 45.39
N VAL E 123 -35.43 0.51 45.28
CA VAL E 123 -36.28 0.59 44.11
C VAL E 123 -37.03 1.91 44.18
N PRO E 124 -36.84 2.84 43.23
CA PRO E 124 -37.37 4.20 43.40
C PRO E 124 -38.89 4.21 43.38
N ALA E 125 -39.48 4.83 44.40
CA ALA E 125 -40.93 4.81 44.57
C ALA E 125 -41.63 5.72 43.59
N ASN E 126 -41.03 6.88 43.26
CA ASN E 126 -41.66 7.77 42.30
C ASN E 126 -41.74 7.11 40.92
N SER E 127 -40.77 6.27 40.59
CA SER E 127 -40.80 5.55 39.31
C SER E 127 -41.80 4.40 39.34
N ASN E 128 -41.84 3.64 40.44
CA ASN E 128 -42.85 2.61 40.58
C ASN E 128 -44.25 3.22 40.48
N ALA E 129 -44.44 4.39 41.11
CA ALA E 129 -45.74 5.05 41.06
C ALA E 129 -46.16 5.31 39.61
N ARG E 130 -45.22 5.72 38.76
CA ARG E 130 -45.59 6.02 37.39
C ARG E 130 -45.91 4.74 36.62
N ALA E 131 -45.14 3.67 36.86
CA ALA E 131 -45.44 2.39 36.22
C ALA E 131 -46.85 1.91 36.58
N VAL E 132 -47.19 1.96 37.86
CA VAL E 132 -48.50 1.49 38.30
C VAL E 132 -49.59 2.37 37.74
N SER E 133 -49.37 3.68 37.69
CA SER E 133 -50.38 4.61 37.19
CA SER E 133 -50.39 4.60 37.20
C SER E 133 -50.68 4.34 35.72
N ILE E 134 -49.67 3.97 34.94
CA ILE E 134 -49.89 3.68 33.53
C ILE E 134 -50.62 2.35 33.37
N MET E 135 -50.20 1.32 34.13
CA MET E 135 -50.93 0.05 34.07
C MET E 135 -52.39 0.27 34.40
N LYS E 136 -52.68 1.12 35.37
CA LYS E 136 -54.06 1.46 35.72
C LYS E 136 -54.78 2.05 34.51
N ALA E 137 -54.16 3.02 33.83
CA ALA E 137 -54.80 3.62 32.67
C ALA E 137 -55.06 2.58 31.59
N CYS E 138 -54.10 1.68 31.37
CA CYS E 138 -54.30 0.59 30.41
C CYS E 138 -55.50 -0.25 30.80
N ALA E 139 -55.52 -0.74 32.04
CA ALA E 139 -56.57 -1.67 32.48
C ALA E 139 -57.94 -1.03 32.37
N VAL E 140 -58.06 0.23 32.80
CA VAL E 140 -59.36 0.89 32.74
C VAL E 140 -59.86 0.95 31.30
N ALA E 141 -58.96 1.27 30.37
CA ALA E 141 -59.35 1.36 28.97
C ALA E 141 -59.72 -0.01 28.40
N PHE E 142 -59.03 -1.06 28.83
CA PHE E 142 -59.37 -2.39 28.35
C PHE E 142 -60.72 -2.85 28.89
N VAL E 143 -61.04 -2.48 30.13
CA VAL E 143 -62.34 -2.86 30.69
C VAL E 143 -63.46 -2.21 29.90
N ASN E 144 -63.34 -0.92 29.58
CA ASN E 144 -64.34 -0.24 28.77
C ASN E 144 -64.11 -0.41 27.27
N ASN E 145 -63.20 -1.28 26.87
CA ASN E 145 -62.93 -1.55 25.46
C ASN E 145 -62.67 -0.27 24.66
N THR E 146 -61.89 0.67 25.23
CA THR E 146 -61.52 1.90 24.54
C THR E 146 -60.05 1.94 24.14
N ALA E 147 -59.32 0.84 24.26
CA ALA E 147 -57.93 0.79 23.83
C ALA E 147 -57.87 0.72 22.30
N SER E 148 -56.67 0.98 21.75
CA SER E 148 -56.54 0.93 20.29
C SER E 148 -56.78 -0.47 19.76
N GLN E 149 -56.41 -1.50 20.52
CA GLN E 149 -56.65 -2.88 20.16
C GLN E 149 -57.89 -3.38 20.88
N ARG E 150 -58.85 -3.91 20.13
CA ARG E 150 -60.14 -4.36 20.66
C ARG E 150 -60.39 -5.77 20.11
N LYS E 151 -59.56 -6.71 20.54
CA LYS E 151 -59.54 -8.04 19.96
C LYS E 151 -60.55 -8.99 20.59
N LEU E 152 -61.38 -8.50 21.50
CA LEU E 152 -62.40 -9.32 22.16
C LEU E 152 -63.76 -8.69 21.95
N SER E 153 -64.73 -9.50 21.53
CA SER E 153 -66.08 -9.04 21.25
C SER E 153 -66.98 -9.31 22.45
N THR E 154 -67.75 -8.30 22.86
CA THR E 154 -68.69 -8.41 23.96
C THR E 154 -70.01 -7.78 23.55
N PRO E 155 -71.12 -8.19 24.17
CA PRO E 155 -72.38 -7.48 23.97
C PRO E 155 -72.27 -6.06 24.50
N GLN E 156 -72.90 -5.12 23.81
CA GLN E 156 -72.78 -3.72 24.18
C GLN E 156 -73.36 -3.50 25.57
N GLY E 157 -72.61 -2.82 26.43
CA GLY E 157 -73.10 -2.54 27.76
C GLY E 157 -72.15 -1.64 28.52
N ASP E 158 -72.54 -1.33 29.76
CA ASP E 158 -71.82 -0.42 30.64
C ASP E 158 -71.01 -1.24 31.65
N CYS E 159 -69.68 -1.10 31.61
CA CYS E 159 -68.79 -1.77 32.55
C CYS E 159 -68.04 -0.76 33.41
N SER E 160 -68.63 0.42 33.60
CA SER E 160 -67.96 1.47 34.35
C SER E 160 -67.75 1.08 35.82
N ALA E 161 -68.69 0.34 36.40
CA ALA E 161 -68.52 -0.10 37.78
C ALA E 161 -67.29 -1.00 37.91
N LEU E 162 -67.14 -1.95 36.99
CA LEU E 162 -65.96 -2.82 37.00
C LEU E 162 -64.70 -2.03 36.69
N ALA E 163 -64.78 -1.06 35.79
CA ALA E 163 -63.62 -0.22 35.51
C ALA E 163 -63.19 0.56 36.76
N SER E 164 -64.16 1.10 37.50
CA SER E 164 -63.82 1.79 38.74
CA SER E 164 -63.83 1.79 38.74
C SER E 164 -63.28 0.83 39.79
N GLU E 165 -63.77 -0.40 39.82
CA GLU E 165 -63.26 -1.37 40.78
C GLU E 165 -61.79 -1.69 40.52
N VAL E 166 -61.42 -1.97 39.28
CA VAL E 166 -60.03 -2.29 39.02
C VAL E 166 -59.14 -1.06 39.24
N ALA E 167 -59.65 0.13 38.93
CA ALA E 167 -58.90 1.35 39.25
C ALA E 167 -58.62 1.45 40.74
N GLY E 168 -59.60 1.11 41.57
CA GLY E 168 -59.38 1.16 43.01
C GLY E 168 -58.30 0.20 43.46
N TYR E 169 -58.21 -0.97 42.82
CA TYR E 169 -57.17 -1.92 43.17
C TYR E 169 -55.79 -1.36 42.84
N PHE E 170 -55.65 -0.71 41.68
CA PHE E 170 -54.39 -0.06 41.34
C PHE E 170 -54.06 1.05 42.34
N ASP E 171 -55.08 1.78 42.79
CA ASP E 171 -54.86 2.80 43.80
C ASP E 171 -54.37 2.20 45.10
N LYS E 172 -54.84 0.98 45.44
CA LYS E 172 -54.33 0.33 46.65
C LYS E 172 -52.86 -0.02 46.48
N VAL E 173 -52.46 -0.46 45.29
CA VAL E 173 -51.04 -0.69 45.01
C VAL E 173 -50.26 0.61 45.19
N SER E 174 -50.71 1.67 44.51
CA SER E 174 -49.99 2.94 44.55
C SER E 174 -49.82 3.43 45.97
N ALA E 175 -50.89 3.35 46.78
CA ALA E 175 -50.81 3.78 48.17
C ALA E 175 -49.85 2.92 48.99
N ALA E 176 -49.76 1.63 48.68
CA ALA E 176 -48.93 0.73 49.48
C ALA E 176 -47.44 1.00 49.25
N ILE E 177 -47.04 1.25 48.01
CA ILE E 177 -45.63 1.41 47.67
C ILE E 177 -45.27 2.85 47.37
N GLY E 178 -46.21 3.78 47.56
CA GLY E 178 -45.95 5.18 47.33
C GLY E 178 -45.16 5.81 48.45
N ALA F 1 -47.80 -10.93 54.98
CA ALA F 1 -46.78 -10.29 54.11
C ALA F 1 -46.32 -11.26 53.03
N PHE F 2 -46.09 -10.73 51.83
CA PHE F 2 -45.72 -11.56 50.69
C PHE F 2 -44.44 -12.34 51.00
N ASP F 3 -44.25 -13.44 50.26
CA ASP F 3 -43.23 -14.43 50.61
C ASP F 3 -41.99 -14.35 49.74
N LYS F 4 -41.88 -13.32 48.90
CA LYS F 4 -40.69 -13.07 48.09
C LYS F 4 -40.41 -14.16 47.08
N SER F 5 -41.36 -15.08 46.86
CA SER F 5 -41.17 -16.20 45.95
C SER F 5 -41.35 -15.83 44.48
N ALA F 6 -41.84 -14.62 44.20
CA ALA F 6 -42.14 -14.17 42.84
C ALA F 6 -43.27 -14.96 42.18
N LYS F 7 -44.08 -15.66 42.97
CA LYS F 7 -45.24 -16.37 42.43
C LYS F 7 -46.45 -15.45 42.39
N ALA F 8 -47.29 -15.64 41.37
CA ALA F 8 -48.46 -14.82 41.17
C ALA F 8 -49.54 -15.63 40.49
N PRO F 9 -50.82 -15.29 40.66
CA PRO F 9 -51.90 -16.04 40.02
C PRO F 9 -51.98 -15.71 38.53
N VAL F 10 -51.81 -16.74 37.71
CA VAL F 10 -52.00 -16.62 36.27
C VAL F 10 -53.41 -17.10 35.96
N ILE F 11 -54.24 -16.19 35.45
CA ILE F 11 -55.62 -16.48 35.09
C ILE F 11 -55.68 -16.71 33.59
N THR F 12 -56.37 -17.78 33.17
CA THR F 12 -56.65 -18.01 31.76
C THR F 12 -58.15 -18.21 31.60
N ILE F 13 -58.78 -17.32 30.84
CA ILE F 13 -60.24 -17.31 30.64
C ILE F 13 -60.53 -17.98 29.31
N PHE F 14 -61.24 -19.11 29.35
CA PHE F 14 -61.59 -19.88 28.15
C PHE F 14 -63.08 -19.70 27.87
N ASP F 15 -63.42 -18.65 27.12
CA ASP F 15 -64.77 -18.49 26.59
C ASP F 15 -64.80 -19.18 25.24
N HIS F 16 -64.94 -20.50 25.27
CA HIS F 16 -64.84 -21.34 24.09
C HIS F 16 -66.20 -21.91 23.68
N ARG F 17 -67.23 -21.06 23.71
CA ARG F 17 -68.54 -21.46 23.23
C ARG F 17 -68.46 -21.93 21.78
N GLY F 18 -68.99 -23.11 21.50
CA GLY F 18 -68.97 -23.66 20.17
C GLY F 18 -67.74 -24.48 19.81
N CYS F 19 -66.75 -24.56 20.70
CA CYS F 19 -65.46 -25.18 20.37
C CYS F 19 -65.51 -26.68 20.67
N THR F 20 -66.17 -27.42 19.78
CA THR F 20 -66.19 -28.87 19.90
C THR F 20 -64.89 -29.52 19.45
N ALA F 21 -63.99 -28.76 18.80
CA ALA F 21 -62.73 -29.36 18.37
C ALA F 21 -61.86 -29.80 19.55
N HIS F 22 -62.07 -29.21 20.73
CA HIS F 22 -61.34 -29.60 21.93
C HIS F 22 -62.30 -30.23 22.92
N LYS F 23 -61.97 -31.44 23.38
CA LYS F 23 -62.80 -32.14 24.35
C LYS F 23 -62.50 -31.61 25.76
N ASN F 24 -63.55 -31.25 26.48
CA ASN F 24 -63.44 -30.52 27.74
C ASN F 24 -63.18 -31.48 28.89
N ALA F 25 -61.93 -31.97 28.95
CA ALA F 25 -61.52 -32.94 29.94
C ALA F 25 -60.77 -32.32 31.10
N GLU F 26 -60.44 -31.03 31.03
CA GLU F 26 -59.66 -30.41 32.09
C GLU F 26 -60.52 -30.18 33.33
N TYR F 27 -61.73 -29.66 33.15
CA TYR F 27 -62.67 -29.51 34.25
C TYR F 27 -63.34 -30.86 34.52
N LYS F 28 -63.29 -31.31 35.77
CA LYS F 28 -63.75 -32.65 36.13
C LYS F 28 -65.07 -32.65 36.89
N GLY F 29 -65.69 -31.49 37.10
CA GLY F 29 -66.90 -31.40 37.89
C GLY F 29 -68.14 -31.68 37.07
N ALA F 30 -69.29 -31.36 37.68
CA ALA F 30 -70.59 -31.59 37.07
C ALA F 30 -70.86 -30.55 35.99
N LEU F 31 -71.80 -30.88 35.09
CA LEU F 31 -72.18 -30.03 33.97
C LEU F 31 -73.59 -29.47 34.19
N THR F 32 -74.00 -28.59 33.27
CA THR F 32 -75.25 -27.85 33.41
C THR F 32 -76.18 -27.96 32.20
N ASN F 33 -75.74 -28.54 31.10
CA ASN F 33 -76.52 -28.52 29.85
C ASN F 33 -76.82 -27.08 29.44
N SER F 34 -75.77 -26.27 29.37
CA SER F 34 -75.88 -24.87 29.01
C SER F 34 -74.51 -24.40 28.55
N ILE F 35 -74.44 -23.15 28.09
CA ILE F 35 -73.19 -22.61 27.59
C ILE F 35 -72.09 -22.65 28.65
N ASP F 36 -72.46 -22.72 29.94
CA ASP F 36 -71.42 -22.80 30.97
C ASP F 36 -70.57 -24.06 30.85
N ASP F 37 -71.09 -25.12 30.20
CA ASP F 37 -70.28 -26.30 29.93
C ASP F 37 -69.20 -26.04 28.89
N GLU F 38 -69.31 -24.94 28.14
CA GLU F 38 -68.39 -24.61 27.07
C GLU F 38 -67.41 -23.52 27.45
N MET F 39 -67.39 -23.11 28.71
CA MET F 39 -66.51 -22.05 29.18
C MET F 39 -65.83 -22.53 30.46
N CYS F 40 -64.68 -21.93 30.76
CA CYS F 40 -63.88 -22.39 31.87
C CYS F 40 -62.93 -21.28 32.30
N VAL F 41 -62.71 -21.17 33.60
CA VAL F 41 -61.74 -20.26 34.19
C VAL F 41 -60.60 -21.09 34.77
N LYS F 42 -59.37 -20.79 34.38
CA LYS F 42 -58.19 -21.48 34.88
C LYS F 42 -57.36 -20.52 35.72
N VAL F 43 -56.93 -20.97 36.90
CA VAL F 43 -56.06 -20.18 37.76
C VAL F 43 -54.92 -21.07 38.24
N GLN F 44 -53.71 -20.53 38.19
CA GLN F 44 -52.54 -21.27 38.62
C GLN F 44 -51.55 -20.29 39.23
N SER F 45 -50.91 -20.72 40.32
CA SER F 45 -49.83 -19.97 40.93
C SER F 45 -48.55 -20.34 40.20
N VAL F 46 -47.93 -19.35 39.56
CA VAL F 46 -46.77 -19.56 38.70
C VAL F 46 -45.66 -18.61 39.15
N LYS F 47 -44.43 -19.12 39.19
CA LYS F 47 -43.29 -18.27 39.45
C LYS F 47 -43.02 -17.40 38.23
N ILE F 48 -43.24 -16.10 38.38
CA ILE F 48 -43.03 -15.16 37.28
C ILE F 48 -41.53 -14.93 37.14
N ALA F 49 -41.03 -15.04 35.91
CA ALA F 49 -39.60 -14.92 35.65
C ALA F 49 -39.39 -14.20 34.33
N VAL F 50 -38.33 -13.39 34.28
CA VAL F 50 -37.89 -12.73 33.07
C VAL F 50 -36.39 -12.95 32.97
N SER F 51 -35.95 -13.51 31.83
CA SER F 51 -34.54 -13.77 31.64
C SER F 51 -33.80 -12.49 31.32
N GLU F 52 -32.49 -12.49 31.58
CA GLU F 52 -31.68 -11.32 31.22
C GLU F 52 -31.65 -11.11 29.72
N ALA F 53 -31.63 -12.21 28.95
CA ALA F 53 -31.64 -12.08 27.50
C ALA F 53 -32.90 -11.39 27.02
N ASP F 54 -34.06 -11.75 27.59
CA ASP F 54 -35.30 -11.08 27.22
C ASP F 54 -35.30 -9.64 27.71
N ALA F 55 -34.75 -9.38 28.90
CA ALA F 55 -34.66 -8.00 29.37
C ALA F 55 -33.78 -7.17 28.45
N ALA F 56 -32.74 -7.77 27.87
CA ALA F 56 -31.89 -7.05 26.93
C ALA F 56 -32.66 -6.67 25.68
N LYS F 57 -33.60 -7.52 25.24
CA LYS F 57 -34.41 -7.18 24.07
C LYS F 57 -35.30 -5.99 24.37
N LYS F 58 -35.86 -5.94 25.58
CA LYS F 58 -36.71 -4.80 25.94
C LYS F 58 -35.89 -3.52 26.04
N LEU F 59 -34.69 -3.60 26.61
CA LEU F 59 -33.82 -2.42 26.64
C LEU F 59 -33.56 -1.89 25.24
N GLN F 60 -33.31 -2.80 24.28
CA GLN F 60 -33.05 -2.37 22.91
C GLN F 60 -34.25 -1.62 22.34
N GLU F 61 -35.46 -2.04 22.70
CA GLU F 61 -36.65 -1.33 22.24
C GLU F 61 -36.82 0.00 22.96
N PHE F 62 -36.56 0.03 24.27
CA PHE F 62 -36.88 1.20 25.09
C PHE F 62 -35.90 2.35 24.88
N ILE F 63 -34.65 2.04 24.50
CA ILE F 63 -33.58 3.02 24.61
C ILE F 63 -33.70 4.16 23.61
N SER F 64 -34.54 4.01 22.58
CA SER F 64 -34.90 5.15 21.74
C SER F 64 -35.65 6.20 22.51
N TYR F 65 -36.27 5.82 23.64
CA TYR F 65 -37.15 6.69 24.41
C TYR F 65 -38.36 7.14 23.60
N GLU F 66 -38.70 6.39 22.56
CA GLU F 66 -39.92 6.59 21.80
C GLU F 66 -40.62 5.27 21.55
N ALA F 67 -40.44 4.31 22.45
CA ALA F 67 -41.07 3.00 22.34
C ALA F 67 -42.46 3.11 22.98
N LYS F 68 -43.40 3.58 22.18
CA LYS F 68 -44.79 3.64 22.61
C LYS F 68 -45.68 3.26 21.43
N GLY F 69 -46.79 2.62 21.76
CA GLY F 69 -47.80 2.25 20.78
C GLY F 69 -48.74 3.39 20.50
N ILE F 70 -49.87 3.05 19.87
CA ILE F 70 -50.82 4.06 19.45
C ILE F 70 -51.43 4.79 20.66
N ASP F 71 -51.79 4.04 21.70
CA ASP F 71 -52.44 4.63 22.85
C ASP F 71 -51.46 5.43 23.69
N GLY F 72 -52.01 6.31 24.53
CA GLY F 72 -51.23 7.00 25.53
C GLY F 72 -50.68 8.33 25.07
N ALA F 73 -50.83 9.36 25.92
CA ALA F 73 -50.14 10.62 25.68
C ALA F 73 -48.63 10.39 25.66
N TYR F 74 -47.94 11.13 24.80
CA TYR F 74 -46.47 11.15 24.79
C TYR F 74 -46.03 12.05 25.93
N THR F 75 -45.59 11.45 27.02
CA THR F 75 -45.10 12.17 28.19
C THR F 75 -43.59 12.11 28.32
N GLY F 76 -42.90 11.46 27.38
CA GLY F 76 -41.49 11.21 27.52
C GLY F 76 -40.63 12.42 27.25
N ARG F 77 -39.36 12.29 27.65
CA ARG F 77 -38.35 13.31 27.45
C ARG F 77 -37.10 12.65 26.87
N LYS F 78 -36.08 13.47 26.65
CA LYS F 78 -34.78 12.98 26.20
C LYS F 78 -33.70 13.41 27.17
N ALA G 15 -21.98 -10.66 14.30
CA ALA G 15 -21.24 -9.61 13.60
C ALA G 15 -20.97 -8.42 14.50
N LYS G 16 -20.14 -7.49 14.03
CA LYS G 16 -19.82 -6.28 14.76
C LYS G 16 -20.79 -5.18 14.35
N ALA G 17 -21.18 -4.35 15.32
CA ALA G 17 -22.23 -3.37 15.09
C ALA G 17 -21.68 -2.14 14.39
N ALA G 18 -22.49 -1.58 13.51
CA ALA G 18 -22.18 -0.34 12.81
C ALA G 18 -22.94 0.83 13.44
N TYR G 19 -22.28 1.98 13.52
CA TYR G 19 -22.85 3.18 14.11
C TYR G 19 -22.77 4.32 13.11
N VAL G 20 -23.91 4.93 12.81
CA VAL G 20 -23.99 6.03 11.85
C VAL G 20 -24.60 7.22 12.59
N GLY G 21 -23.76 8.19 12.93
CA GLY G 21 -24.19 9.43 13.53
C GLY G 21 -23.41 10.60 12.95
N GLY G 22 -23.61 11.80 13.50
CA GLY G 22 -22.83 12.95 13.10
C GLY G 22 -22.78 13.15 11.60
N ALA G 23 -21.56 13.32 11.07
CA ALA G 23 -21.40 13.64 9.66
C ALA G 23 -21.89 12.52 8.76
N ASP G 24 -21.58 11.27 9.13
CA ASP G 24 -22.05 10.13 8.36
C ASP G 24 -23.57 10.10 8.31
N LEU G 25 -24.23 10.42 9.44
CA LEU G 25 -25.69 10.46 9.48
C LEU G 25 -26.23 11.62 8.63
N GLN G 26 -25.60 12.79 8.74
CA GLN G 26 -25.98 13.91 7.89
C GLN G 26 -25.94 13.52 6.42
N ALA G 27 -24.90 12.79 6.00
CA ALA G 27 -24.80 12.36 4.62
C ALA G 27 -25.86 11.32 4.28
N LEU G 28 -26.11 10.38 5.19
CA LEU G 28 -27.09 9.33 4.91
C LEU G 28 -28.45 9.93 4.58
N LYS G 29 -28.88 10.94 5.35
CA LYS G 29 -30.21 11.50 5.12
C LYS G 29 -30.29 12.29 3.82
N LYS G 30 -29.14 12.61 3.21
CA LYS G 30 -29.14 13.18 1.88
C LYS G 30 -29.25 12.09 0.81
N PHE G 31 -28.88 10.85 1.14
CA PHE G 31 -28.90 9.76 0.17
C PHE G 31 -30.22 9.00 0.12
N ILE G 32 -31.00 9.03 1.20
CA ILE G 32 -32.31 8.38 1.24
C ILE G 32 -33.37 9.46 1.24
N SER G 33 -34.51 9.14 0.64
CA SER G 33 -35.59 10.12 0.55
C SER G 33 -36.23 10.32 1.91
N GLU G 34 -36.56 11.58 2.22
CA GLU G 34 -37.23 11.94 3.47
C GLU G 34 -36.48 11.35 4.66
N GLY G 35 -35.19 11.65 4.72
CA GLY G 35 -34.31 11.00 5.68
C GLY G 35 -34.82 11.08 7.11
N ASN G 36 -35.17 12.27 7.57
CA ASN G 36 -35.62 12.40 8.94
C ASN G 36 -36.89 11.61 9.19
N LYS G 37 -37.90 11.77 8.33
CA LYS G 37 -39.13 11.01 8.51
C LYS G 37 -38.87 9.50 8.40
N ARG G 38 -38.00 9.11 7.48
CA ARG G 38 -37.72 7.69 7.29
C ARG G 38 -37.17 7.06 8.57
N LEU G 39 -36.26 7.75 9.26
CA LEU G 39 -35.71 7.23 10.50
C LEU G 39 -36.76 7.17 11.60
N ASP G 40 -37.67 8.15 11.64
CA ASP G 40 -38.80 8.05 12.57
C ASP G 40 -39.62 6.80 12.26
N ALA G 41 -39.88 6.55 10.97
CA ALA G 41 -40.69 5.39 10.60
C ALA G 41 -40.03 4.10 11.06
N VAL G 42 -38.75 3.94 10.77
CA VAL G 42 -38.02 2.77 11.25
C VAL G 42 -38.12 2.66 12.77
N ASN G 43 -37.93 3.79 13.47
CA ASN G 43 -37.92 3.75 14.93
C ASN G 43 -39.28 3.33 15.48
N SER G 44 -40.36 3.78 14.86
CA SER G 44 -41.69 3.41 15.34
C SER G 44 -41.96 1.93 15.18
N ILE G 45 -41.29 1.27 14.22
CA ILE G 45 -41.46 -0.17 14.01
C ILE G 45 -40.55 -0.96 14.97
N VAL G 46 -39.25 -0.69 14.94
CA VAL G 46 -38.34 -1.49 15.76
C VAL G 46 -38.57 -1.26 17.25
N SER G 47 -38.95 -0.05 17.66
CA SER G 47 -39.21 0.20 19.07
C SER G 47 -40.48 -0.49 19.57
N ASN G 48 -41.31 -1.00 18.66
CA ASN G 48 -42.50 -1.78 19.02
C ASN G 48 -42.43 -3.20 18.45
N ALA G 49 -41.22 -3.69 18.18
CA ALA G 49 -41.08 -4.91 17.41
C ALA G 49 -41.71 -6.13 18.10
N SER G 50 -41.41 -6.33 19.39
CA SER G 50 -41.94 -7.50 20.09
CA SER G 50 -41.95 -7.51 20.07
C SER G 50 -43.46 -7.53 20.02
N CYS G 51 -44.10 -6.37 20.14
CA CYS G 51 -45.56 -6.32 20.13
C CYS G 51 -46.10 -6.60 18.73
N ILE G 52 -45.46 -6.05 17.70
CA ILE G 52 -45.90 -6.30 16.33
C ILE G 52 -45.84 -7.79 16.02
N VAL G 53 -44.72 -8.43 16.35
CA VAL G 53 -44.55 -9.86 16.06
C VAL G 53 -45.58 -10.68 16.86
N SER G 54 -45.67 -10.45 18.17
CA SER G 54 -46.58 -11.24 19.00
CA SER G 54 -46.57 -11.25 18.99
C SER G 54 -48.02 -11.07 18.54
N ASP G 55 -48.43 -9.84 18.24
CA ASP G 55 -49.81 -9.59 17.85
C ASP G 55 -50.13 -10.25 16.51
N ALA G 56 -49.16 -10.28 15.59
CA ALA G 56 -49.39 -10.89 14.29
C ALA G 56 -49.50 -12.41 14.41
N VAL G 57 -48.64 -13.02 15.23
CA VAL G 57 -48.73 -14.46 15.44
C VAL G 57 -49.98 -14.82 16.22
N SER G 58 -50.31 -14.03 17.25
CA SER G 58 -51.53 -14.29 18.02
C SER G 58 -52.77 -14.16 17.14
N GLY G 59 -52.81 -13.13 16.28
CA GLY G 59 -53.95 -12.95 15.39
C GLY G 59 -54.04 -14.04 14.34
N MET G 60 -52.91 -14.44 13.78
CA MET G 60 -52.87 -15.60 12.90
C MET G 60 -53.55 -16.79 13.57
N ILE G 61 -53.26 -17.00 14.86
CA ILE G 61 -53.79 -18.15 15.57
C ILE G 61 -55.25 -17.94 15.97
N CYS G 62 -55.62 -16.74 16.45
CA CYS G 62 -57.00 -16.58 16.93
C CYS G 62 -58.00 -16.71 15.79
N GLU G 63 -57.57 -16.41 14.56
CA GLU G 63 -58.38 -16.61 13.37
C GLU G 63 -58.37 -18.06 12.88
N ASN G 64 -57.38 -18.84 13.31
CA ASN G 64 -57.24 -20.25 12.93
C ASN G 64 -56.76 -21.02 14.15
N PRO G 65 -57.66 -21.27 15.11
CA PRO G 65 -57.21 -21.94 16.35
C PRO G 65 -56.51 -23.27 16.12
N SER G 66 -56.78 -23.96 15.00
CA SER G 66 -56.18 -25.28 14.78
C SER G 66 -54.66 -25.22 14.74
N LEU G 67 -54.08 -24.03 14.60
CA LEU G 67 -52.63 -23.89 14.62
C LEU G 67 -52.02 -24.31 15.95
N ILE G 68 -52.77 -24.20 17.04
CA ILE G 68 -52.31 -24.61 18.35
C ILE G 68 -53.06 -25.84 18.87
N SER G 69 -53.80 -26.53 18.00
CA SER G 69 -54.25 -27.87 18.31
C SER G 69 -53.03 -28.80 18.24
N PRO G 70 -53.14 -30.01 18.77
CA PRO G 70 -51.96 -30.89 18.80
C PRO G 70 -51.37 -31.15 17.42
N SER G 71 -52.15 -31.00 16.35
CA SER G 71 -51.67 -31.22 14.99
C SER G 71 -51.30 -29.93 14.26
N GLY G 72 -51.32 -28.79 14.94
CA GLY G 72 -51.02 -27.51 14.32
C GLY G 72 -49.54 -27.15 14.37
N MEN G 73 -49.11 -26.28 13.47
CA MEN G 73 -47.69 -25.98 13.33
C MEN G 73 -47.09 -25.03 14.37
O MEN G 73 -45.90 -24.75 14.40
CB MEN G 73 -47.35 -25.39 11.94
CG MEN G 73 -45.89 -25.54 11.58
OD1 MEN G 73 -45.18 -24.53 11.33
ND2 MEN G 73 -45.36 -26.81 11.52
CE2 MEN G 73 -44.00 -27.06 11.19
HA MEN G 73 -47.13 -26.94 13.56
HB2 MEN G 73 -47.66 -24.31 11.97
HB3 MEN G 73 -48.01 -25.92 11.20
HD2 MEN G 73 -45.94 -27.58 11.71
HE21 MEN G 73 -43.56 -27.80 11.93
HE22 MEN G 73 -43.40 -26.11 11.24
HE23 MEN G 73 -43.92 -27.49 10.16
N CYS G 74 -47.95 -24.50 15.25
CA CYS G 74 -47.47 -23.68 16.38
C CYS G 74 -47.64 -24.41 17.72
N TYR G 75 -47.97 -25.70 17.66
CA TYR G 75 -48.17 -26.48 18.87
C TYR G 75 -46.84 -26.77 19.56
N THR G 76 -46.82 -26.64 20.89
CA THR G 76 -45.64 -26.74 21.75
C THR G 76 -44.86 -25.42 21.78
N ASN G 77 -44.18 -25.16 22.90
CA ASN G 77 -43.37 -23.94 23.02
C ASN G 77 -42.27 -23.90 21.97
N ARG G 78 -41.70 -25.06 21.63
CA ARG G 78 -40.62 -25.09 20.66
C ARG G 78 -41.06 -24.50 19.33
N ARG G 79 -42.22 -24.95 18.83
CA ARG G 79 -42.70 -24.48 17.54
C ARG G 79 -43.12 -23.02 17.61
N MET G 80 -43.85 -22.65 18.66
CA MET G 80 -44.29 -21.27 18.81
C MET G 80 -43.10 -20.33 18.86
N ALA G 81 -42.04 -20.73 19.56
CA ALA G 81 -40.85 -19.88 19.63
C ALA G 81 -40.24 -19.72 18.24
N ALA G 82 -40.16 -20.81 17.47
CA ALA G 82 -39.59 -20.74 16.14
C ALA G 82 -40.41 -19.81 15.26
N CYS G 83 -41.74 -19.84 15.41
CA CYS G 83 -42.59 -18.99 14.59
C CYS G 83 -42.42 -17.52 14.99
N LEU G 84 -42.47 -17.22 16.28
CA LEU G 84 -42.21 -15.87 16.73
C LEU G 84 -40.84 -15.40 16.25
N ARG G 85 -39.85 -16.29 16.27
CA ARG G 85 -38.52 -15.92 15.77
C ARG G 85 -38.60 -15.53 14.31
N ASP G 86 -39.24 -16.35 13.49
CA ASP G 86 -39.33 -16.05 12.06
C ASP G 86 -40.07 -14.74 11.82
N GLY G 87 -41.15 -14.50 12.56
CA GLY G 87 -41.85 -13.24 12.43
C GLY G 87 -40.94 -12.05 12.67
N GLU G 88 -40.08 -12.15 13.70
CA GLU G 88 -39.15 -11.07 13.99
C GLU G 88 -38.09 -10.96 12.90
N ILE G 89 -37.54 -12.09 12.45
CA ILE G 89 -36.56 -12.04 11.37
C ILE G 89 -37.16 -11.30 10.17
N ILE G 90 -38.39 -11.66 9.80
CA ILE G 90 -39.02 -11.04 8.64
C ILE G 90 -39.25 -9.55 8.89
N LEU G 91 -39.80 -9.22 10.06
CA LEU G 91 -40.04 -7.81 10.37
C LEU G 91 -38.75 -7.01 10.31
N ARG G 92 -37.66 -7.58 10.83
CA ARG G 92 -36.42 -6.82 10.89
C ARG G 92 -35.83 -6.62 9.50
N TYR G 93 -35.88 -7.63 8.63
CA TYR G 93 -35.40 -7.43 7.27
C TYR G 93 -36.26 -6.39 6.56
N VAL G 94 -37.56 -6.36 6.85
CA VAL G 94 -38.40 -5.30 6.29
C VAL G 94 -37.97 -3.95 6.85
N SER G 95 -37.67 -3.87 8.14
CA SER G 95 -37.26 -2.58 8.71
C SER G 95 -35.95 -2.12 8.08
N TYR G 96 -35.07 -3.05 7.74
CA TYR G 96 -33.83 -2.69 7.06
C TYR G 96 -34.07 -2.27 5.62
N ALA G 97 -35.07 -2.85 4.96
CA ALA G 97 -35.46 -2.36 3.64
C ALA G 97 -35.93 -0.92 3.71
N LEU G 98 -36.69 -0.58 4.76
CA LEU G 98 -37.18 0.79 4.92
C LEU G 98 -36.05 1.74 5.27
N LEU G 99 -35.08 1.27 6.06
CA LEU G 99 -33.89 2.07 6.33
C LEU G 99 -33.08 2.30 5.07
N SER G 100 -32.95 1.25 4.24
CA SER G 100 -32.14 1.32 3.02
C SER G 100 -32.83 2.04 1.88
N GLY G 101 -34.16 1.95 1.80
CA GLY G 101 -34.89 2.52 0.69
C GLY G 101 -35.07 1.60 -0.50
N ASP G 102 -34.73 0.31 -0.37
CA ASP G 102 -35.05 -0.67 -1.40
C ASP G 102 -35.09 -2.05 -0.75
N SER G 103 -35.44 -3.05 -1.54
CA SER G 103 -35.76 -4.39 -1.04
C SER G 103 -34.71 -5.43 -1.43
N SER G 104 -33.52 -4.97 -1.84
CA SER G 104 -32.51 -5.89 -2.34
C SER G 104 -32.05 -6.88 -1.26
N VAL G 105 -31.64 -6.36 -0.10
CA VAL G 105 -31.19 -7.26 0.97
C VAL G 105 -32.35 -8.12 1.45
N LEU G 106 -33.55 -7.55 1.57
CA LEU G 106 -34.71 -8.33 1.99
C LEU G 106 -34.89 -9.54 1.09
N GLU G 107 -34.81 -9.34 -0.23
CA GLU G 107 -35.04 -10.44 -1.15
C GLU G 107 -33.89 -11.44 -1.12
N ASP G 108 -32.65 -10.93 -1.15
CA ASP G 108 -31.50 -11.80 -1.34
C ASP G 108 -31.17 -12.59 -0.08
N ARG G 109 -31.36 -12.01 1.11
CA ARG G 109 -30.90 -12.60 2.34
C ARG G 109 -31.99 -13.20 3.21
N CYS G 110 -33.26 -12.93 2.91
CA CYS G 110 -34.37 -13.47 3.69
C CYS G 110 -35.35 -14.26 2.83
N LEU G 111 -35.84 -13.67 1.73
CA LEU G 111 -36.97 -14.25 1.00
C LEU G 111 -36.53 -15.30 -0.02
N ASN G 112 -35.39 -15.09 -0.68
CA ASN G 112 -34.92 -16.07 -1.66
C ASN G 112 -34.63 -17.39 -0.96
N GLY G 113 -35.28 -18.47 -1.44
CA GLY G 113 -35.18 -19.77 -0.83
C GLY G 113 -36.07 -20.00 0.37
N LEU G 114 -36.81 -18.98 0.83
CA LEU G 114 -37.59 -19.15 2.05
C LEU G 114 -38.82 -20.01 1.81
N LYS G 115 -39.52 -19.80 0.68
CA LYS G 115 -40.68 -20.62 0.38
C LYS G 115 -40.31 -22.09 0.34
N GLU G 116 -39.23 -22.43 -0.37
N GLU G 116 -39.24 -22.45 -0.37
CA GLU G 116 -38.77 -23.80 -0.45
CA GLU G 116 -38.84 -23.85 -0.43
C GLU G 116 -38.45 -24.35 0.93
C GLU G 116 -38.44 -24.38 0.95
N THR G 117 -37.82 -23.54 1.77
CA THR G 117 -37.53 -23.96 3.14
C THR G 117 -38.81 -24.31 3.87
N TYR G 118 -39.81 -23.42 3.79
CA TYR G 118 -41.08 -23.67 4.46
C TYR G 118 -41.80 -24.88 3.90
N SER G 119 -41.67 -25.13 2.59
CA SER G 119 -42.33 -26.29 2.00
C SER G 119 -41.75 -27.58 2.56
N SER G 120 -40.42 -27.66 2.66
CA SER G 120 -39.81 -28.88 3.17
C SER G 120 -40.10 -29.06 4.65
N LEU G 121 -40.32 -27.97 5.38
CA LEU G 121 -40.64 -28.06 6.80
C LEU G 121 -42.13 -28.26 7.07
N GLY G 122 -42.99 -28.00 6.10
CA GLY G 122 -44.41 -28.03 6.36
C GLY G 122 -44.93 -26.85 7.13
N VAL G 123 -44.25 -25.71 7.08
CA VAL G 123 -44.74 -24.49 7.70
C VAL G 123 -45.88 -23.95 6.84
N PRO G 124 -47.10 -23.83 7.38
CA PRO G 124 -48.26 -23.56 6.53
C PRO G 124 -48.25 -22.16 5.92
N ALA G 125 -48.39 -22.13 4.59
CA ALA G 125 -48.31 -20.88 3.84
C ALA G 125 -49.56 -20.03 4.03
N ASN G 126 -50.72 -20.66 4.18
CA ASN G 126 -51.93 -19.89 4.42
C ASN G 126 -51.83 -19.14 5.74
N SER G 127 -51.17 -19.71 6.73
CA SER G 127 -51.01 -19.05 8.02
C SER G 127 -49.93 -17.97 7.96
N ASN G 128 -48.83 -18.25 7.28
CA ASN G 128 -47.80 -17.25 7.09
C ASN G 128 -48.35 -16.02 6.37
N ALA G 129 -49.19 -16.24 5.36
CA ALA G 129 -49.75 -15.11 4.63
C ALA G 129 -50.47 -14.15 5.58
N ARG G 130 -51.22 -14.68 6.54
CA ARG G 130 -51.94 -13.81 7.47
C ARG G 130 -50.99 -13.16 8.47
N ALA G 131 -50.02 -13.91 8.99
CA ALA G 131 -49.04 -13.32 9.89
C ALA G 131 -48.39 -12.11 9.24
N VAL G 132 -47.96 -12.24 7.98
CA VAL G 132 -47.31 -11.16 7.27
C VAL G 132 -48.26 -9.99 7.04
N SER G 133 -49.53 -10.28 6.73
CA SER G 133 -50.47 -9.19 6.49
C SER G 133 -50.81 -8.43 7.76
N ILE G 134 -50.79 -9.09 8.93
CA ILE G 134 -51.03 -8.37 10.18
C ILE G 134 -49.82 -7.50 10.52
N MET G 135 -48.60 -8.05 10.40
CA MET G 135 -47.43 -7.22 10.62
C MET G 135 -47.44 -6.00 9.70
N LYS G 136 -47.86 -6.19 8.45
CA LYS G 136 -47.97 -5.07 7.51
C LYS G 136 -48.94 -4.01 8.04
N ALA G 137 -50.12 -4.45 8.50
CA ALA G 137 -51.09 -3.52 9.03
C ALA G 137 -50.52 -2.77 10.23
N CYS G 138 -49.78 -3.47 11.10
CA CYS G 138 -49.14 -2.80 12.22
C CYS G 138 -48.19 -1.70 11.73
N ALA G 139 -47.28 -2.05 10.84
CA ALA G 139 -46.26 -1.11 10.40
C ALA G 139 -46.88 0.11 9.73
N VAL G 140 -47.86 -0.11 8.87
CA VAL G 140 -48.52 0.99 8.19
C VAL G 140 -49.17 1.93 9.18
N ALA G 141 -49.80 1.39 10.23
CA ALA G 141 -50.45 2.23 11.22
C ALA G 141 -49.45 3.04 12.03
N PHE G 142 -48.29 2.46 12.35
CA PHE G 142 -47.29 3.23 13.09
C PHE G 142 -46.67 4.32 12.22
N VAL G 143 -46.42 4.03 10.94
CA VAL G 143 -45.86 5.05 10.05
C VAL G 143 -46.89 6.12 9.73
N ASN G 144 -48.05 5.71 9.21
CA ASN G 144 -49.16 6.61 8.92
C ASN G 144 -50.06 6.79 10.13
N ASN G 145 -49.46 6.95 11.30
CA ASN G 145 -50.21 7.16 12.54
C ASN G 145 -50.99 8.47 12.54
N THR G 146 -52.33 8.35 12.63
CA THR G 146 -53.23 9.48 12.59
C THR G 146 -53.67 9.94 13.98
N ALA G 147 -52.95 9.53 15.02
CA ALA G 147 -53.30 9.96 16.37
C ALA G 147 -53.08 11.47 16.52
N SER G 148 -53.63 12.02 17.59
CA SER G 148 -53.42 13.44 17.87
C SER G 148 -51.95 13.70 18.18
N GLN G 149 -51.55 14.96 18.01
CA GLN G 149 -50.18 15.36 18.31
C GLN G 149 -49.79 14.98 19.74
N ARG G 150 -50.71 15.16 20.69
CA ARG G 150 -50.43 14.86 22.09
CA ARG G 150 -50.40 14.86 22.08
C ARG G 150 -50.02 13.40 22.28
N LYS G 151 -50.35 12.52 21.34
CA LYS G 151 -50.05 11.10 21.45
C LYS G 151 -48.92 10.66 20.53
N LEU G 152 -48.20 11.60 19.91
CA LEU G 152 -47.08 11.31 19.02
C LEU G 152 -45.78 11.84 19.62
N SER G 153 -44.72 11.04 19.53
CA SER G 153 -43.38 11.47 19.91
C SER G 153 -42.64 12.18 18.78
N THR G 154 -43.31 12.43 17.67
CA THR G 154 -42.74 13.06 16.49
C THR G 154 -43.64 14.20 16.05
N PRO G 155 -43.11 15.14 15.28
CA PRO G 155 -43.96 16.22 14.74
C PRO G 155 -45.03 15.64 13.84
N GLN G 156 -46.26 16.13 14.00
CA GLN G 156 -47.37 15.66 13.20
C GLN G 156 -47.14 16.05 11.74
N GLY G 157 -47.31 15.10 10.83
CA GLY G 157 -47.05 15.38 9.43
C GLY G 157 -47.50 14.23 8.57
N ASP G 158 -47.18 14.35 7.27
CA ASP G 158 -47.64 13.40 6.26
C ASP G 158 -46.52 12.41 5.99
N CYS G 159 -46.75 11.15 6.39
CA CYS G 159 -45.84 10.04 6.14
C CYS G 159 -46.49 8.97 5.27
N SER G 160 -47.48 9.35 4.46
CA SER G 160 -48.23 8.37 3.67
C SER G 160 -47.34 7.71 2.62
N ALA G 161 -46.36 8.45 2.08
CA ALA G 161 -45.46 7.87 1.10
C ALA G 161 -44.63 6.76 1.73
N LEU G 162 -44.05 7.02 2.91
CA LEU G 162 -43.26 6.01 3.59
C LEU G 162 -44.12 4.83 4.00
N ALA G 163 -45.36 5.08 4.40
CA ALA G 163 -46.25 3.97 4.73
C ALA G 163 -46.48 3.09 3.51
N SER G 164 -46.69 3.72 2.34
CA SER G 164 -46.88 2.93 1.12
CA SER G 164 -46.88 2.94 1.12
C SER G 164 -45.63 2.16 0.75
N GLU G 165 -44.45 2.71 1.03
CA GLU G 165 -43.20 2.01 0.72
C GLU G 165 -43.05 0.77 1.59
N VAL G 166 -43.25 0.91 2.91
CA VAL G 166 -43.09 -0.26 3.76
C VAL G 166 -44.16 -1.29 3.43
N ALA G 167 -45.36 -0.85 3.04
CA ALA G 167 -46.39 -1.78 2.62
C ALA G 167 -45.93 -2.60 1.42
N GLY G 168 -45.24 -1.96 0.47
CA GLY G 168 -44.73 -2.69 -0.68
C GLY G 168 -43.71 -3.75 -0.30
N TYR G 169 -42.90 -3.46 0.72
CA TYR G 169 -41.92 -4.45 1.18
C TYR G 169 -42.61 -5.67 1.77
N PHE G 170 -43.67 -5.46 2.56
CA PHE G 170 -44.43 -6.59 3.07
C PHE G 170 -45.08 -7.38 1.94
N ASP G 171 -45.59 -6.68 0.90
CA ASP G 171 -46.18 -7.39 -0.23
C ASP G 171 -45.17 -8.27 -0.94
N LYS G 172 -43.90 -7.86 -0.95
CA LYS G 172 -42.86 -8.72 -1.50
C LYS G 172 -42.65 -9.96 -0.64
N VAL G 173 -42.73 -9.81 0.68
CA VAL G 173 -42.70 -10.98 1.56
C VAL G 173 -43.85 -11.92 1.23
N SER G 174 -45.06 -11.38 1.18
CA SER G 174 -46.25 -12.20 0.93
C SER G 174 -46.14 -12.94 -0.40
N ALA G 175 -45.68 -12.24 -1.45
CA ALA G 175 -45.53 -12.88 -2.74
C ALA G 175 -44.46 -13.97 -2.70
N ALA G 176 -43.42 -13.77 -1.89
CA ALA G 176 -42.32 -14.74 -1.87
C ALA G 176 -42.73 -16.04 -1.20
N ILE G 177 -43.47 -15.98 -0.10
CA ILE G 177 -43.81 -17.16 0.68
C ILE G 177 -45.28 -17.54 0.52
N GLY G 178 -46.01 -16.88 -0.36
CA GLY G 178 -47.39 -17.20 -0.60
C GLY G 178 -47.54 -18.46 -1.42
N ALA H 1 -29.96 -16.05 -1.55
CA ALA H 1 -30.79 -16.98 -0.75
C ALA H 1 -30.44 -16.86 0.73
N ASP H 2 -31.40 -17.13 1.60
CA ASP H 2 -31.14 -17.07 3.03
C ASP H 2 -30.14 -18.15 3.42
N ASP H 3 -29.39 -17.89 4.49
CA ASP H 3 -28.37 -18.81 4.98
C ASP H 3 -28.87 -19.69 6.13
N LYS H 4 -30.12 -19.53 6.54
CA LYS H 4 -30.74 -20.33 7.60
C LYS H 4 -30.03 -20.17 8.95
N SER H 5 -29.26 -19.10 9.12
CA SER H 5 -28.57 -18.84 10.38
C SER H 5 -29.48 -18.34 11.48
N GLY H 6 -30.70 -17.89 11.14
CA GLY H 6 -31.54 -17.28 12.14
C GLY H 6 -31.12 -15.87 12.47
N LYS H 7 -30.26 -15.26 11.64
CA LYS H 7 -29.79 -13.91 11.88
C LYS H 7 -30.66 -12.89 11.14
N ALA H 8 -30.64 -11.66 11.65
CA ALA H 8 -31.35 -10.55 11.00
C ALA H 8 -30.75 -9.24 11.51
N PRO H 9 -30.91 -8.16 10.73
CA PRO H 9 -30.37 -6.86 11.16
C PRO H 9 -31.23 -6.22 12.24
N VAL H 10 -30.63 -6.04 13.42
CA VAL H 10 -31.28 -5.34 14.52
C VAL H 10 -30.91 -3.87 14.44
N ILE H 11 -31.90 -3.01 14.22
CA ILE H 11 -31.69 -1.57 14.08
C ILE H 11 -32.11 -0.91 15.39
N THR H 12 -31.25 -0.06 15.94
CA THR H 12 -31.59 0.79 17.07
C THR H 12 -31.42 2.24 16.65
N VAL H 13 -32.45 3.05 16.88
CA VAL H 13 -32.47 4.46 16.47
C VAL H 13 -32.39 5.32 17.73
N PHE H 14 -31.35 6.15 17.80
CA PHE H 14 -31.11 7.03 18.94
C PHE H 14 -31.32 8.48 18.52
N ASP H 15 -32.56 8.97 18.59
CA ASP H 15 -32.77 10.41 18.49
C ASP H 15 -32.64 10.98 19.90
N HIS H 16 -31.41 11.31 20.27
CA HIS H 16 -31.09 11.74 21.63
C HIS H 16 -30.71 13.21 21.68
N ARG H 17 -31.34 14.03 20.85
CA ARG H 17 -31.16 15.47 20.94
C ARG H 17 -31.49 15.95 22.35
N GLY H 18 -30.62 16.78 22.92
CA GLY H 18 -30.82 17.31 24.26
C GLY H 18 -30.44 16.38 25.39
N CYS H 19 -29.92 15.19 25.07
CA CYS H 19 -29.58 14.21 26.09
C CYS H 19 -28.26 14.55 26.77
N GLN H 20 -28.24 14.46 28.09
CA GLN H 20 -27.01 14.50 28.88
C GLN H 20 -26.80 13.07 29.40
N ARG H 21 -26.04 12.31 28.62
CA ARG H 21 -25.84 10.89 28.89
C ARG H 21 -25.05 10.63 30.16
N GLY H 22 -24.29 11.62 30.63
CA GLY H 22 -23.41 11.41 31.76
C GLY H 22 -22.09 10.75 31.43
N GLY H 23 -21.88 10.37 30.17
CA GLY H 23 -20.62 9.82 29.73
C GLY H 23 -20.39 10.12 28.26
N PRO H 24 -19.18 9.89 27.77
CA PRO H 24 -18.88 10.25 26.38
C PRO H 24 -19.63 9.39 25.39
N ASP H 25 -19.85 9.96 24.20
CA ASP H 25 -20.43 9.23 23.07
C ASP H 25 -19.27 8.67 22.24
N ARG H 26 -18.96 7.39 22.43
CA ARG H 26 -17.80 6.78 21.80
C ARG H 26 -18.14 5.73 20.75
N GLU H 27 -19.42 5.38 20.59
CA GLU H 27 -19.78 4.30 19.67
C GLU H 27 -19.56 4.71 18.22
N TYR H 28 -20.09 5.88 17.83
CA TYR H 28 -19.86 6.40 16.48
C TYR H 28 -18.42 6.88 16.38
N LYS H 29 -17.69 6.37 15.37
CA LYS H 29 -16.27 6.63 15.21
C LYS H 29 -15.97 7.61 14.09
N GLY H 30 -16.98 8.15 13.42
CA GLY H 30 -16.76 9.06 12.32
C GLY H 30 -16.56 10.49 12.78
N LYS H 31 -16.66 11.41 11.83
CA LYS H 31 -16.40 12.82 12.08
C LYS H 31 -17.68 13.52 12.53
N LYS H 32 -17.51 14.67 13.19
CA LYS H 32 -18.63 15.43 13.70
C LYS H 32 -19.32 16.19 12.57
N ALA H 33 -20.65 16.33 12.69
CA ALA H 33 -21.39 17.18 11.78
C ALA H 33 -21.40 18.64 12.21
N ASN H 34 -21.05 18.91 13.47
CA ASN H 34 -21.14 20.27 14.05
C ASN H 34 -22.58 20.77 14.00
N GLY H 35 -23.50 19.92 14.45
CA GLY H 35 -24.91 20.21 14.45
C GLY H 35 -25.68 19.14 15.20
N PRO H 36 -27.02 19.23 15.15
CA PRO H 36 -27.83 18.28 15.94
C PRO H 36 -27.60 16.83 15.56
N ASP H 37 -27.13 16.54 14.35
CA ASP H 37 -26.84 15.16 13.98
C ASP H 37 -25.79 14.54 14.88
N ASP H 38 -25.02 15.35 15.61
CA ASP H 38 -24.07 14.84 16.60
C ASP H 38 -24.77 14.34 17.86
N GLU H 39 -26.06 14.59 18.00
CA GLU H 39 -26.84 14.09 19.13
C GLU H 39 -27.70 12.90 18.77
N MET H 40 -27.60 12.40 17.54
CA MET H 40 -28.43 11.31 17.06
C MET H 40 -27.54 10.26 16.43
N CYS H 41 -28.03 9.03 16.43
CA CYS H 41 -27.21 7.93 15.93
C CYS H 41 -28.11 6.77 15.56
N VAL H 42 -27.69 6.02 14.55
CA VAL H 42 -28.31 4.77 14.15
C VAL H 42 -27.33 3.64 14.44
N LYS H 43 -27.82 2.56 15.02
CA LYS H 43 -27.03 1.35 15.24
C LYS H 43 -27.64 0.22 14.42
N VAL H 44 -26.81 -0.51 13.69
CA VAL H 44 -27.25 -1.66 12.91
C VAL H 44 -26.33 -2.82 13.22
N GLN H 45 -26.92 -3.96 13.61
CA GLN H 45 -26.14 -5.15 13.94
C GLN H 45 -26.90 -6.39 13.51
N SER H 46 -26.22 -7.25 12.74
CA SER H 46 -26.77 -8.56 12.40
C SER H 46 -26.59 -9.50 13.59
N ALA H 47 -27.70 -9.98 14.14
CA ALA H 47 -27.66 -10.77 15.36
C ALA H 47 -28.60 -11.97 15.23
N LYS H 48 -28.23 -13.04 15.92
CA LYS H 48 -29.08 -14.23 16.02
C LYS H 48 -30.36 -13.87 16.78
N ILE H 49 -31.50 -14.13 16.16
CA ILE H 49 -32.79 -13.86 16.78
C ILE H 49 -33.18 -15.05 17.65
N ALA H 50 -33.51 -14.79 18.91
CA ALA H 50 -33.82 -15.84 19.87
C ALA H 50 -35.09 -15.49 20.62
N VAL H 51 -35.96 -16.48 20.79
CA VAL H 51 -37.22 -16.35 21.50
C VAL H 51 -37.25 -17.39 22.63
N SER H 52 -37.50 -16.93 23.85
CA SER H 52 -37.46 -17.81 25.00
C SER H 52 -38.73 -18.65 25.09
N ALA H 53 -38.64 -19.73 25.86
CA ALA H 53 -39.81 -20.54 26.14
C ALA H 53 -40.85 -19.74 26.93
N THR H 54 -40.39 -18.88 27.84
CA THR H 54 -41.33 -18.03 28.58
C THR H 54 -42.15 -17.15 27.64
N THR H 55 -41.48 -16.50 26.68
CA THR H 55 -42.18 -15.65 25.73
C THR H 55 -43.18 -16.46 24.92
N ALA H 56 -42.77 -17.62 24.40
CA ALA H 56 -43.69 -18.47 23.64
C ALA H 56 -44.88 -18.90 24.49
N ASP H 57 -44.63 -19.26 25.75
CA ASP H 57 -45.73 -19.64 26.62
C ASP H 57 -46.64 -18.44 26.90
N SER H 58 -46.07 -17.24 26.99
CA SER H 58 -46.86 -16.04 27.22
C SER H 58 -47.76 -15.74 26.02
N VAL H 59 -47.22 -15.86 24.80
CA VAL H 59 -48.06 -15.63 23.63
C VAL H 59 -49.17 -16.66 23.55
N LEU H 60 -48.85 -17.93 23.84
CA LEU H 60 -49.89 -18.96 23.84
C LEU H 60 -50.97 -18.65 24.88
N GLN H 61 -50.54 -18.27 26.08
CA GLN H 61 -51.50 -18.07 27.16
C GLN H 61 -52.41 -16.88 26.90
N GLN H 62 -51.93 -15.87 26.18
CA GLN H 62 -52.73 -14.69 25.85
C GLN H 62 -53.49 -14.83 24.54
N THR H 63 -53.21 -15.88 23.77
CA THR H 63 -53.93 -16.18 22.54
C THR H 63 -55.08 -17.14 22.77
N ILE H 64 -54.87 -18.16 23.61
CA ILE H 64 -55.89 -19.17 23.80
C ILE H 64 -57.15 -18.57 24.41
N SER H 65 -57.04 -17.42 25.07
CA SER H 65 -58.17 -16.75 25.70
C SER H 65 -58.93 -15.83 24.77
N THR H 66 -58.53 -15.71 23.50
CA THR H 66 -59.22 -14.85 22.55
C THR H 66 -59.61 -15.58 21.27
N LEU H 67 -59.53 -16.92 21.25
CA LEU H 67 -59.87 -17.67 20.05
C LEU H 67 -61.27 -17.31 19.58
N TYR H 68 -61.42 -17.18 18.26
CA TYR H 68 -62.74 -16.93 17.67
C TYR H 68 -63.74 -17.95 18.19
N ARG H 69 -64.99 -17.50 18.37
CA ARG H 69 -66.03 -18.32 18.97
C ARG H 69 -67.35 -18.11 18.24
N LYS H 70 -68.34 -18.90 18.65
CA LYS H 70 -69.71 -18.77 18.16
C LYS H 70 -70.53 -17.83 19.05
N ALA I 2 67.63 -45.76 15.02
CA ALA I 2 66.18 -45.93 15.07
C ALA I 2 65.74 -46.54 16.40
N LEU I 3 64.83 -45.86 17.09
CA LEU I 3 64.34 -46.33 18.38
C LEU I 3 62.93 -45.81 18.60
N ASP I 4 61.97 -46.72 18.83
CA ASP I 4 60.64 -46.38 19.31
C ASP I 4 60.76 -46.04 20.80
N ALA I 5 61.08 -44.78 21.08
CA ALA I 5 61.51 -44.37 22.41
C ALA I 5 60.37 -43.92 23.33
N PHE I 6 59.18 -43.67 22.78
CA PHE I 6 58.06 -43.14 23.57
C PHE I 6 56.88 -44.10 23.62
N SER I 7 57.10 -45.39 23.37
CA SER I 7 55.98 -46.34 23.33
C SER I 7 55.21 -46.39 24.65
N LYS I 8 55.79 -45.90 25.74
CA LYS I 8 55.13 -45.95 27.04
C LYS I 8 54.01 -44.93 27.19
N VAL I 9 53.83 -44.02 26.25
CA VAL I 9 52.76 -43.03 26.33
C VAL I 9 51.45 -43.60 25.76
N ALA I 15 48.20 -42.03 30.12
CA ALA I 15 47.91 -40.97 29.16
C ALA I 15 48.74 -39.72 29.43
N LYS I 16 49.80 -39.88 30.23
CA LYS I 16 50.66 -38.76 30.58
C LYS I 16 51.68 -38.48 29.49
N ALA I 17 52.11 -37.22 29.41
CA ALA I 17 53.13 -36.84 28.44
C ALA I 17 54.51 -37.27 28.94
N ALA I 18 55.36 -37.65 27.98
CA ALA I 18 56.76 -37.93 28.24
C ALA I 18 57.61 -36.74 27.78
N TYR I 19 58.63 -36.41 28.57
CA TYR I 19 59.51 -35.28 28.28
C TYR I 19 60.95 -35.76 28.22
N VAL I 20 61.62 -35.50 27.10
CA VAL I 20 63.01 -35.91 26.90
C VAL I 20 63.83 -34.66 26.62
N GLY I 21 64.60 -34.24 27.62
CA GLY I 21 65.52 -33.13 27.47
C GLY I 21 66.85 -33.46 28.13
N GLY I 22 67.76 -32.50 28.17
CA GLY I 22 69.02 -32.71 28.87
C GLY I 22 69.73 -33.97 28.44
N ALA I 23 70.12 -34.79 29.43
CA ALA I 23 70.93 -35.98 29.16
C ALA I 23 70.14 -37.01 28.35
N ASP I 24 68.86 -37.22 28.68
CA ASP I 24 68.06 -38.16 27.91
C ASP I 24 67.96 -37.75 26.45
N LEU I 25 67.85 -36.44 26.20
CA LEU I 25 67.80 -35.95 24.83
C LEU I 25 69.15 -36.12 24.14
N GLN I 26 70.23 -35.77 24.84
CA GLN I 26 71.57 -36.03 24.30
C GLN I 26 71.71 -37.49 23.89
N ALA I 27 71.17 -38.41 24.70
CA ALA I 27 71.24 -39.83 24.36
C ALA I 27 70.34 -40.17 23.18
N LEU I 28 69.11 -39.63 23.18
CA LEU I 28 68.17 -39.93 22.11
C LEU I 28 68.74 -39.63 20.74
N LYS I 29 69.45 -38.50 20.60
CA LYS I 29 69.97 -38.09 19.30
C LYS I 29 71.12 -38.98 18.82
N LYS I 30 71.73 -39.77 19.70
CA LYS I 30 72.68 -40.78 19.28
C LYS I 30 72.00 -42.06 18.82
N PHE I 31 70.76 -42.29 19.25
CA PHE I 31 70.04 -43.52 18.93
C PHE I 31 69.27 -43.42 17.62
N ILE I 32 68.95 -42.20 17.17
CA ILE I 32 68.32 -41.95 15.89
C ILE I 32 69.35 -41.29 14.98
N SER I 33 69.27 -41.58 13.68
CA SER I 33 70.24 -41.04 12.75
C SER I 33 70.02 -39.54 12.54
N GLU I 34 71.11 -38.79 12.45
CA GLU I 34 71.05 -37.35 12.21
C GLU I 34 70.11 -36.68 13.21
N GLY I 35 70.43 -36.88 14.49
CA GLY I 35 69.52 -36.47 15.55
C GLY I 35 69.07 -35.03 15.45
N ASN I 36 70.02 -34.11 15.33
CA ASN I 36 69.66 -32.69 15.29
C ASN I 36 68.82 -32.37 14.06
N LYS I 37 69.28 -32.79 12.89
CA LYS I 37 68.54 -32.56 11.66
C LYS I 37 67.17 -33.22 11.71
N ARG I 38 67.11 -34.45 12.25
CA ARG I 38 65.85 -35.18 12.32
C ARG I 38 64.81 -34.41 13.12
N LEU I 39 65.21 -33.86 14.28
CA LEU I 39 64.25 -33.11 15.10
C LEU I 39 63.81 -31.83 14.41
N ASP I 40 64.71 -31.17 13.66
CA ASP I 40 64.30 -30.03 12.85
C ASP I 40 63.26 -30.45 11.83
N ALA I 41 63.50 -31.59 11.15
CA ALA I 41 62.58 -32.07 10.13
C ALA I 41 61.21 -32.39 10.72
N VAL I 42 61.19 -33.12 11.83
CA VAL I 42 59.93 -33.39 12.50
C VAL I 42 59.24 -32.07 12.85
N ASN I 43 60.00 -31.12 13.38
CA ASN I 43 59.40 -29.87 13.81
C ASN I 43 58.82 -29.10 12.63
N SER I 44 59.50 -29.13 11.48
CA SER I 44 58.99 -28.40 10.33
C SER I 44 57.66 -28.96 9.86
N ILE I 45 57.41 -30.24 10.11
CA ILE I 45 56.14 -30.84 9.72
C ILE I 45 55.08 -30.57 10.77
N VAL I 46 55.36 -30.94 12.02
CA VAL I 46 54.35 -30.87 13.07
CA VAL I 46 54.32 -30.86 13.05
C VAL I 46 53.90 -29.42 13.30
N SER I 47 54.82 -28.47 13.17
CA SER I 47 54.49 -27.05 13.36
C SER I 47 53.59 -26.52 12.26
N ASN I 48 53.41 -27.28 11.18
CA ASN I 48 52.51 -26.91 10.09
C ASN I 48 51.38 -27.92 9.91
N ALA I 49 51.07 -28.69 10.96
CA ALA I 49 50.16 -29.81 10.80
C ALA I 49 48.77 -29.37 10.37
N SER I 50 48.25 -28.30 10.96
CA SER I 50 46.91 -27.86 10.59
C SER I 50 46.82 -27.50 9.11
N CYS I 51 47.83 -26.77 8.60
CA CYS I 51 47.77 -26.38 7.20
C CYS I 51 47.97 -27.58 6.28
N ILE I 52 48.86 -28.50 6.65
CA ILE I 52 49.06 -29.69 5.83
C ILE I 52 47.75 -30.44 5.66
N VAL I 53 47.04 -30.67 6.77
CA VAL I 53 45.79 -31.42 6.71
C VAL I 53 44.72 -30.64 5.94
N SER I 54 44.60 -29.35 6.20
CA SER I 54 43.62 -28.54 5.48
C SER I 54 43.91 -28.55 3.99
N ASP I 55 45.17 -28.31 3.60
CA ASP I 55 45.53 -28.26 2.19
C ASP I 55 45.25 -29.58 1.48
N ALA I 56 45.53 -30.70 2.15
CA ALA I 56 45.36 -32.01 1.53
C ALA I 56 43.89 -32.37 1.38
N VAL I 57 43.08 -32.08 2.39
CA VAL I 57 41.65 -32.37 2.30
C VAL I 57 40.97 -31.44 1.30
N SER I 58 41.35 -30.16 1.31
CA SER I 58 40.79 -29.23 0.33
C SER I 58 41.17 -29.64 -1.08
N GLY I 59 42.42 -30.06 -1.29
CA GLY I 59 42.85 -30.47 -2.62
C GLY I 59 42.16 -31.72 -3.09
N MET I 60 42.00 -32.70 -2.18
CA MET I 60 41.19 -33.87 -2.49
C MET I 60 39.81 -33.44 -2.96
N ILE I 61 39.21 -32.47 -2.29
CA ILE I 61 37.87 -32.03 -2.64
C ILE I 61 37.87 -31.22 -3.91
N CYS I 62 38.80 -30.27 -4.06
CA CYS I 62 38.79 -29.45 -5.27
C CYS I 62 39.09 -30.27 -6.51
N GLU I 63 39.78 -31.42 -6.37
CA GLU I 63 39.94 -32.31 -7.51
C GLU I 63 38.70 -33.17 -7.77
N ASN I 64 37.86 -33.37 -6.76
CA ASN I 64 36.66 -34.20 -6.88
C ASN I 64 35.54 -33.51 -6.12
N PRO I 65 34.98 -32.45 -6.69
CA PRO I 65 33.98 -31.64 -5.96
C PRO I 65 32.80 -32.43 -5.44
N SER I 66 32.44 -33.53 -6.09
CA SER I 66 31.30 -34.32 -5.64
C SER I 66 31.48 -34.89 -4.25
N LEU I 67 32.70 -34.84 -3.69
CA LEU I 67 32.93 -35.38 -2.37
C LEU I 67 32.07 -34.71 -1.32
N ILE I 68 31.66 -33.46 -1.55
CA ILE I 68 30.78 -32.75 -0.63
C ILE I 68 29.39 -32.54 -1.22
N SER I 69 29.07 -33.22 -2.33
CA SER I 69 27.69 -33.31 -2.79
C SER I 69 26.93 -34.25 -1.85
N PRO I 70 25.60 -34.26 -1.91
CA PRO I 70 24.84 -35.12 -0.98
C PRO I 70 25.22 -36.59 -1.06
N SER I 71 25.81 -37.06 -2.15
CA SER I 71 26.21 -38.45 -2.28
C SER I 71 27.69 -38.68 -2.00
N GLY I 72 28.41 -37.63 -1.59
CA GLY I 72 29.82 -37.73 -1.31
C GLY I 72 30.16 -38.11 0.12
N MEN I 73 31.31 -38.74 0.28
CA MEN I 73 31.70 -39.30 1.56
C MEN I 73 32.06 -38.24 2.60
O MEN I 73 32.12 -38.50 3.79
CB MEN I 73 32.91 -40.25 1.45
CG MEN I 73 33.00 -41.18 2.64
OD1 MEN I 73 34.03 -41.19 3.34
ND2 MEN I 73 31.95 -42.01 2.93
CE2 MEN I 73 31.98 -42.91 4.04
HA MEN I 73 30.80 -39.81 2.02
HB2 MEN I 73 33.83 -39.62 1.35
HB3 MEN I 73 32.78 -40.83 0.49
HD2 MEN I 73 31.15 -42.00 2.36
HE21 MEN I 73 32.34 -43.91 3.71
HE22 MEN I 73 30.94 -43.02 4.46
HE23 MEN I 73 32.66 -42.51 4.85
N CYS I 74 32.29 -37.02 2.14
CA CYS I 74 32.55 -35.91 3.07
C CYS I 74 31.30 -35.07 3.33
N TYR I 75 30.15 -35.56 2.88
CA TYR I 75 28.91 -34.83 3.06
C TYR I 75 28.45 -34.91 4.52
N THR I 76 27.94 -33.80 5.02
CA THR I 76 27.54 -33.61 6.42
C THR I 76 28.75 -33.22 7.27
N ASN I 77 28.51 -32.44 8.32
CA ASN I 77 29.61 -32.01 9.18
C ASN I 77 30.26 -33.21 9.85
N ARG I 78 29.47 -34.21 10.24
CA ARG I 78 30.00 -35.38 10.92
C ARG I 78 31.06 -36.07 10.07
N ARG I 79 30.76 -36.30 8.80
CA ARG I 79 31.72 -36.99 7.93
C ARG I 79 32.94 -36.12 7.67
N MET I 80 32.75 -34.83 7.37
CA MET I 80 33.89 -33.95 7.14
C MET I 80 34.79 -33.91 8.37
N ALA I 81 34.19 -33.90 9.56
CA ALA I 81 35.00 -33.89 10.78
C ALA I 81 35.83 -35.17 10.88
N ALA I 82 35.21 -36.32 10.61
CA ALA I 82 35.93 -37.59 10.68
C ALA I 82 37.07 -37.63 9.67
N CYS I 83 36.84 -37.06 8.48
CA CYS I 83 37.89 -37.07 7.46
C CYS I 83 39.03 -36.14 7.86
N LEU I 84 38.71 -34.93 8.29
CA LEU I 84 39.74 -34.03 8.80
C LEU I 84 40.50 -34.67 9.95
N ARG I 85 39.80 -35.41 10.81
CA ARG I 85 40.44 -36.10 11.92
C ARG I 85 41.41 -37.15 11.41
N ASP I 86 40.96 -38.00 10.49
CA ASP I 86 41.80 -39.07 9.98
C ASP I 86 43.05 -38.50 9.30
N GLY I 87 42.89 -37.41 8.55
CA GLY I 87 44.05 -36.80 7.93
C GLY I 87 45.12 -36.45 8.94
N GLU I 88 44.70 -35.88 10.07
CA GLU I 88 45.64 -35.51 11.14
C GLU I 88 46.23 -36.75 11.80
N ILE I 89 45.39 -37.76 12.08
CA ILE I 89 45.87 -38.99 12.70
C ILE I 89 47.00 -39.59 11.86
N ILE I 90 46.78 -39.69 10.55
CA ILE I 90 47.78 -40.29 9.67
C ILE I 90 49.03 -39.44 9.64
N LEU I 91 48.88 -38.13 9.54
CA LEU I 91 50.04 -37.25 9.53
C LEU I 91 50.85 -37.39 10.81
N ARG I 92 50.17 -37.50 11.95
CA ARG I 92 50.89 -37.54 13.22
C ARG I 92 51.62 -38.86 13.38
N TYR I 93 51.01 -39.98 12.96
CA TYR I 93 51.72 -41.24 13.01
C TYR I 93 52.93 -41.22 12.08
N VAL I 94 52.81 -40.55 10.93
CA VAL I 94 53.97 -40.38 10.07
C VAL I 94 55.03 -39.53 10.76
N SER I 95 54.62 -38.47 11.47
CA SER I 95 55.62 -37.64 12.14
C SER I 95 56.33 -38.42 13.25
N TYR I 96 55.63 -39.35 13.91
CA TYR I 96 56.30 -40.17 14.92
C TYR I 96 57.23 -41.18 14.27
N ALA I 97 56.90 -41.66 13.07
CA ALA I 97 57.83 -42.51 12.34
C ALA I 97 59.13 -41.77 12.04
N LEU I 98 59.03 -40.49 11.67
CA LEU I 98 60.24 -39.71 11.39
C LEU I 98 61.01 -39.41 12.67
N LEU I 99 60.29 -39.17 13.78
CA LEU I 99 60.95 -38.99 15.06
C LEU I 99 61.66 -40.27 15.50
N SER I 100 61.01 -41.43 15.31
CA SER I 100 61.58 -42.69 15.76
CA SER I 100 61.58 -42.69 15.76
C SER I 100 62.60 -43.24 14.77
N GLY I 101 62.46 -42.91 13.50
CA GLY I 101 63.35 -43.45 12.49
C GLY I 101 62.94 -44.82 11.95
N ASP I 102 61.71 -45.26 12.21
CA ASP I 102 61.20 -46.47 11.58
C ASP I 102 59.68 -46.43 11.60
N SER I 103 59.08 -47.45 11.00
CA SER I 103 57.65 -47.48 10.74
C SER I 103 56.92 -48.52 11.59
N SER I 104 57.54 -49.03 12.66
CA SER I 104 56.90 -50.10 13.43
C SER I 104 55.58 -49.62 14.03
N VAL I 105 55.60 -48.49 14.73
CA VAL I 105 54.37 -47.97 15.33
C VAL I 105 53.38 -47.57 14.25
N LEU I 106 53.87 -46.93 13.18
CA LEU I 106 53.00 -46.54 12.07
C LEU I 106 52.22 -47.74 11.53
N GLU I 107 52.91 -48.86 11.32
CA GLU I 107 52.24 -50.04 10.81
C GLU I 107 51.33 -50.66 11.85
N ASP I 108 51.83 -50.81 13.08
CA ASP I 108 51.13 -51.62 14.06
C ASP I 108 49.89 -50.92 14.62
N ARG I 109 49.98 -49.61 14.89
CA ARG I 109 48.92 -48.90 15.59
CA ARG I 109 48.93 -48.90 15.59
C ARG I 109 48.13 -47.96 14.70
N CYS I 110 48.44 -47.89 13.40
CA CYS I 110 47.69 -47.02 12.51
C CYS I 110 47.23 -47.76 11.25
N LEU I 111 48.18 -48.37 10.53
CA LEU I 111 47.89 -48.88 9.20
C LEU I 111 47.29 -50.29 9.22
N ASN I 112 47.79 -51.18 10.06
CA ASN I 112 47.29 -52.55 10.09
CA ASN I 112 47.29 -52.55 10.09
C ASN I 112 45.79 -52.55 10.36
N GLY I 113 45.03 -53.16 9.45
CA GLY I 113 43.59 -53.23 9.57
C GLY I 113 42.85 -52.00 9.10
N LEU I 114 43.56 -50.95 8.66
CA LEU I 114 42.90 -49.70 8.32
C LEU I 114 42.13 -49.79 7.01
N LYS I 115 42.71 -50.45 6.00
CA LYS I 115 42.01 -50.61 4.72
C LYS I 115 40.71 -51.38 4.91
N GLU I 116 40.73 -52.43 5.74
CA GLU I 116 39.50 -53.17 5.98
CA GLU I 116 39.50 -53.18 5.99
C GLU I 116 38.42 -52.30 6.60
N THR I 117 38.80 -51.41 7.52
CA THR I 117 37.82 -50.51 8.12
C THR I 117 37.25 -49.57 7.06
N TYR I 118 38.12 -48.94 6.28
CA TYR I 118 37.64 -48.03 5.24
C TYR I 118 36.78 -48.75 4.21
N SER I 119 37.07 -50.02 3.93
CA SER I 119 36.26 -50.76 2.96
C SER I 119 34.84 -50.97 3.47
N SER I 120 34.70 -51.36 4.74
CA SER I 120 33.36 -51.59 5.29
C SER I 120 32.57 -50.30 5.46
N LEU I 121 33.27 -49.17 5.67
CA LEU I 121 32.58 -47.89 5.80
C LEU I 121 32.29 -47.25 4.45
N GLY I 122 32.96 -47.69 3.39
CA GLY I 122 32.85 -47.02 2.10
C GLY I 122 33.61 -45.73 1.98
N VAL I 123 34.69 -45.55 2.74
CA VAL I 123 35.54 -44.38 2.60
C VAL I 123 36.33 -44.54 1.30
N PRO I 124 36.18 -43.63 0.33
CA PRO I 124 36.73 -43.87 -1.00
C PRO I 124 38.25 -43.87 -1.01
N ALA I 125 38.83 -44.95 -1.54
CA ALA I 125 40.28 -45.13 -1.50
C ALA I 125 41.00 -44.22 -2.48
N ASN I 126 40.43 -43.99 -3.66
CA ASN I 126 41.07 -43.09 -4.62
C ASN I 126 41.17 -41.68 -4.07
N SER I 127 40.18 -41.26 -3.27
CA SER I 127 40.23 -39.95 -2.67
C SER I 127 41.20 -39.91 -1.49
N ASN I 128 41.21 -40.96 -0.67
CA ASN I 128 42.21 -41.05 0.40
C ASN I 128 43.62 -41.00 -0.18
N ALA I 129 43.84 -41.70 -1.30
CA ALA I 129 45.16 -41.72 -1.91
C ALA I 129 45.61 -40.31 -2.27
N ARG I 130 44.68 -39.48 -2.77
CA ARG I 130 45.07 -38.13 -3.15
C ARG I 130 45.38 -37.27 -1.93
N ALA I 131 44.57 -37.41 -0.87
CA ALA I 131 44.86 -36.71 0.38
C ALA I 131 46.25 -37.06 0.90
N VAL I 132 46.58 -38.35 0.91
CA VAL I 132 47.88 -38.77 1.41
C VAL I 132 48.99 -38.23 0.52
N SER I 133 48.78 -38.28 -0.80
CA SER I 133 49.82 -37.82 -1.73
CA SER I 133 49.82 -37.83 -1.72
C SER I 133 50.12 -36.34 -1.53
N ILE I 134 49.08 -35.54 -1.27
CA ILE I 134 49.30 -34.12 -1.07
C ILE I 134 50.02 -33.88 0.26
N MET I 135 49.59 -34.57 1.33
CA MET I 135 50.31 -34.46 2.59
C MET I 135 51.78 -34.81 2.43
N LYS I 136 52.07 -35.85 1.63
CA LYS I 136 53.44 -36.20 1.33
C LYS I 136 54.18 -35.06 0.65
N ALA I 137 53.57 -34.43 -0.34
CA ALA I 137 54.21 -33.30 -1.00
C ALA I 137 54.46 -32.16 -0.02
N CYS I 138 53.51 -31.90 0.87
CA CYS I 138 53.73 -30.88 1.90
C CYS I 138 54.93 -31.24 2.76
N ALA I 139 54.95 -32.45 3.32
CA ALA I 139 56.00 -32.83 4.25
C ALA I 139 57.39 -32.75 3.61
N VAL I 140 57.51 -33.24 2.37
CA VAL I 140 58.81 -33.20 1.70
C VAL I 140 59.31 -31.77 1.58
N ALA I 141 58.43 -30.84 1.22
CA ALA I 141 58.84 -29.46 1.06
C ALA I 141 59.21 -28.82 2.39
N PHE I 142 58.49 -29.16 3.46
CA PHE I 142 58.81 -28.61 4.76
C PHE I 142 60.15 -29.12 5.27
N VAL I 143 60.47 -30.38 4.98
CA VAL I 143 61.77 -30.94 5.37
C VAL I 143 62.90 -30.21 4.67
N ASN I 144 62.76 -29.98 3.36
CA ASN I 144 63.77 -29.21 2.62
C ASN I 144 63.55 -27.71 2.72
N ASN I 145 62.67 -27.25 3.62
CA ASN I 145 62.39 -25.83 3.81
C ASN I 145 62.12 -25.11 2.48
N THR I 146 61.38 -25.75 1.57
CA THR I 146 61.04 -25.14 0.29
C THR I 146 59.58 -24.71 0.19
N ALA I 147 58.84 -24.71 1.29
CA ALA I 147 57.45 -24.27 1.27
C ALA I 147 57.38 -22.75 1.25
N SER I 148 56.21 -22.21 0.94
CA SER I 148 56.07 -20.75 0.90
C SER I 148 56.28 -20.16 2.29
N GLN I 149 55.91 -20.88 3.34
CA GLN I 149 56.13 -20.42 4.72
C GLN I 149 57.37 -21.12 5.25
N ARG I 150 58.35 -20.33 5.70
CA ARG I 150 59.63 -20.83 6.20
C ARG I 150 59.87 -20.19 7.56
N LYS I 151 59.04 -20.56 8.54
CA LYS I 151 59.03 -19.89 9.83
C LYS I 151 60.06 -20.45 10.81
N LEU I 152 60.81 -21.46 10.42
CA LEU I 152 61.83 -22.09 11.27
C LEU I 152 63.20 -21.88 10.65
N SER I 153 64.14 -21.39 11.46
CA SER I 153 65.49 -21.11 11.01
C SER I 153 66.41 -22.28 11.36
N THR I 154 67.12 -22.78 10.37
CA THR I 154 68.05 -23.88 10.55
C THR I 154 69.39 -23.54 9.91
N PRO I 155 70.48 -24.16 10.37
CA PRO I 155 71.75 -24.04 9.66
C PRO I 155 71.67 -24.64 8.27
N GLN I 156 72.36 -24.02 7.33
CA GLN I 156 72.32 -24.48 5.94
C GLN I 156 72.84 -25.90 5.84
N GLY I 157 72.09 -26.77 5.18
CA GLY I 157 72.55 -28.13 5.00
C GLY I 157 71.61 -28.94 4.12
N ASP I 158 72.00 -30.19 3.92
CA ASP I 158 71.29 -31.13 3.04
C ASP I 158 70.46 -32.09 3.89
N CYS I 159 69.14 -32.05 3.73
CA CYS I 159 68.23 -32.94 4.43
C CYS I 159 67.46 -33.86 3.47
N SER I 160 68.03 -34.12 2.30
CA SER I 160 67.33 -34.93 1.30
C SER I 160 67.10 -36.36 1.79
N ALA I 161 68.03 -36.89 2.59
CA ALA I 161 67.85 -38.24 3.13
C ALA I 161 66.62 -38.31 4.02
N LEU I 162 66.47 -37.32 4.92
CA LEU I 162 65.28 -37.27 5.77
C LEU I 162 64.03 -37.02 4.95
N ALA I 163 64.12 -36.19 3.91
CA ALA I 163 62.97 -35.97 3.04
C ALA I 163 62.57 -37.26 2.33
N SER I 164 63.55 -38.03 1.86
CA SER I 164 63.23 -39.30 1.22
CA SER I 164 63.23 -39.30 1.22
C SER I 164 62.65 -40.28 2.23
N GLU I 165 63.15 -40.25 3.47
CA GLU I 165 62.65 -41.16 4.51
C GLU I 165 61.18 -40.88 4.81
N VAL I 166 60.81 -39.62 5.03
CA VAL I 166 59.42 -39.33 5.33
C VAL I 166 58.54 -39.59 4.12
N ALA I 167 59.05 -39.35 2.91
CA ALA I 167 58.29 -39.71 1.72
C ALA I 167 57.99 -41.19 1.68
N GLY I 168 58.98 -42.02 2.06
CA GLY I 168 58.76 -43.46 2.09
C GLY I 168 57.68 -43.86 3.09
N TYR I 169 57.59 -43.15 4.22
CA TYR I 169 56.54 -43.44 5.19
C TYR I 169 55.17 -43.13 4.60
N PHE I 170 55.03 -42.00 3.89
CA PHE I 170 53.76 -41.72 3.23
C PHE I 170 53.44 -42.79 2.20
N ASP I 171 54.46 -43.28 1.49
CA ASP I 171 54.23 -44.34 0.53
C ASP I 171 53.72 -45.61 1.21
N LYS I 172 54.17 -45.88 2.44
CA LYS I 172 53.66 -47.04 3.16
C LYS I 172 52.19 -46.84 3.50
N VAL I 173 51.80 -45.62 3.87
CA VAL I 173 50.39 -45.31 4.06
C VAL I 173 49.61 -45.57 2.78
N SER I 174 50.07 -45.00 1.66
CA SER I 174 49.33 -45.13 0.41
C SER I 174 49.15 -46.58 0.02
N ALA I 175 50.20 -47.39 0.15
CA ALA I 175 50.10 -48.80 -0.19
C ALA I 175 49.13 -49.52 0.75
N ALA I 176 49.04 -49.10 2.01
CA ALA I 176 48.20 -49.81 2.95
C ALA I 176 46.71 -49.58 2.67
N ILE I 177 46.33 -48.35 2.33
CA ILE I 177 44.91 -48.02 2.14
C ILE I 177 44.57 -47.81 0.66
N GLY I 178 45.52 -48.08 -0.24
CA GLY I 178 45.26 -47.94 -1.66
C GLY I 178 44.42 -49.07 -2.20
N ALA J 1 47.13 -54.40 14.68
CA ALA J 1 45.87 -53.78 14.18
C ALA J 1 45.47 -52.60 15.06
N PHE J 2 45.10 -51.50 14.43
CA PHE J 2 44.76 -50.29 15.17
C PHE J 2 43.46 -50.51 15.96
N ASP J 3 43.28 -49.69 16.99
CA ASP J 3 42.27 -49.94 18.01
C ASP J 3 41.03 -49.05 17.89
N LYS J 4 40.88 -48.29 16.81
CA LYS J 4 39.71 -47.46 16.58
C LYS J 4 39.53 -46.37 17.63
N SER J 5 40.53 -46.12 18.47
CA SER J 5 40.41 -45.15 19.55
C SER J 5 40.58 -43.71 19.09
N ALA J 6 41.03 -43.48 17.86
CA ALA J 6 41.32 -42.15 17.34
C ALA J 6 42.47 -41.46 18.10
N LYS J 7 43.28 -42.23 18.81
CA LYS J 7 44.45 -41.70 19.51
C LYS J 7 45.65 -41.70 18.58
N ALA J 8 46.49 -40.69 18.72
CA ALA J 8 47.68 -40.55 17.88
C ALA J 8 48.75 -39.83 18.66
N PRO J 9 50.03 -40.05 18.33
CA PRO J 9 51.11 -39.36 19.05
C PRO J 9 51.22 -37.90 18.62
N VAL J 10 51.07 -37.01 19.61
CA VAL J 10 51.27 -35.58 19.40
C VAL J 10 52.67 -35.23 19.85
N ILE J 11 53.50 -34.77 18.91
CA ILE J 11 54.89 -34.40 19.18
C ILE J 11 54.97 -32.89 19.32
N THR J 12 55.65 -32.42 20.36
CA THR J 12 55.93 -31.00 20.50
C THR J 12 57.43 -30.83 20.71
N ILE J 13 58.09 -30.12 19.79
CA ILE J 13 59.53 -29.94 19.80
C ILE J 13 59.83 -28.57 20.40
N PHE J 14 60.54 -28.55 21.52
CA PHE J 14 60.90 -27.33 22.22
C PHE J 14 62.39 -27.07 22.02
N ASP J 15 62.72 -26.37 20.94
CA ASP J 15 64.09 -25.86 20.74
C ASP J 15 64.13 -24.46 21.36
N HIS J 16 64.29 -24.43 22.67
CA HIS J 16 64.19 -23.20 23.44
C HIS J 16 65.54 -22.77 23.98
N ARG J 17 66.57 -22.82 23.13
CA ARG J 17 67.88 -22.32 23.49
C ARG J 17 67.78 -20.86 23.89
N GLY J 18 68.33 -20.51 25.05
CA GLY J 18 68.33 -19.15 25.53
C GLY J 18 67.11 -18.74 26.33
N CYS J 19 66.10 -19.61 26.45
CA CYS J 19 64.82 -19.23 27.04
C CYS J 19 64.86 -19.46 28.55
N THR J 20 65.53 -18.54 29.25
CA THR J 20 65.53 -18.57 30.70
C THR J 20 64.22 -18.06 31.31
N ALA J 21 63.32 -17.47 30.50
CA ALA J 21 62.06 -16.99 31.03
C ALA J 21 61.18 -18.12 31.54
N HIS J 22 61.38 -19.35 31.06
CA HIS J 22 60.64 -20.52 31.52
C HIS J 22 61.59 -21.46 32.25
N LYS J 23 61.27 -21.75 33.51
CA LYS J 23 62.05 -22.72 34.29
C LYS J 23 61.72 -24.13 33.82
N ASN J 24 62.77 -24.90 33.50
CA ASN J 24 62.61 -26.19 32.82
C ASN J 24 62.33 -27.29 33.84
N ALA J 25 61.09 -27.28 34.33
CA ALA J 25 60.66 -28.22 35.37
C ALA J 25 59.91 -29.42 34.81
N GLU J 26 59.61 -29.43 33.51
CA GLU J 26 58.83 -30.53 32.95
C GLU J 26 59.68 -31.79 32.82
N TYR J 27 60.89 -31.67 32.29
CA TYR J 27 61.82 -32.78 32.23
C TYR J 27 62.50 -32.96 33.59
N LYS J 28 62.45 -34.17 34.12
CA LYS J 28 62.91 -34.46 35.48
C LYS J 28 64.23 -35.21 35.53
N GLY J 29 64.84 -35.52 34.39
CA GLY J 29 66.03 -36.33 34.34
C GLY J 29 67.30 -35.53 34.56
N ALA J 30 68.43 -36.18 34.25
CA ALA J 30 69.74 -35.60 34.46
C ALA J 30 70.05 -34.57 33.37
N LEU J 31 70.99 -33.68 33.68
CA LEU J 31 71.39 -32.60 32.77
C LEU J 31 72.79 -32.86 32.22
N THR J 32 73.20 -31.98 31.30
CA THR J 32 74.47 -32.14 30.59
C THR J 32 75.38 -30.92 30.65
N ASN J 33 74.90 -29.79 31.16
CA ASN J 33 75.68 -28.54 31.10
C ASN J 33 76.05 -28.22 29.65
N SER J 34 75.03 -28.23 28.80
CA SER J 34 75.19 -27.95 27.38
C SER J 34 73.82 -27.53 26.85
N ILE J 35 73.77 -27.16 25.57
CA ILE J 35 72.51 -26.69 25.00
C ILE J 35 71.40 -27.72 25.11
N ASP J 36 71.73 -29.01 25.25
CA ASP J 36 70.68 -30.01 25.38
C ASP J 36 69.82 -29.79 26.61
N ASP J 37 70.34 -29.09 27.63
CA ASP J 37 69.52 -28.74 28.78
C ASP J 37 68.49 -27.68 28.44
N GLU J 38 68.62 -27.04 27.30
CA GLU J 38 67.72 -25.96 26.88
C GLU J 38 66.74 -26.42 25.82
N MET J 39 66.72 -27.71 25.50
CA MET J 39 65.83 -28.25 24.48
C MET J 39 65.13 -29.48 25.02
N CYS J 40 63.98 -29.80 24.42
CA CYS J 40 63.16 -30.87 24.94
C CYS J 40 62.20 -31.38 23.87
N VAL J 41 61.98 -32.70 23.86
CA VAL J 41 60.99 -33.34 23.01
C VAL J 41 59.85 -33.86 23.87
N LYS J 42 58.63 -33.48 23.53
CA LYS J 42 57.43 -33.92 24.23
C LYS J 42 56.61 -34.82 23.31
N VAL J 43 56.17 -35.96 23.83
CA VAL J 43 55.32 -36.88 23.09
C VAL J 43 54.17 -37.28 24.00
N GLN J 44 52.96 -37.26 23.46
CA GLN J 44 51.77 -37.62 24.21
C GLN J 44 50.78 -38.27 23.26
N SER J 45 50.13 -39.32 23.74
CA SER J 45 49.05 -39.97 22.99
C SER J 45 47.75 -39.25 23.31
N VAL J 46 47.14 -38.66 22.29
CA VAL J 46 45.96 -37.80 22.44
C VAL J 46 44.87 -38.29 21.51
N LYS J 47 43.64 -38.30 22.00
CA LYS J 47 42.49 -38.60 21.15
C LYS J 47 42.30 -37.44 20.18
N ILE J 48 42.48 -37.70 18.89
CA ILE J 48 42.30 -36.66 17.88
C ILE J 48 40.80 -36.49 17.65
N ALA J 49 40.34 -35.24 17.66
CA ALA J 49 38.93 -34.94 17.54
C ALA J 49 38.71 -33.67 16.73
N VAL J 50 37.66 -33.67 15.93
CA VAL J 50 37.22 -32.51 15.17
C VAL J 50 35.73 -32.36 15.40
N SER J 51 35.31 -31.18 15.86
CA SER J 51 33.91 -30.94 16.11
C SER J 51 33.17 -30.72 14.80
N GLU J 52 31.85 -30.96 14.83
CA GLU J 52 31.04 -30.69 13.65
C GLU J 52 30.99 -29.19 13.35
N ALA J 53 30.97 -28.36 14.40
CA ALA J 53 30.99 -26.92 14.17
C ALA J 53 32.27 -26.50 13.44
N ASP J 54 33.41 -27.04 13.86
CA ASP J 54 34.66 -26.73 13.17
C ASP J 54 34.68 -27.30 11.76
N ALA J 55 34.10 -28.50 11.56
CA ALA J 55 34.01 -29.06 10.23
C ALA J 55 33.16 -28.18 9.31
N ALA J 56 32.12 -27.56 9.85
CA ALA J 56 31.29 -26.67 9.05
C ALA J 56 32.09 -25.46 8.58
N LYS J 57 33.01 -24.97 9.42
CA LYS J 57 33.85 -23.84 9.02
C LYS J 57 34.77 -24.23 7.87
N LYS J 58 35.31 -25.44 7.90
CA LYS J 58 36.16 -25.89 6.81
C LYS J 58 35.36 -26.07 5.53
N LEU J 59 34.16 -26.63 5.62
CA LEU J 59 33.30 -26.72 4.45
C LEU J 59 33.03 -25.34 3.86
N GLN J 60 32.76 -24.34 4.71
CA GLN J 60 32.53 -23.00 4.20
C GLN J 60 33.74 -22.49 3.43
N GLU J 61 34.95 -22.84 3.88
CA GLU J 61 36.15 -22.45 3.15
C GLU J 61 36.31 -23.27 1.87
N PHE J 62 36.03 -24.57 1.94
CA PHE J 62 36.36 -25.46 0.83
C PHE J 62 35.41 -25.30 -0.34
N ILE J 63 34.16 -24.89 -0.10
CA ILE J 63 33.11 -25.04 -1.11
C ILE J 63 33.27 -24.11 -2.30
N SER J 64 34.11 -23.07 -2.18
CA SER J 64 34.47 -22.31 -3.37
C SER J 64 35.22 -23.16 -4.38
N TYR J 65 35.81 -24.27 -3.92
CA TYR J 65 36.69 -25.10 -4.74
C TYR J 65 37.90 -24.32 -5.24
N GLU J 66 38.25 -23.24 -4.54
CA GLU J 66 39.49 -22.52 -4.80
C GLU J 66 40.19 -22.19 -3.48
N ALA J 67 39.99 -23.04 -2.47
CA ALA J 67 40.64 -22.87 -1.17
C ALA J 67 42.01 -23.52 -1.23
N LYS J 68 42.97 -22.77 -1.76
CA LYS J 68 44.37 -23.21 -1.78
C LYS J 68 45.26 -22.02 -1.45
N GLY J 69 46.36 -22.31 -0.79
CA GLY J 69 47.36 -21.31 -0.47
C GLY J 69 48.32 -21.10 -1.62
N ILE J 70 49.44 -20.46 -1.28
CA ILE J 70 50.42 -20.09 -2.31
C ILE J 70 51.00 -21.32 -2.98
N ASP J 71 51.33 -22.34 -2.19
CA ASP J 71 51.97 -23.54 -2.72
C ASP J 71 50.98 -24.42 -3.47
N GLY J 72 51.53 -25.31 -4.30
CA GLY J 72 50.75 -26.36 -4.93
C GLY J 72 50.22 -25.98 -6.29
N ALA J 73 50.39 -26.87 -7.25
CA ALA J 73 49.72 -26.70 -8.53
C ALA J 73 48.21 -26.63 -8.32
N TYR J 74 47.54 -25.84 -9.16
CA TYR J 74 46.08 -25.82 -9.17
C TYR J 74 45.60 -27.01 -10.00
N THR J 75 45.16 -28.05 -9.31
CA THR J 75 44.64 -29.25 -9.91
C THR J 75 43.13 -29.36 -9.80
N GLY J 76 42.46 -28.35 -9.24
CA GLY J 76 41.04 -28.44 -8.99
C GLY J 76 40.19 -28.28 -10.24
N ARG J 77 38.93 -28.69 -10.10
CA ARG J 77 37.93 -28.56 -11.14
C ARG J 77 36.67 -27.93 -10.54
N LYS J 78 35.65 -27.79 -11.37
CA LYS J 78 34.36 -27.29 -10.91
C LYS J 78 33.28 -28.29 -11.31
N ALA K 15 21.01 -12.15 10.41
CA ALA K 15 20.98 -13.56 10.74
C ALA K 15 20.62 -14.40 9.51
N LYS K 16 19.84 -13.82 8.61
CA LYS K 16 19.36 -14.52 7.42
C LYS K 16 20.28 -14.19 6.24
N ALA K 17 20.75 -15.23 5.56
CA ALA K 17 21.79 -15.06 4.56
C ALA K 17 21.24 -14.39 3.30
N ALA K 18 22.07 -13.56 2.69
CA ALA K 18 21.77 -12.93 1.41
C ALA K 18 22.53 -13.64 0.30
N TYR K 19 21.87 -13.80 -0.86
CA TYR K 19 22.44 -14.48 -2.01
C TYR K 19 22.38 -13.57 -3.22
N VAL K 20 23.52 -13.32 -3.86
CA VAL K 20 23.61 -12.44 -5.02
C VAL K 20 24.22 -13.26 -6.16
N GLY K 21 23.39 -13.66 -7.11
CA GLY K 21 23.84 -14.34 -8.30
C GLY K 21 23.09 -13.85 -9.52
N GLY K 22 23.32 -14.48 -10.67
CA GLY K 22 22.53 -14.15 -11.85
C GLY K 22 22.48 -12.66 -12.13
N ALA K 23 21.27 -12.15 -12.33
CA ALA K 23 21.11 -10.76 -12.74
C ALA K 23 21.61 -9.80 -11.67
N ASP K 24 21.31 -10.08 -10.40
CA ASP K 24 21.79 -9.23 -9.32
C ASP K 24 23.32 -9.19 -9.29
N LEU K 25 23.95 -10.34 -9.54
CA LEU K 25 25.42 -10.38 -9.58
C LEU K 25 25.96 -9.60 -10.77
N GLN K 26 25.34 -9.75 -11.94
CA GLN K 26 25.73 -8.97 -13.11
C GLN K 26 25.68 -7.48 -12.79
N ALA K 27 24.65 -7.03 -12.08
CA ALA K 27 24.55 -5.62 -11.74
C ALA K 27 25.61 -5.23 -10.71
N LEU K 28 25.84 -6.07 -9.71
CA LEU K 28 26.81 -5.75 -8.67
C LEU K 28 28.17 -5.46 -9.28
N LYS K 29 28.62 -6.27 -10.24
CA LYS K 29 29.93 -6.09 -10.82
C LYS K 29 30.02 -4.85 -11.70
N LYS K 30 28.88 -4.25 -12.07
CA LYS K 30 28.89 -2.96 -12.72
C LYS K 30 29.01 -1.82 -11.72
N PHE K 31 28.61 -2.05 -10.46
CA PHE K 31 28.62 -1.00 -9.46
C PHE K 31 29.94 -0.91 -8.70
N ILE K 32 30.72 -1.99 -8.64
CA ILE K 32 32.01 -1.99 -7.97
C ILE K 32 33.11 -2.11 -9.02
N SER K 33 34.25 -1.51 -8.72
CA SER K 33 35.34 -1.50 -9.68
C SER K 33 35.98 -2.88 -9.77
N GLU K 34 36.34 -3.27 -11.00
CA GLU K 34 37.01 -4.54 -11.27
C GLU K 34 36.24 -5.68 -10.61
N GLY K 35 34.95 -5.75 -10.93
CA GLY K 35 34.04 -6.67 -10.23
C GLY K 35 34.54 -8.09 -10.21
N ASN K 36 34.89 -8.63 -11.38
CA ASN K 36 35.34 -10.02 -11.42
C ASN K 36 36.61 -10.21 -10.59
N LYS K 37 37.64 -9.38 -10.83
CA LYS K 37 38.86 -9.53 -10.03
C LYS K 37 38.59 -9.32 -8.56
N ARG K 38 37.72 -8.37 -8.22
CA ARG K 38 37.42 -8.09 -6.82
C ARG K 38 36.84 -9.32 -6.13
N LEU K 39 35.95 -10.04 -6.80
CA LEU K 39 35.36 -11.22 -6.18
C LEU K 39 36.40 -12.34 -6.04
N ASP K 40 37.32 -12.46 -7.00
CA ASP K 40 38.44 -13.37 -6.83
C ASP K 40 39.28 -12.99 -5.61
N ALA K 41 39.56 -11.70 -5.46
CA ALA K 41 40.37 -11.26 -4.32
C ALA K 41 39.71 -11.63 -3.00
N VAL K 42 38.43 -11.32 -2.87
CA VAL K 42 37.69 -11.71 -1.68
C VAL K 42 37.77 -13.22 -1.47
N ASN K 43 37.59 -13.99 -2.56
CA ASN K 43 37.57 -15.44 -2.47
C ASN K 43 38.91 -15.99 -1.99
N SER K 44 40.02 -15.41 -2.46
CA SER K 44 41.33 -15.90 -2.04
C SER K 44 41.56 -15.67 -0.55
N ILE K 45 40.90 -14.67 0.02
CA ILE K 45 41.04 -14.38 1.45
C ILE K 45 40.13 -15.26 2.30
N VAL K 46 38.82 -15.22 2.04
CA VAL K 46 37.90 -15.96 2.90
C VAL K 46 38.11 -17.46 2.78
N SER K 47 38.51 -17.96 1.60
CA SER K 47 38.78 -19.38 1.44
C SER K 47 40.05 -19.82 2.16
N ASN K 48 40.87 -18.89 2.64
CA ASN K 48 42.04 -19.20 3.45
C ASN K 48 41.94 -18.57 4.82
N ALA K 49 40.73 -18.27 5.28
CA ALA K 49 40.55 -17.40 6.45
C ALA K 49 41.17 -18.01 7.71
N SER K 50 40.86 -19.28 8.01
CA SER K 50 41.39 -19.91 9.20
CA SER K 50 41.39 -19.89 9.22
C SER K 50 42.91 -19.83 9.25
N CYS K 51 43.55 -20.02 8.09
CA CYS K 51 45.01 -20.03 8.05
C CYS K 51 45.57 -18.63 8.26
N ILE K 52 44.94 -17.62 7.66
CA ILE K 52 45.39 -16.24 7.84
C ILE K 52 45.33 -15.87 9.31
N VAL K 53 44.20 -16.15 9.96
CA VAL K 53 44.01 -15.77 11.35
C VAL K 53 45.02 -16.51 12.23
N SER K 54 45.08 -17.83 12.10
CA SER K 54 45.99 -18.63 12.92
CA SER K 54 45.98 -18.62 12.94
C SER K 54 47.43 -18.18 12.74
N ASP K 55 47.85 -17.98 11.48
CA ASP K 55 49.23 -17.63 11.20
C ASP K 55 49.57 -16.25 11.77
N ALA K 56 48.60 -15.33 11.73
CA ALA K 56 48.85 -14.00 12.26
C ALA K 56 48.95 -14.02 13.77
N VAL K 57 48.07 -14.77 14.43
CA VAL K 57 48.14 -14.88 15.88
C VAL K 57 49.38 -15.65 16.31
N SER K 58 49.71 -16.72 15.58
CA SER K 58 50.91 -17.48 15.89
C SER K 58 52.18 -16.63 15.71
N GLY K 59 52.25 -15.83 14.64
CA GLY K 59 53.41 -14.97 14.45
C GLY K 59 53.51 -13.86 15.49
N MET K 60 52.37 -13.24 15.82
CA MET K 60 52.36 -12.29 16.93
C MET K 60 53.02 -12.90 18.16
N ILE K 61 52.71 -14.16 18.45
CA ILE K 61 53.22 -14.81 19.64
C ILE K 61 54.68 -15.24 19.46
N CYS K 62 55.03 -15.82 18.31
CA CYS K 62 56.40 -16.32 18.16
C CYS K 62 57.41 -15.19 18.21
N GLU K 63 57.00 -13.97 17.85
CA GLU K 63 57.80 -12.76 17.99
C GLU K 63 57.76 -12.20 19.40
N ASN K 64 56.77 -12.57 20.20
CA ASN K 64 56.61 -12.10 21.58
C ASN K 64 56.12 -13.24 22.45
N PRO K 65 57.01 -14.18 22.78
CA PRO K 65 56.55 -15.36 23.53
C PRO K 65 55.85 -15.04 24.83
N SER K 66 56.12 -13.88 25.45
CA SER K 66 55.50 -13.59 26.73
C SER K 66 53.98 -13.54 26.63
N LEU K 67 53.43 -13.45 25.42
CA LEU K 67 51.98 -13.48 25.27
C LEU K 67 51.38 -14.78 25.77
N ILE K 68 52.13 -15.89 25.73
CA ILE K 68 51.65 -17.17 26.22
C ILE K 68 52.39 -17.61 27.48
N SER K 69 53.15 -16.71 28.12
CA SER K 69 53.60 -16.94 29.48
C SER K 69 52.38 -16.79 30.39
N PRO K 70 52.48 -17.25 31.64
CA PRO K 70 51.29 -17.21 32.53
C PRO K 70 50.69 -15.82 32.70
N SER K 71 51.47 -14.76 32.47
CA SER K 71 50.98 -13.40 32.60
C SER K 71 50.63 -12.76 31.26
N GLY K 72 50.64 -13.52 30.17
CA GLY K 72 50.33 -13.00 28.85
C GLY K 72 48.86 -13.06 28.49
N MEN K 73 48.44 -12.21 27.56
CA MEN K 73 47.04 -12.06 27.25
C MEN K 73 46.44 -13.15 26.36
O MEN K 73 45.23 -13.18 26.08
CB MEN K 73 46.76 -10.70 26.58
CG MEN K 73 45.29 -10.31 26.67
OD1 MEN K 73 44.63 -10.09 25.62
ND2 MEN K 73 44.72 -10.20 27.92
CE2 MEN K 73 43.37 -9.83 28.15
HA MEN K 73 46.46 -12.22 28.21
HB2 MEN K 73 47.07 -10.79 25.51
HB3 MEN K 73 47.41 -9.94 27.07
HD2 MEN K 73 45.29 -10.38 28.72
HE21 MEN K 73 42.80 -10.71 28.57
HE22 MEN K 73 42.89 -9.52 27.18
HE23 MEN K 73 43.31 -8.98 28.87
N CYS K 74 47.28 -14.07 25.90
CA CYS K 74 46.80 -15.23 25.14
C CYS K 74 46.96 -16.53 25.95
N TYR K 75 47.27 -16.40 27.23
CA TYR K 75 47.46 -17.57 28.08
C TYR K 75 46.13 -18.23 28.43
N THR K 76 46.11 -19.56 28.36
CA THR K 76 44.93 -20.41 28.49
C THR K 76 44.18 -20.48 27.16
N ASN K 77 43.47 -21.60 26.93
CA ASN K 77 42.68 -21.76 25.72
C ASN K 77 41.59 -20.72 25.62
N ARG K 78 41.01 -20.33 26.76
CA ARG K 78 39.92 -19.35 26.74
C ARG K 78 40.37 -18.06 26.11
N ARG K 79 41.54 -17.55 26.52
CA ARG K 79 42.05 -16.30 25.99
C ARG K 79 42.47 -16.47 24.53
N MET K 80 43.20 -17.54 24.24
CA MET K 80 43.64 -17.77 22.87
C MET K 80 42.45 -17.86 21.91
N ALA K 81 41.39 -18.54 22.34
CA ALA K 81 40.20 -18.65 21.50
C ALA K 81 39.59 -17.28 21.24
N ALA K 82 39.49 -16.45 22.28
CA ALA K 82 38.92 -15.11 22.10
C ALA K 82 39.77 -14.28 21.14
N CYS K 83 41.08 -14.45 21.20
CA CYS K 83 41.96 -13.70 20.32
C CYS K 83 41.81 -14.19 18.88
N LEU K 84 41.85 -15.50 18.67
CA LEU K 84 41.61 -16.03 17.33
C LEU K 84 40.25 -15.60 16.82
N ARG K 85 39.25 -15.55 17.71
CA ARG K 85 37.93 -15.08 17.30
C ARG K 85 38.00 -13.64 16.81
N ASP K 86 38.64 -12.76 17.59
CA ASP K 86 38.75 -11.35 17.19
C ASP K 86 39.51 -11.22 15.89
N GLY K 87 40.59 -11.98 15.72
CA GLY K 87 41.32 -11.93 14.47
C GLY K 87 40.42 -12.25 13.29
N GLU K 88 39.54 -13.25 13.45
CA GLU K 88 38.61 -13.60 12.38
C GLU K 88 37.57 -12.51 12.17
N ILE K 89 37.03 -11.95 13.25
CA ILE K 89 36.07 -10.86 13.11
C ILE K 89 36.67 -9.73 12.30
N ILE K 90 37.91 -9.34 12.63
CA ILE K 90 38.54 -8.22 11.95
C ILE K 90 38.79 -8.55 10.49
N LEU K 91 39.32 -9.75 10.22
CA LEU K 91 39.57 -10.15 8.85
C LEU K 91 38.29 -10.14 8.03
N ARG K 92 37.19 -10.61 8.63
CA ARG K 92 35.96 -10.72 7.85
C ARG K 92 35.37 -9.35 7.55
N TYR K 93 35.43 -8.42 8.50
CA TYR K 93 34.99 -7.06 8.20
C TYR K 93 35.85 -6.42 7.13
N VAL K 94 37.15 -6.73 7.14
CA VAL K 94 38.01 -6.27 6.04
C VAL K 94 37.59 -6.89 4.72
N SER K 95 37.27 -8.19 4.73
CA SER K 95 36.84 -8.82 3.49
C SER K 95 35.53 -8.22 2.98
N TYR K 96 34.66 -7.82 3.90
CA TYR K 96 33.42 -7.16 3.51
C TYR K 96 33.67 -5.75 2.98
N ALA K 97 34.67 -5.06 3.54
CA ALA K 97 35.08 -3.77 2.98
C ALA K 97 35.59 -3.94 1.56
N LEU K 98 36.33 -5.02 1.29
CA LEU K 98 36.83 -5.26 -0.05
C LEU K 98 35.71 -5.66 -0.99
N LEU K 99 34.72 -6.41 -0.48
CA LEU K 99 33.56 -6.74 -1.30
C LEU K 99 32.76 -5.49 -1.63
N SER K 100 32.65 -4.56 -0.67
CA SER K 100 31.83 -3.37 -0.83
C SER K 100 32.54 -2.25 -1.58
N GLY K 101 33.86 -2.20 -1.50
CA GLY K 101 34.63 -1.13 -2.10
C GLY K 101 34.79 0.12 -1.26
N ASP K 102 34.44 0.06 0.03
CA ASP K 102 34.73 1.15 0.95
C ASP K 102 34.75 0.59 2.36
N SER K 103 35.09 1.44 3.33
CA SER K 103 35.35 1.00 4.70
C SER K 103 34.29 1.45 5.69
N SER K 104 33.13 1.89 5.21
CA SER K 104 32.11 2.46 6.09
C SER K 104 31.64 1.45 7.13
N VAL K 105 31.24 0.25 6.68
CA VAL K 105 30.79 -0.76 7.62
C VAL K 105 31.92 -1.19 8.54
N LEU K 106 33.12 -1.34 7.98
CA LEU K 106 34.29 -1.71 8.79
C LEU K 106 34.47 -0.73 9.95
N GLU K 107 34.38 0.57 9.66
CA GLU K 107 34.59 1.56 10.70
C GLU K 107 33.44 1.57 11.70
N ASP K 108 32.21 1.56 11.19
CA ASP K 108 31.05 1.79 12.04
C ASP K 108 30.75 0.57 12.90
N ARG K 109 30.90 -0.63 12.34
CA ARG K 109 30.42 -1.84 13.01
C ARG K 109 31.53 -2.62 13.72
N CYS K 110 32.79 -2.36 13.41
CA CYS K 110 33.91 -3.11 13.99
C CYS K 110 34.89 -2.22 14.73
N LEU K 111 35.39 -1.16 14.08
CA LEU K 111 36.51 -0.40 14.63
C LEU K 111 36.04 0.66 15.62
N ASN K 112 34.92 1.31 15.34
CA ASN K 112 34.45 2.37 16.24
C ASN K 112 34.14 1.77 17.60
N GLY K 113 34.77 2.31 18.64
CA GLY K 113 34.66 1.80 19.99
C GLY K 113 35.55 0.61 20.31
N LEU K 114 36.29 0.08 19.34
CA LEU K 114 37.06 -1.14 19.61
C LEU K 114 38.29 -0.86 20.46
N LYS K 115 38.99 0.25 20.18
CA LYS K 115 40.17 0.58 20.97
C LYS K 115 39.81 0.78 22.44
N GLU K 116 38.72 1.49 22.71
N GLU K 116 38.72 1.47 22.74
CA GLU K 116 38.25 1.65 24.08
CA GLU K 116 38.35 1.63 24.14
C GLU K 116 37.93 0.31 24.71
C GLU K 116 37.91 0.30 24.74
N THR K 117 37.32 -0.60 23.94
CA THR K 117 37.02 -1.93 24.44
C THR K 117 38.29 -2.65 24.88
N TYR K 118 39.30 -2.64 24.00
CA TYR K 118 40.55 -3.31 24.31
C TYR K 118 41.25 -2.68 25.51
N SER K 119 41.14 -1.35 25.66
CA SER K 119 41.78 -0.69 26.80
C SER K 119 41.18 -1.15 28.12
N SER K 120 39.85 -1.24 28.18
CA SER K 120 39.22 -1.66 29.44
C SER K 120 39.50 -3.13 29.72
N LEU K 121 39.73 -3.93 28.69
CA LEU K 121 40.04 -5.34 28.88
C LEU K 121 41.53 -5.59 29.11
N GLY K 122 42.39 -4.64 28.77
CA GLY K 122 43.81 -4.89 28.84
C GLY K 122 44.35 -5.75 27.71
N VAL K 123 43.68 -5.78 26.57
CA VAL K 123 44.18 -6.49 25.39
C VAL K 123 45.33 -5.69 24.80
N PRO K 124 46.54 -6.26 24.71
CA PRO K 124 47.72 -5.44 24.40
C PRO K 124 47.71 -4.90 22.98
N ALA K 125 47.87 -3.57 22.87
CA ALA K 125 47.79 -2.89 21.58
C ALA K 125 49.04 -3.14 20.74
N ASN K 126 50.21 -3.27 21.39
CA ASN K 126 51.41 -3.57 20.62
C ASN K 126 51.31 -4.92 19.94
N SER K 127 50.63 -5.87 20.58
CA SER K 127 50.46 -7.20 20.00
C SER K 127 49.39 -7.20 18.92
N ASN K 128 48.28 -6.50 19.16
CA ASN K 128 47.25 -6.38 18.15
C ASN K 128 47.81 -5.75 16.88
N ALA K 129 48.66 -4.74 17.03
CA ALA K 129 49.23 -4.10 15.85
C ALA K 129 49.97 -5.12 14.98
N ARG K 130 50.72 -6.03 15.60
CA ARG K 130 51.45 -7.03 14.81
C ARG K 130 50.51 -8.07 14.21
N ALA K 131 49.51 -8.52 14.97
CA ALA K 131 48.53 -9.44 14.40
C ALA K 131 47.89 -8.84 13.16
N VAL K 132 47.46 -7.57 13.24
CA VAL K 132 46.82 -6.93 12.09
C VAL K 132 47.80 -6.81 10.93
N SER K 133 49.06 -6.48 11.21
CA SER K 133 50.01 -6.29 10.12
C SER K 133 50.34 -7.60 9.42
N ILE K 134 50.29 -8.73 10.15
CA ILE K 134 50.54 -10.02 9.49
C ILE K 134 49.35 -10.40 8.63
N MET K 135 48.13 -10.24 9.15
CA MET K 135 46.95 -10.51 8.33
C MET K 135 46.99 -9.68 7.05
N LYS K 136 47.41 -8.42 7.16
CA LYS K 136 47.53 -7.57 5.98
C LYS K 136 48.50 -8.17 4.97
N ALA K 137 49.66 -8.63 5.44
CA ALA K 137 50.64 -9.23 4.54
C ALA K 137 50.07 -10.48 3.87
N CYS K 138 49.34 -11.31 4.62
CA CYS K 138 48.69 -12.47 4.03
C CYS K 138 47.75 -12.06 2.90
N ALA K 139 46.83 -11.14 3.19
CA ALA K 139 45.84 -10.73 2.20
C ALA K 139 46.50 -10.13 0.96
N VAL K 140 47.49 -9.26 1.16
CA VAL K 140 48.16 -8.63 0.03
C VAL K 140 48.83 -9.68 -0.84
N ALA K 141 49.43 -10.70 -0.22
CA ALA K 141 50.09 -11.75 -0.99
C ALA K 141 49.09 -12.59 -1.77
N PHE K 142 47.89 -12.81 -1.22
CA PHE K 142 46.89 -13.59 -1.94
C PHE K 142 46.28 -12.80 -3.09
N VAL K 143 46.02 -11.50 -2.88
CA VAL K 143 45.44 -10.70 -3.96
C VAL K 143 46.48 -10.47 -5.05
N ASN K 144 47.63 -9.92 -4.67
CA ASN K 144 48.76 -9.72 -5.60
C ASN K 144 49.67 -10.95 -5.59
N ASN K 145 49.06 -12.09 -5.90
CA ASN K 145 49.78 -13.36 -5.93
C ASN K 145 50.65 -13.46 -7.18
N THR K 146 51.96 -13.44 -6.99
CA THR K 146 52.93 -13.52 -8.08
C THR K 146 53.30 -14.96 -8.44
N ALA K 147 52.51 -15.94 -7.99
CA ALA K 147 52.79 -17.33 -8.31
C ALA K 147 52.64 -17.56 -9.82
N SER K 148 53.15 -18.70 -10.27
CA SER K 148 52.98 -19.07 -11.67
C SER K 148 51.52 -19.43 -11.96
N GLN K 149 51.16 -19.30 -13.23
CA GLN K 149 49.80 -19.66 -13.65
C GLN K 149 49.42 -21.05 -13.20
N ARG K 150 50.36 -22.00 -13.30
N ARG K 150 50.35 -22.01 -13.30
CA ARG K 150 50.09 -23.38 -12.92
CA ARG K 150 50.05 -23.38 -12.92
C ARG K 150 49.63 -23.49 -11.47
C ARG K 150 49.62 -23.50 -11.47
N LYS K 151 49.97 -22.52 -10.62
CA LYS K 151 49.65 -22.56 -9.20
C LYS K 151 48.52 -21.60 -8.83
N LEU K 152 47.80 -21.08 -9.81
CA LEU K 152 46.71 -20.15 -9.60
C LEU K 152 45.39 -20.76 -10.08
N SER K 153 44.34 -20.59 -9.27
CA SER K 153 42.99 -20.97 -9.66
C SER K 153 42.28 -19.89 -10.47
N THR K 154 42.95 -18.80 -10.78
CA THR K 154 42.39 -17.66 -11.49
C THR K 154 43.29 -17.31 -12.66
N PRO K 155 42.77 -16.59 -13.66
CA PRO K 155 43.63 -16.13 -14.75
C PRO K 155 44.71 -15.19 -14.22
N GLN K 156 45.93 -15.40 -14.69
CA GLN K 156 47.05 -14.58 -14.25
C GLN K 156 46.85 -13.15 -14.75
N GLY K 157 47.03 -12.18 -13.86
CA GLY K 157 46.82 -10.80 -14.22
C GLY K 157 47.28 -9.87 -13.13
N ASP K 158 46.97 -8.59 -13.31
CA ASP K 158 47.40 -7.53 -12.42
C ASP K 158 46.28 -7.18 -11.46
N CYS K 159 46.49 -7.49 -10.18
CA CYS K 159 45.56 -7.15 -9.12
C CYS K 159 46.20 -6.20 -8.10
N SER K 160 47.22 -5.44 -8.55
CA SER K 160 47.96 -4.58 -7.63
C SER K 160 47.08 -3.49 -7.05
N ALA K 161 46.12 -2.99 -7.83
CA ALA K 161 45.20 -1.99 -7.31
C ALA K 161 44.34 -2.56 -6.18
N LEU K 162 43.79 -3.75 -6.40
CA LEU K 162 42.97 -4.36 -5.35
C LEU K 162 43.81 -4.68 -4.12
N ALA K 163 45.06 -5.09 -4.32
CA ALA K 163 45.94 -5.35 -3.18
C ALA K 163 46.20 -4.08 -2.39
N SER K 164 46.39 -2.96 -3.07
CA SER K 164 46.59 -1.70 -2.37
CA SER K 164 46.59 -1.69 -2.38
C SER K 164 45.35 -1.29 -1.61
N GLU K 165 44.17 -1.54 -2.17
CA GLU K 165 42.92 -1.19 -1.51
C GLU K 165 42.75 -1.99 -0.21
N VAL K 166 42.94 -3.31 -0.29
CA VAL K 166 42.76 -4.11 0.93
C VAL K 166 43.83 -3.73 1.94
N ALA K 167 45.03 -3.37 1.47
CA ALA K 167 46.07 -2.91 2.40
C ALA K 167 45.59 -1.66 3.14
N GLY K 168 44.90 -0.76 2.44
CA GLY K 168 44.39 0.45 3.09
C GLY K 168 43.35 0.15 4.15
N TYR K 169 42.53 -0.87 3.94
CA TYR K 169 41.55 -1.24 4.96
C TYR K 169 42.24 -1.76 6.22
N PHE K 170 43.28 -2.57 6.05
CA PHE K 170 44.03 -3.02 7.23
C PHE K 170 44.68 -1.84 7.94
N ASP K 171 45.18 -0.86 7.18
CA ASP K 171 45.79 0.30 7.83
C ASP K 171 44.77 1.07 8.66
N LYS K 172 43.52 1.11 8.22
CA LYS K 172 42.50 1.75 9.04
C LYS K 172 42.29 0.97 10.33
N VAL K 173 42.37 -0.36 10.27
CA VAL K 173 42.31 -1.17 11.49
C VAL K 173 43.45 -0.78 12.42
N SER K 174 44.69 -0.78 11.90
CA SER K 174 45.85 -0.48 12.72
C SER K 174 45.74 0.91 13.36
N ALA K 175 45.33 1.91 12.58
CA ALA K 175 45.18 3.24 13.14
C ALA K 175 44.11 3.28 14.22
N ALA K 176 43.06 2.46 14.06
CA ALA K 176 41.94 2.51 14.99
C ALA K 176 42.31 1.92 16.34
N ILE K 177 43.02 0.80 16.37
CA ILE K 177 43.33 0.11 17.61
C ILE K 177 44.80 0.26 17.99
N GLY K 178 45.56 1.06 17.28
CA GLY K 178 46.95 1.30 17.61
C GLY K 178 47.08 2.20 18.83
N ALA L 1 29.48 2.28 16.18
CA ALA L 1 30.32 1.56 17.18
C ALA L 1 29.97 0.08 17.16
N ASP L 2 30.93 -0.76 17.51
CA ASP L 2 30.67 -2.20 17.54
C ASP L 2 29.65 -2.52 18.63
N ASP L 3 28.90 -3.60 18.42
CA ASP L 3 27.86 -4.02 19.36
C ASP L 3 28.34 -5.12 20.31
N LYS L 4 29.60 -5.54 20.19
CA LYS L 4 30.21 -6.55 21.05
C LYS L 4 29.50 -7.89 20.98
N SER L 5 28.74 -8.13 19.91
CA SER L 5 28.03 -9.40 19.75
C SER L 5 28.94 -10.54 19.31
N GLY L 6 30.16 -10.24 18.86
CA GLY L 6 31.03 -11.26 18.31
C GLY L 6 30.65 -11.70 16.92
N LYS L 7 29.75 -10.99 16.25
CA LYS L 7 29.30 -11.33 14.90
C LYS L 7 30.15 -10.61 13.86
N ALA L 8 30.16 -11.18 12.65
CA ALA L 8 30.87 -10.57 11.54
C ALA L 8 30.30 -11.13 10.25
N PRO L 9 30.49 -10.42 9.13
CA PRO L 9 29.96 -10.91 7.85
C PRO L 9 30.78 -12.05 7.29
N VAL L 10 30.17 -13.23 7.18
CA VAL L 10 30.79 -14.39 6.57
C VAL L 10 30.42 -14.43 5.09
N ILE L 11 31.43 -14.28 4.24
CA ILE L 11 31.24 -14.26 2.78
C ILE L 11 31.67 -15.61 2.23
N THR L 12 30.83 -16.20 1.40
CA THR L 12 31.16 -17.40 0.64
C THR L 12 31.01 -17.07 -0.84
N VAL L 13 32.05 -17.35 -1.63
CA VAL L 13 32.09 -17.03 -3.05
C VAL L 13 32.00 -18.32 -3.85
N PHE L 14 30.95 -18.44 -4.68
CA PHE L 14 30.72 -19.64 -5.49
C PHE L 14 30.91 -19.32 -6.97
N ASP L 15 32.16 -19.43 -7.46
CA ASP L 15 32.37 -19.42 -8.91
C ASP L 15 32.21 -20.86 -9.38
N HIS L 16 30.97 -21.24 -9.66
CA HIS L 16 30.65 -22.63 -10.00
C HIS L 16 30.29 -22.78 -11.48
N ARG L 17 30.93 -21.99 -12.34
CA ARG L 17 30.79 -22.18 -13.78
C ARG L 17 31.18 -23.60 -14.14
N GLY L 18 30.35 -24.25 -14.96
CA GLY L 18 30.58 -25.62 -15.38
C GLY L 18 30.17 -26.67 -14.37
N CYS L 19 29.60 -26.26 -13.24
CA CYS L 19 29.21 -27.19 -12.19
C CYS L 19 27.91 -27.88 -12.54
N GLN L 20 27.87 -29.20 -12.36
CA GLN L 20 26.62 -29.96 -12.39
C GLN L 20 26.38 -30.40 -10.95
N ARG L 21 25.63 -29.56 -10.23
CA ARG L 21 25.41 -29.75 -8.80
C ARG L 21 24.59 -30.99 -8.48
N GLY L 22 23.83 -31.51 -9.44
CA GLY L 22 22.92 -32.61 -9.19
C GLY L 22 21.61 -32.21 -8.55
N GLY L 23 21.44 -30.94 -8.22
CA GLY L 23 20.20 -30.44 -7.66
C GLY L 23 19.99 -28.99 -8.03
N PRO L 24 18.78 -28.48 -7.83
CA PRO L 24 18.47 -27.12 -8.27
C PRO L 24 19.26 -26.08 -7.49
N ASP L 25 19.46 -24.93 -8.14
CA ASP L 25 20.06 -23.75 -7.52
C ASP L 25 18.91 -22.87 -7.02
N ARG L 26 18.54 -23.04 -5.76
CA ARG L 26 17.39 -22.35 -5.19
C ARG L 26 17.75 -21.24 -4.20
N GLU L 27 19.03 -21.08 -3.85
CA GLU L 27 19.40 -20.11 -2.83
C GLU L 27 19.19 -18.69 -3.34
N TYR L 28 19.71 -18.38 -4.52
CA TYR L 28 19.50 -17.07 -5.13
C TYR L 28 18.06 -16.94 -5.62
N LYS L 29 17.38 -15.90 -5.15
CA LYS L 29 15.95 -15.72 -5.41
C LYS L 29 15.65 -14.66 -6.45
N GLY L 30 16.67 -14.04 -7.06
CA GLY L 30 16.48 -13.00 -8.05
C GLY L 30 16.29 -13.56 -9.44
N LYS L 31 16.38 -12.67 -10.43
CA LYS L 31 16.12 -13.03 -11.81
C LYS L 31 17.40 -13.51 -12.49
N LYS L 32 17.22 -14.24 -13.59
CA LYS L 32 18.35 -14.79 -14.33
C LYS L 32 19.07 -13.70 -15.12
N ALA L 33 20.39 -13.85 -15.23
CA ALA L 33 21.15 -13.01 -16.14
C ALA L 33 21.17 -13.55 -17.57
N ASN L 34 20.81 -14.83 -17.75
CA ASN L 34 20.91 -15.50 -19.05
C ASN L 34 22.34 -15.48 -19.56
N GLY L 35 23.26 -15.88 -18.67
CA GLY L 35 24.67 -15.91 -18.96
C GLY L 35 25.44 -16.61 -17.85
N PRO L 36 26.77 -16.57 -17.92
CA PRO L 36 27.57 -17.30 -16.92
C PRO L 36 27.33 -16.82 -15.49
N ASP L 37 26.85 -15.60 -15.28
CA ASP L 37 26.55 -15.15 -13.93
C ASP L 37 25.47 -16.01 -13.28
N ASP L 38 24.70 -16.76 -14.08
CA ASP L 38 23.73 -17.70 -13.52
C ASP L 38 24.40 -18.93 -12.91
N GLU L 39 25.70 -19.10 -13.13
CA GLU L 39 26.45 -20.21 -12.56
C GLU L 39 27.31 -19.78 -11.38
N MET L 40 27.23 -18.52 -10.98
CA MET L 40 28.06 -17.98 -9.91
C MET L 40 27.18 -17.27 -8.91
N CYS L 41 27.67 -17.19 -7.68
CA CYS L 41 26.85 -16.62 -6.62
C CYS L 41 27.75 -16.18 -5.46
N VAL L 42 27.32 -15.13 -4.79
CA VAL L 42 27.94 -14.64 -3.56
C VAL L 42 26.94 -14.84 -2.43
N LYS L 43 27.43 -15.34 -1.30
CA LYS L 43 26.64 -15.49 -0.09
C LYS L 43 27.26 -14.61 0.98
N VAL L 44 26.42 -13.83 1.67
CA VAL L 44 26.85 -12.99 2.77
C VAL L 44 25.91 -13.23 3.94
N GLN L 45 26.48 -13.53 5.11
CA GLN L 45 25.68 -13.77 6.30
C GLN L 45 26.42 -13.26 7.53
N SER L 46 25.74 -12.44 8.32
CA SER L 46 26.29 -12.02 9.60
C SER L 46 26.09 -13.14 10.62
N ALA L 47 27.20 -13.68 11.14
CA ALA L 47 27.14 -14.84 12.01
C ALA L 47 28.08 -14.64 13.20
N LYS L 48 27.71 -15.23 14.32
CA LYS L 48 28.58 -15.26 15.50
C LYS L 48 29.82 -16.09 15.22
N ILE L 49 30.99 -15.48 15.42
CA ILE L 49 32.26 -16.14 15.19
C ILE L 49 32.63 -16.92 16.45
N ALA L 50 32.97 -18.18 16.28
CA ALA L 50 33.26 -19.07 17.40
C ALA L 50 34.54 -19.85 17.13
N VAL L 51 35.39 -19.95 18.15
CA VAL L 51 36.65 -20.68 18.09
C VAL L 51 36.65 -21.73 19.18
N SER L 52 36.89 -22.98 18.80
CA SER L 52 36.82 -24.08 19.74
C SER L 52 38.10 -24.15 20.58
N ALA L 53 38.00 -24.86 21.70
CA ALA L 53 39.17 -25.13 22.53
C ALA L 53 40.20 -25.98 21.79
N THR L 54 39.74 -26.93 20.97
CA THR L 54 40.66 -27.74 20.18
C THR L 54 41.49 -26.86 19.25
N THR L 55 40.84 -25.92 18.56
CA THR L 55 41.57 -25.01 17.69
C THR L 55 42.56 -24.17 18.48
N ALA L 56 42.13 -23.62 19.62
CA ALA L 56 43.05 -22.84 20.45
C ALA L 56 44.22 -23.69 20.90
N ASP L 57 43.95 -24.91 21.34
CA ASP L 57 45.04 -25.81 21.71
CA ASP L 57 45.03 -25.82 21.72
C ASP L 57 45.96 -26.07 20.53
N SER L 58 45.41 -26.23 19.34
CA SER L 58 46.22 -26.53 18.16
C SER L 58 47.14 -25.36 17.81
N VAL L 59 46.63 -24.14 17.87
CA VAL L 59 47.47 -22.98 17.56
C VAL L 59 48.59 -22.86 18.58
N LEU L 60 48.27 -23.06 19.86
CA LEU L 60 49.30 -22.99 20.90
C LEU L 60 50.37 -24.06 20.68
N GLN L 61 49.94 -25.28 20.36
CA GLN L 61 50.90 -26.38 20.25
C GLN L 61 51.82 -26.20 19.04
N GLN L 62 51.34 -25.54 17.98
CA GLN L 62 52.14 -25.27 16.80
C GLN L 62 52.90 -23.96 16.88
N THR L 63 52.60 -23.14 17.90
CA THR L 63 53.30 -21.89 18.13
C THR L 63 54.44 -22.06 19.11
N ILE L 64 54.22 -22.84 20.17
CA ILE L 64 55.24 -22.98 21.21
C ILE L 64 56.50 -23.62 20.66
N SER L 65 56.39 -24.38 19.56
CA SER L 65 57.52 -25.07 18.97
C SER L 65 58.30 -24.21 17.98
N THR L 66 57.88 -22.95 17.74
CA THR L 66 58.60 -22.08 16.82
C THR L 66 58.97 -20.75 17.45
N LEU L 67 58.87 -20.61 18.77
CA LEU L 67 59.22 -19.36 19.44
C LEU L 67 60.64 -18.92 19.07
N TYR L 68 60.80 -17.62 18.84
CA TYR L 68 62.13 -17.05 18.56
C TYR L 68 63.11 -17.51 19.62
N ARG L 69 64.35 -17.74 19.21
CA ARG L 69 65.38 -18.29 20.07
C ARG L 69 66.71 -17.61 19.79
N LYS L 70 67.71 -17.96 20.60
CA LYS L 70 69.08 -17.50 20.41
C LYS L 70 69.85 -18.46 19.52
N ALA M 2 -24.83 -1.73 1.09
CA ALA M 2 -25.51 -1.39 -0.16
C ALA M 2 -26.50 -0.25 0.04
N LEU M 3 -26.51 0.71 -0.88
CA LEU M 3 -27.36 1.89 -0.76
C LEU M 3 -27.63 2.48 -2.14
N ASP M 4 -28.91 2.65 -2.47
CA ASP M 4 -29.34 3.41 -3.65
C ASP M 4 -29.30 4.89 -3.26
N ALA M 5 -28.15 5.52 -3.50
CA ALA M 5 -27.87 6.83 -2.93
C ALA M 5 -28.26 7.99 -3.83
N PHE M 6 -28.44 7.76 -5.14
CA PHE M 6 -28.65 8.83 -6.11
C PHE M 6 -30.03 8.75 -6.76
N SER M 7 -30.98 8.08 -6.12
CA SER M 7 -32.31 7.94 -6.71
C SER M 7 -33.01 9.28 -6.91
N LYS M 8 -32.60 10.32 -6.18
CA LYS M 8 -33.22 11.64 -6.33
C LYS M 8 -32.95 12.25 -7.70
N ALA M 15 -33.64 17.34 -14.00
CA ALA M 15 -32.65 16.41 -14.56
C ALA M 15 -31.23 16.78 -14.15
N LYS M 16 -31.07 17.24 -12.91
CA LYS M 16 -29.81 17.78 -12.43
C LYS M 16 -28.91 16.68 -11.90
N ALA M 17 -27.61 16.98 -11.83
CA ALA M 17 -26.61 16.01 -11.42
C ALA M 17 -26.32 16.10 -9.93
N ALA M 18 -26.04 14.96 -9.33
CA ALA M 18 -25.65 14.89 -7.93
C ALA M 18 -24.14 14.73 -7.82
N TYR M 19 -23.55 15.42 -6.84
CA TYR M 19 -22.11 15.40 -6.61
C TYR M 19 -21.86 14.96 -5.17
N VAL M 20 -21.07 13.91 -5.00
CA VAL M 20 -20.77 13.33 -3.70
C VAL M 20 -19.26 13.34 -3.53
N GLY M 21 -18.75 14.25 -2.70
CA GLY M 21 -17.35 14.31 -2.36
C GLY M 21 -17.18 14.58 -0.88
N GLY M 22 -15.94 14.80 -0.44
CA GLY M 22 -15.70 15.21 0.93
C GLY M 22 -16.38 14.30 1.94
N ALA M 23 -17.12 14.92 2.86
CA ALA M 23 -17.74 14.16 3.96
C ALA M 23 -18.78 13.18 3.44
N ASP M 24 -19.61 13.62 2.49
CA ASP M 24 -20.63 12.72 1.95
C ASP M 24 -19.99 11.49 1.31
N LEU M 25 -18.87 11.68 0.62
CA LEU M 25 -18.18 10.56 -0.01
C LEU M 25 -17.57 9.63 1.03
N GLN M 26 -16.94 10.20 2.05
CA GLN M 26 -16.41 9.40 3.14
C GLN M 26 -17.50 8.52 3.75
N ALA M 27 -18.70 9.06 3.92
CA ALA M 27 -19.82 8.28 4.45
C ALA M 27 -20.31 7.25 3.43
N LEU M 28 -20.43 7.65 2.17
CA LEU M 28 -20.90 6.74 1.13
C LEU M 28 -20.07 5.48 1.08
N LYS M 29 -18.74 5.61 1.17
CA LYS M 29 -17.88 4.44 1.08
C LYS M 29 -18.00 3.52 2.28
N LYS M 30 -18.60 3.99 3.38
CA LYS M 30 -18.93 3.09 4.48
C LYS M 30 -20.27 2.38 4.26
N PHE M 31 -21.14 2.94 3.43
CA PHE M 31 -22.47 2.38 3.20
C PHE M 31 -22.49 1.35 2.09
N ILE M 32 -21.49 1.34 1.22
CA ILE M 32 -21.31 0.30 0.23
C ILE M 32 -20.09 -0.51 0.65
N SER M 33 -20.10 -1.80 0.36
CA SER M 33 -18.98 -2.64 0.76
C SER M 33 -17.75 -2.33 -0.10
N GLU M 34 -16.57 -2.36 0.54
CA GLU M 34 -15.30 -2.15 -0.16
C GLU M 34 -15.32 -0.85 -0.96
N GLY M 35 -15.65 0.24 -0.25
CA GLY M 35 -15.96 1.49 -0.92
C GLY M 35 -14.91 1.94 -1.92
N ASN M 36 -13.65 2.00 -1.49
CA ASN M 36 -12.60 2.47 -2.38
C ASN M 36 -12.45 1.54 -3.58
N LYS M 37 -12.32 0.24 -3.33
CA LYS M 37 -12.18 -0.72 -4.41
C LYS M 37 -13.39 -0.67 -5.33
N ARG M 38 -14.59 -0.54 -4.76
CA ARG M 38 -15.81 -0.51 -5.56
C ARG M 38 -15.80 0.67 -6.54
N LEU M 39 -15.37 1.84 -6.08
CA LEU M 39 -15.34 3.01 -6.98
C LEU M 39 -14.29 2.83 -8.06
N ASP M 40 -13.15 2.21 -7.75
CA ASP M 40 -12.20 1.86 -8.79
C ASP M 40 -12.83 0.93 -9.80
N ALA M 41 -13.54 -0.10 -9.33
CA ALA M 41 -14.15 -1.07 -10.24
C ALA M 41 -15.17 -0.40 -11.15
N VAL M 42 -16.05 0.43 -10.57
CA VAL M 42 -16.99 1.19 -11.39
C VAL M 42 -16.25 2.06 -12.39
N ASN M 43 -15.19 2.73 -11.96
CA ASN M 43 -14.48 3.63 -12.85
C ASN M 43 -13.82 2.87 -13.99
N SER M 44 -13.31 1.67 -13.71
CA SER M 44 -12.65 0.90 -14.76
C SER M 44 -13.63 0.47 -15.84
N ILE M 45 -14.91 0.34 -15.51
CA ILE M 45 -15.91 0.00 -16.50
C ILE M 45 -16.41 1.23 -17.24
N VAL M 46 -16.82 2.26 -16.50
CA VAL M 46 -17.46 3.42 -17.12
CA VAL M 46 -17.46 3.40 -17.15
C VAL M 46 -16.46 4.18 -18.00
N SER M 47 -15.20 4.25 -17.58
CA SER M 47 -14.18 4.91 -18.39
C SER M 47 -13.87 4.14 -19.67
N ASN M 48 -14.37 2.91 -19.80
CA ASN M 48 -14.22 2.12 -21.02
C ASN M 48 -15.57 1.82 -21.66
N ALA M 49 -16.59 2.64 -21.37
CA ALA M 49 -17.95 2.31 -21.77
C ALA M 49 -18.11 2.25 -23.29
N SER M 50 -17.53 3.22 -24.01
CA SER M 50 -17.70 3.23 -25.46
C SER M 50 -17.11 1.98 -26.10
N CYS M 51 -15.93 1.55 -25.65
CA CYS M 51 -15.32 0.37 -26.23
C CYS M 51 -16.10 -0.88 -25.87
N ILE M 52 -16.58 -0.97 -24.63
CA ILE M 52 -17.34 -2.14 -24.22
C ILE M 52 -18.55 -2.36 -25.11
N VAL M 53 -19.34 -1.30 -25.33
CA VAL M 53 -20.54 -1.43 -26.14
C VAL M 53 -20.18 -1.74 -27.58
N SER M 54 -19.24 -0.99 -28.15
CA SER M 54 -18.82 -1.24 -29.52
C SER M 54 -18.32 -2.68 -29.70
N ASP M 55 -17.51 -3.16 -28.76
CA ASP M 55 -16.99 -4.52 -28.87
C ASP M 55 -18.12 -5.55 -28.77
N ALA M 56 -19.10 -5.32 -27.89
CA ALA M 56 -20.16 -6.31 -27.73
C ALA M 56 -21.08 -6.33 -28.94
N VAL M 57 -21.42 -5.17 -29.49
CA VAL M 57 -22.28 -5.12 -30.67
C VAL M 57 -21.53 -5.65 -31.89
N SER M 58 -20.26 -5.29 -32.04
CA SER M 58 -19.48 -5.83 -33.15
C SER M 58 -19.34 -7.34 -33.03
N GLY M 59 -19.11 -7.85 -31.82
CA GLY M 59 -18.99 -9.28 -31.64
C GLY M 59 -20.31 -9.99 -31.92
N MET M 60 -21.41 -9.41 -31.43
CA MET M 60 -22.73 -9.91 -31.79
C MET M 60 -22.90 -10.01 -33.30
N ILE M 61 -22.47 -8.98 -34.03
CA ILE M 61 -22.69 -8.95 -35.47
C ILE M 61 -21.73 -9.90 -36.18
N CYS M 62 -20.45 -9.92 -35.79
CA CYS M 62 -19.52 -10.79 -36.51
C CYS M 62 -19.83 -12.26 -36.27
N GLU M 63 -20.52 -12.60 -35.18
CA GLU M 63 -20.98 -13.98 -35.00
C GLU M 63 -22.24 -14.27 -35.81
N ASN M 64 -22.99 -13.23 -36.18
CA ASN M 64 -24.24 -13.39 -36.92
C ASN M 64 -24.28 -12.29 -37.98
N PRO M 65 -23.50 -12.44 -39.05
CA PRO M 65 -23.40 -11.35 -40.05
C PRO M 65 -24.75 -10.89 -40.58
N SER M 66 -25.75 -11.78 -40.63
CA SER M 66 -27.05 -11.42 -41.17
C SER M 66 -27.75 -10.33 -40.37
N LEU M 67 -27.25 -10.00 -39.18
CA LEU M 67 -27.89 -8.94 -38.39
C LEU M 67 -27.89 -7.60 -39.12
N ILE M 68 -26.94 -7.36 -40.01
CA ILE M 68 -26.91 -6.13 -40.79
C ILE M 68 -27.22 -6.38 -42.26
N SER M 69 -27.70 -7.58 -42.61
CA SER M 69 -28.30 -7.82 -43.90
C SER M 69 -29.68 -7.16 -43.95
N PRO M 70 -30.27 -7.05 -45.14
CA PRO M 70 -31.58 -6.37 -45.25
C PRO M 70 -32.67 -6.97 -44.37
N SER M 71 -32.55 -8.23 -43.96
CA SER M 71 -33.55 -8.85 -43.10
C SER M 71 -33.09 -8.90 -41.65
N GLY M 72 -31.95 -8.28 -41.32
CA GLY M 72 -31.43 -8.28 -39.97
C GLY M 72 -31.95 -7.14 -39.13
N MEN M 73 -31.94 -7.33 -37.81
CA MEN M 73 -32.56 -6.39 -36.92
C MEN M 73 -31.75 -5.12 -36.67
O MEN M 73 -32.22 -4.13 -36.13
CB MEN M 73 -32.87 -7.01 -35.54
CG MEN M 73 -33.90 -6.20 -34.80
OD1 MEN M 73 -33.64 -5.74 -33.65
ND2 MEN M 73 -35.11 -5.95 -35.40
CE2 MEN M 73 -36.16 -5.19 -34.80
HA MEN M 73 -33.49 -5.98 -37.43
HB2 MEN M 73 -31.91 -7.08 -34.97
HB3 MEN M 73 -33.24 -8.06 -35.72
HD2 MEN M 73 -35.28 -6.32 -36.31
HE21 MEN M 73 -37.04 -5.84 -34.60
HE22 MEN M 73 -36.46 -4.35 -35.49
HE23 MEN M 73 -35.79 -4.75 -33.82
N CYS M 74 -30.49 -5.14 -37.09
CA CYS M 74 -29.65 -3.95 -36.99
C CYS M 74 -29.51 -3.24 -38.34
N TYR M 75 -30.32 -3.66 -39.32
CA TYR M 75 -30.25 -3.08 -40.65
C TYR M 75 -30.84 -1.67 -40.64
N THR M 76 -30.18 -0.76 -41.37
CA THR M 76 -30.48 0.67 -41.40
C THR M 76 -29.80 1.38 -40.23
N ASN M 77 -29.45 2.65 -40.44
CA ASN M 77 -28.80 3.43 -39.39
C ASN M 77 -29.71 3.59 -38.18
N ARG M 78 -31.01 3.73 -38.41
CA ARG M 78 -31.95 3.92 -37.30
C ARG M 78 -31.88 2.75 -36.33
N ARG M 79 -31.92 1.52 -36.85
CA ARG M 79 -31.91 0.34 -35.98
C ARG M 79 -30.56 0.16 -35.30
N MET M 80 -29.46 0.31 -36.06
CA MET M 80 -28.15 0.17 -35.46
C MET M 80 -27.98 1.19 -34.33
N ALA M 81 -28.49 2.41 -34.52
CA ALA M 81 -28.42 3.41 -33.48
C ALA M 81 -29.21 2.99 -32.25
N ALA M 82 -30.42 2.45 -32.46
CA ALA M 82 -31.21 2.00 -31.32
C ALA M 82 -30.51 0.88 -30.58
N CYS M 83 -29.83 -0.01 -31.32
CA CYS M 83 -29.15 -1.12 -30.68
C CYS M 83 -27.92 -0.64 -29.92
N LEU M 84 -27.10 0.21 -30.54
CA LEU M 84 -25.96 0.80 -29.84
C LEU M 84 -26.42 1.55 -28.60
N ARG M 85 -27.55 2.25 -28.71
CA ARG M 85 -28.11 2.95 -27.56
C ARG M 85 -28.47 1.99 -26.45
N ASP M 86 -29.21 0.93 -26.77
CA ASP M 86 -29.65 -0.02 -25.75
C ASP M 86 -28.46 -0.66 -25.05
N GLY M 87 -27.44 -1.04 -25.82
CA GLY M 87 -26.24 -1.60 -25.21
C GLY M 87 -25.65 -0.66 -24.18
N GLU M 88 -25.59 0.63 -24.50
CA GLU M 88 -25.08 1.59 -23.53
C GLU M 88 -26.03 1.72 -22.34
N ILE M 89 -27.34 1.82 -22.60
CA ILE M 89 -28.30 1.93 -21.51
C ILE M 89 -28.15 0.78 -20.54
N ILE M 90 -28.06 -0.44 -21.05
CA ILE M 90 -27.95 -1.61 -20.18
C ILE M 90 -26.65 -1.57 -19.41
N LEU M 91 -25.54 -1.24 -20.08
CA LEU M 91 -24.26 -1.19 -19.40
C LEU M 91 -24.27 -0.17 -18.26
N ARG M 92 -24.89 0.99 -18.49
CA ARG M 92 -24.87 2.03 -17.47
C ARG M 92 -25.71 1.63 -16.26
N TYR M 93 -26.87 1.00 -16.48
CA TYR M 93 -27.64 0.52 -15.33
C TYR M 93 -26.87 -0.55 -14.58
N VAL M 94 -26.12 -1.39 -15.29
CA VAL M 94 -25.27 -2.35 -14.59
C VAL M 94 -24.20 -1.62 -13.77
N SER M 95 -23.61 -0.56 -14.35
CA SER M 95 -22.58 0.17 -13.61
C SER M 95 -23.16 0.85 -12.37
N TYR M 96 -24.42 1.30 -12.42
CA TYR M 96 -25.04 1.87 -11.24
C TYR M 96 -25.37 0.80 -10.20
N ALA M 97 -25.70 -0.41 -10.64
CA ALA M 97 -25.88 -1.50 -9.69
C ALA M 97 -24.58 -1.76 -8.93
N LEU M 98 -23.44 -1.69 -9.63
CA LEU M 98 -22.16 -1.91 -8.97
C LEU M 98 -21.81 -0.75 -8.05
N LEU M 99 -22.17 0.49 -8.44
CA LEU M 99 -21.94 1.62 -7.56
C LEU M 99 -22.78 1.52 -6.29
N SER M 100 -24.04 1.10 -6.44
CA SER M 100 -24.96 0.97 -5.31
C SER M 100 -24.70 -0.26 -4.48
N GLY M 101 -24.19 -1.32 -5.09
CA GLY M 101 -24.04 -2.60 -4.42
C GLY M 101 -25.26 -3.49 -4.42
N ASP M 102 -26.28 -3.17 -5.22
CA ASP M 102 -27.43 -4.07 -5.37
C ASP M 102 -28.11 -3.78 -6.71
N SER M 103 -29.14 -4.56 -7.02
CA SER M 103 -29.76 -4.58 -8.35
C SER M 103 -31.18 -4.02 -8.35
N SER M 104 -31.58 -3.30 -7.30
CA SER M 104 -32.97 -2.84 -7.22
C SER M 104 -33.32 -1.90 -8.38
N VAL M 105 -32.50 -0.88 -8.60
CA VAL M 105 -32.75 0.04 -9.70
C VAL M 105 -32.56 -0.67 -11.04
N LEU M 106 -31.58 -1.56 -11.15
CA LEU M 106 -31.38 -2.31 -12.38
C LEU M 106 -32.65 -3.06 -12.79
N GLU M 107 -33.29 -3.74 -11.83
CA GLU M 107 -34.51 -4.48 -12.13
C GLU M 107 -35.66 -3.54 -12.41
N ASP M 108 -35.86 -2.53 -11.56
CA ASP M 108 -37.09 -1.76 -11.58
C ASP M 108 -37.14 -0.79 -12.75
N ARG M 109 -36.02 -0.16 -13.10
CA ARG M 109 -36.01 0.92 -14.06
C ARG M 109 -35.44 0.52 -15.42
N CYS M 110 -34.94 -0.71 -15.57
CA CYS M 110 -34.35 -1.14 -16.83
C CYS M 110 -34.93 -2.48 -17.30
N LEU M 111 -34.88 -3.50 -16.45
CA LEU M 111 -35.17 -4.86 -16.89
C LEU M 111 -36.65 -5.23 -16.84
N ASN M 112 -37.38 -4.78 -15.83
CA ASN M 112 -38.79 -5.16 -15.73
CA ASN M 112 -38.79 -5.16 -15.73
C ASN M 112 -39.56 -4.62 -16.93
N GLY M 113 -40.26 -5.51 -17.62
CA GLY M 113 -40.99 -5.18 -18.82
C GLY M 113 -40.15 -5.12 -20.07
N LEU M 114 -38.84 -5.32 -19.96
CA LEU M 114 -37.97 -5.15 -21.12
C LEU M 114 -38.09 -6.31 -22.11
N LYS M 115 -38.18 -7.55 -21.62
CA LYS M 115 -38.35 -8.68 -22.53
C LYS M 115 -39.62 -8.54 -23.35
N GLU M 116 -40.71 -8.10 -22.70
CA GLU M 116 -41.97 -7.92 -23.43
CA GLU M 116 -41.97 -7.91 -23.42
C GLU M 116 -41.81 -6.88 -24.53
N THR M 117 -41.07 -5.81 -24.27
CA THR M 117 -40.84 -4.80 -25.30
C THR M 117 -40.06 -5.39 -26.47
N TYR M 118 -38.96 -6.09 -26.19
CA TYR M 118 -38.17 -6.69 -27.25
C TYR M 118 -38.97 -7.75 -27.99
N SER M 119 -39.84 -8.47 -27.29
CA SER M 119 -40.68 -9.48 -27.95
C SER M 119 -41.62 -8.82 -28.95
N SER M 120 -42.22 -7.70 -28.55
CA SER M 120 -43.17 -7.01 -29.42
C SER M 120 -42.48 -6.36 -30.61
N LEU M 121 -41.22 -5.96 -30.46
CA LEU M 121 -40.46 -5.35 -31.55
C LEU M 121 -39.78 -6.39 -32.45
N GLY M 122 -39.65 -7.62 -31.98
CA GLY M 122 -38.88 -8.61 -32.71
C GLY M 122 -37.39 -8.45 -32.59
N VAL M 123 -36.91 -7.82 -31.51
CA VAL M 123 -35.48 -7.70 -31.24
C VAL M 123 -34.98 -9.09 -30.84
N PRO M 124 -34.03 -9.69 -31.57
CA PRO M 124 -33.71 -11.10 -31.34
C PRO M 124 -33.03 -11.31 -30.00
N ALA M 125 -33.59 -12.25 -29.22
CA ALA M 125 -33.09 -12.51 -27.87
C ALA M 125 -31.77 -13.26 -27.88
N ASN M 126 -31.60 -14.19 -28.83
CA ASN M 126 -30.34 -14.92 -28.89
C ASN M 126 -29.18 -13.99 -29.23
N SER M 127 -29.43 -12.95 -30.02
CA SER M 127 -28.39 -11.97 -30.34
C SER M 127 -28.17 -11.01 -29.17
N ASN M 128 -29.24 -10.59 -28.50
CA ASN M 128 -29.07 -9.79 -27.28
C ASN M 128 -28.25 -10.54 -26.25
N ALA M 129 -28.48 -11.85 -26.12
CA ALA M 129 -27.74 -12.64 -25.14
C ALA M 129 -26.24 -12.56 -25.38
N ARG M 130 -25.81 -12.62 -26.64
CA ARG M 130 -24.38 -12.56 -26.94
C ARG M 130 -23.83 -11.16 -26.69
N ALA M 131 -24.59 -10.12 -27.05
CA ALA M 131 -24.16 -8.76 -26.72
C ALA M 131 -23.96 -8.61 -25.22
N VAL M 132 -24.95 -9.05 -24.44
CA VAL M 132 -24.84 -8.94 -22.99
C VAL M 132 -23.69 -9.79 -22.47
N SER M 133 -23.55 -11.00 -23.01
CA SER M 133 -22.48 -11.89 -22.55
C SER M 133 -21.11 -11.29 -22.82
N ILE M 134 -20.93 -10.62 -23.97
CA ILE M 134 -19.64 -10.02 -24.26
C ILE M 134 -19.36 -8.86 -23.31
N MET M 135 -20.37 -8.00 -23.09
CA MET M 135 -20.21 -6.91 -22.13
C MET M 135 -19.81 -7.44 -20.76
N LYS M 136 -20.40 -8.57 -20.35
CA LYS M 136 -20.04 -9.19 -19.09
C LYS M 136 -18.56 -9.56 -19.06
N ALA M 137 -18.05 -10.19 -20.13
CA ALA M 137 -16.64 -10.57 -20.18
C ALA M 137 -15.74 -9.34 -20.13
N CYS M 138 -16.13 -8.26 -20.84
CA CYS M 138 -15.39 -7.01 -20.75
C CYS M 138 -15.34 -6.49 -19.31
N ALA M 139 -16.51 -6.39 -18.67
CA ALA M 139 -16.60 -5.79 -17.34
C ALA M 139 -15.77 -6.55 -16.33
N VAL M 140 -15.85 -7.88 -16.36
CA VAL M 140 -15.09 -8.69 -15.39
C VAL M 140 -13.59 -8.44 -15.56
N ALA M 141 -13.12 -8.39 -16.80
CA ALA M 141 -11.69 -8.16 -17.03
C ALA M 141 -11.28 -6.76 -16.60
N PHE M 142 -12.15 -5.77 -16.81
CA PHE M 142 -11.80 -4.42 -16.37
C PHE M 142 -11.75 -4.32 -14.85
N VAL M 143 -12.63 -5.04 -14.14
CA VAL M 143 -12.59 -5.01 -12.68
C VAL M 143 -11.27 -5.61 -12.18
N ASN M 144 -10.85 -6.75 -12.74
CA ASN M 144 -9.59 -7.36 -12.33
C ASN M 144 -8.39 -6.77 -13.07
N ASN M 145 -8.58 -5.71 -13.85
CA ASN M 145 -7.51 -5.06 -14.60
C ASN M 145 -6.73 -6.06 -15.46
N THR M 146 -7.43 -6.93 -16.17
CA THR M 146 -6.80 -7.88 -17.07
C THR M 146 -7.05 -7.58 -18.54
N ALA M 147 -7.67 -6.44 -18.85
CA ALA M 147 -7.94 -6.09 -20.24
C ALA M 147 -6.65 -5.67 -20.93
N SER M 148 -6.69 -5.59 -22.27
CA SER M 148 -5.50 -5.15 -22.98
C SER M 148 -5.13 -3.72 -22.61
N GLN M 149 -6.12 -2.87 -22.33
CA GLN M 149 -5.88 -1.51 -21.90
C GLN M 149 -6.05 -1.42 -20.40
N ARG M 150 -5.04 -0.85 -19.72
CA ARG M 150 -5.03 -0.73 -18.28
C ARG M 150 -4.63 0.70 -17.93
N LYS M 151 -5.52 1.65 -18.25
CA LYS M 151 -5.19 3.07 -18.15
C LYS M 151 -5.38 3.62 -16.76
N LEU M 152 -5.99 2.89 -15.85
CA LEU M 152 -6.18 3.32 -14.48
C LEU M 152 -5.23 2.56 -13.55
N SER M 153 -4.62 3.30 -12.63
CA SER M 153 -3.68 2.75 -11.67
C SER M 153 -4.38 2.55 -10.32
N THR M 154 -4.22 1.36 -9.74
CA THR M 154 -4.78 1.04 -8.44
C THR M 154 -3.72 0.36 -7.60
N PRO M 155 -3.84 0.41 -6.27
CA PRO M 155 -3.00 -0.44 -5.42
C PRO M 155 -3.31 -1.90 -5.69
N GLN M 156 -2.26 -2.72 -5.71
CA GLN M 156 -2.44 -4.13 -6.01
C GLN M 156 -3.30 -4.81 -4.95
N GLY M 157 -4.30 -5.56 -5.39
CA GLY M 157 -5.17 -6.26 -4.46
C GLY M 157 -6.14 -7.16 -5.20
N ASP M 158 -6.99 -7.83 -4.43
CA ASP M 158 -7.93 -8.81 -4.92
C ASP M 158 -9.31 -8.19 -5.05
N CYS M 159 -9.83 -8.10 -6.28
CA CYS M 159 -11.17 -7.58 -6.52
C CYS M 159 -12.10 -8.63 -7.11
N SER M 160 -11.83 -9.91 -6.89
CA SER M 160 -12.64 -10.96 -7.49
C SER M 160 -14.07 -10.92 -6.99
N ALA M 161 -14.28 -10.52 -5.74
CA ALA M 161 -15.64 -10.40 -5.23
C ALA M 161 -16.41 -9.35 -6.02
N LEU M 162 -15.79 -8.19 -6.26
CA LEU M 162 -16.46 -7.17 -7.06
C LEU M 162 -16.66 -7.66 -8.50
N ALA M 163 -15.68 -8.40 -9.03
CA ALA M 163 -15.85 -8.98 -10.35
C ALA M 163 -16.98 -10.00 -10.36
N SER M 164 -17.06 -10.84 -9.33
CA SER M 164 -18.16 -11.79 -9.24
CA SER M 164 -18.16 -11.79 -9.24
C SER M 164 -19.49 -11.06 -9.11
N GLU M 165 -19.51 -9.94 -8.39
CA GLU M 165 -20.74 -9.18 -8.19
C GLU M 165 -21.24 -8.61 -9.51
N VAL M 166 -20.36 -7.96 -10.27
CA VAL M 166 -20.80 -7.35 -11.53
C VAL M 166 -21.19 -8.44 -12.52
N ALA M 167 -20.51 -9.59 -12.50
CA ALA M 167 -20.92 -10.70 -13.34
C ALA M 167 -22.35 -11.13 -13.05
N GLY M 168 -22.73 -11.15 -11.76
CA GLY M 168 -24.08 -11.52 -11.41
C GLY M 168 -25.12 -10.54 -11.93
N TYR M 169 -24.79 -9.24 -11.93
CA TYR M 169 -25.73 -8.26 -12.45
C TYR M 169 -25.96 -8.48 -13.95
N PHE M 170 -24.89 -8.78 -14.70
CA PHE M 170 -25.07 -9.12 -16.11
C PHE M 170 -25.90 -10.39 -16.27
N ASP M 171 -25.72 -11.36 -15.38
CA ASP M 171 -26.54 -12.56 -15.44
C ASP M 171 -28.01 -12.24 -15.19
N LYS M 172 -28.28 -11.23 -14.35
CA LYS M 172 -29.65 -10.80 -14.13
C LYS M 172 -30.24 -10.19 -15.40
N VAL M 173 -29.43 -9.41 -16.13
CA VAL M 173 -29.85 -8.90 -17.44
C VAL M 173 -30.16 -10.07 -18.38
N SER M 174 -29.22 -11.01 -18.50
CA SER M 174 -29.37 -12.11 -19.43
C SER M 174 -30.63 -12.92 -19.14
N ALA M 175 -30.88 -13.20 -17.85
CA ALA M 175 -32.08 -13.95 -17.50
C ALA M 175 -33.35 -13.17 -17.82
N ALA M 176 -33.30 -11.84 -17.72
CA ALA M 176 -34.50 -11.04 -17.92
C ALA M 176 -34.92 -10.97 -19.39
N ILE M 177 -33.95 -10.81 -20.30
CA ILE M 177 -34.27 -10.60 -21.71
C ILE M 177 -33.93 -11.82 -22.55
N GLY M 178 -33.55 -12.93 -21.93
CA GLY M 178 -33.24 -14.15 -22.64
C GLY M 178 -34.48 -14.88 -23.11
N PHE N 2 -39.66 -0.43 -16.72
CA PHE N 2 -38.96 0.70 -17.33
C PHE N 2 -39.94 1.56 -18.10
N ASP N 3 -39.59 2.83 -18.30
CA ASP N 3 -40.51 3.85 -18.79
C ASP N 3 -40.27 4.25 -20.24
N LYS N 4 -39.44 3.53 -20.98
CA LYS N 4 -39.18 3.80 -22.40
C LYS N 4 -38.55 5.16 -22.65
N SER N 5 -38.07 5.85 -21.63
CA SER N 5 -37.51 7.19 -21.81
C SER N 5 -36.09 7.17 -22.37
N ALA N 6 -35.45 6.00 -22.44
CA ALA N 6 -34.06 5.87 -22.86
C ALA N 6 -33.09 6.59 -21.92
N LYS N 7 -33.53 6.89 -20.70
CA LYS N 7 -32.66 7.50 -19.70
C LYS N 7 -31.94 6.43 -18.90
N ALA N 8 -30.69 6.72 -18.52
CA ALA N 8 -29.85 5.78 -17.80
C ALA N 8 -28.91 6.59 -16.93
N PRO N 9 -28.45 6.02 -15.81
CA PRO N 9 -27.53 6.76 -14.93
C PRO N 9 -26.13 6.85 -15.53
N VAL N 10 -25.67 8.07 -15.74
CA VAL N 10 -24.29 8.32 -16.16
C VAL N 10 -23.47 8.65 -14.93
N ILE N 11 -22.50 7.80 -14.64
CA ILE N 11 -21.60 7.96 -13.50
C ILE N 11 -20.28 8.54 -14.01
N THR N 12 -19.76 9.54 -13.31
CA THR N 12 -18.43 10.08 -13.58
C THR N 12 -17.64 10.07 -12.27
N ILE N 13 -16.53 9.33 -12.25
CA ILE N 13 -15.70 9.19 -11.07
C ILE N 13 -14.51 10.15 -11.20
N PHE N 14 -14.41 11.10 -10.25
CA PHE N 14 -13.35 12.10 -10.23
C PHE N 14 -12.41 11.76 -9.09
N ASP N 15 -11.42 10.88 -9.35
CA ASP N 15 -10.35 10.64 -8.39
C ASP N 15 -9.24 11.62 -8.73
N HIS N 16 -9.41 12.85 -8.25
CA HIS N 16 -8.56 13.97 -8.62
C HIS N 16 -7.70 14.43 -7.44
N ARG N 17 -7.12 13.46 -6.73
CA ARG N 17 -6.16 13.76 -5.67
C ARG N 17 -5.03 14.60 -6.23
N GLY N 18 -4.75 15.72 -5.56
CA GLY N 18 -3.68 16.62 -5.97
C GLY N 18 -4.07 17.69 -6.97
N CYS N 19 -5.30 17.70 -7.47
CA CYS N 19 -5.68 18.58 -8.58
C CYS N 19 -6.19 19.92 -8.06
N THR N 20 -5.25 20.78 -7.65
CA THR N 20 -5.59 22.14 -7.23
C THR N 20 -5.87 23.07 -8.42
N ALA N 21 -5.60 22.63 -9.65
CA ALA N 21 -5.87 23.48 -10.80
C ALA N 21 -7.38 23.74 -11.00
N HIS N 22 -8.23 22.86 -10.47
CA HIS N 22 -9.68 23.02 -10.54
C HIS N 22 -10.20 23.22 -9.11
N LYS N 23 -10.90 24.34 -8.88
CA LYS N 23 -11.49 24.61 -7.57
C LYS N 23 -12.74 23.75 -7.41
N ASN N 24 -12.84 23.05 -6.28
CA ASN N 24 -13.87 22.04 -6.08
C ASN N 24 -15.17 22.70 -5.61
N ALA N 25 -15.85 23.33 -6.56
CA ALA N 25 -17.09 24.05 -6.27
C ALA N 25 -18.34 23.28 -6.61
N GLU N 26 -18.23 22.11 -7.26
CA GLU N 26 -19.42 21.37 -7.68
C GLU N 26 -20.10 20.69 -6.50
N TYR N 27 -19.32 20.03 -5.64
CA TYR N 27 -19.83 19.45 -4.40
C TYR N 27 -19.99 20.53 -3.34
N LYS N 28 -21.17 20.61 -2.73
CA LYS N 28 -21.52 21.72 -1.84
C LYS N 28 -21.55 21.33 -0.37
N GLY N 29 -21.27 20.08 -0.03
CA GLY N 29 -21.39 19.60 1.33
C GLY N 29 -20.15 19.87 2.16
N ALA N 30 -20.09 19.22 3.32
CA ALA N 30 -19.00 19.40 4.27
C ALA N 30 -17.74 18.66 3.80
N LEU N 31 -16.61 19.08 4.35
CA LEU N 31 -15.30 18.54 4.02
C LEU N 31 -14.77 17.73 5.20
N THR N 32 -13.63 17.07 4.96
CA THR N 32 -13.05 16.15 5.93
C THR N 32 -11.61 16.44 6.27
N ASN N 33 -10.95 17.34 5.54
CA ASN N 33 -9.50 17.55 5.67
C ASN N 33 -8.76 16.24 5.43
N SER N 34 -9.06 15.63 4.30
CA SER N 34 -8.46 14.36 3.89
C SER N 34 -8.63 14.23 2.38
N ILE N 35 -8.04 13.17 1.81
CA ILE N 35 -8.10 12.99 0.37
C ILE N 35 -9.53 12.91 -0.15
N ASP N 36 -10.50 12.59 0.72
CA ASP N 36 -11.89 12.57 0.28
C ASP N 36 -12.37 13.94 -0.20
N ASP N 37 -11.72 15.02 0.26
CA ASP N 37 -12.02 16.35 -0.27
C ASP N 37 -11.53 16.54 -1.69
N GLU N 38 -10.65 15.66 -2.17
CA GLU N 38 -10.04 15.78 -3.49
C GLU N 38 -10.63 14.79 -4.48
N MET N 39 -11.71 14.09 -4.10
CA MET N 39 -12.35 13.09 -4.94
C MET N 39 -13.86 13.32 -4.91
N CYS N 40 -14.54 12.85 -5.94
CA CYS N 40 -15.97 13.12 -6.08
C CYS N 40 -16.61 12.10 -7.01
N VAL N 41 -17.82 11.68 -6.65
CA VAL N 41 -18.65 10.81 -7.49
C VAL N 41 -19.80 11.64 -8.05
N LYS N 42 -19.97 11.64 -9.36
CA LYS N 42 -21.05 12.35 -10.04
C LYS N 42 -22.02 11.34 -10.66
N VAL N 43 -23.32 11.55 -10.45
CA VAL N 43 -24.34 10.71 -11.06
C VAL N 43 -25.40 11.62 -11.66
N GLN N 44 -25.82 11.32 -12.89
CA GLN N 44 -26.84 12.10 -13.56
C GLN N 44 -27.65 11.18 -14.46
N SER N 45 -28.96 11.41 -14.49
CA SER N 45 -29.83 10.68 -15.39
C SER N 45 -29.85 11.40 -16.73
N VAL N 46 -29.36 10.72 -17.76
CA VAL N 46 -29.17 11.32 -19.07
C VAL N 46 -29.91 10.49 -20.11
N LYS N 47 -30.57 11.16 -21.04
CA LYS N 47 -31.19 10.45 -22.15
C LYS N 47 -30.09 9.96 -23.07
N ILE N 48 -29.95 8.66 -23.19
CA ILE N 48 -28.94 8.06 -24.06
C ILE N 48 -29.43 8.15 -25.49
N ALA N 49 -28.56 8.64 -26.38
CA ALA N 49 -28.93 8.85 -27.78
C ALA N 49 -27.77 8.52 -28.69
N VAL N 50 -28.08 7.94 -29.85
CA VAL N 50 -27.10 7.66 -30.89
C VAL N 50 -27.69 8.17 -32.20
N SER N 51 -26.95 9.04 -32.88
CA SER N 51 -27.45 9.60 -34.13
C SER N 51 -27.32 8.56 -35.25
N GLU N 52 -28.13 8.73 -36.28
CA GLU N 52 -28.06 7.83 -37.42
C GLU N 52 -26.72 7.95 -38.12
N ALA N 53 -26.17 9.16 -38.19
CA ALA N 53 -24.86 9.35 -38.81
C ALA N 53 -23.77 8.61 -38.03
N ASP N 54 -23.82 8.66 -36.70
CA ASP N 54 -22.84 7.93 -35.92
C ASP N 54 -23.02 6.43 -36.06
N ALA N 55 -24.27 5.95 -36.14
CA ALA N 55 -24.49 4.54 -36.38
C ALA N 55 -23.93 4.12 -37.74
N ALA N 56 -24.00 5.01 -38.73
CA ALA N 56 -23.42 4.71 -40.03
C ALA N 56 -21.91 4.55 -39.93
N LYS N 57 -21.26 5.33 -39.06
CA LYS N 57 -19.82 5.18 -38.88
C LYS N 57 -19.49 3.82 -38.26
N LYS N 58 -20.31 3.37 -37.30
CA LYS N 58 -20.07 2.06 -36.70
C LYS N 58 -20.32 0.95 -37.69
N LEU N 59 -21.36 1.07 -38.52
CA LEU N 59 -21.60 0.09 -39.56
C LEU N 59 -20.40 -0.02 -40.51
N GLN N 60 -19.81 1.11 -40.89
CA GLN N 60 -18.64 1.07 -41.77
C GLN N 60 -17.49 0.31 -41.12
N GLU N 61 -17.33 0.44 -39.80
CA GLU N 61 -16.30 -0.30 -39.09
C GLU N 61 -16.66 -1.78 -38.97
N PHE N 62 -17.94 -2.09 -38.69
CA PHE N 62 -18.32 -3.47 -38.39
C PHE N 62 -18.40 -4.35 -39.64
N ILE N 63 -18.69 -3.76 -40.80
CA ILE N 63 -19.11 -4.55 -41.94
C ILE N 63 -18.00 -5.42 -42.50
N SER N 64 -16.75 -5.14 -42.15
CA SER N 64 -15.67 -6.08 -42.46
C SER N 64 -15.85 -7.40 -41.75
N TYR N 65 -16.61 -7.42 -40.66
CA TYR N 65 -16.76 -8.57 -39.78
C TYR N 65 -15.42 -8.98 -39.17
N GLU N 66 -14.48 -8.02 -39.09
CA GLU N 66 -13.24 -8.21 -38.36
C GLU N 66 -12.92 -6.98 -37.52
N ALA N 67 -13.96 -6.28 -37.06
CA ALA N 67 -13.79 -5.12 -36.18
C ALA N 67 -13.70 -5.65 -34.75
N LYS N 68 -12.49 -6.04 -34.36
CA LYS N 68 -12.23 -6.44 -32.99
C LYS N 68 -10.86 -5.94 -32.59
N GLY N 69 -10.76 -5.58 -31.31
CA GLY N 69 -9.50 -5.13 -30.74
C GLY N 69 -8.64 -6.30 -30.30
N ILE N 70 -7.67 -5.99 -29.45
CA ILE N 70 -6.70 -6.98 -29.02
C ILE N 70 -7.39 -8.07 -28.21
N ASP N 71 -8.28 -7.70 -27.30
CA ASP N 71 -8.91 -8.68 -26.42
C ASP N 71 -9.96 -9.50 -27.15
N GLY N 72 -10.28 -10.65 -26.56
CA GLY N 72 -11.40 -11.46 -26.98
C GLY N 72 -11.04 -12.51 -28.00
N ALA N 73 -11.58 -13.71 -27.86
CA ALA N 73 -11.41 -14.73 -28.86
C ALA N 73 -12.12 -14.31 -30.15
N TYR N 74 -11.55 -14.70 -31.28
CA TYR N 74 -12.20 -14.48 -32.57
C TYR N 74 -13.26 -15.55 -32.75
N THR N 75 -14.51 -15.17 -32.51
CA THR N 75 -15.66 -16.06 -32.63
C THR N 75 -16.48 -15.78 -33.89
N GLY N 76 -16.06 -14.83 -34.71
CA GLY N 76 -16.86 -14.39 -35.83
C GLY N 76 -16.90 -15.38 -36.99
N ARG N 77 -17.80 -15.08 -37.92
CA ARG N 77 -18.06 -15.85 -39.13
C ARG N 77 -17.97 -14.93 -40.34
N LYS N 78 -18.15 -15.50 -41.52
CA LYS N 78 -18.36 -14.74 -42.73
C LYS N 78 -19.60 -15.30 -43.43
N ALA O 15 -16.76 12.57 -54.48
CA ALA O 15 -17.67 11.86 -53.59
C ALA O 15 -17.95 10.44 -54.08
N LYS O 16 -17.63 10.16 -55.34
CA LYS O 16 -17.85 8.84 -55.90
C LYS O 16 -16.97 7.81 -55.22
N ALA O 17 -17.56 6.69 -54.82
CA ALA O 17 -16.82 5.62 -54.16
C ALA O 17 -16.22 4.72 -55.23
N ALA O 18 -14.99 4.29 -55.00
CA ALA O 18 -14.33 3.31 -55.87
C ALA O 18 -14.38 1.94 -55.22
N TYR O 19 -14.56 0.91 -56.05
CA TYR O 19 -14.61 -0.47 -55.58
C TYR O 19 -13.60 -1.29 -56.37
N VAL O 20 -12.77 -2.04 -55.65
CA VAL O 20 -11.70 -2.84 -56.25
C VAL O 20 -11.87 -4.27 -55.74
N GLY O 21 -12.49 -5.12 -56.56
CA GLY O 21 -12.60 -6.54 -56.28
C GLY O 21 -12.22 -7.36 -57.50
N GLY O 22 -12.46 -8.66 -57.46
CA GLY O 22 -12.20 -9.53 -58.60
C GLY O 22 -10.86 -9.30 -59.28
N ALA O 23 -10.88 -9.18 -60.61
CA ALA O 23 -9.64 -9.08 -61.36
C ALA O 23 -8.85 -7.84 -60.97
N ASP O 24 -9.53 -6.71 -60.80
CA ASP O 24 -8.84 -5.49 -60.39
C ASP O 24 -8.11 -5.69 -59.07
N LEU O 25 -8.75 -6.37 -58.11
CA LEU O 25 -8.10 -6.64 -56.83
C LEU O 25 -6.96 -7.64 -56.99
N GLN O 26 -7.14 -8.65 -57.84
CA GLN O 26 -6.04 -9.54 -58.18
C GLN O 26 -4.83 -8.76 -58.66
N ALA O 27 -5.05 -7.84 -59.59
CA ALA O 27 -3.95 -7.03 -60.11
C ALA O 27 -3.36 -6.13 -59.04
N LEU O 28 -4.21 -5.51 -58.21
CA LEU O 28 -3.70 -4.61 -57.19
C LEU O 28 -2.72 -5.32 -56.27
N LYS O 29 -3.05 -6.54 -55.85
CA LYS O 29 -2.18 -7.28 -54.95
C LYS O 29 -0.91 -7.76 -55.63
N LYS O 30 -0.84 -7.70 -56.96
CA LYS O 30 0.42 -7.90 -57.66
C LYS O 30 1.28 -6.65 -57.68
N PHE O 31 0.68 -5.47 -57.50
CA PHE O 31 1.41 -4.22 -57.60
C PHE O 31 1.99 -3.81 -56.25
N ILE O 32 1.21 -3.90 -55.19
CA ILE O 32 1.68 -3.54 -53.86
C ILE O 32 2.31 -4.78 -53.21
N SER O 33 3.23 -4.54 -52.28
CA SER O 33 3.97 -5.63 -51.67
C SER O 33 3.15 -6.28 -50.57
N GLU O 34 3.27 -7.60 -50.44
CA GLU O 34 2.55 -8.38 -49.44
C GLU O 34 1.07 -8.00 -49.46
N GLY O 35 0.48 -8.13 -50.65
CA GLY O 35 -0.86 -7.62 -50.88
C GLY O 35 -1.87 -8.08 -49.86
N ASN O 36 -1.98 -9.40 -49.67
CA ASN O 36 -2.97 -9.93 -48.76
C ASN O 36 -2.78 -9.39 -47.35
N LYS O 37 -1.55 -9.53 -46.82
CA LYS O 37 -1.28 -9.05 -45.46
C LYS O 37 -1.48 -7.54 -45.37
N ARG O 38 -1.16 -6.81 -46.43
CA ARG O 38 -1.32 -5.36 -46.41
C ARG O 38 -2.77 -4.96 -46.24
N LEU O 39 -3.68 -5.67 -46.92
CA LEU O 39 -5.11 -5.39 -46.77
C LEU O 39 -5.61 -5.82 -45.39
N ASP O 40 -5.07 -6.91 -44.83
CA ASP O 40 -5.37 -7.24 -43.45
C ASP O 40 -4.88 -6.14 -42.51
N ALA O 41 -3.70 -5.57 -42.79
CA ALA O 41 -3.16 -4.50 -41.95
C ALA O 41 -4.07 -3.27 -42.01
N VAL O 42 -4.43 -2.82 -43.20
CA VAL O 42 -5.37 -1.72 -43.34
C VAL O 42 -6.67 -2.04 -42.60
N ASN O 43 -7.21 -3.23 -42.85
CA ASN O 43 -8.48 -3.64 -42.24
C ASN O 43 -8.43 -3.50 -40.72
N SER O 44 -7.34 -3.96 -40.10
CA SER O 44 -7.26 -3.92 -38.64
C SER O 44 -7.26 -2.48 -38.10
N ILE O 45 -6.82 -1.52 -38.91
CA ILE O 45 -6.78 -0.11 -38.48
C ILE O 45 -8.13 0.54 -38.69
N VAL O 46 -8.65 0.49 -39.93
CA VAL O 46 -9.90 1.20 -40.23
C VAL O 46 -11.08 0.56 -39.50
N SER O 47 -11.05 -0.77 -39.28
CA SER O 47 -12.12 -1.42 -38.53
C SER O 47 -12.11 -1.05 -37.05
N ASN O 48 -11.03 -0.44 -36.56
CA ASN O 48 -10.94 0.02 -35.18
C ASN O 48 -10.68 1.53 -35.12
N ALA O 49 -11.12 2.26 -36.15
CA ALA O 49 -10.71 3.65 -36.29
C ALA O 49 -11.19 4.50 -35.12
N SER O 50 -12.49 4.43 -34.81
CA SER O 50 -13.04 5.24 -33.73
CA SER O 50 -13.03 5.25 -33.73
C SER O 50 -12.25 5.05 -32.45
N CYS O 51 -11.91 3.80 -32.14
CA CYS O 51 -11.23 3.52 -30.88
C CYS O 51 -9.81 4.07 -30.90
N ILE O 52 -9.11 3.91 -32.02
CA ILE O 52 -7.75 4.43 -32.11
C ILE O 52 -7.75 5.95 -31.90
N VAL O 53 -8.63 6.66 -32.60
CA VAL O 53 -8.65 8.12 -32.53
C VAL O 53 -9.02 8.60 -31.13
N SER O 54 -10.09 8.03 -30.55
CA SER O 54 -10.54 8.49 -29.24
CA SER O 54 -10.53 8.51 -29.25
C SER O 54 -9.53 8.15 -28.15
N ASP O 55 -8.88 6.98 -28.27
CA ASP O 55 -7.89 6.61 -27.27
C ASP O 55 -6.67 7.52 -27.33
N ALA O 56 -6.26 7.91 -28.54
CA ALA O 56 -5.12 8.78 -28.69
C ALA O 56 -5.43 10.18 -28.16
N VAL O 57 -6.60 10.70 -28.50
CA VAL O 57 -6.99 12.02 -28.00
C VAL O 57 -7.18 11.96 -26.48
N SER O 58 -7.83 10.90 -25.98
CA SER O 58 -8.02 10.76 -24.54
C SER O 58 -6.67 10.66 -23.82
N GLY O 59 -5.72 9.94 -24.40
CA GLY O 59 -4.42 9.77 -23.76
C GLY O 59 -3.59 11.04 -23.80
N MET O 60 -3.63 11.75 -24.93
CA MET O 60 -3.06 13.09 -25.00
C MET O 60 -3.57 13.94 -23.84
N ILE O 61 -4.86 13.84 -23.53
CA ILE O 61 -5.43 14.69 -22.50
C ILE O 61 -5.13 14.15 -21.09
N CYS O 62 -5.23 12.84 -20.88
CA CYS O 62 -5.04 12.34 -19.53
C CYS O 62 -3.63 12.63 -19.02
N GLU O 63 -2.64 12.68 -19.93
CA GLU O 63 -1.28 13.08 -19.58
C GLU O 63 -1.09 14.58 -19.49
N ASN O 64 -2.04 15.38 -20.00
CA ASN O 64 -1.97 16.83 -19.94
C ASN O 64 -3.39 17.37 -19.76
N PRO O 65 -3.92 17.29 -18.54
CA PRO O 65 -5.32 17.70 -18.32
C PRO O 65 -5.60 19.16 -18.64
N SER O 66 -4.59 20.03 -18.64
CA SER O 66 -4.83 21.43 -18.96
C SER O 66 -5.46 21.58 -20.35
N LEU O 67 -5.35 20.55 -21.20
CA LEU O 67 -5.96 20.61 -22.52
C LEU O 67 -7.47 20.79 -22.43
N ILE O 68 -8.11 20.32 -21.36
CA ILE O 68 -9.54 20.48 -21.18
C ILE O 68 -9.84 21.41 -20.00
N SER O 69 -8.84 22.17 -19.54
CA SER O 69 -9.10 23.31 -18.68
C SER O 69 -9.72 24.42 -19.52
N PRO O 70 -10.34 25.42 -18.90
CA PRO O 70 -10.99 26.47 -19.71
C PRO O 70 -10.07 27.14 -20.71
N SER O 71 -8.75 27.05 -20.53
CA SER O 71 -7.81 27.66 -21.47
C SER O 71 -7.17 26.67 -22.42
N GLY O 72 -7.56 25.39 -22.37
CA GLY O 72 -6.98 24.36 -23.22
C GLY O 72 -7.66 24.24 -24.57
N MEN O 73 -6.92 23.70 -25.53
CA MEN O 73 -7.37 23.68 -26.89
C MEN O 73 -8.41 22.61 -27.22
O MEN O 73 -8.91 22.50 -28.34
CB MEN O 73 -6.20 23.47 -27.87
CG MEN O 73 -6.56 23.90 -29.28
OD1 MEN O 73 -6.52 23.08 -30.23
ND2 MEN O 73 -6.92 25.22 -29.49
CE2 MEN O 73 -7.29 25.76 -30.76
HA MEN O 73 -7.95 24.63 -27.09
HB2 MEN O 73 -5.92 22.38 -27.84
HB3 MEN O 73 -5.33 24.07 -27.49
HD2 MEN O 73 -6.93 25.83 -28.71
HE21 MEN O 73 -8.30 26.24 -30.69
HE22 MEN O 73 -7.34 24.94 -31.52
HE23 MEN O 73 -6.54 26.52 -31.09
N CYS O 74 -8.74 21.78 -26.23
CA CYS O 74 -9.82 20.80 -26.39
C CYS O 74 -11.03 21.14 -25.51
N TYR O 75 -11.01 22.33 -24.90
CA TYR O 75 -12.12 22.77 -24.07
C TYR O 75 -13.35 23.05 -24.93
N THR O 76 -14.52 22.61 -24.45
CA THR O 76 -15.81 22.71 -25.11
C THR O 76 -15.97 21.57 -26.12
N ASN O 77 -17.21 21.14 -26.34
CA ASN O 77 -17.48 20.07 -27.29
C ASN O 77 -17.06 20.45 -28.70
N ARG O 78 -17.15 21.73 -29.06
CA ARG O 78 -16.76 22.14 -30.40
C ARG O 78 -15.28 21.87 -30.65
N ARG O 79 -14.42 22.25 -29.71
CA ARG O 79 -12.99 22.02 -29.88
C ARG O 79 -12.67 20.53 -29.81
N MET O 80 -13.24 19.80 -28.85
CA MET O 80 -13.00 18.37 -28.76
C MET O 80 -13.39 17.67 -30.05
N ALA O 81 -14.54 18.06 -30.63
CA ALA O 81 -15.01 17.43 -31.86
C ALA O 81 -14.06 17.71 -33.02
N ALA O 82 -13.57 18.95 -33.13
CA ALA O 82 -12.63 19.26 -34.20
C ALA O 82 -11.33 18.49 -34.05
N CYS O 83 -10.89 18.28 -32.80
CA CYS O 83 -9.67 17.52 -32.57
C CYS O 83 -9.86 16.05 -32.91
N LEU O 84 -10.96 15.44 -32.43
CA LEU O 84 -11.25 14.07 -32.80
C LEU O 84 -11.34 13.92 -34.31
N ARG O 85 -11.96 14.90 -34.98
CA ARG O 85 -12.06 14.87 -36.43
C ARG O 85 -10.68 14.90 -37.07
N ASP O 86 -9.81 15.79 -36.61
CA ASP O 86 -8.46 15.85 -37.17
C ASP O 86 -7.74 14.53 -36.95
N GLY O 87 -7.87 13.94 -35.75
CA GLY O 87 -7.23 12.64 -35.51
C GLY O 87 -7.68 11.59 -36.51
N GLU O 88 -8.97 11.59 -36.84
CA GLU O 88 -9.48 10.63 -37.82
C GLU O 88 -8.97 10.94 -39.22
N ILE O 89 -8.97 12.23 -39.60
CA ILE O 89 -8.42 12.61 -40.91
C ILE O 89 -6.99 12.11 -41.06
N ILE O 90 -6.16 12.36 -40.04
CA ILE O 90 -4.76 11.94 -40.10
C ILE O 90 -4.66 10.42 -40.16
N LEU O 91 -5.39 9.73 -39.29
CA LEU O 91 -5.36 8.26 -39.29
C LEU O 91 -5.74 7.72 -40.65
N ARG O 92 -6.76 8.30 -41.26
CA ARG O 92 -7.26 7.76 -42.52
C ARG O 92 -6.28 8.04 -43.67
N TYR O 93 -5.63 9.21 -43.67
CA TYR O 93 -4.61 9.42 -44.70
C TYR O 93 -3.44 8.47 -44.48
N VAL O 94 -3.13 8.14 -43.23
CA VAL O 94 -2.11 7.13 -42.99
C VAL O 94 -2.57 5.77 -43.50
N SER O 95 -3.84 5.41 -43.27
CA SER O 95 -4.33 4.13 -43.75
C SER O 95 -4.29 4.06 -45.28
N TYR O 96 -4.53 5.18 -45.96
CA TYR O 96 -4.45 5.20 -47.42
C TYR O 96 -3.01 5.11 -47.88
N ALA O 97 -2.07 5.67 -47.12
CA ALA O 97 -0.65 5.50 -47.42
C ALA O 97 -0.28 4.03 -47.31
N LEU O 98 -0.81 3.34 -46.30
CA LEU O 98 -0.54 1.91 -46.16
C LEU O 98 -1.19 1.12 -47.29
N LEU O 99 -2.43 1.46 -47.64
CA LEU O 99 -3.08 0.82 -48.78
C LEU O 99 -2.30 1.06 -50.07
N SER O 100 -1.75 2.27 -50.22
CA SER O 100 -1.06 2.64 -51.46
C SER O 100 0.39 2.19 -51.49
N GLY O 101 1.04 2.09 -50.34
CA GLY O 101 2.45 1.74 -50.28
C GLY O 101 3.41 2.90 -50.40
N ASP O 102 2.94 4.14 -50.32
CA ASP O 102 3.84 5.29 -50.23
C ASP O 102 3.10 6.43 -49.56
N SER O 103 3.84 7.50 -49.25
CA SER O 103 3.35 8.61 -48.46
C SER O 103 3.01 9.83 -49.30
N SER O 104 2.95 9.69 -50.63
CA SER O 104 2.81 10.85 -51.50
C SER O 104 1.50 11.60 -51.24
N VAL O 105 0.38 10.88 -51.29
CA VAL O 105 -0.91 11.52 -51.06
C VAL O 105 -1.01 12.02 -49.62
N LEU O 106 -0.52 11.23 -48.67
CA LEU O 106 -0.52 11.68 -47.28
C LEU O 106 0.16 13.03 -47.15
N GLU O 107 1.33 13.18 -47.79
CA GLU O 107 2.09 14.41 -47.65
C GLU O 107 1.42 15.55 -48.40
N ASP O 108 0.93 15.29 -49.61
CA ASP O 108 0.41 16.36 -50.45
C ASP O 108 -0.98 16.80 -50.02
N ARG O 109 -1.86 15.88 -49.66
CA ARG O 109 -3.25 16.20 -49.39
C ARG O 109 -3.53 16.46 -47.92
N CYS O 110 -2.60 16.13 -47.02
CA CYS O 110 -2.87 16.25 -45.58
C CYS O 110 -1.78 17.04 -44.87
N LEU O 111 -0.52 16.65 -45.02
CA LEU O 111 0.55 17.23 -44.20
C LEU O 111 1.04 18.57 -44.73
N ASN O 112 1.16 18.72 -46.05
CA ASN O 112 1.65 19.96 -46.62
C ASN O 112 0.73 21.13 -46.25
N GLY O 113 1.29 22.12 -45.57
CA GLY O 113 0.53 23.26 -45.11
C GLY O 113 -0.16 23.08 -43.78
N LEU O 114 -0.07 21.90 -43.17
CA LEU O 114 -0.84 21.64 -41.95
C LEU O 114 -0.21 22.32 -40.74
N LYS O 115 1.12 22.29 -40.64
CA LYS O 115 1.80 22.95 -39.52
C LYS O 115 1.48 24.43 -39.50
N GLU O 116 1.51 25.07 -40.67
CA GLU O 116 1.16 26.49 -40.76
C GLU O 116 -0.28 26.72 -40.35
N THR O 117 -1.19 25.84 -40.76
CA THR O 117 -2.58 25.94 -40.33
C THR O 117 -2.68 25.89 -38.81
N TYR O 118 -2.03 24.90 -38.19
CA TYR O 118 -2.11 24.77 -36.74
C TYR O 118 -1.43 25.93 -36.02
N SER O 119 -0.36 26.47 -36.58
CA SER O 119 0.27 27.64 -35.97
C SER O 119 -0.69 28.82 -35.96
N SER O 120 -1.41 29.05 -37.06
CA SER O 120 -2.34 30.17 -37.10
C SER O 120 -3.52 29.95 -36.17
N LEU O 121 -3.94 28.69 -35.98
CA LEU O 121 -5.05 28.39 -35.08
C LEU O 121 -4.62 28.26 -33.62
N GLY O 122 -3.33 28.10 -33.36
CA GLY O 122 -2.89 27.85 -32.00
C GLY O 122 -3.17 26.45 -31.52
N VAL O 123 -3.26 25.49 -32.44
CA VAL O 123 -3.43 24.09 -32.06
C VAL O 123 -2.10 23.61 -31.50
N PRO O 124 -2.05 23.08 -30.28
CA PRO O 124 -0.75 22.86 -29.62
C PRO O 124 0.02 21.70 -30.25
N ALA O 125 1.28 21.98 -30.61
CA ALA O 125 2.12 21.01 -31.31
C ALA O 125 2.63 19.92 -30.36
N ASN O 126 2.97 20.29 -29.12
CA ASN O 126 3.39 19.28 -28.15
C ASN O 126 2.28 18.25 -27.93
N SER O 127 1.02 18.67 -28.00
CA SER O 127 -0.08 17.75 -27.76
C SER O 127 -0.36 16.91 -29.00
N ASN O 128 -0.32 17.53 -30.19
CA ASN O 128 -0.45 16.77 -31.42
C ASN O 128 0.65 15.71 -31.53
N ALA O 129 1.87 16.05 -31.14
CA ALA O 129 2.94 15.06 -31.20
C ALA O 129 2.56 13.80 -30.44
N ARG O 130 1.98 13.95 -29.25
CA ARG O 130 1.63 12.79 -28.45
C ARG O 130 0.43 12.05 -29.03
N ALA O 131 -0.58 12.79 -29.50
CA ALA O 131 -1.73 12.14 -30.13
C ALA O 131 -1.31 11.28 -31.30
N VAL O 132 -0.39 11.78 -32.12
CA VAL O 132 0.10 11.01 -33.26
C VAL O 132 0.89 9.80 -32.78
N SER O 133 1.74 9.98 -31.77
CA SER O 133 2.54 8.84 -31.30
C SER O 133 1.65 7.75 -30.68
N ILE O 134 0.50 8.12 -30.09
CA ILE O 134 -0.37 7.09 -29.54
C ILE O 134 -1.08 6.35 -30.68
N MET O 135 -1.59 7.09 -31.68
CA MET O 135 -2.18 6.43 -32.84
C MET O 135 -1.16 5.51 -33.51
N LYS O 136 0.10 5.94 -33.60
CA LYS O 136 1.15 5.09 -34.13
C LYS O 136 1.27 3.81 -33.30
N ALA O 137 1.26 3.95 -31.98
CA ALA O 137 1.36 2.79 -31.10
C ALA O 137 0.19 1.83 -31.32
N CYS O 138 -1.01 2.37 -31.46
CA CYS O 138 -2.17 1.54 -31.77
C CYS O 138 -1.95 0.76 -33.06
N ALA O 139 -1.60 1.47 -34.13
CA ALA O 139 -1.52 0.85 -35.45
C ALA O 139 -0.45 -0.24 -35.48
N VAL O 140 0.71 0.03 -34.89
CA VAL O 140 1.76 -0.98 -34.86
C VAL O 140 1.30 -2.21 -34.10
N ALA O 141 0.57 -2.02 -32.99
CA ALA O 141 0.09 -3.15 -32.21
C ALA O 141 -0.93 -3.97 -32.99
N PHE O 142 -1.77 -3.33 -33.79
CA PHE O 142 -2.75 -4.09 -34.56
C PHE O 142 -2.08 -4.83 -35.72
N VAL O 143 -1.12 -4.19 -36.39
CA VAL O 143 -0.43 -4.85 -37.49
C VAL O 143 0.48 -5.95 -36.95
N ASN O 144 1.41 -5.61 -36.07
CA ASN O 144 2.26 -6.62 -35.44
C ASN O 144 1.58 -7.14 -34.17
N ASN O 145 0.42 -7.75 -34.35
CA ASN O 145 -0.38 -8.26 -33.24
C ASN O 145 0.18 -9.61 -32.80
N THR O 146 0.73 -9.66 -31.58
CA THR O 146 1.32 -10.86 -31.04
C THR O 146 0.35 -11.67 -30.19
N ALA O 147 -0.96 -11.43 -30.33
CA ALA O 147 -1.93 -12.22 -29.60
C ALA O 147 -1.96 -13.66 -30.15
N SER O 148 -2.50 -14.56 -29.34
CA SER O 148 -2.64 -15.94 -29.74
C SER O 148 -3.50 -16.05 -30.99
N GLN O 149 -3.30 -17.15 -31.73
CA GLN O 149 -4.09 -17.39 -32.92
C GLN O 149 -5.58 -17.34 -32.63
N ARG O 150 -6.00 -17.86 -31.48
CA ARG O 150 -7.43 -17.90 -31.15
C ARG O 150 -8.03 -16.51 -30.99
N LYS O 151 -7.19 -15.48 -30.81
CA LYS O 151 -7.67 -14.12 -30.66
C LYS O 151 -7.51 -13.29 -31.93
N LEU O 152 -7.08 -13.91 -33.03
CA LEU O 152 -6.88 -13.22 -34.29
C LEU O 152 -7.92 -13.65 -35.32
N SER O 153 -8.37 -12.70 -36.13
CA SER O 153 -9.24 -12.98 -37.27
C SER O 153 -8.47 -13.32 -38.53
N THR O 154 -7.14 -13.27 -38.49
CA THR O 154 -6.26 -13.53 -39.62
C THR O 154 -5.33 -14.69 -39.30
N PRO O 155 -4.72 -15.30 -40.31
CA PRO O 155 -3.73 -16.35 -40.03
C PRO O 155 -2.49 -15.76 -39.36
N GLN O 156 -2.06 -16.39 -38.27
CA GLN O 156 -0.91 -15.89 -37.53
C GLN O 156 0.35 -15.94 -38.39
N GLY O 157 1.06 -14.82 -38.44
CA GLY O 157 2.25 -14.74 -39.25
C GLY O 157 3.05 -13.50 -38.91
N ASP O 158 4.06 -13.23 -39.74
CA ASP O 158 5.00 -12.15 -39.51
C ASP O 158 4.61 -10.94 -40.35
N CYS O 159 4.10 -9.90 -39.69
CA CYS O 159 3.74 -8.64 -40.33
C CYS O 159 4.62 -7.48 -39.88
N SER O 160 5.84 -7.78 -39.42
CA SER O 160 6.69 -6.74 -38.87
C SER O 160 7.11 -5.72 -39.92
N ALA O 161 7.26 -6.15 -41.17
CA ALA O 161 7.64 -5.20 -42.22
C ALA O 161 6.54 -4.17 -42.43
N LEU O 162 5.29 -4.62 -42.51
CA LEU O 162 4.18 -3.69 -42.68
C LEU O 162 4.05 -2.78 -41.46
N ALA O 163 4.28 -3.33 -40.26
CA ALA O 163 4.22 -2.52 -39.06
C ALA O 163 5.29 -1.43 -39.08
N SER O 164 6.50 -1.77 -39.52
CA SER O 164 7.55 -0.76 -39.63
CA SER O 164 7.55 -0.76 -39.63
C SER O 164 7.18 0.29 -40.68
N GLU O 165 6.55 -0.15 -41.76
CA GLU O 165 6.15 0.78 -42.81
C GLU O 165 5.11 1.78 -42.31
N VAL O 166 4.05 1.28 -41.66
CA VAL O 166 3.02 2.19 -41.16
C VAL O 166 3.62 3.12 -40.11
N ALA O 167 4.50 2.59 -39.26
CA ALA O 167 5.20 3.44 -38.30
C ALA O 167 5.91 4.59 -38.99
N GLY O 168 6.54 4.32 -40.14
CA GLY O 168 7.21 5.38 -40.87
C GLY O 168 6.27 6.47 -41.32
N TYR O 169 5.05 6.10 -41.75
CA TYR O 169 4.08 7.10 -42.16
C TYR O 169 3.68 8.00 -40.99
N PHE O 170 3.48 7.41 -39.81
CA PHE O 170 3.21 8.24 -38.64
C PHE O 170 4.37 9.17 -38.34
N ASP O 171 5.61 8.68 -38.48
CA ASP O 171 6.76 9.53 -38.25
C ASP O 171 6.79 10.71 -39.23
N LYS O 172 6.32 10.50 -40.45
CA LYS O 172 6.26 11.63 -41.37
C LYS O 172 5.20 12.63 -40.93
N VAL O 173 4.09 12.15 -40.37
CA VAL O 173 3.13 13.05 -39.74
C VAL O 173 3.81 13.85 -38.63
N SER O 174 4.50 13.14 -37.72
CA SER O 174 5.14 13.82 -36.59
C SER O 174 6.11 14.89 -37.06
N ALA O 175 6.90 14.60 -38.08
CA ALA O 175 7.89 15.57 -38.55
C ALA O 175 7.20 16.79 -39.15
N ALA O 176 6.11 16.59 -39.88
CA ALA O 176 5.47 17.71 -40.56
C ALA O 176 4.85 18.69 -39.58
N ILE O 177 4.22 18.20 -38.51
CA ILE O 177 3.54 19.08 -37.58
C ILE O 177 4.29 19.21 -36.26
N GLY O 178 5.53 18.73 -36.19
CA GLY O 178 6.32 18.85 -34.99
C GLY O 178 6.91 20.24 -34.78
N ALA P 1 -0.84 20.90 -51.05
CA ALA P 1 -1.27 21.43 -49.73
C ALA P 1 -2.67 20.95 -49.43
N ASP P 2 -3.00 20.80 -48.15
CA ASP P 2 -4.35 20.40 -47.79
C ASP P 2 -5.34 21.48 -48.21
N ASP P 3 -6.57 21.07 -48.51
CA ASP P 3 -7.59 21.99 -48.97
C ASP P 3 -8.51 22.46 -47.86
N LYS P 4 -8.28 22.01 -46.62
CA LYS P 4 -9.04 22.41 -45.44
C LYS P 4 -10.51 22.04 -45.55
N SER P 5 -10.85 21.09 -46.43
CA SER P 5 -12.22 20.65 -46.60
C SER P 5 -12.70 19.71 -45.50
N GLY P 6 -11.79 19.17 -44.68
CA GLY P 6 -12.16 18.19 -43.68
C GLY P 6 -12.43 16.80 -44.21
N LYS P 7 -12.10 16.55 -45.48
CA LYS P 7 -12.32 15.23 -46.08
C LYS P 7 -11.09 14.37 -45.94
N ALA P 8 -11.30 13.06 -46.05
CA ALA P 8 -10.22 12.09 -45.99
C ALA P 8 -10.69 10.81 -46.68
N PRO P 9 -9.76 9.94 -47.08
CA PRO P 9 -10.15 8.68 -47.73
C PRO P 9 -10.64 7.67 -46.70
N VAL P 10 -11.91 7.31 -46.79
CA VAL P 10 -12.49 6.27 -45.95
C VAL P 10 -12.38 4.94 -46.67
N ILE P 11 -11.62 4.00 -46.09
CA ILE P 11 -11.39 2.69 -46.68
C ILE P 11 -12.25 1.67 -45.95
N THR P 12 -12.98 0.86 -46.71
CA THR P 12 -13.71 -0.28 -46.17
C THR P 12 -13.19 -1.54 -46.86
N VAL P 13 -12.81 -2.53 -46.06
CA VAL P 13 -12.22 -3.78 -46.55
C VAL P 13 -13.25 -4.89 -46.34
N PHE P 14 -13.63 -5.55 -47.43
CA PHE P 14 -14.62 -6.63 -47.41
C PHE P 14 -13.92 -7.95 -47.78
N ASP P 15 -13.34 -8.62 -46.78
CA ASP P 15 -12.92 -10.01 -46.97
C ASP P 15 -14.13 -10.87 -46.65
N HIS P 16 -14.96 -11.07 -47.66
CA HIS P 16 -16.23 -11.78 -47.50
C HIS P 16 -16.21 -13.14 -48.19
N ARG P 17 -15.05 -13.80 -48.20
CA ARG P 17 -14.97 -15.17 -48.68
C ARG P 17 -15.95 -16.06 -47.94
N GLY P 18 -16.68 -16.88 -48.67
CA GLY P 18 -17.67 -17.75 -48.09
C GLY P 18 -18.99 -17.08 -47.76
N CYS P 19 -19.14 -15.80 -48.07
CA CYS P 19 -20.33 -15.05 -47.71
C CYS P 19 -21.50 -15.40 -48.63
N GLN P 20 -22.66 -15.60 -48.04
CA GLN P 20 -23.92 -15.71 -48.75
C GLN P 20 -24.70 -14.44 -48.43
N ARG P 21 -24.49 -13.41 -49.26
CA ARG P 21 -25.04 -12.09 -49.01
C ARG P 21 -26.56 -12.04 -49.15
N GLY P 22 -27.16 -12.99 -49.86
CA GLY P 22 -28.57 -12.94 -50.15
C GLY P 22 -28.96 -12.02 -51.27
N GLY P 23 -28.00 -11.29 -51.85
CA GLY P 23 -28.25 -10.43 -52.98
C GLY P 23 -27.02 -10.29 -53.84
N PRO P 24 -27.18 -9.72 -55.03
CA PRO P 24 -26.05 -9.63 -55.96
C PRO P 24 -24.96 -8.70 -55.46
N ASP P 25 -23.75 -8.95 -55.92
CA ASP P 25 -22.60 -8.07 -55.67
C ASP P 25 -22.48 -7.12 -56.86
N ARG P 26 -23.02 -5.91 -56.72
CA ARG P 26 -23.11 -4.97 -57.83
C ARG P 26 -22.18 -3.78 -57.69
N GLU P 27 -21.51 -3.62 -56.54
CA GLU P 27 -20.70 -2.42 -56.32
C GLU P 27 -19.47 -2.41 -57.22
N TYR P 28 -18.71 -3.51 -57.21
CA TYR P 28 -17.56 -3.63 -58.10
C TYR P 28 -18.04 -3.82 -59.53
N LYS P 29 -17.59 -2.96 -60.44
CA LYS P 29 -18.07 -2.95 -61.82
C LYS P 29 -17.09 -3.58 -62.80
N GLY P 30 -15.95 -4.07 -62.33
CA GLY P 30 -14.94 -4.64 -63.20
C GLY P 30 -15.20 -6.11 -63.48
N LYS P 31 -14.17 -6.78 -64.01
CA LYS P 31 -14.31 -8.16 -64.44
C LYS P 31 -14.00 -9.18 -63.35
N LYS P 32 -14.41 -10.43 -63.61
CA LYS P 32 -14.18 -11.52 -62.66
C LYS P 32 -12.72 -11.97 -62.68
N ALA P 33 -12.25 -12.37 -61.48
CA ALA P 33 -10.94 -13.02 -61.35
C ALA P 33 -11.06 -14.50 -61.55
N ASN P 34 -12.28 -15.03 -61.44
CA ASN P 34 -12.52 -16.47 -61.48
C ASN P 34 -11.79 -17.17 -60.34
N GLY P 35 -11.95 -16.61 -59.15
CA GLY P 35 -11.29 -17.12 -57.97
C GLY P 35 -11.78 -16.42 -56.72
N PRO P 36 -11.13 -16.71 -55.59
CA PRO P 36 -11.59 -16.14 -54.30
C PRO P 36 -11.59 -14.61 -54.27
N ASP P 37 -10.79 -13.95 -55.11
CA ASP P 37 -10.83 -12.50 -55.17
C ASP P 37 -12.20 -11.98 -55.58
N ASP P 38 -13.05 -12.84 -56.17
CA ASP P 38 -14.40 -12.41 -56.48
C ASP P 38 -15.28 -12.30 -55.25
N GLU P 39 -14.82 -12.79 -54.10
CA GLU P 39 -15.56 -12.69 -52.85
C GLU P 39 -15.02 -11.61 -51.93
N MET P 40 -14.02 -10.84 -52.37
CA MET P 40 -13.40 -9.82 -51.54
C MET P 40 -13.38 -8.52 -52.32
N CYS P 41 -13.36 -7.41 -51.59
CA CYS P 41 -13.46 -6.12 -52.24
C CYS P 41 -12.93 -5.04 -51.32
N VAL P 42 -12.35 -4.01 -51.93
CA VAL P 42 -11.93 -2.81 -51.23
C VAL P 42 -12.79 -1.66 -51.73
N LYS P 43 -13.25 -0.83 -50.79
CA LYS P 43 -13.98 0.39 -51.09
C LYS P 43 -13.18 1.59 -50.59
N VAL P 44 -13.05 2.61 -51.43
CA VAL P 44 -12.38 3.85 -51.06
C VAL P 44 -13.26 5.02 -51.46
N GLN P 45 -13.52 5.92 -50.52
CA GLN P 45 -14.35 7.09 -50.78
C GLN P 45 -13.82 8.28 -50.00
N SER P 46 -13.58 9.39 -50.69
CA SER P 46 -13.23 10.63 -50.03
C SER P 46 -14.51 11.24 -49.46
N ALA P 47 -14.55 11.39 -48.14
CA ALA P 47 -15.75 11.84 -47.45
C ALA P 47 -15.39 12.87 -46.39
N LYS P 48 -16.32 13.79 -46.16
CA LYS P 48 -16.18 14.74 -45.07
C LYS P 48 -16.26 14.01 -43.73
N ILE P 49 -15.24 14.21 -42.91
CA ILE P 49 -15.18 13.59 -41.59
C ILE P 49 -15.96 14.46 -40.62
N ALA P 50 -16.89 13.84 -39.89
CA ALA P 50 -17.75 14.57 -38.98
C ALA P 50 -17.81 13.85 -37.64
N VAL P 51 -17.69 14.63 -36.57
CA VAL P 51 -17.76 14.11 -35.21
C VAL P 51 -18.87 14.84 -34.48
N SER P 52 -19.80 14.07 -33.91
CA SER P 52 -20.96 14.64 -33.25
C SER P 52 -20.61 15.19 -31.87
N ALA P 53 -21.49 16.04 -31.35
CA ALA P 53 -21.34 16.54 -29.99
C ALA P 53 -21.45 15.42 -28.98
N THR P 54 -22.30 14.42 -29.23
CA THR P 54 -22.42 13.28 -28.35
C THR P 54 -21.08 12.55 -28.22
N THR P 55 -20.42 12.28 -29.35
CA THR P 55 -19.12 11.62 -29.30
C THR P 55 -18.13 12.47 -28.53
N ALA P 56 -18.08 13.78 -28.82
CA ALA P 56 -17.17 14.67 -28.12
C ALA P 56 -17.46 14.69 -26.62
N ASP P 57 -18.73 14.72 -26.25
CA ASP P 57 -19.08 14.65 -24.83
C ASP P 57 -18.69 13.31 -24.24
N SER P 58 -18.88 12.22 -25.00
CA SER P 58 -18.55 10.91 -24.49
C SER P 58 -17.05 10.78 -24.21
N VAL P 59 -16.21 11.26 -25.14
CA VAL P 59 -14.76 11.19 -24.94
C VAL P 59 -14.33 12.03 -23.75
N LEU P 60 -14.92 13.20 -23.59
CA LEU P 60 -14.60 14.03 -22.43
C LEU P 60 -14.97 13.31 -21.14
N GLN P 61 -16.16 12.71 -21.11
CA GLN P 61 -16.66 12.09 -19.88
C GLN P 61 -15.83 10.88 -19.49
N GLN P 62 -15.29 10.15 -20.46
CA GLN P 62 -14.44 9.00 -20.19
C GLN P 62 -12.98 9.38 -20.05
N THR P 63 -12.62 10.62 -20.33
CA THR P 63 -11.27 11.12 -20.12
C THR P 63 -11.11 11.81 -18.77
N ILE P 64 -12.11 12.59 -18.36
CA ILE P 64 -12.01 13.35 -17.12
C ILE P 64 -11.88 12.44 -15.91
N SER P 65 -12.37 11.21 -16.01
CA SER P 65 -12.33 10.26 -14.90
C SER P 65 -11.03 9.47 -14.85
N THR P 66 -10.09 9.71 -15.77
CA THR P 66 -8.81 9.00 -15.74
C THR P 66 -7.61 9.95 -15.79
N LEU P 67 -7.81 11.24 -15.51
CA LEU P 67 -6.70 12.18 -15.51
C LEU P 67 -5.61 11.74 -14.53
N TYR P 68 -4.35 11.90 -14.94
CA TYR P 68 -3.23 11.60 -14.05
C TYR P 68 -3.41 12.31 -12.72
N ARG P 69 -3.00 11.64 -11.64
CA ARG P 69 -3.21 12.13 -10.29
C ARG P 69 -1.98 11.83 -9.44
N LYS P 70 -2.01 12.32 -8.21
CA LYS P 70 -1.00 12.00 -7.22
C LYS P 70 -1.41 10.77 -6.42
CHC PEB Q . 35.42 24.30 -0.91
NC PEB Q . 35.31 27.01 -0.94
C1C PEB Q . 36.18 28.09 -1.40
C2C PEB Q . 37.39 27.50 -1.99
C3C PEB Q . 37.27 26.05 -1.88
C4C PEB Q . 35.99 25.76 -1.24
CMC PEB Q . 38.33 24.99 -2.38
CAC PEB Q . 38.65 28.39 -2.62
CBC PEB Q . 38.66 28.22 -4.22
CGC PEB Q . 37.20 28.63 -4.82
O1C PEB Q . 36.62 29.76 -4.43
O2C PEB Q . 36.58 27.84 -5.70
ND PEB Q . 35.29 23.54 -3.22
C1D PEB Q . 34.50 23.86 -2.02
C2D PEB Q . 33.87 22.46 -1.60
C3D PEB Q . 34.51 21.46 -2.33
C4D PEB Q . 35.31 22.09 -3.43
CMD PEB Q . 33.08 22.24 -0.23
CAD PEB Q . 34.22 19.92 -2.17
CBD PEB Q . 34.34 19.06 -3.31
OD PEB Q . 35.91 21.50 -4.38
NA PEB Q . 31.32 31.93 3.23
C1A PEB Q . 30.41 32.27 4.36
C2A PEB Q . 29.43 31.05 4.68
C3A PEB Q . 29.77 29.94 3.61
C4A PEB Q . 30.99 30.55 2.75
CMA PEB Q . 29.58 30.50 6.19
CBA PEB Q . 27.52 28.64 3.58
OA PEB Q . 30.43 33.37 4.99
CHA PEB Q . 31.57 29.83 1.65
CAA PEB Q . 28.53 29.50 2.70
NB PEB Q . 33.78 29.43 0.17
C1B PEB Q . 32.84 30.37 0.77
C2B PEB Q . 33.24 31.75 0.39
C3B PEB Q . 34.43 31.63 -0.42
C4B PEB Q . 34.77 30.20 -0.55
CHB PEB Q . 35.91 29.70 -1.31
CMB PEB Q . 32.55 33.17 0.75
CAB PEB Q . 35.29 32.81 -1.09
CBB PEB Q . 36.63 32.91 -0.22
CGB PEB Q . 37.42 34.24 -0.65
O1B PEB Q . 37.68 34.44 -1.95
O2B PEB Q . 37.79 35.12 0.26
HHC1 PEB Q . 34.90 24.33 -0.01
HHC2 PEB Q . 36.21 23.63 -0.83
HNC PEB Q . 34.45 27.12 -0.53
HMC1 PEB Q . 39.14 25.00 -1.75
HMC2 PEB Q . 38.63 25.22 -3.33
HMC3 PEB Q . 37.90 24.06 -2.37
HAC1 PEB Q . 39.53 28.05 -2.24
HAC2 PEB Q . 38.51 29.38 -2.39
HBC1 PEB Q . 38.86 27.24 -4.47
HBC2 PEB Q . 39.38 28.83 -4.63
HND PEB Q . 35.72 24.18 -3.78
H1D1 PEB Q . 33.85 24.64 -2.12
HMD1 PEB Q . 33.11 23.10 0.33
HMD2 PEB Q . 33.51 21.46 0.29
HMD3 PEB Q . 32.10 21.99 -0.44
HAD1 PEB Q . 33.94 19.53 -1.26
HBD1 PEB Q . 34.60 19.44 -4.21
HBD2 PEB Q . 34.14 18.04 -3.20
HNA PEB Q . 31.99 32.50 2.85
H2A1 PEB Q . 28.45 31.35 4.60
H3A1 PEB Q . 30.03 29.06 4.09
HMA1 PEB Q . 30.57 30.36 6.41
HMA2 PEB Q . 29.09 29.62 6.29
HMA3 PEB Q . 29.20 31.17 6.84
HBA1 PEB Q . 26.60 28.61 3.10
HBA2 PEB Q . 27.89 27.67 3.67
HBA3 PEB Q . 27.42 29.07 4.51
HHA1 PEB Q . 31.17 28.93 1.41
HAA1 PEB Q . 28.87 28.95 1.91
HHB1 PEB Q . 36.54 30.35 -1.79
HMB1 PEB Q . 32.66 33.82 -0.05
HMB2 PEB Q . 33.01 33.58 1.57
HMB3 PEB Q . 31.55 33.04 0.94
HAB1 PEB Q . 35.52 32.59 -2.06
HAB2 PEB Q . 34.78 33.69 -1.05
HBB1 PEB Q . 36.39 32.96 0.77
HBB2 PEB Q . 37.21 32.10 -0.39
O2B KPX R . 9.14 -0.03 1.56
NB KPX R . 7.90 4.54 -0.44
ND KPX R . 11.43 3.26 -6.13
OD KPX R . 12.80 2.65 -7.89
C1A KPX R . 6.09 8.19 3.64
C1B KPX R . 7.76 5.05 0.86
C1C KPX R . 7.77 2.82 -2.98
C1D KPX R . 11.04 4.49 -5.53
C2A KPX R . 7.35 8.99 3.89
C2B KPX R . 7.07 4.09 1.61
C2C KPX R . 7.62 1.97 -4.07
C2D KPX R . 11.74 5.53 -6.41
C3A KPX R . 8.38 8.49 2.87
C3B KPX R . 6.76 3.03 0.78
C3C KPX R . 8.27 2.55 -5.15
C3D KPX R . 12.49 4.92 -7.33
C4A KPX R . 7.76 7.18 2.35
C4B KPX R . 7.28 3.32 -0.49
C4C KPX R . 8.82 3.74 -4.74
C4D KPX R . 12.30 3.50 -7.20
CAA KPX R . 9.76 8.35 3.45
CAB KPX R . 5.97 1.73 1.20
CAC KPX R . 6.88 0.66 -4.03
CAD KPX R . 13.12 5.63 -8.53
CBA KPX R . 10.81 8.27 2.37
CBB KPX R . 6.88 0.80 2.02
CBC KPX R . 7.30 -0.42 -4.72
CBD KPX R . 14.08 5.03 -9.28
CGB KPX R . 7.95 0.15 1.12
CGC KPX R . 6.48 -1.71 -4.62
CHA KPX R . 8.35 6.40 1.32
CHB KPX R . 7.16 2.49 -1.58
CHC KPX R . 9.61 4.72 -5.62
CMA KPX R . 7.10 10.52 3.81
CMB KPX R . 6.69 4.18 3.09
CMC KPX R . 8.36 1.95 -6.56
CMD KPX R . 11.54 7.07 -6.30
NA KPX R . 6.37 7.13 2.71
NC KPX R . 8.50 3.91 -3.38
O1B KPX R . 7.66 -0.19 -0.06
O1C KPX R . 6.50 -2.55 -5.56
O2C KPX R . 5.79 -1.92 -3.59
OA KPX R . 5.00 8.42 4.14
HND KPX R . 11.15 2.43 -5.85
H1D1 KPX R . 11.19 4.54 -4.57
H2A1 KPX R . 7.69 8.84 4.80
H3A1 KPX R . 8.50 9.13 2.14
HAA1 KPX R . 9.96 9.13 4.00
HAB2 KPX R . 5.19 1.97 1.72
HAB1 KPX R . 5.68 1.26 0.39
HAC1 KPX R . 6.05 0.58 -3.48
HAD1 KPX R . 12.83 6.55 -8.76
HBA3 KPX R . 10.39 8.40 1.49
HBA1 KPX R . 11.24 7.38 2.39
HBA2 KPX R . 11.49 8.96 2.51
HBB1 KPX R . 7.32 1.32 2.72
HBB2 KPX R . 6.34 0.10 2.43
HBC1 KPX R . 8.10 -0.37 -5.27
HBD1 KPX R . 14.38 4.12 -9.06
HBD2 KPX R . 14.48 5.50 -10.06
HHA1 KPX R . 9.16 6.73 0.89
HHB1 KPX R . 6.67 1.65 -1.47
HHC2 KPX R . 9.34 4.60 -6.54
HHC1 KPX R . 9.41 5.62 -5.33
HMA3 KPX R . 6.64 10.74 2.97
HMA1 KPX R . 7.96 11.01 3.85
HMA2 KPX R . 6.54 10.81 4.58
HMB1 KPX R . 6.76 3.29 3.50
HMB2 KPX R . 5.77 4.51 3.17
HMB3 KPX R . 7.29 4.79 3.55
HMC2 KPX R . 8.43 2.67 -7.22
HMC1 KPX R . 7.54 1.42 -6.74
HMC3 KPX R . 9.14 1.36 -6.62
HMD3 KPX R . 12.28 7.53 -6.75
HMD2 KPX R . 11.52 7.33 -5.35
HMD1 KPX R . 10.69 7.32 -6.73
HNA KPX R . 5.77 6.51 2.42
HNC KPX R . 8.74 4.63 -2.86
NB KQ6 S . 13.38 25.42 6.22
ND KQ6 S . 14.50 31.39 9.40
OD KQ6 S . 14.72 33.56 10.46
C1A KQ6 S . 9.67 24.26 1.76
C1B KQ6 S . 12.81 24.57 5.15
C1C KQ6 S . 14.36 26.54 8.98
C1D KQ6 S . 14.84 30.85 8.06
C2A KQ6 S . 10.55 24.87 0.54
C2B KQ6 S . 12.22 23.35 5.74
C2C KQ6 S . 14.87 26.92 10.27
C2D KQ6 S . 15.29 32.13 7.25
C3A KQ6 S . 12.04 24.88 1.09
C3B KQ6 S . 12.41 23.45 7.18
C3C KQ6 S . 15.55 28.18 10.16
C3D KQ6 S . 15.47 33.20 8.13
C4A KQ6 S . 11.84 24.74 2.70
C4B KQ6 S . 13.13 24.72 7.45
C4C KQ6 S . 15.45 28.58 8.75
C4D KQ6 S . 14.88 32.81 9.46
CAA KQ6 S . 12.94 26.14 0.79
CAB KQ6 S . 11.97 22.37 8.24
CAC KQ6 S . 14.68 26.04 11.59
CAD KQ6 S . 16.03 34.66 7.75
CBA KQ6 S . 12.35 27.43 1.58
CBB KQ6 S . 10.46 22.53 8.74
CBC KQ6 S . 15.74 25.72 12.48
CBD KQ6 S . 14.84 35.71 7.88
CGB KQ6 S . 10.38 23.80 9.76
CGC KQ6 S . 15.30 24.84 13.70
CHA KQ6 S . 12.90 24.99 3.62
CHB KQ6 S . 13.51 25.16 8.77
CHC KQ6 S . 16.03 29.90 8.14
CMA KQ6 S . 10.42 24.07 -0.81
CMB KQ6 S . 11.49 22.11 5.00
CMC KQ6 S . 16.29 28.97 11.35
CMD KQ6 S . 15.64 32.10 5.68
NA KQ6 S . 10.45 24.23 3.01
NC KQ6 S . 14.70 27.57 8.03
O1B KQ6 S . 9.31 24.61 9.71
O1C KQ6 S . 14.25 24.05 13.54
O2B KQ6 S . 11.40 24.04 10.57
O2C KQ6 S . 15.94 24.91 14.83
OA KQ6 S . 8.45 23.88 1.67
HND KQ6 S . 14.10 30.90 10.11
H1D1 KQ6 S . 14.11 30.27 7.63
H2A1 KQ6 S . 10.24 25.82 0.32
H3A1 KQ6 S . 12.54 24.11 0.62
HAA1 KQ6 S . 13.89 25.97 1.10
HAB1 KQ6 S . 12.59 22.45 9.05
HAB2 KQ6 S . 12.08 21.45 7.83
HAC1 KQ6 S . 13.72 25.67 11.80
HAD1 KQ6 S . 16.39 34.65 6.77
HBA1 KQ6 S . 11.33 27.34 1.64
HBA3 KQ6 S . 12.60 28.28 1.07
HBA2 KQ6 S . 12.75 27.46 2.52
HBB2 KQ6 S . 10.17 21.68 9.24
HBB1 KQ6 S . 9.84 22.69 7.95
HBC1 KQ6 S . 16.71 26.04 12.34
HBD1 KQ6 S . 14.55 36.03 6.97
HBD2 KQ6 S . 15.16 36.51 8.43
HBD3 KQ6 S . 14.06 35.27 8.35
HHA1 KQ6 S . 13.76 25.46 3.29
HHB1 KQ6 S . 13.24 24.61 9.59
HHC2 KQ6 S . 16.41 29.72 7.21
HHC1 KQ6 S . 16.76 30.29 8.74
HMA2 KQ6 S . 10.71 23.10 -0.65
HMA1 KQ6 S . 11.03 24.49 -1.52
HMA3 KQ6 S . 9.45 24.11 -1.13
HMB3 KQ6 S . 11.53 22.22 3.99
HMB1 KQ6 S . 10.51 22.06 5.30
HMB2 KQ6 S . 11.96 21.24 5.26
HMC2 KQ6 S . 17.28 29.10 11.11
HMC1 KQ6 S . 16.22 28.43 12.20
HMC3 KQ6 S . 15.85 29.88 11.48
HMD1 KQ6 S . 15.86 31.14 5.40
HMD2 KQ6 S . 16.45 32.70 5.50
HMD3 KQ6 S . 14.84 32.43 5.15
HNA KQ6 S . 10.14 23.93 3.88
HNC KQ6 S . 14.47 27.60 7.10
C1 GOL T . 13.56 30.85 -0.43
O1 GOL T . 13.05 32.08 -0.89
C2 GOL T . 14.70 31.15 0.59
O2 GOL T . 15.63 32.05 0.09
C3 GOL T . 13.99 31.69 1.87
O3 GOL T . 13.18 30.65 2.37
H11 GOL T . 13.93 30.32 -1.16
H12 GOL T . 12.89 30.30 -0.01
HO1 GOL T . 12.83 31.97 -1.71
H2 GOL T . 15.18 30.33 0.79
HO2 GOL T . 16.04 32.40 0.75
H31 GOL T . 13.48 32.48 1.64
H32 GOL T . 14.66 31.98 2.50
HO3 GOL T . 13.57 30.36 3.07
C1 GOL U . 11.57 25.10 -6.17
O1 GOL U . 11.61 24.51 -4.88
C2 GOL U . 11.07 23.98 -7.07
O2 GOL U . 9.71 23.85 -6.96
C3 GOL U . 11.55 24.34 -8.48
O3 GOL U . 12.95 24.06 -8.52
H11 GOL U . 12.43 25.43 -6.47
H12 GOL U . 10.97 25.86 -6.21
HO1 GOL U . 12.26 23.95 -4.90
H2 GOL U . 11.46 23.14 -6.80
HO2 GOL U . 9.46 23.29 -7.57
H31 GOL U . 11.33 25.27 -8.67
H32 GOL U . 11.03 23.81 -9.12
HO3 GOL U . 13.24 24.36 -9.27
CBB KP9 V . 13.06 15.18 -22.79
CBA KP9 V . 6.93 11.46 -17.35
CBC KP9 V . 18.41 11.91 -18.86
NB KP9 V . 11.75 11.83 -19.92
ND KP9 V . 15.11 6.53 -19.32
OD KP9 V . 16.42 4.55 -19.75
C1A KP9 V . 6.39 13.54 -21.62
C1B KP9 V . 10.58 12.65 -20.04
C1C KP9 V . 14.75 11.03 -19.55
C1D KP9 V . 13.95 6.85 -18.44
C2A KP9 V . 5.70 12.64 -20.73
C2B KP9 V . 11.00 13.95 -20.53
C2C KP9 V . 16.12 10.76 -19.23
C2D KP9 V . 13.63 5.49 -17.72
C3A KP9 V . 6.67 12.01 -19.89
C3B KP9 V . 12.40 13.90 -20.70
C3C KP9 V . 16.17 9.59 -18.42
C3D KP9 V . 14.55 4.53 -18.10
C4A KP9 V . 7.95 12.51 -20.27
C4B KP9 V . 12.85 12.59 -20.33
C4C KP9 V . 14.82 9.16 -18.23
C4D KP9 V . 15.48 5.14 -19.13
CAA KP9 V . 6.38 10.93 -18.75
CAB KP9 V . 13.32 15.06 -21.23
CAC KP9 V . 17.35 11.60 -19.72
CAD KP9 V . 14.62 3.08 -17.46
CBD KP9 V . 15.13 2.01 -18.21
CGB KP9 V . 13.25 13.77 -23.51
CGC KP9 V . 19.58 12.76 -19.49
CHA KP9 V . 9.15 12.11 -19.65
CHB KP9 V . 14.34 12.09 -20.37
CHC KP9 V . 14.38 7.90 -17.40
CMA KP9 V . 4.14 12.38 -20.67
CMB KP9 V . 10.10 15.24 -20.82
CMC KP9 V . 17.48 8.93 -17.81
CMD KP9 V . 12.55 5.29 -16.57
NA KP9 V . 7.77 13.44 -21.34
NC KP9 V . 13.93 10.03 -18.94
O1B KP9 V . 12.21 13.05 -23.90
O1C KP9 V . 20.78 12.75 -18.92
O2B KP9 V . 14.46 13.32 -23.72
O2C KP9 V . 19.34 13.43 -20.61
OA KP9 V . 5.89 14.28 -22.53
HBB2 KP9 V . 12.10 15.51 -22.94
HBB1 KP9 V . 13.72 15.86 -23.19
HBA3 KP9 V . 6.20 11.34 -16.64
HBA2 KP9 V . 7.17 12.46 -17.43
HBA1 KP9 V . 7.76 10.92 -17.08
HBC1 KP9 V . 18.41 11.61 -17.88
HNB KP9 V . 11.76 10.92 -19.63
HND KP9 V . 15.54 7.14 -19.91
H1D1 KP9 V . 13.15 7.32 -18.90
HAA1 KP9 V . 5.37 10.77 -18.68
HAB1 KP9 V . 13.09 15.93 -20.76
HAB2 KP9 V . 14.31 14.83 -21.05
HAC1 KP9 V . 17.38 11.93 -20.70
HAD1 KP9 V . 14.29 2.93 -16.50
HBD1 KP9 V . 15.46 2.17 -19.17
HBD2 KP9 V . 15.17 1.07 -17.79
HHA1 KP9 V . 9.10 11.41 -18.90
HHB1 KP9 V . 15.02 12.55 -20.99
HHC2 KP9 V . 15.16 7.54 -16.85
HHC1 KP9 V . 13.59 8.13 -16.78
HMA3 KP9 V . 3.85 12.24 -19.69
HMA2 KP9 V . 3.91 11.55 -21.22
HMA1 KP9 V . 3.65 13.20 -21.06
HMB2 KP9 V . 10.60 16.07 -20.49
HMB3 KP9 V . 9.21 15.15 -20.32
HMB1 KP9 V . 9.93 15.31 -21.83
HMC1 KP9 V . 18.30 9.23 -18.35
HMC3 KP9 V . 17.40 7.90 -17.87
HMC2 KP9 V . 17.59 9.21 -16.83
HMD1 KP9 V . 12.29 4.30 -16.51
HMD2 KP9 V . 11.72 5.86 -16.79
HMD3 KP9 V . 12.96 5.60 -15.68
HNA KP9 V . 8.48 13.93 -21.78
CHC PEB W . 7.22 38.91 -23.06
NC PEB W . 8.39 36.64 -23.92
C1C PEB W . 9.15 36.23 -25.07
C2C PEB W . 9.31 37.37 -25.98
C3C PEB W . 8.64 38.50 -25.37
C4C PEB W . 8.07 38.05 -24.09
CMC PEB W . 8.54 39.95 -25.99
CAC PEB W . 10.13 37.28 -27.41
CBC PEB W . 11.54 38.03 -27.28
CGC PEB W . 12.35 37.48 -25.99
O1C PEB W . 12.64 36.18 -25.89
O2C PEB W . 12.71 38.34 -25.05
ND PEB W . 9.05 40.45 -22.47
C1D PEB W . 8.14 39.43 -21.96
C2D PEB W . 7.19 40.22 -20.96
C3D PEB W . 7.47 41.59 -21.04
C4D PEB W . 8.67 41.76 -21.94
CMD PEB W . 6.05 39.54 -20.04
CAD PEB W . 6.77 42.70 -20.20
CBD PEB W . 7.35 44.00 -20.06
OD PEB W . 9.25 42.86 -22.18
NA PEB W . 6.82 29.44 -22.33
C1A PEB W . 5.93 28.41 -21.71
C2A PEB W . 5.18 29.01 -20.43
C3A PEB W . 5.77 30.46 -20.23
C4A PEB W . 6.69 30.70 -21.53
CMA PEB W . 3.57 29.04 -20.60
CBA PEB W . 5.50 30.83 -17.69
OA PEB W . 5.79 27.24 -22.13
CHA PEB W . 7.40 31.93 -21.71
CAA PEB W . 6.57 30.64 -18.87
NB PEB W . 8.44 33.65 -23.47
C1B PEB W . 8.33 32.28 -23.00
C2B PEB W . 9.20 31.41 -23.84
C3B PEB W . 9.82 32.26 -24.82
C4B PEB W . 9.35 33.63 -24.59
CHB PEB W . 9.76 34.76 -25.40
CMB PEB W . 9.50 29.82 -23.80
CAB PEB W . 10.82 31.81 -25.99
CBB PEB W . 9.99 31.99 -27.34
CGB PEB W . 10.63 31.10 -28.49
O1B PEB W . 9.94 30.87 -29.62
O2B PEB W . 11.84 30.57 -28.34
HHC1 PEB W . 6.48 38.33 -22.64
HHC2 PEB W . 6.80 39.72 -23.55
HNC PEB W . 8.14 36.09 -23.16
HMC1 PEB W . 7.88 39.95 -26.77
HMC2 PEB W . 9.47 40.24 -26.33
HMC3 PEB W . 8.22 40.61 -25.27
HAC1 PEB W . 9.56 37.72 -28.15
HAC2 PEB W . 10.29 36.30 -27.66
HBC1 PEB W . 11.37 39.05 -27.18
HBC2 PEB W . 12.10 37.86 -28.13
HND PEB W . 9.78 40.30 -23.06
H1D1 PEB W . 8.62 38.59 -21.62
HMD1 PEB W . 5.14 39.62 -20.53
HMD2 PEB W . 6.00 40.04 -19.14
HMD3 PEB W . 6.29 38.55 -19.89
HAD1 PEB W . 5.87 42.50 -19.74
HBD1 PEB W . 8.23 44.21 -20.51
HBD2 PEB W . 6.86 44.72 -19.50
HNA PEB W . 7.37 29.32 -23.10
H2A1 PEB W . 5.36 28.42 -19.61
H3A1 PEB W . 5.01 31.16 -20.18
HMA1 PEB W . 3.33 29.75 -21.29
HMA2 PEB W . 3.15 29.27 -19.71
HMA3 PEB W . 3.25 28.13 -20.92
HBA1 PEB W . 4.73 30.14 -17.80
HBA2 PEB W . 5.97 30.70 -16.77
HBA3 PEB W . 5.11 31.80 -17.74
HHA1 PEB W . 7.32 32.65 -20.98
HAA1 PEB W . 7.16 31.47 -18.93
HHB1 PEB W . 10.44 34.64 -26.17
HMB1 PEB W . 10.47 29.64 -24.07
HMB2 PEB W . 8.87 29.34 -24.45
HMB3 PEB W . 9.34 29.47 -22.84
HAB1 PEB W . 11.65 32.41 -26.01
HAB2 PEB W . 11.11 30.84 -25.87
HBB1 PEB W . 9.02 31.70 -27.18
HBB2 PEB W . 10.00 32.98 -27.62
O2B KPX X . -0.89 47.90 10.58
NB KPX X . 2.72 44.44 9.72
ND KPX X . 6.76 49.44 7.31
OD KPX X . 7.94 51.21 6.39
C1A KPX X . 0.68 38.96 9.30
C1B KPX X . 1.81 43.39 9.56
C1C KPX X . 4.24 46.97 10.71
C1D KPX X . 6.79 48.02 7.17
C2A KPX X . 0.82 38.76 7.80
C2B KPX X . 0.86 43.51 10.58
C2C KPX X . 4.81 48.13 11.23
C2D KPX X . 7.90 47.80 6.15
C3A KPX X . 1.31 40.10 7.26
C3B KPX X . 1.18 44.63 11.34
C3C KPX X . 5.94 48.43 10.47
C3D KPX X . 8.42 48.97 5.78
C4A KPX X . 1.42 41.02 8.49
C4B KPX X . 2.34 45.20 10.79
C4C KPX X . 6.04 47.47 9.48
C4D KPX X . 7.72 50.03 6.48
CAA KPX X . 0.39 40.62 6.17
CAB KPX X . 0.40 45.19 12.60
CAC KPX X . 4.24 48.84 12.44
CAD KPX X . 9.74 49.13 5.01
CBA KPX X . 1.03 41.69 5.34
CBB KPX X . -0.80 46.06 12.18
CBC KPX X . 4.60 50.08 12.84
CBD KPX X . 10.01 50.31 4.34
CGB KPX X . -0.33 47.43 11.62
CGC KPX X . 3.93 50.63 14.10
CHA KPX X . 1.93 42.34 8.42
CHB KPX X . 2.95 46.32 11.30
CHC KPX X . 7.16 47.39 8.42
CMA KPX X . 1.74 37.56 7.46
CMB KPX X . -0.35 42.62 10.85
CMC KPX X . 6.91 49.60 10.66
CMD KPX X . 8.46 46.41 5.73
NA KPX X . 1.07 40.29 9.66
NC KPX X . 4.99 46.57 9.64
O1B KPX X . 0.59 48.08 12.19
O1C KPX X . 2.83 50.12 14.49
O2C KPX X . 4.46 51.58 14.74
OA KPX X . 0.33 38.09 10.09
HND KPX X . 6.19 49.90 7.87
H1D1 KPX X . 5.93 47.61 6.97
H2A1 KPX X . -0.06 38.54 7.40
H3A1 KPX X . 2.17 40.02 6.83
HAA1 KPX X . 0.16 39.88 5.57
HAB2 KPX X . 0.09 44.44 13.13
HAB1 KPX X . 1.02 45.73 13.13
HAC1 KPX X . 3.56 48.37 12.98
HAD1 KPX X . 10.40 48.41 4.99
HBA3 KPX X . 1.92 41.90 5.71
HBA1 KPX X . 0.48 42.51 5.38
HBA2 KPX X . 1.12 41.39 4.41
HBB1 KPX X . -1.31 45.60 11.50
HBB2 KPX X . -1.36 46.21 12.97
HBC1 KPX X . 5.26 50.60 12.35
HBD1 KPX X . 9.35 51.04 4.36
HBD2 KPX X . 10.85 50.41 3.84
HHA1 KPX X . 2.40 42.62 7.61
HHB1 KPX X . 2.54 46.74 12.09
HHC2 KPX X . 7.95 47.83 8.77
HHC1 KPX X . 7.36 46.45 8.24
HMA3 KPX X . 2.65 37.75 7.77
HMA1 KPX X . 1.74 37.43 6.48
HMA2 KPX X . 1.40 36.76 7.90
HMB1 KPX X . -1.11 43.17 11.15
HMB2 KPX X . -0.13 41.96 11.53
HMB3 KPX X . -0.62 42.16 10.02
HMC2 KPX X . 7.74 49.42 10.17
HMC1 KPX X . 7.12 49.70 11.61
HMC3 KPX X . 6.51 50.42 10.32
HMD3 KPX X . 7.72 45.85 5.41
HMD2 KPX X . 8.89 45.97 6.49
HMD1 KPX X . 9.13 46.53 5.01
HNA KPX X . 1.08 40.62 10.52
HNC KPX X . 4.83 45.82 9.12
NB KQ6 Y . 4.10 27.09 -3.69
ND KQ6 Y . 3.34 21.26 -6.77
OD KQ6 Y . 2.54 19.24 -7.81
C1A KQ6 Y . 8.15 28.56 0.44
C1B KQ6 Y . 4.79 28.02 -2.77
C1C KQ6 Y . 2.05 25.41 -5.21
C1D KQ6 Y . 4.54 22.11 -6.92
C2A KQ6 Y . 9.36 28.95 -0.58
C2B KQ6 Y . 3.82 28.61 -1.83
C2C KQ6 Y . 1.01 24.85 -6.01
C2D KQ6 Y . 5.46 21.28 -7.91
C3A KQ6 Y . 8.68 29.05 -2.00
C3B KQ6 Y . 2.52 28.04 -2.17
C3C KQ6 Y . 1.61 24.06 -7.04
C3D KQ6 Y . 4.69 20.24 -8.47
C4A KQ6 Y . 7.18 28.52 -1.78
C4B KQ6 Y . 2.72 27.12 -3.30
C4C KQ6 Y . 3.05 24.12 -6.82
C4D KQ6 Y . 3.41 20.14 -7.69
CAA KQ6 Y . 9.35 28.22 -3.17
CAB KQ6 Y . 1.15 28.37 -1.46
CAC KQ6 Y . -0.50 25.23 -5.73
CAD KQ6 Y . 5.24 19.15 -9.51
CBA KQ6 Y . 9.11 26.65 -2.93
CBB KQ6 Y . 0.82 27.26 -0.35
CBC KQ6 Y . -1.37 25.44 -6.83
CBD KQ6 Y . 5.04 17.70 -8.90
CGB KQ6 Y . 0.46 25.92 -1.16
CGC KQ6 Y . -2.82 25.85 -6.47
CHA KQ6 Y . 6.34 28.27 -2.90
CHB KQ6 Y . 1.68 26.37 -3.94
CHC KQ6 Y . 4.16 23.39 -7.66
CMA KQ6 Y . 10.13 30.29 -0.25
CMB KQ6 Y . 4.11 29.67 -0.65
CMC KQ6 Y . 0.86 23.27 -8.19
CMD KQ6 Y . 6.78 21.92 -8.58
NA KQ6 Y . 6.90 28.30 -0.31
NC KQ6 Y . 3.32 24.95 -5.68
O1B KQ6 Y . 1.31 24.91 -1.13
O1C KQ6 Y . -3.72 25.86 -7.41
O2B KQ6 Y . -0.66 25.83 -1.87
O2C KQ6 Y . -3.08 26.20 -5.23
OA KQ6 Y . 8.24 28.46 1.72
HND KQ6 Y . 2.62 21.43 -6.15
H1D1 KQ6 Y . 4.98 22.42 -6.05
H2A1 KQ6 Y . 10.08 28.22 -0.52
H3A1 KQ6 Y . 8.76 30.04 -2.31
HAA1 KQ6 Y . 8.92 28.49 -4.06
HAB1 KQ6 Y . 0.40 28.37 -2.16
HAB2 KQ6 Y . 1.20 29.29 -1.01
HAC1 KQ6 Y . -0.86 25.30 -4.75
HAD1 KQ6 Y . 6.25 19.31 -9.69
HBA1 KQ6 Y . 9.13 26.46 -1.92
HBA3 KQ6 Y . 9.86 26.11 -3.40
HBA2 KQ6 Y . 8.20 26.37 -3.31
HBB2 KQ6 Y . 0.03 27.57 0.23
HBB1 KQ6 Y . 1.64 27.11 0.24
HBC1 KQ6 Y . -1.05 25.34 -7.81
HBD1 KQ6 Y . 4.25 17.24 -9.36
HBD2 KQ6 Y . 4.86 17.77 -7.90
HBD3 KQ6 Y . 5.88 17.15 -9.05
HHA1 KQ6 Y . 6.76 28.27 -3.83
HHB1 KQ6 Y . 0.71 26.43 -3.61
HHC2 KQ6 Y . 4.97 23.99 -7.76
HHC1 KQ6 Y . 3.79 23.16 -8.59
HMA2 KQ6 Y . 9.46 31.06 -0.19
HMA1 KQ6 Y . 10.82 30.49 -0.98
HMA3 KQ6 Y . 10.61 30.19 0.66
HMB3 KQ6 Y . 3.42 30.44 -0.70
HMB1 KQ6 Y . 5.05 30.07 -0.77
HMB2 KQ6 Y . 4.05 29.21 0.26
HMC2 KQ6 Y . 1.53 22.85 -8.81
HMC1 KQ6 Y . 0.26 23.90 -8.71
HMC3 KQ6 Y . 0.28 22.54 -7.76
HMD1 KQ6 Y . 7.33 21.18 -9.04
HMD2 KQ6 Y . 7.35 22.35 -7.85
HMD3 KQ6 Y . 6.51 22.62 -9.28
HNA KQ6 Y . 6.05 28.04 0.07
HNC KQ6 Y . 4.18 25.16 -5.31
CBB KP9 Z . 26.22 46.62 2.35
CBA KP9 Z . 20.34 45.24 9.22
CBC KP9 Z . 20.63 49.86 -1.68
NB KP9 Z . 22.34 47.90 4.65
ND KP9 Z . 19.75 53.59 3.19
OD KP9 Z . 19.32 55.87 2.48
C1A KP9 Z . 25.15 45.35 9.13
C1B KP9 Z . 22.92 46.87 5.45
C1C KP9 Z . 21.45 49.52 2.10
C1D KP9 Z . 19.19 52.71 4.24
C2A KP9 Z . 24.01 45.41 10.03
C2B KP9 Z . 23.85 46.12 4.64
C2C KP9 Z . 20.86 50.07 0.90
C2D KP9 Z . 18.07 53.59 4.93
C3A KP9 Z . 22.89 45.90 9.31
C3B KP9 Z . 23.83 46.70 3.34
C3C KP9 Z . 19.71 50.85 1.27
C3D KP9 Z . 18.05 54.86 4.34
C4A KP9 Z . 23.33 46.17 7.96
C4B KP9 Z . 22.90 47.80 3.34
C4C KP9 Z . 19.62 50.79 2.71
C4D KP9 Z . 19.07 54.88 3.24
CAA KP9 Z . 21.44 46.16 9.90
CAB KP9 Z . 24.69 46.22 2.11
CAC KP9 Z . 21.43 49.77 -0.54
CAD KP9 Z . 17.19 56.13 4.79
CBD KP9 Z . 15.92 55.98 5.40
CGB KP9 Z . 26.33 48.16 2.69
CGC KP9 Z . 21.34 49.51 -3.03
CHA KP9 Z . 22.49 46.67 6.95
CHB KP9 Z . 22.59 48.71 2.10
CHC KP9 Z . 18.54 51.49 3.61
CMA KP9 Z . 24.03 44.97 11.55
CMB KP9 Z . 24.73 44.87 5.03
CMC KP9 Z . 18.74 51.63 0.29
CMD KP9 Z . 17.21 53.07 6.16
NA KP9 Z . 24.72 45.84 7.85
NC KP9 Z . 20.69 49.97 3.22
O1B KP9 Z . 26.48 48.57 3.96
O1C KP9 Z . 20.90 49.98 -4.19
O2B KP9 Z . 26.27 49.04 1.72
O2C KP9 Z . 22.40 48.72 -2.97
OA KP9 Z . 26.32 44.97 9.42
HBB2 KP9 Z . 26.75 46.43 1.49
HBB1 KP9 Z . 26.59 46.06 3.11
HBA3 KP9 Z . 20.12 45.61 8.29
HBA2 KP9 Z . 19.49 45.26 9.79
HBA1 KP9 Z . 20.68 44.28 9.14
HBC1 KP9 Z . 19.64 50.14 -1.64
HNB KP9 Z . 21.69 48.54 4.93
HND KP9 Z . 20.44 53.36 2.58
H1D1 KP9 Z . 19.89 52.29 4.87
HAA1 KP9 Z . 21.46 45.94 10.90
HAB1 KP9 Z . 24.62 45.20 2.00
HAB2 KP9 Z . 24.35 46.68 1.25
HAC1 KP9 Z . 22.42 49.52 -0.63
HAD1 KP9 Z . 17.57 57.07 4.63
HBD1 KP9 Z . 15.54 55.04 5.56
HBD2 KP9 Z . 15.39 56.81 5.68
HHA1 KP9 Z . 21.54 46.94 7.22
HHB1 KP9 Z . 23.22 48.71 1.29
HHC2 KP9 Z . 17.74 51.78 3.04
HHC1 KP9 Z . 18.22 50.84 4.34
HMA3 KP9 Z . 23.09 44.62 11.82
HMA2 KP9 Z . 24.27 45.78 12.15
HMA1 KP9 Z . 24.72 44.22 11.69
HMB2 KP9 Z . 24.32 44.41 5.86
HMB3 KP9 Z . 25.68 45.19 5.25
HMB1 KP9 Z . 24.76 44.20 4.25
HMC1 KP9 Z . 19.30 52.12 -0.43
HMC3 KP9 Z . 18.20 52.32 0.82
HMC2 KP9 Z . 18.10 50.97 -0.17
HMD1 KP9 Z . 16.25 52.87 5.84
HMD2 KP9 Z . 17.64 52.21 6.54
HMD3 KP9 Z . 17.19 53.79 6.90
HNA KP9 Z . 25.26 45.92 7.07
CHC PEB AA . -40.88 -8.04 44.95
NC PEB AA . -38.57 -7.23 43.80
C1C PEB AA . -37.15 -7.47 44.01
C2C PEB AA . -36.97 -8.39 45.14
C3C PEB AA . -38.31 -8.72 45.64
C4C PEB AA . -39.29 -8.00 44.81
CMC PEB AA . -38.62 -9.69 46.85
CAC PEB AA . -35.51 -8.91 45.69
CBC PEB AA . -35.35 -10.47 45.33
CGC PEB AA . -35.59 -10.72 43.75
O1C PEB AA . -34.99 -9.94 42.86
O2C PEB AA . -36.37 -11.72 43.36
ND PEB AA . -41.08 -10.43 44.49
C1D PEB AA . -41.42 -9.08 43.99
C2D PEB AA . -43.01 -9.04 44.05
C3D PEB AA . -43.45 -10.12 44.83
C4D PEB AA . -42.29 -11.07 45.01
CMD PEB AA . -43.87 -7.74 43.68
CAD PEB AA . -44.93 -10.42 45.21
CBD PEB AA . -45.37 -11.76 45.36
OD PEB AA . -42.35 -12.22 45.52
NA PEB AA . -37.01 -1.10 39.59
C1A PEB AA . -37.38 0.24 39.00
C2A PEB AA . -38.95 0.30 38.72
C3A PEB AA . -39.52 -1.12 39.12
C4A PEB AA . -38.25 -1.92 39.71
CMA PEB AA . -39.70 1.49 39.53
CBA PEB AA . -41.62 -1.14 37.64
OA PEB AA . -36.56 1.16 38.76
CHA PEB AA . -38.39 -3.28 40.19
CAA PEB AA . -40.23 -1.88 37.92
NB PEB AA . -37.42 -5.18 41.85
C1B PEB AA . -37.18 -4.16 40.82
C2B PEB AA . -35.72 -4.16 40.53
C3B PEB AA . -35.10 -5.14 41.38
C4B PEB AA . -36.16 -5.78 42.18
CHB PEB AA . -35.90 -6.85 43.16
CMB PEB AA . -34.87 -3.25 39.48
CAB PEB AA . -33.54 -5.53 41.46
CBB PEB AA . -33.01 -4.88 42.82
CGB PEB AA . -31.41 -4.99 42.82
O1B PEB AA . -30.86 -6.20 42.71
O2B PEB AA . -30.67 -3.89 42.91
HHC1 PEB AA . -41.28 -7.11 44.72
HHC2 PEB AA . -41.14 -8.30 45.92
HNC PEB AA . -38.96 -6.67 43.13
HMC1 PEB AA . -38.29 -9.26 47.72
HMC2 PEB AA . -38.13 -10.58 46.71
HMC3 PEB AA . -39.63 -9.86 46.91
HAC1 PEB AA . -35.45 -8.77 46.70
HAC2 PEB AA . -34.76 -8.37 45.22
HBC1 PEB AA . -36.04 -11.00 45.88
HBC2 PEB AA . -34.40 -10.78 45.60
HND PEB AA . -40.22 -10.82 44.48
H1D1 PEB AA . -40.99 -8.84 43.10
HMD1 PEB AA . -44.03 -7.18 44.51
HMD2 PEB AA . -44.77 -8.03 43.27
HMD3 PEB AA . -43.35 -7.18 42.97
HAD1 PEB AA . -45.59 -9.64 45.36
HBD1 PEB AA . -44.72 -12.53 45.21
HBD2 PEB AA . -46.35 -11.96 45.62
HNA PEB AA . -36.13 -1.37 39.83
H2A1 PEB AA . -39.13 0.50 37.73
H3A1 PEB AA . -40.26 -1.01 39.83
HMA1 PEB AA . -40.53 1.77 39.04
HMA2 PEB AA . -39.06 2.29 39.60
HMA3 PEB AA . -39.94 1.17 40.46
HBA1 PEB AA . -42.11 -1.63 36.86
HBA2 PEB AA . -42.20 -1.16 38.49
HBA3 PEB AA . -41.44 -0.16 37.36
HHA1 PEB AA . -39.31 -3.72 40.12
HAA1 PEB AA . -40.39 -2.85 38.17
HHB1 PEB AA . -34.95 -7.20 43.31
HMB1 PEB AA . -34.11 -3.80 39.08
HMB2 PEB AA . -34.48 -2.42 39.97
HMB3 PEB AA . -35.50 -2.93 38.72
HAB1 PEB AA . -33.42 -6.55 41.47
HAB2 PEB AA . -33.04 -5.14 40.65
HBB1 PEB AA . -33.28 -3.90 42.87
HBB2 PEB AA . -33.39 -5.40 43.62
O2B KPX BA . -74.44 -8.82 32.21
NB KPX BA . -70.60 -9.22 28.68
ND KPX BA . -68.97 -15.44 30.77
OD KPX BA . -68.49 -17.48 31.78
C1A KPX BA . -69.09 -3.94 26.90
C1B KPX BA . -70.48 -7.83 28.75
C1C KPX BA . -71.66 -12.08 28.56
C1D KPX BA . -68.21 -14.46 30.07
C2A KPX BA . -67.86 -3.68 27.73
C2B KPX BA . -71.77 -7.29 28.73
C2C KPX BA . -72.25 -13.33 28.51
C2D KPX BA . -66.81 -15.08 30.01
C3A KPX BA . -67.60 -4.97 28.51
C3B KPX BA . -72.67 -8.34 28.66
C3C KPX BA . -71.25 -14.29 28.54
C3D KPX BA . -66.81 -16.22 30.68
C4A KPX BA . -68.92 -5.78 28.34
C4B KPX BA . -71.94 -9.53 28.61
C4C KPX BA . -70.04 -13.62 28.64
C4D KPX BA . -68.14 -16.50 31.16
CAA KPX BA . -67.20 -4.70 29.96
CAB KPX BA . -74.25 -8.22 28.61
CAC KPX BA . -73.75 -13.55 28.39
CAD KPX BA . -65.68 -17.27 30.61
CBA KPX BA . -66.51 -5.88 30.58
CBB KPX BA . -74.80 -7.87 30.00
CBC KPX BA . -74.39 -14.55 29.01
CBD KPX BA . -65.59 -18.29 31.52
CGB KPX BA . -74.72 -9.05 30.99
CGC KPX BA . -75.90 -14.67 28.80
CHA KPX BA . -69.12 -7.08 28.84
CHB KPX BA . -72.50 -10.78 28.54
CHC KPX BA . -68.65 -14.29 28.70
CMA KPX BA . -66.63 -3.26 26.88
CMB KPX BA . -72.15 -5.82 28.81
CMC KPX BA . -71.46 -15.81 28.50
CMD KPX BA . -65.57 -14.40 29.34
NA KPX BA . -69.69 -5.19 27.28
NC KPX BA . -70.30 -12.25 28.65
O1B KPX BA . -74.90 -10.25 30.61
O1C KPX BA . -76.47 -15.79 28.88
O2C KPX BA . -76.56 -13.63 28.53
OA KPX BA . -69.52 -3.21 26.01
HND KPX BA . -69.87 -15.38 30.94
H1D1 KPX BA . -68.29 -13.56 30.44
H2A1 KPX BA . -68.01 -2.93 28.36
H3A1 KPX BA . -66.85 -5.48 28.16
HAA1 KPX BA . -66.58 -3.95 29.96
HAB2 KPX BA . -74.50 -7.52 27.97
HAB1 KPX BA . -74.62 -9.07 28.31
HAC1 KPX BA . -74.27 -12.92 27.84
HAD1 KPX BA . -65.00 -17.20 29.89
HBA3 KPX BA . -67.18 -6.56 30.83
HBA1 KPX BA . -66.01 -5.59 31.37
HBA2 KPX BA . -65.88 -6.28 29.92
HBB1 KPX BA . -74.29 -7.11 30.37
HBB2 KPX BA . -75.74 -7.60 29.91
HBC1 KPX BA . -73.91 -15.19 29.57
HBD1 KPX BA . -66.25 -18.35 32.23
HBD2 KPX BA . -64.86 -18.94 31.45
HHA1 KPX BA . -68.36 -7.53 29.28
HHB1 KPX BA . -73.47 -10.85 28.48
HHC2 KPX BA . -68.69 -15.15 28.26
HHC1 KPX BA . -68.01 -13.71 28.23
HMA3 KPX BA . -66.64 -3.77 26.03
HMA1 KPX BA . -65.80 -3.45 27.38
HMA2 KPX BA . -66.68 -2.30 26.68
HMB1 KPX BA . -72.97 -5.72 29.33
HMB2 KPX BA . -72.31 -5.48 27.90
HMB3 KPX BA . -71.43 -5.32 29.21
HMC2 KPX BA . -72.04 -16.03 27.75
HMC1 KPX BA . -71.87 -16.10 29.33
HMC3 KPX BA . -70.60 -16.24 28.39
HMD3 KPX BA . -64.75 -14.73 29.79
HMD2 KPX BA . -65.63 -13.43 29.43
HMD1 KPX BA . -65.53 -14.64 28.40
HNA KPX BA . -70.45 -5.55 26.91
HNC KPX BA . -69.67 -11.58 28.71
NB KQ6 CA . -51.44 2.69 27.19
ND KQ6 CA . -46.32 7.30 26.77
OD KQ6 CA . -44.52 8.92 26.47
C1A KQ6 CA . -53.20 -1.25 23.17
C1B KQ6 CA . -52.18 1.50 26.74
C1C KQ6 CA . -50.59 5.45 28.41
C1D KQ6 CA . -46.38 5.81 26.90
C2A KQ6 CA . -51.98 -2.34 23.34
C2B KQ6 CA . -53.61 1.72 26.92
C2C KQ6 CA . -50.27 6.67 29.12
C2D KQ6 CA . -44.88 5.37 26.61
C3A KQ6 CA . -51.36 -2.04 24.76
C3B KQ6 CA . -53.77 3.06 27.45
C3C KQ6 CA . -48.83 6.81 29.18
C3D KQ6 CA . -44.06 6.50 26.62
C4A KQ6 CA . -51.94 -0.57 25.12
C4B KQ6 CA . -52.42 3.64 27.62
C4C KQ6 CA . -48.28 5.64 28.50
C4D KQ6 CA . -44.92 7.72 26.59
CAA KQ6 CA . -49.78 -2.04 24.86
CAB KQ6 CA . -55.12 3.80 27.85
CAC KQ6 CA . -51.40 7.66 29.71
CAD KQ6 CA . -42.46 6.51 26.44
CBA KQ6 CA . -49.22 -0.74 24.10
CBB KQ6 CA . -55.80 4.52 26.59
CBC KQ6 CA . -51.34 8.12 31.05
CBD KQ6 CA . -42.12 7.21 25.05
CGB KQ6 CA . -54.95 5.84 26.20
CGC KQ6 CA . -52.49 9.07 31.51
CHA KQ6 CA . -51.43 0.21 26.21
CHB KQ6 CA . -52.14 4.97 28.15
CHC KQ6 CA . -46.74 5.36 28.31
CMA KQ6 CA . -52.45 -3.83 23.18
CMB KQ6 CA . -54.83 0.69 26.58
CMC KQ6 CA . -48.00 7.99 29.87
CMD KQ6 CA . -44.41 3.84 26.44
NA KQ6 CA . -53.11 -0.23 24.24
NC KQ6 CA . -49.36 4.81 28.02
O1B KQ6 CA . -54.80 6.12 24.91
O1C KQ6 CA . -53.45 9.35 30.66
O2B KQ6 CA . -54.38 6.57 27.16
O2C KQ6 CA . -52.48 9.56 32.74
OA KQ6 CA . -54.07 -1.25 22.24
HND KQ6 CA . -47.08 7.89 26.81
H1D1 KQ6 CA . -47.12 5.38 26.33
H2A1 KQ6 CA . -51.28 -2.20 22.60
H3A1 KQ6 CA . -51.65 -2.80 25.41
HAA1 KQ6 CA . -49.49 -2.04 25.84
HAB1 KQ6 CA . -54.91 4.49 28.56
HAB2 KQ6 CA . -55.77 3.11 28.23
HAC1 KQ6 CA . -52.17 7.96 29.08
HAD1 KQ6 CA . -42.10 5.54 26.45
HBA1 KQ6 CA . -49.88 -0.46 23.36
HBA3 KQ6 CA . -48.31 -0.96 23.68
HBA2 KQ6 CA . -49.12 0.03 24.77
HBB2 KQ6 CA . -56.77 4.79 26.83
HBB1 KQ6 CA . -55.83 3.87 25.79
HBC1 KQ6 CA . -50.58 7.83 31.70
HBD1 KQ6 CA . -41.63 8.09 25.23
HBD2 KQ6 CA . -42.98 7.40 24.55
HBD3 KQ6 CA . -41.53 6.59 24.50
HHA1 KQ6 CA . -50.55 -0.09 26.65
HHB1 KQ6 CA . -52.92 5.61 28.36
HHC2 KQ6 CA . -46.54 4.37 28.42
HHC1 KQ6 CA . -46.20 5.89 28.99
HMA2 KQ6 CA . -53.45 -3.85 22.92
HMA1 KQ6 CA . -52.32 -4.33 24.08
HMA3 KQ6 CA . -51.90 -4.29 22.44
HMB3 KQ6 CA . -55.23 0.94 25.67
HMB1 KQ6 CA . -55.56 0.77 27.30
HMB2 KQ6 CA . -54.48 -0.27 26.55
HMC2 KQ6 CA . -47.35 7.60 30.54
HMC1 KQ6 CA . -48.64 8.63 30.34
HMC3 KQ6 CA . -47.49 8.50 29.15
HMD1 KQ6 CA . -44.51 3.35 27.34
HMD2 KQ6 CA . -43.43 3.81 26.14
HMD3 KQ6 CA . -45.00 3.38 25.73
HNA KQ6 CA . -53.71 0.53 24.34
HNC KQ6 CA . -49.28 3.99 27.54
C1 GOL DA . -45.24 -1.87 23.44
O1 GOL DA . -44.40 -1.75 22.32
C2 GOL DA . -44.62 -1.03 24.59
O2 GOL DA . -43.28 -1.34 24.82
C3 GOL DA . -44.80 0.44 24.17
O3 GOL DA . -46.17 0.66 23.97
H11 GOL DA . -45.33 -2.79 23.73
H12 GOL DA . -46.14 -1.55 23.25
HO1 GOL DA . -44.32 -2.53 21.98
H2 GOL DA . -45.10 -1.22 25.41
HO2 GOL DA . -42.80 -0.75 24.44
H31 GOL DA . -44.27 0.60 23.37
H32 GOL DA . -44.41 1.01 24.86
HO3 GOL DA . -46.33 1.43 24.28
CBB KP9 EA . -54.55 -27.59 22.67
CBA KP9 EA . -61.73 -22.58 20.38
CBC KP9 EA . -55.66 -25.77 29.80
NB KP9 EA . -58.62 -25.70 23.69
ND KP9 EA . -61.70 -27.37 28.86
OD KP9 EA . -62.69 -28.68 30.65
C1A KP9 EA . -59.23 -25.81 17.86
C1B KP9 EA . -58.41 -25.35 22.34
C1C KP9 EA . -57.96 -26.10 26.75
C1D KP9 EA . -62.12 -26.21 28.03
C2A KP9 EA . -60.51 -25.14 17.86
C2B KP9 EA . -57.01 -25.48 22.04
C2C KP9 EA . -57.63 -26.10 28.14
C2D KP9 EA . -63.60 -25.92 28.56
C3A KP9 EA . -60.80 -24.73 19.20
C3B KP9 EA . -56.36 -25.91 23.23
C3C KP9 EA . -58.77 -25.70 28.87
C3D KP9 EA . -63.91 -26.77 29.61
C4A KP9 EA . -59.69 -25.16 20.03
C4B KP9 EA . -57.37 -26.03 24.25
C4C KP9 EA . -59.81 -25.44 27.93
C4D KP9 EA . -62.75 -27.72 29.80
CAA KP9 EA . -62.10 -23.98 19.70
CAB KP9 EA . -54.83 -26.21 23.42
CAC KP9 EA . -56.23 -26.50 28.74
CAD KP9 EA . -65.23 -26.70 30.47
CBD KP9 EA . -65.77 -27.86 31.06
CGB KP9 EA . -55.55 -28.73 23.16
CGC KP9 EA . -54.28 -26.32 30.31
CHA KP9 EA . -59.62 -24.91 21.41
CHB KP9 EA . -57.07 -26.47 25.73
CHC KP9 EA . -61.27 -24.98 28.30
CMA KP9 EA . -61.44 -24.90 16.59
CMB KP9 EA . -56.23 -25.22 20.68
CMC KP9 EA . -58.87 -25.55 30.45
CMD KP9 EA . -64.52 -24.81 27.91
NA KP9 EA . -58.73 -25.80 19.20
NC KP9 EA . -59.32 -25.70 26.62
O1B KP9 EA . -56.57 -29.11 22.41
O1C KP9 EA . -53.84 -26.01 31.52
O2B KP9 EA . -55.35 -29.32 24.32
O2C KP9 EA . -53.58 -27.09 29.49
OA KP9 EA . -58.63 -26.31 16.84
HBB2 KP9 EA . -54.68 -27.45 21.66
HBB1 KP9 EA . -53.59 -27.88 22.86
HBA3 KP9 EA . -62.12 -22.56 21.33
HBA2 KP9 EA . -62.13 -21.81 19.82
HBA1 KP9 EA . -60.71 -22.49 20.42
HBC1 KP9 EA . -56.11 -24.95 30.20
HNB KP9 EA . -59.47 -25.70 24.16
HND KP9 EA . -60.85 -27.82 28.78
H1D1 KP9 EA . -62.01 -26.35 27.02
HAA1 KP9 EA . -62.72 -23.81 18.89
HAB1 KP9 EA . -54.25 -25.46 23.01
HAB2 KP9 EA . -54.60 -26.30 24.43
HAC1 KP9 EA . -55.73 -27.32 28.36
HAD1 KP9 EA . -65.72 -25.80 30.58
HBD1 KP9 EA . -65.28 -28.76 30.95
HBD2 KP9 EA . -66.63 -27.81 31.62
HHA1 KP9 EA . -60.40 -24.41 21.85
HHB1 KP9 EA . -56.24 -27.03 25.95
HHC2 KP9 EA . -61.32 -24.71 29.28
HHC1 KP9 EA . -61.57 -24.20 27.70
HMA3 KP9 EA . -61.59 -23.89 16.47
HMA2 KP9 EA . -62.35 -25.37 16.74
HMA1 KP9 EA . -60.98 -25.28 15.76
HMB2 KP9 EA . -55.32 -24.78 20.89
HMB3 KP9 EA . -56.78 -24.60 20.08
HMB1 KP9 EA . -56.06 -26.11 20.20
HMC1 KP9 EA . -58.23 -24.80 30.76
HMC3 KP9 EA . -58.59 -26.44 30.89
HMC2 KP9 EA . -59.83 -25.32 30.71
HMD1 KP9 EA . -65.34 -25.26 27.47
HMD2 KP9 EA . -64.00 -24.28 27.20
HMD3 KP9 EA . -64.85 -24.17 28.65
HNA KP9 EA . -57.90 -26.19 19.48
CHC PEB FA . -36.42 -19.58 8.32
NC PEB FA . -37.68 -21.30 9.97
C1C PEB FA . -37.44 -22.63 10.48
C2C PEB FA . -36.19 -23.14 9.93
C3C PEB FA . -35.64 -22.11 9.06
C4C PEB FA . -36.57 -20.96 9.10
CMC PEB FA . -34.30 -22.20 8.23
CAC PEB FA . -35.61 -24.66 10.28
CBC PEB FA . -34.29 -24.51 11.20
CGC PEB FA . -34.62 -23.64 12.52
O1C PEB FA . -35.67 -23.90 13.31
O2C PEB FA . -33.83 -22.61 12.81
ND PEB FA . -34.37 -18.85 9.45
C1D PEB FA . -35.81 -18.56 9.24
C2D PEB FA . -35.80 -17.16 8.45
C3D PEB FA . -34.49 -16.91 8.02
C4D PEB FA . -33.57 -17.87 8.72
CMD PEB FA . -37.12 -16.38 8.00
CAD PEB FA . -34.06 -15.68 7.16
CBD PEB FA . -32.76 -15.10 7.30
OD PEB FA . -32.30 -17.85 8.70
NA PEB FA . -45.00 -21.76 11.83
C1A PEB FA . -46.43 -21.36 11.66
C2A PEB FA . -46.51 -19.82 11.21
C3A PEB FA . -45.03 -19.29 11.18
C4A PEB FA . -44.12 -20.59 11.52
CMA PEB FA . -47.26 -19.69 9.79
CBA PEB FA . -45.42 -16.75 11.54
OA PEB FA . -47.40 -22.13 11.85
CHA PEB FA . -42.69 -20.50 11.59
CAA PEB FA . -44.75 -18.07 12.14
NB PEB FA . -40.35 -21.79 11.33
C1B PEB FA . -41.70 -21.76 11.90
C2B PEB FA . -41.89 -22.97 12.76
C3B PEB FA . -40.67 -23.72 12.68
C4B PEB FA . -39.73 -23.00 11.81
CHB PEB FA . -38.38 -23.49 11.51
CMB PEB FA . -43.18 -23.44 13.63
CAB PEB FA . -40.34 -25.12 13.38
CBB PEB FA . -40.39 -26.18 12.20
CGB PEB FA . -40.38 -27.67 12.79
O1B PEB FA . -40.38 -28.73 11.98
O2B PEB FA . -40.39 -27.84 14.12
HHC1 PEB FA . -37.36 -19.26 8.00
HHC2 PEB FA . -35.81 -19.71 7.49
HNC PEB FA . -38.43 -20.73 10.18
HMC1 PEB FA . -34.44 -22.82 7.43
HMC2 PEB FA . -33.55 -22.56 8.82
HMC3 PEB FA . -34.05 -21.26 7.90
HAC1 PEB FA . -35.36 -25.14 9.41
HAC2 PEB FA . -36.32 -25.19 10.79
HBC1 PEB FA . -33.55 -24.05 10.66
HBC2 PEB FA . -33.98 -25.45 11.49
HND PEB FA . -34.04 -19.56 9.97
H1D1 PEB FA . -36.38 -18.61 10.08
HMD1 PEB FA . -36.86 -15.53 7.46
HMD2 PEB FA . -37.67 -16.09 8.83
HMD3 PEB FA . -37.70 -16.99 7.40
HAD1 PEB FA . -34.71 -15.28 6.47
HBD1 PEB FA . -32.11 -15.49 7.98
HBD2 PEB FA . -32.49 -14.29 6.72
HNA PEB FA . -44.68 -22.63 12.09
H2A1 PEB FA . -47.08 -19.27 11.87
H3A1 PEB FA . -44.81 -18.91 10.24
HMA1 PEB FA . -47.88 -20.49 9.64
HMA2 PEB FA . -46.56 -19.68 9.04
HMA3 PEB FA . -47.80 -18.84 9.76
HBA1 PEB FA . -46.44 -16.88 11.47
HBA2 PEB FA . -45.22 -15.94 12.17
HBA3 PEB FA . -45.03 -16.56 10.60
HHA1 PEB FA . -42.26 -19.59 11.42
HAA1 PEB FA . -43.74 -17.93 12.24
HHB1 PEB FA . -38.03 -24.36 11.93
HMB1 PEB FA . -42.86 -23.90 14.49
HMB2 PEB FA . -43.76 -24.09 13.08
HMB3 PEB FA . -43.75 -22.61 13.88
HAB1 PEB FA . -39.41 -25.10 13.82
HAB2 PEB FA . -41.03 -25.35 14.10
HBB1 PEB FA . -41.23 -26.04 11.64
HBB2 PEB FA . -39.56 -26.05 11.59
O2B KPX GA . -39.72 16.13 6.91
NB KPX GA . -40.43 13.64 11.52
ND KPX GA . -33.82 12.16 12.34
OD KPX GA . -31.57 11.58 12.40
C1A KPX GA . -46.00 11.94 11.79
C1B KPX GA . -41.71 13.30 11.08
C1C KPX GA . -37.77 15.07 12.15
C1D KPX GA . -35.01 11.58 12.87
C2A KPX GA . -45.88 10.50 11.37
C2B KPX GA . -42.26 14.44 10.48
C2C KPX GA . -36.62 15.80 12.42
C2D KPX GA . -34.51 10.36 13.65
C3A KPX GA . -44.38 10.25 11.22
C3B KPX GA . -41.33 15.46 10.55
C3C KPX GA . -35.71 14.95 13.04
C3D KPX GA . -33.18 10.25 13.49
C4A KPX GA . -43.72 11.65 11.34
C4B KPX GA . -40.18 14.95 11.20
C4C KPX GA . -36.30 13.70 13.16
C4D KPX GA . -32.72 11.36 12.70
CAA KPX GA . -44.07 9.52 9.93
CAB KPX GA . -41.49 16.93 10.01
CAC KPX GA . -36.42 17.26 12.09
CAD KPX GA . -32.28 9.45 14.45
CBA KPX GA . -42.74 8.84 9.96
CBB KPX GA . -41.38 16.99 8.47
CBC KPX GA . -35.23 17.75 11.67
CBD KPX GA . -30.99 9.14 14.08
CGB KPX GA . -39.93 16.72 8.01
CGC KPX GA . -35.08 19.23 11.36
CHA KPX GA . -42.34 11.89 11.24
CHB KPX GA . -39.03 15.68 11.45
CHC KPX GA . -35.66 12.47 13.80
CMA KPX GA . -46.57 9.54 12.37
CMB KPX GA . -43.64 14.57 9.84
CMC KPX GA . -34.31 15.32 13.53
CMD KPX GA . -35.39 9.47 14.56
NA KPX GA . -44.72 12.57 11.79
NC KPX GA . -37.58 13.78 12.61
O1B KPX GA . -38.95 17.10 8.71
O1C KPX GA . -36.06 19.92 10.96
O2C KPX GA . -33.94 19.78 11.52
OA KPX GA . -47.06 12.47 12.11
HND KPX GA . -33.79 12.93 11.84
H1D1 KPX GA . -35.72 11.44 12.21
H2A1 KPX GA . -46.33 10.34 10.51
H3A1 KPX GA . -44.03 9.66 11.92
HAA1 KPX GA . -44.76 8.84 9.77
HAB2 KPX GA . -42.38 17.26 10.27
HAB1 KPX GA . -40.81 17.49 10.39
HAC1 KPX GA . -37.18 17.88 12.18
HAD1 KPX GA . -32.62 9.15 15.32
HBA3 KPX GA . -42.24 9.13 10.76
HBA1 KPX GA . -42.22 9.08 9.16
HBA2 KPX GA . -42.87 7.86 9.99
HBB1 KPX GA . -41.97 16.31 8.08
HBB2 KPX GA . -41.66 17.87 8.16
HBC1 KPX GA . -34.47 17.13 11.56
HBD1 KPX GA . -30.65 9.44 13.21
HBD2 KPX GA . -30.41 8.63 14.70
HHA1 KPX GA . -41.72 11.12 11.28
HHB1 KPX GA . -39.01 16.62 11.18
HHC2 KPX GA . -34.99 12.77 14.46
HHC1 KPX GA . -36.35 11.97 14.28
HMA3 KPX GA . -46.43 9.88 13.30
HMA1 KPX GA . -46.17 8.64 12.30
HMA2 KPX GA . -47.53 9.49 12.18
HMB1 KPX GA . -43.60 15.18 9.08
HMB2 KPX GA . -44.27 14.93 10.49
HMB3 KPX GA . -43.96 13.69 9.54
HMC2 KPX GA . -34.09 14.81 14.33
HMC1 KPX GA . -34.27 16.28 13.73
HMC3 KPX GA . -33.66 15.11 12.83
HMD3 KPX GA . -36.18 9.17 14.07
HMD2 KPX GA . -35.67 9.99 15.35
HMD1 KPX GA . -34.88 8.69 14.86
HNA KPX GA . -44.56 13.45 12.04
HNC KPX GA . -38.19 13.10 12.56
NB KQ6 HA . -52.09 -4.60 15.59
ND KQ6 HA . -56.84 -9.10 16.36
OD KQ6 HA . -58.73 -10.63 16.09
C1A KQ6 HA . -49.78 -1.02 19.79
C1B KQ6 HA . -51.15 -3.59 16.11
C1C KQ6 HA . -54.20 -6.15 14.03
C1D KQ6 HA . -55.53 -9.20 17.05
C2A KQ6 HA . -48.72 -2.06 20.42
C2B KQ6 HA . -51.28 -2.36 15.33
C2C KQ6 HA . -54.97 -6.92 13.11
C2D KQ6 HA . -55.63 -10.54 17.87
C3A KQ6 HA . -48.63 -3.24 19.37
C3B KQ6 HA . -52.29 -2.62 14.30
C3C KQ6 HA . -55.18 -8.24 13.68
C3D KQ6 HA . -56.74 -11.27 17.40
C4A KQ6 HA . -49.85 -2.96 18.34
C4B KQ6 HA . -52.77 -3.99 14.48
C4C KQ6 HA . -54.50 -8.23 14.96
C4D KQ6 HA . -57.57 -10.36 16.55
CAA KQ6 HA . -48.78 -4.70 19.96
CAB KQ6 HA . -52.84 -1.63 13.19
CAC KQ6 HA . -55.44 -6.31 11.72
CAD KQ6 HA . -57.29 -12.62 18.07
CBA KQ6 HA . -50.32 -5.00 20.30
CBB KQ6 HA . -54.10 -0.89 13.84
CBC KQ6 HA . -55.21 -7.05 10.54
CBD KQ6 HA . -58.72 -12.34 18.68
CGB KQ6 HA . -55.32 -1.97 13.81
CGC KQ6 HA . -55.65 -6.38 9.21
CHA KQ6 HA . -50.19 -3.92 17.33
CHB KQ6 HA . -53.79 -4.62 13.68
CHC KQ6 HA . -54.45 -9.42 15.98
CMA KQ6 HA . -47.29 -1.44 20.70
CMB KQ6 HA . -50.45 -0.97 15.54
CMC KQ6 HA . -56.00 -9.42 13.00
CMD KQ6 HA . -54.37 -11.19 18.63
NA KQ6 HA . -50.43 -1.58 18.57
NC KQ6 HA . -53.89 -6.94 15.19
O1B KQ6 HA . -56.05 -2.16 14.91
O1C KQ6 HA . -55.69 -7.08 8.10
O2B KQ6 HA . -55.60 -2.61 12.68
O2C KQ6 HA . -55.97 -5.10 9.26
OA KQ6 HA . -50.04 0.15 20.25
HND KQ6 HA . -57.16 -8.34 15.86
H1D1 KQ6 HA . -55.24 -8.35 17.57
H2A1 KQ6 HA . -49.06 -2.39 21.34
H3A1 KQ6 HA . -47.69 -3.21 18.94
HAA1 KQ6 HA . -48.45 -5.38 19.27
HAB1 KQ6 HA . -53.13 -2.15 12.37
HAB2 KQ6 HA . -52.13 -0.95 12.93
HAC1 KQ6 HA . -55.91 -5.38 11.69
HAD1 KQ6 HA . -56.64 -12.93 18.82
HBA1 KQ6 HA . -50.77 -5.45 19.48
HBA3 KQ6 HA . -50.81 -4.13 20.53
HBA2 KQ6 HA . -50.38 -5.64 21.11
HBB2 KQ6 HA . -54.35 -0.05 13.29
HBB1 KQ6 HA . -53.89 -0.60 14.81
HBC1 KQ6 HA . -54.77 -7.99 10.55
HBD1 KQ6 HA . -58.91 -13.00 19.43
HBD2 KQ6 HA . -59.43 -12.44 17.96
HBD3 KQ6 HA . -58.75 -11.39 19.05
HHA1 KQ6 HA . -49.78 -4.85 17.39
HHB1 KQ6 HA . -54.23 -4.12 12.90
HHC2 KQ6 HA . -53.53 -9.46 16.44
HHC1 KQ6 HA . -54.63 -10.30 15.50
HMA2 KQ6 HA . -46.90 -1.08 19.83
HMA1 KQ6 HA . -46.68 -2.17 21.08
HMA3 KQ6 HA . -47.39 -0.68 21.38
HMB3 KQ6 HA . -50.12 -0.63 14.63
HMB1 KQ6 HA . -49.65 -1.15 16.15
HMB2 KQ6 HA . -51.07 -0.28 15.96
HMC2 KQ6 HA . -55.41 -9.92 12.36
HMC1 KQ6 HA . -56.81 -9.04 12.50
HMC3 KQ6 HA . -56.34 -10.06 13.73
HMD1 KQ6 HA . -54.59 -12.15 18.91
HMD2 KQ6 HA . -54.15 -10.64 19.46
HMD3 KQ6 HA . -53.56 -11.19 18.00
HNA KQ6 HA . -51.09 -1.15 18.02
HNC KQ6 HA . -53.38 -6.67 15.96
C1 GOL IA . -46.03 -7.05 24.05
O1 GOL IA . -46.39 -8.34 23.62
C2 GOL IA . -44.52 -6.87 23.78
O2 GOL IA . -44.11 -5.57 24.08
C3 GOL IA . -43.80 -7.97 24.64
O3 GOL IA . -42.72 -7.38 25.30
H11 GOL IA . -46.20 -6.92 25.01
H12 GOL IA . -46.53 -6.36 23.60
HO1 GOL IA . -45.75 -8.62 23.15
H2 GOL IA . -44.32 -7.00 22.84
HO2 GOL IA . -44.79 -5.07 24.07
H31 GOL IA . -43.53 -8.69 24.04
H32 GOL IA . -44.46 -8.36 25.24
HO3 GOL IA . -42.57 -7.85 25.99
CBB KP9 JA . -26.38 3.52 29.11
CBA KP9 JA . -31.66 10.45 26.54
CBC KP9 JA . -25.22 1.62 21.80
NB KP9 JA . -27.52 6.64 25.83
ND KP9 JA . -23.54 7.42 20.91
OD KP9 JA . -21.58 7.50 19.48
C1A KP9 JA . -29.34 9.46 30.59
C1B KP9 JA . -28.32 6.98 26.96
C1C KP9 JA . -25.98 4.91 23.69
C1D KP9 JA . -24.76 8.27 21.05
C2A KP9 JA . -29.99 10.55 29.91
C2B KP9 JA . -28.37 5.82 27.85
C2C KP9 JA . -25.52 4.07 22.63
C2D KP9 JA . -24.58 9.37 19.93
C3A KP9 JA . -29.95 10.27 28.50
C3B KP9 JA . -27.59 4.80 27.26
C3C KP9 JA . -25.46 4.83 21.44
C3D KP9 JA . -23.35 9.17 19.28
C4A KP9 JA . -29.24 9.03 28.33
C4B KP9 JA . -27.06 5.31 26.01
C4C KP9 JA . -25.91 6.17 21.76
C4D KP9 JA . -22.69 7.97 19.86
CAA KP9 JA . -30.51 11.19 27.34
CAB KP9 JA . -27.34 3.36 27.86
CAC KP9 JA . -25.16 2.55 22.85
CAD KP9 JA . -22.67 10.10 18.18
CBD KP9 JA . -23.46 10.83 17.26
CGB KP9 JA . -25.10 4.38 28.68
CGC KP9 JA . -24.85 0.13 22.13
CHA KP9 JA . -28.99 8.40 27.09
CHB KP9 JA . -26.15 4.49 25.02
CHC KP9 JA . -26.01 7.41 20.78
CMA KP9 JA . -30.67 11.82 30.57
CMB KP9 JA . -29.11 5.64 29.25
CMC KP9 JA . -25.00 4.29 20.01
CMD KP9 JA . -25.52 10.64 19.81
NA KP9 JA . -28.88 8.54 29.61
NC KP9 JA . -26.22 6.21 23.15
O1B KP9 JA . -25.04 5.66 28.97
O1C KP9 JA . -24.41 -0.67 21.19
O2B KP9 JA . -24.11 3.81 28.02
O2C KP9 JA . -24.99 -0.29 23.37
OA KP9 JA . -29.17 9.32 31.85
HBB2 KP9 JA . -26.06 2.60 29.43
HBB1 KP9 JA . -26.86 4.00 29.87
HBA3 KP9 JA . -31.23 9.73 25.93
HBA2 KP9 JA . -32.17 11.13 25.95
HBA1 KP9 JA . -32.31 10.00 27.19
HBC1 KP9 JA . -25.48 1.91 20.84
HNB KP9 JA . -27.32 7.20 25.08
HND KP9 JA . -23.34 6.65 21.44
H1D1 KP9 JA . -24.96 8.63 21.99
HAA1 KP9 JA . -30.91 12.05 27.76
HAB1 KP9 JA . -28.23 2.95 28.16
HAB2 KP9 JA . -26.90 2.76 27.15
HAC1 KP9 JA . -24.88 2.22 23.79
HAD1 KP9 JA . -21.65 10.16 18.14
HBD1 KP9 JA . -24.49 10.77 17.30
HBD2 KP9 JA . -23.00 11.41 16.56
HHA1 KP9 JA . -29.25 8.90 26.23
HHB1 KP9 JA . -25.68 3.63 25.35
HHC2 KP9 JA . -26.00 7.09 19.80
HHC1 KP9 JA . -26.85 7.95 20.97
HMA3 KP9 JA . -31.55 12.04 30.10
HMA2 KP9 JA . -30.03 12.62 30.51
HMA1 KP9 JA . -30.86 11.62 31.56
HMB2 KP9 JA . -29.89 6.29 29.31
HMB3 KP9 JA . -28.45 5.81 30.01
HMB1 KP9 JA . -29.46 4.67 29.31
HMC1 KP9 JA . -25.75 3.70 19.61
HMC3 KP9 JA . -24.15 3.74 20.11
HMC2 KP9 JA . -24.82 5.09 19.39
HMD1 KP9 JA . -26.11 10.55 18.97
HMD2 KP9 JA . -26.12 10.70 20.65
HMD3 KP9 JA . -24.94 11.49 19.74
HNA KP9 JA . -28.40 7.73 29.79
C1 GOL KA . -35.15 -19.30 29.35
O1 GOL KA . -35.43 -17.95 29.10
C2 GOL KA . -36.10 -20.10 28.44
O2 GOL KA . -37.40 -19.62 28.52
C3 GOL KA . -35.47 -19.98 27.01
O3 GOL KA . -36.23 -20.79 26.15
H11 GOL KA . -35.29 -19.55 30.28
H12 GOL KA . -34.22 -19.53 29.15
HO1 GOL KA . -35.00 -17.74 28.40
H2 GOL KA . -36.15 -21.04 28.70
HO2 GOL KA . -37.44 -19.10 29.20
H31 GOL KA . -34.53 -20.25 27.06
H32 GOL KA . -35.46 -19.05 26.76
HO3 GOL KA . -35.67 -21.21 25.65
CHC PEB LA . 40.09 -44.73 11.31
NC PEB LA . 37.80 -43.59 10.40
C1C PEB LA . 36.38 -43.75 10.66
C2C PEB LA . 36.19 -44.81 11.65
C3C PEB LA . 37.51 -45.32 12.02
C4C PEB LA . 38.50 -44.56 11.25
CMC PEB LA . 37.81 -46.47 13.06
CAC PEB LA . 34.72 -45.32 12.22
CBC PEB LA . 34.61 -44.90 13.77
CGC PEB LA . 34.85 -43.30 13.95
O1C PEB LA . 34.23 -42.43 13.17
O2C PEB LA . 35.67 -42.87 14.90
ND PEB LA . 40.29 -44.09 13.66
C1D PEB LA . 40.62 -43.70 12.28
C2D PEB LA . 42.22 -43.78 12.25
C3D PEB LA . 42.65 -44.46 13.40
C4D PEB LA . 41.49 -44.56 14.34
CMD PEB LA . 43.09 -43.50 10.94
CAD PEB LA . 44.14 -44.79 13.74
CBD PEB LA . 44.57 -44.84 15.09
OD PEB LA . 41.54 -44.97 15.55
NA PEB LA . 36.36 -39.73 3.98
C1A PEB LA . 36.75 -39.25 2.61
C2A PEB LA . 38.33 -39.02 2.51
C3A PEB LA . 38.88 -39.31 3.97
C4A PEB LA . 37.60 -39.83 4.81
CMA PEB LA . 39.04 -39.93 1.38
CBA PEB LA . 41.08 -37.96 4.05
OA PEB LA . 35.93 -39.06 1.66
CHA PEB LA . 37.71 -40.22 6.20
CAA PEB LA . 39.60 -38.06 4.63
NB PEB LA . 36.72 -41.74 8.21
C1B PEB LA . 36.48 -40.78 7.12
C2B PEB LA . 35.03 -40.47 7.08
C3B PEB LA . 34.40 -41.23 8.14
C4B PEB LA . 35.44 -42.01 8.83
CHB PEB LA . 35.15 -42.91 9.97
CMB PEB LA . 34.20 -39.48 6.10
CAB PEB LA . 32.83 -41.27 8.52
CBB PEB LA . 32.29 -42.69 8.03
CGB PEB LA . 30.69 -42.72 8.13
O1B PEB LA . 30.12 -43.38 9.13
O2B PEB LA . 29.96 -42.10 7.21
HHC1 PEB LA . 40.50 -44.57 10.36
HHC2 PEB LA . 40.33 -45.69 11.63
HNC PEB LA . 38.21 -42.97 9.80
HMC1 PEB LA . 37.03 -47.13 13.08
HMC2 PEB LA . 37.93 -46.06 13.99
HMC3 PEB LA . 38.67 -46.95 12.79
HAC1 PEB LA . 34.64 -46.34 12.13
HAC2 PEB LA . 33.98 -44.87 11.68
HBC1 PEB LA . 35.30 -45.42 14.32
HBC2 PEB LA . 33.66 -45.13 14.11
HND PEB LA . 39.43 -44.04 14.05
H1D1 PEB LA . 40.20 -42.83 11.97
HMD1 PEB LA . 43.29 -44.39 10.46
HMD2 PEB LA . 43.99 -43.05 11.20
HMD3 PEB LA . 42.57 -42.88 10.30
HAD1 PEB LA . 44.83 -44.96 12.98
HBD1 PEB LA . 43.90 -44.67 15.85
HBD2 PEB LA . 45.56 -45.05 15.33
HNA PEB LA . 35.47 -39.94 4.27
H2A1 PEB LA . 38.53 -38.06 2.24
H3A1 PEB LA . 39.61 -40.04 3.93
HMA1 PEB LA . 39.93 -39.51 1.11
HMA2 PEB LA . 38.44 -40.00 0.57
HMA3 PEB LA . 39.21 -40.86 1.75
HBA1 PEB LA . 41.05 -37.73 3.04
HBA2 PEB LA . 41.60 -37.20 4.56
HBA3 PEB LA . 41.57 -38.86 4.20
HHA1 PEB LA . 38.64 -40.15 6.64
HAA1 PEB LA . 39.63 -38.17 5.65
HHB1 PEB LA . 34.21 -43.00 10.32
HMB1 PEB LA . 33.43 -39.05 6.62
HMB2 PEB LA . 34.83 -38.76 5.74
HMB3 PEB LA . 33.81 -40.02 5.31
HAB1 PEB LA . 32.71 -41.17 9.53
HAB2 PEB LA . 32.33 -40.52 8.04
HBB1 PEB LA . 32.58 -42.86 7.06
HBB2 PEB LA . 32.68 -43.43 8.64
O2B KPX MA . 73.67 -32.15 11.65
NB KPX MA . 69.95 -28.64 11.61
ND KPX MA . 68.26 -30.27 17.89
OD KPX MA . 67.83 -31.13 20.01
C1A KPX MA . 68.61 -27.08 6.21
C1B KPX MA . 69.85 -28.77 10.22
C1C KPX MA . 70.98 -28.35 14.50
C1D KPX MA . 67.48 -29.61 16.90
C2A KPX MA . 67.39 -27.95 5.95
C2B KPX MA . 71.16 -28.78 9.71
C2C KPX MA . 71.55 -28.22 15.76
C2D KPX MA . 66.10 -29.49 17.55
C3A KPX MA . 67.07 -28.64 7.29
C3B KPX MA . 72.05 -28.66 10.77
C3C KPX MA . 70.53 -28.17 16.69
C3D KPX MA . 66.13 -30.09 18.74
C4A KPX MA . 68.37 -28.44 8.12
C4B KPX MA . 71.28 -28.58 11.95
C4C KPX MA . 69.34 -28.26 16.02
C4D KPX MA . 67.46 -30.56 19.00
CAA KPX MA . 66.64 -30.08 7.12
CAB KPX MA . 73.62 -28.63 10.68
CAC KPX MA . 73.04 -28.14 16.01
CAD KPX MA . 64.99 -30.02 19.77
CBA KPX MA . 65.91 -30.61 8.32
CBB KPX MA . 74.14 -30.07 10.47
CBC KPX MA . 73.61 -28.74 17.09
CBD KPX MA . 64.98 -30.85 20.86
CGB KPX MA . 73.98 -30.91 11.74
CGC KPX MA . 75.12 -28.62 17.31
CHA KPX MA . 68.52 -28.89 9.44
CHB KPX MA . 71.84 -28.44 13.20
CHC KPX MA . 67.93 -28.26 16.65
CMA KPX MA . 66.18 -27.16 5.36
CMB KPX MA . 71.56 -28.91 8.24
CMC KPX MA . 70.69 -28.03 18.20
CMD KPX MA . 64.87 -28.82 16.89
NA KPX MA . 69.16 -27.41 7.49
NC KPX MA . 69.62 -28.37 14.64
O1B KPX MA . 74.13 -30.39 12.89
O1C KPX MA . 75.61 -28.93 18.44
O2C KPX MA . 75.87 -28.22 16.38
OA KPX MA . 69.06 -26.23 5.45
HND KPX MA . 69.15 -30.47 17.81
H1D1 KPX MA . 67.54 -30.02 16.01
H2A1 KPX MA . 67.58 -28.63 5.26
H3A1 KPX MA . 66.31 -28.23 7.73
HAA1 KPX MA . 66.03 -30.14 6.35
HAB2 KPX MA . 73.89 -28.06 9.94
HAB1 KPX MA . 73.98 -28.27 11.51
HAC1 KPX MA . 73.62 -27.64 15.39
HAD1 KPX MA . 64.26 -29.37 19.66
HBA3 KPX MA . 66.39 -31.39 8.67
HBA1 KPX MA . 65.00 -30.88 8.06
HBA2 KPX MA . 65.86 -29.91 9.00
HBB1 KPX MA . 73.64 -30.47 9.74
HBB2 KPX MA . 75.09 -30.03 10.22
HBC1 KPX MA . 73.05 -29.25 17.72
HBD1 KPX MA . 65.70 -31.49 20.99
HBD2 KPX MA . 64.24 -30.80 21.52
HHA1 KPX MA . 67.76 -29.30 9.89
HHB1 KPX MA . 72.82 -28.40 13.28
HHC2 KPX MA . 67.97 -27.77 17.49
HHC1 KPX MA . 67.31 -27.81 16.05
HMA3 KPX MA . 66.14 -26.26 5.79
HMA1 KPX MA . 65.35 -27.64 5.55
HMA2 KPX MA . 66.29 -27.05 4.39
HMB1 KPX MA . 72.39 -29.42 8.18
HMB2 KPX MA . 71.71 -28.02 7.87
HMB3 KPX MA . 70.85 -29.36 7.75
HMC2 KPX MA . 69.95 -27.49 18.57
HMC1 KPX MA . 71.54 -27.59 18.41
HMC3 KPX MA . 70.67 -28.92 18.62
HMD3 KPX MA . 64.05 -29.19 17.28
HMD2 KPX MA . 64.88 -29.00 15.92
HMD1 KPX MA . 64.90 -27.85 17.05
HNA KPX MA . 69.91 -27.02 7.87
HNC KPX MA . 69.01 -28.46 13.97
NB KQ6 NA . 50.94 -27.82 -0.48
ND KQ6 NA . 45.88 -27.61 -5.10
OD KQ6 NA . 44.10 -27.33 -6.76
C1A KQ6 NA . 52.65 -23.53 3.23
C1B KQ6 NA . 51.66 -27.29 0.70
C1C KQ6 NA . 50.12 -29.18 -3.17
C1D KQ6 NA . 45.92 -27.64 -3.61
C2A KQ6 NA . 51.43 -23.60 4.30
C2B KQ6 NA . 53.11 -27.45 0.48
C2C KQ6 NA . 49.81 -29.94 -4.36
C2D KQ6 NA . 44.43 -27.30 -3.20
C3A KQ6 NA . 50.77 -25.03 4.09
C3B KQ6 NA . 53.27 -28.07 -0.84
C3C KQ6 NA . 48.36 -29.99 -4.51
C3D KQ6 NA . 43.60 -27.33 -4.33
C4A KQ6 NA . 51.38 -25.54 2.67
C4B KQ6 NA . 51.93 -28.30 -1.41
C4C KQ6 NA . 47.80 -29.26 -3.38
C4D KQ6 NA . 44.49 -27.41 -5.55
CAA KQ6 NA . 49.18 -25.05 4.04
CAB KQ6 NA . 54.63 -28.49 -1.55
CAC KQ6 NA . 50.93 -30.58 -5.32
CAD KQ6 NA . 42.00 -27.21 -4.32
CBA KQ6 NA . 48.70 -24.39 2.65
CBB KQ6 NA . 55.28 -27.27 -2.37
CBC KQ6 NA . 50.86 -31.95 -5.72
CBD KQ6 NA . 41.60 -25.83 -5.00
CGB KQ6 NA . 54.45 -27.01 -3.74
CGC KQ6 NA . 51.99 -32.51 -6.64
CHA KQ6 NA . 50.88 -26.67 1.96
CHB KQ6 NA . 51.66 -28.91 -2.69
CHC KQ6 NA . 46.26 -29.04 -3.10
CMA KQ6 NA . 51.89 -23.36 5.79
CMB KQ6 NA . 54.31 -27.03 1.47
CMC KQ6 NA . 47.55 -30.73 -5.67
CMD KQ6 NA . 43.96 -27.09 -1.68
NA KQ6 NA . 52.57 -24.70 2.29
NC KQ6 NA . 48.88 -28.75 -2.56
O1B KQ6 NA . 54.24 -25.72 -4.10
O1C KQ6 NA . 52.86 -31.68 -7.18
O2B KQ6 NA . 53.97 -28.00 -4.46
O2C KQ6 NA . 52.06 -33.81 -6.87
OA KQ6 NA . 53.56 -22.63 3.16
HND KQ6 NA . 46.63 -27.69 -5.68
H1D1 KQ6 NA . 46.66 -27.07 -3.19
H2A1 KQ6 NA . 50.75 -22.86 4.11
H3A1 KQ6 NA . 51.00 -25.63 4.89
HAA1 KQ6 NA . 48.84 -26.01 4.09
HAB1 KQ6 NA . 54.44 -29.26 -2.19
HAB2 KQ6 NA . 55.29 -28.80 -0.84
HAC1 KQ6 NA . 51.72 -29.98 -5.65
HAD1 KQ6 NA . 41.65 -27.24 -3.34
HBA1 KQ6 NA . 49.38 -23.66 2.36
HBA3 KQ6 NA . 47.77 -23.95 2.78
HBA2 KQ6 NA . 48.64 -25.11 1.92
HBB2 KQ6 NA . 56.25 -27.51 -2.61
HBB1 KQ6 NA . 55.27 -26.44 -1.79
HBC1 KQ6 NA . 50.09 -32.55 -5.39
HBD1 KQ6 NA . 41.19 -26.01 -5.91
HBD2 KQ6 NA . 42.43 -25.25 -5.11
HBD3 KQ6 NA . 40.92 -25.35 -4.42
HHA1 KQ6 NA . 50.02 -27.11 2.26
HHB1 KQ6 NA . 52.44 -29.16 -3.32
HHC2 KQ6 NA . 46.07 -29.10 -2.11
HHC1 KQ6 NA . 45.71 -29.74 -3.61
HMA2 KQ6 NA . 52.41 -24.18 6.14
HMA1 KQ6 NA . 51.07 -23.19 6.38
HMA3 KQ6 NA . 52.50 -22.54 5.83
HMB3 KQ6 NA . 53.93 -26.79 2.39
HMB1 KQ6 NA . 54.81 -26.23 1.09
HMB2 KQ6 NA . 54.96 -27.82 1.58
HMC2 KQ6 NA . 46.77 -31.25 -5.27
HMC1 KQ6 NA . 48.17 -31.36 -6.16
HMC3 KQ6 NA . 47.19 -30.04 -6.33
HMD1 KQ6 NA . 43.97 -27.99 -1.19
HMD2 KQ6 NA . 43.00 -26.71 -1.67
HMD3 KQ6 NA . 44.59 -26.43 -1.21
HNA KQ6 NA . 53.17 -24.86 1.55
HNC KQ6 NA . 48.79 -28.22 -1.77
C1 GOL OA . 44.72 -23.67 3.86
O1 GOL OA . 43.84 -22.57 3.75
C2 GOL OA . 44.11 -24.83 3.04
O2 GOL OA . 42.78 -25.10 3.39
C3 GOL OA . 44.23 -24.40 1.57
O3 GOL OA . 45.58 -24.55 1.19
H11 GOL OA . 44.83 -23.96 4.78
H12 GOL OA . 45.60 -23.48 3.53
HO1 GOL OA . 44.29 -21.96 3.36
H2 GOL OA . 44.60 -25.65 3.21
HO2 GOL OA . 42.50 -24.47 3.88
H31 GOL OA . 43.91 -23.49 1.49
H32 GOL OA . 43.63 -24.94 1.04
HO3 GOL OA . 45.58 -24.99 0.47
C1 GOL PA . 50.12 -22.72 12.57
O1 GOL PA . 49.21 -22.60 13.63
C2 GOL PA . 50.00 -21.43 11.68
O2 GOL PA . 51.20 -20.77 11.54
C3 GOL PA . 49.49 -21.92 10.30
O3 GOL PA . 50.56 -22.64 9.70
H11 GOL PA . 49.95 -23.50 12.02
H12 GOL PA . 51.04 -22.80 12.87
HO1 GOL PA . 48.73 -23.31 13.64
H2 GOL PA . 49.37 -20.81 12.09
HO2 GOL PA . 51.57 -20.76 12.30
H31 GOL PA . 49.20 -21.15 9.78
H32 GOL PA . 48.69 -22.44 10.43
HO3 GOL PA . 50.29 -23.44 9.57
CBB KP9 QA . 53.82 -21.28 29.49
CBA KP9 QA . 61.04 -19.34 24.38
CBC KP9 QA . 54.87 -28.53 28.17
NB KP9 QA . 57.92 -22.47 27.71
ND KP9 QA . 61.00 -27.49 29.77
OD KP9 QA . 61.94 -29.20 31.21
C1A KP9 QA . 58.56 -16.63 27.48
C1B KP9 QA . 57.72 -21.13 27.28
C1C KP9 QA . 57.24 -25.50 28.33
C1D KP9 QA . 61.45 -26.78 28.55
C2A KP9 QA . 59.84 -16.69 26.81
C2B KP9 QA . 56.31 -20.83 27.37
C2C KP9 QA . 56.90 -26.89 28.41
C2D KP9 QA . 62.89 -27.37 28.28
C3A KP9 QA . 60.10 -18.05 26.47
C3B KP9 QA . 55.65 -21.98 27.88
C3C KP9 QA . 58.06 -27.64 28.06
C3D KP9 QA . 63.16 -28.37 29.21
C4A KP9 QA . 58.99 -18.85 26.93
C4B KP9 QA . 56.65 -23.00 28.08
C4C KP9 QA . 59.11 -26.71 27.77
C4D KP9 QA . 62.01 -28.44 30.18
CAA KP9 QA . 61.40 -18.61 25.74
CAB KP9 QA . 54.10 -22.12 28.17
CAC KP9 QA . 55.50 -27.46 28.84
CAD KP9 QA . 64.50 -29.21 29.25
CBD KP9 QA . 64.96 -29.74 30.48
CGB KP9 QA . 54.81 -21.76 30.63
CGC KP9 QA . 53.48 -28.99 28.73
CHA KP9 QA . 58.92 -20.25 26.77
CHB KP9 QA . 56.36 -24.45 28.61
CHC KP9 QA . 60.57 -27.10 27.33
CMA KP9 QA . 60.80 -15.47 26.50
CMB KP9 QA . 55.55 -19.49 27.00
CMC KP9 QA . 58.19 -29.23 28.00
CMD KP9 QA . 63.87 -26.82 27.17
NA KP9 QA . 58.05 -17.96 27.56
NC KP9 QA . 58.61 -25.39 27.93
O1B KP9 QA . 55.86 -21.05 30.98
O1C KP9 QA . 53.02 -30.20 28.47
O2B KP9 QA . 54.57 -22.90 31.25
O2C KP9 QA . 52.79 -28.15 29.48
OA KP9 QA . 57.98 -15.59 27.93
HBB2 KP9 QA . 53.98 -20.28 29.30
HBB1 KP9 QA . 52.85 -21.42 29.79
HBA3 KP9 QA . 61.73 -19.10 23.67
HBA2 KP9 QA . 60.11 -19.05 24.07
HBA1 KP9 QA . 61.04 -20.36 24.54
HBC1 KP9 QA . 55.32 -28.99 27.37
HNB KP9 QA . 58.76 -22.94 27.74
HND KP9 QA . 60.16 -27.34 30.22
H1D1 KP9 QA . 61.36 -25.76 28.61
HAA1 KP9 QA . 62.02 -17.82 25.53
HAB1 KP9 QA . 53.56 -21.75 27.39
HAB2 KP9 QA . 53.86 -23.11 28.32
HAC1 KP9 QA . 55.01 -27.03 29.65
HAD1 KP9 QA . 65.04 -29.37 28.40
HBD1 KP9 QA . 64.42 -29.57 31.34
HBD2 KP9 QA . 65.84 -30.27 30.52
HHA1 KP9 QA . 59.70 -20.71 26.29
HHB1 KP9 QA . 55.52 -24.62 29.18
HHC2 KP9 QA . 60.62 -28.10 27.10
HHC1 KP9 QA . 60.87 -26.55 26.52
HMA3 KP9 QA . 61.15 -15.56 25.53
HMA2 KP9 QA . 61.60 -15.48 27.15
HMA1 KP9 QA . 60.29 -14.59 26.60
HMB2 KP9 QA . 54.66 -19.71 26.54
HMB3 KP9 QA . 56.14 -18.93 26.37
HMB1 KP9 QA . 55.36 -18.95 27.86
HMC1 KP9 QA . 57.30 -29.64 27.68
HMC3 KP9 QA . 58.41 -29.58 28.95
HMC2 KP9 QA . 58.95 -29.48 27.36
HMD1 KP9 QA . 64.74 -26.47 27.61
HMD2 KP9 QA . 63.42 -26.04 26.66
HMD3 KP9 QA . 64.10 -27.57 26.51
HNA KP9 QA . 57.22 -18.23 27.96
CHC PEB RA . 35.79 -7.32 20.45
NC PEB RA . 37.09 -8.89 22.25
C1C PEB RA . 36.84 -9.32 23.61
C2C PEB RA . 35.58 -8.76 24.09
C3C PEB RA . 35.03 -7.97 23.00
C4C PEB RA . 35.97 -8.05 21.87
CMC PEB RA . 33.68 -7.14 23.02
CAC PEB RA . 34.95 -9.02 25.61
CBC PEB RA . 33.64 -9.95 25.52
CGC PEB RA . 34.01 -11.32 24.74
O1C PEB RA . 35.08 -12.03 25.09
O2C PEB RA . 33.24 -11.72 23.74
ND PEB RA . 33.77 -8.51 19.73
C1D PEB RA . 35.21 -8.31 19.47
C2D PEB RA . 35.24 -7.63 18.03
C3D PEB RA . 33.93 -7.21 17.72
C4D PEB RA . 32.99 -7.86 18.68
CMD PEB RA . 36.60 -7.28 17.25
CAD PEB RA . 33.53 -6.32 16.49
CBD PEB RA . 32.26 -6.51 15.87
OD PEB RA . 31.72 -7.85 18.63
NA PEB RA . 44.45 -10.82 22.92
C1A PEB RA . 45.88 -10.63 22.51
C2A PEB RA . 45.95 -10.27 20.94
C3A PEB RA . 44.46 -10.32 20.42
C4A PEB RA . 43.57 -10.60 21.74
CMA PEB RA . 46.63 -8.83 20.68
CBA PEB RA . 44.92 -10.89 17.93
OA PEB RA . 46.87 -10.73 23.27
CHA PEB RA . 42.14 -10.66 21.63
CAA PEB RA . 44.18 -11.38 19.27
NB PEB RA . 39.78 -10.27 22.84
C1B PEB RA . 41.12 -10.85 22.87
C2B PEB RA . 41.30 -11.60 24.15
C3B PEB RA . 40.06 -11.47 24.87
C4B PEB RA . 39.14 -10.64 24.08
CHB PEB RA . 37.79 -10.30 24.53
CMB PEB RA . 42.57 -12.45 24.70
CAB PEB RA . 39.72 -12.05 26.33
CBB PEB RA . 39.74 -10.76 27.28
CGB PEB RA . 39.69 -11.24 28.81
O1B PEB RA . 39.55 -10.32 29.76
O2B PEB RA . 39.79 -12.53 29.09
HHC1 PEB RA . 36.72 -6.99 20.11
HHC2 PEB RA . 35.15 -6.50 20.55
HNC PEB RA . 37.86 -9.11 21.71
HMC1 PEB RA . 33.86 -6.21 23.41
HMC2 PEB RA . 33.00 -7.63 23.62
HMC3 PEB RA . 33.31 -7.06 22.08
HAC1 PEB RA . 34.70 -8.11 26.03
HAC2 PEB RA . 35.66 -9.48 26.18
HBC1 PEB RA . 32.90 -9.45 25.01
HBC2 PEB RA . 33.32 -10.17 26.47
HND PEB RA . 33.41 -8.98 20.46
H1D1 PEB RA . 35.78 -9.14 19.61
HMD1 PEB RA . 36.73 -6.26 17.23
HMD2 PEB RA . 36.53 -7.64 16.28
HMD3 PEB RA . 37.39 -7.73 17.72
HAD1 PEB RA . 34.18 -5.60 16.12
HBD1 PEB RA . 31.62 -7.21 16.24
HBD2 PEB RA . 31.98 -5.92 15.06
HNA PEB RA . 44.16 -11.03 23.80
H2A1 PEB RA . 46.52 -10.96 20.45
H3A1 PEB RA . 44.21 -9.42 19.97
HMA1 PEB RA . 46.99 -8.80 19.74
HMA2 PEB RA . 47.39 -8.69 21.34
HMA3 PEB RA . 45.93 -8.10 20.79
HBA1 PEB RA . 44.76 -11.58 17.17
HBA2 PEB RA . 44.53 -9.96 17.64
HBA3 PEB RA . 45.93 -10.80 18.10
HHA1 PEB RA . 41.73 -10.57 20.69
HAA1 PEB RA . 43.18 -11.45 19.10
HHB1 PEB RA . 37.44 -10.66 25.42
HMB1 PEB RA . 42.23 -13.26 25.24
HMB2 PEB RA . 43.15 -11.84 25.30
HMB3 PEB RA . 43.14 -12.77 23.90
HAB1 PEB RA . 38.80 -12.49 26.34
HAB2 PEB RA . 40.42 -12.73 26.63
HBB1 PEB RA . 40.59 -10.23 27.11
HBB2 PEB RA . 38.93 -10.17 27.07
O2B KPX SA . 39.31 -8.31 -15.24
NB KPX SA . 40.13 -12.74 -12.44
ND KPX SA . 33.51 -13.40 -11.01
OD KPX SA . 31.25 -13.41 -10.42
C1A KPX SA . 45.69 -12.92 -10.65
C1B KPX SA . 41.41 -12.29 -12.10
C1C KPX SA . 37.51 -13.43 -13.86
C1D KPX SA . 34.70 -13.88 -10.41
C2A KPX SA . 45.53 -12.41 -9.23
C2B KPX SA . 41.98 -11.72 -13.26
C2C KPX SA . 36.37 -13.73 -14.58
C2D KPX SA . 34.20 -14.56 -9.13
C3A KPX SA . 44.02 -12.24 -9.01
C3B KPX SA . 41.06 -11.85 -14.28
C3C KPX SA . 35.44 -14.30 -13.71
C3D KPX SA . 32.88 -14.40 -9.02
C4A KPX SA . 43.41 -12.46 -10.42
C4B KPX SA . 39.92 -12.47 -13.78
C4C KPX SA . 36.01 -14.34 -12.46
C4D KPX SA . 32.41 -13.70 -10.19
CAA KPX SA . 43.69 -10.91 -8.36
CAB KPX SA . 41.29 -11.35 -15.76
CAC KPX SA . 36.18 -13.50 -16.07
CAD KPX SA . 31.99 -15.28 -8.12
CBA KPX SA . 42.26 -10.84 -7.93
CBB KPX SA . 41.11 -9.82 -15.89
CBC KPX SA . 35.01 -13.13 -16.59
CBD KPX SA . 30.70 -14.93 -7.85
CGB KPX SA . 39.62 -9.43 -15.77
CGC KPX SA . 34.89 -12.94 -18.10
CHA KPX SA . 42.03 -12.38 -10.68
CHB KPX SA . 38.78 -12.76 -14.50
CHC KPX SA . 35.35 -14.90 -11.20
CMA KPX SA . 46.20 -13.36 -8.19
CMB KPX SA . 43.37 -11.10 -13.37
CMC KPX SA . 34.05 -14.79 -14.07
CMD KPX SA . 35.10 -15.27 -8.08
NA KPX SA . 44.42 -12.95 -11.31
NC KPX SA . 37.31 -13.80 -12.56
O1B KPX SA . 38.72 -10.19 -16.22
O1C KPX SA . 35.86 -12.46 -18.77
O2C KPX SA . 33.82 -13.29 -18.68
OA KPX SA . 46.76 -13.28 -11.13
HND KPX SA . 33.46 -12.96 -11.82
H1D1 KPX SA . 35.40 -13.21 -10.33
H2A1 KPX SA . 45.98 -11.55 -9.10
H3A1 KPX SA . 43.65 -12.90 -8.40
HAA1 KPX SA . 44.26 -10.80 -7.58
HAB2 KPX SA . 42.19 -11.59 -16.05
HAB1 KPX SA . 40.64 -11.79 -16.34
HAC1 KPX SA . 36.96 -13.63 -16.66
HAD1 KPX SA . 32.36 -16.10 -7.73
HBA3 KPX SA . 41.96 -11.72 -7.65
HBA1 KPX SA . 41.71 -10.52 -8.68
HBA2 KPX SA . 42.18 -10.21 -7.18
HBB1 KPX SA . 41.63 -9.38 -15.18
HBB2 KPX SA . 41.46 -9.53 -16.75
HBC1 KPX SA . 34.23 -12.97 -16.01
HBD1 KPX SA . 30.33 -14.12 -8.23
HBD2 KPX SA . 30.16 -15.50 -7.27
HHA1 KPX SA . 41.41 -12.39 -9.92
HHB1 KPX SA . 38.77 -12.55 -15.46
HHC2 KPX SA . 34.68 -15.57 -11.47
HHC1 KPX SA . 36.03 -15.34 -10.65
HMA3 KPX SA . 46.27 -14.27 -8.57
HMA1 KPX SA . 45.64 -13.40 -7.37
HMA2 KPX SA . 47.09 -13.02 -7.96
HMB1 KPX SA . 43.33 -10.36 -14.01
HMB2 KPX SA . 44.00 -11.77 -13.69
HMB3 KPX SA . 43.65 -10.76 -12.50
HMC2 KPX SA . 33.82 -15.55 -13.50
HMC1 KPX SA . 34.04 -15.09 -15.01
HMC3 KPX SA . 33.41 -14.07 -13.94
HMD3 KPX SA . 35.88 -14.69 -7.89
HMD2 KPX SA . 35.41 -16.12 -8.45
HMD1 KPX SA . 34.59 -15.41 -7.25
HNA KPX SA . 44.29 -13.24 -12.17
HNC KPX SA . 37.91 -13.71 -11.86
NB KQ6 TA . 51.61 -15.75 6.08
ND KQ6 TA . 56.35 -16.21 10.68
OD KQ6 TA . 58.21 -15.85 12.22
C1A KQ6 TA . 49.39 -20.10 2.72
C1B KQ6 TA . 50.68 -16.31 5.09
C1C KQ6 TA . 53.70 -14.08 7.54
C1D KQ6 TA . 55.02 -16.86 10.81
C2A KQ6 TA . 48.30 -20.67 3.78
C2B KQ6 TA . 50.81 -15.58 3.83
C2C KQ6 TA . 54.49 -13.12 8.25
C2D KQ6 TA . 55.09 -17.58 12.22
C3A KQ6 TA . 48.18 -19.57 4.90
C3B KQ6 TA . 51.81 -14.54 4.02
C3C KQ6 TA . 54.70 -13.59 9.60
C3D KQ6 TA . 56.18 -17.07 12.93
C4A KQ6 TA . 49.40 -18.56 4.59
C4B KQ6 TA . 52.29 -14.67 5.41
C4C KQ6 TA . 54.00 -14.86 9.69
C4D KQ6 TA . 57.05 -16.31 11.96
CAA KQ6 TA . 48.31 -20.06 6.40
CAB KQ6 TA . 52.36 -13.48 2.98
CAC KQ6 TA . 54.98 -11.79 7.55
CAD KQ6 TA . 56.76 -17.66 14.31
CBA KQ6 TA . 49.84 -20.42 6.73
CBB KQ6 TA . 53.59 -14.18 2.24
CBC KQ6 TA . 54.75 -10.58 8.25
CBD KQ6 TA . 58.23 -18.18 14.07
CGB KQ6 TA . 54.80 -14.15 3.32
CGC KQ6 TA . 55.22 -9.27 7.55
CHA KQ6 TA . 49.72 -17.50 5.49
CHB KQ6 TA . 53.30 -13.83 5.99
CHC KQ6 TA . 53.95 -15.79 10.96
CMA KQ6 TA . 46.90 -21.03 3.15
CMB KQ6 TA . 49.98 -15.85 2.45
CMC KQ6 TA . 55.54 -12.83 10.72
CMD KQ6 TA . 53.85 -18.35 12.89
NA KQ6 TA . 50.02 -18.85 3.24
NC KQ6 TA . 53.39 -15.17 8.42
O1B KQ6 TA . 55.49 -15.27 3.55
O1C KQ6 TA . 55.34 -8.16 8.22
O2B KQ6 TA . 55.12 -13.01 3.93
O2C KQ6 TA . 55.48 -9.35 6.26
OA KQ6 TA . 49.67 -20.61 1.59
HND KQ6 TA . 56.69 -15.78 9.89
H1D1 KQ6 TA . 54.74 -17.43 10.00
H2A1 KQ6 TA . 48.65 -21.57 4.17
H3A1 KQ6 TA . 47.23 -19.16 4.83
HAA1 KQ6 TA . 47.99 -19.33 7.03
HAB1 KQ6 TA . 52.66 -12.63 3.46
HAB2 KQ6 TA . 51.63 -13.23 2.31
HAC1 KQ6 TA . 55.46 -11.80 6.62
HAD1 KQ6 TA . 56.16 -18.44 14.63
HBA1 KQ6 TA . 50.28 -20.85 5.91
HBA3 KQ6 TA . 49.87 -21.08 7.52
HBA2 KQ6 TA . 50.34 -19.56 6.98
HBB2 KQ6 TA . 53.85 -13.66 1.40
HBB1 KQ6 TA . 53.35 -15.14 1.99
HBC1 KQ6 TA . 54.30 -10.56 9.19
HBD1 KQ6 TA . 58.88 -17.40 14.13
HBD2 KQ6 TA . 58.30 -18.60 13.16
HBD3 KQ6 TA . 58.47 -18.88 14.78
HHA1 KQ6 TA . 49.30 -17.51 6.42
HHB1 KQ6 TA . 53.75 -13.08 5.43
HHC2 KQ6 TA . 53.03 -16.21 11.03
HHC1 KQ6 TA . 54.14 -15.23 11.80
HMA2 KQ6 TA . 47.01 -21.79 2.48
HMA1 KQ6 TA . 46.51 -20.20 2.68
HMA3 KQ6 TA . 46.26 -21.32 3.89
HMB3 KQ6 TA . 49.62 -14.97 2.10
HMB1 KQ6 TA . 49.22 -16.50 2.65
HMB2 KQ6 TA . 50.62 -16.26 1.76
HMC2 KQ6 TA . 54.92 -12.35 11.36
HMC1 KQ6 TA . 56.16 -12.15 10.29
HMC3 KQ6 TA . 56.10 -13.50 11.24
HMD1 KQ6 TA . 54.11 -18.66 13.83
HMD2 KQ6 TA . 53.60 -19.16 12.31
HMD3 KQ6 TA . 53.05 -17.72 12.95
HNA KQ6 TA . 50.69 -18.33 2.79
HNC KQ6 TA . 52.87 -15.95 8.21
CBB KP9 UA . 25.90 -29.50 -1.29
CBA KP9 UA . 31.18 -27.37 -8.41
CBC KP9 UA . 24.75 -22.08 0.08
NB KP9 UA . 27.07 -26.46 -4.65
ND KP9 UA . 23.17 -21.57 -5.80
OD KP9 UA . 21.23 -20.11 -5.98
C1A KP9 UA . 28.87 -31.39 -7.24
C1B KP9 UA . 27.86 -27.61 -4.92
C1C KP9 UA . 25.56 -24.20 -3.07
C1D KP9 UA . 24.39 -21.79 -6.62
C2A KP9 UA . 29.52 -30.75 -8.34
C2B KP9 UA . 27.91 -28.42 -3.72
C2C KP9 UA . 25.09 -23.08 -2.31
C2D KP9 UA . 24.23 -20.74 -7.80
C3A KP9 UA . 29.47 -29.34 -8.13
C3B KP9 UA . 27.14 -27.75 -2.73
C3C KP9 UA . 25.05 -21.94 -3.16
C3D KP9 UA . 23.02 -20.06 -7.66
C4A KP9 UA . 28.79 -29.10 -6.89
C4B KP9 UA . 26.61 -26.55 -3.30
C4C KP9 UA . 25.51 -22.37 -4.47
C4D KP9 UA . 22.34 -20.54 -6.42
CAA KP9 UA . 30.04 -28.22 -9.11
CAB KP9 UA . 26.88 -28.26 -1.24
CAC KP9 UA . 24.71 -23.19 -0.79
CAD KP9 UA . 22.36 -19.03 -8.67
CBD KP9 UA . 23.16 -18.19 -9.46
CGB KP9 UA . 24.62 -29.12 -2.15
CGC KP9 UA . 24.36 -22.36 1.57
CHA KP9 UA . 28.54 -27.83 -6.33
CHB KP9 UA . 25.70 -25.50 -2.56
CHC KP9 UA . 25.63 -21.48 -5.77
CMA KP9 UA . 30.18 -31.47 -9.59
CMB KP9 UA . 28.66 -29.79 -3.45
CMC KP9 UA . 24.61 -20.47 -2.76
CMD KP9 UA . 25.25 -20.63 -9.00
NA KP9 UA . 28.41 -30.37 -6.34
NC KP9 UA . 25.81 -23.77 -4.41
O1B KP9 UA . 24.54 -29.49 -3.42
O1C KP9 UA . 23.89 -21.40 2.33
O2B KP9 UA . 23.64 -28.44 -1.60
O2C KP9 UA . 24.53 -23.59 2.04
OA KP9 UA . 28.71 -32.64 -7.05
HBB2 KP9 UA . 25.61 -29.75 -0.34
HBB1 KP9 UA . 26.38 -30.30 -1.72
HBA3 KP9 UA . 30.75 -26.64 -7.84
HBA2 KP9 UA . 31.77 -26.93 -9.13
HBA1 KP9 UA . 31.75 -27.98 -7.83
HBC1 KP9 UA . 25.01 -21.15 -0.26
HNB KP9 UA . 26.88 -25.74 -5.25
HND KP9 UA . 22.96 -22.03 -4.98
H1D1 KP9 UA . 24.58 -22.75 -6.91
HAA1 KP9 UA . 30.44 -28.68 -9.94
HAB1 KP9 UA . 27.77 -28.53 -0.82
HAB2 KP9 UA . 26.46 -27.50 -0.69
HAC1 KP9 UA . 24.44 -24.10 -0.41
HAD1 KP9 UA . 21.33 -18.98 -8.74
HBD1 KP9 UA . 24.18 -18.24 -9.41
HBD2 KP9 UA . 22.71 -17.53 -10.11
HHA1 KP9 UA . 28.80 -27.00 -6.88
HHB1 KP9 UA . 25.23 -25.76 -1.68
HHC2 KP9 UA . 25.64 -20.48 -5.52
HHC1 KP9 UA . 26.48 -21.72 -6.29
HMA3 KP9 UA . 31.10 -31.07 -9.77
HMA2 KP9 UA . 29.59 -31.34 -10.42
HMA1 KP9 UA . 30.27 -32.48 -9.39
HMB2 KP9 UA . 29.45 -29.89 -4.10
HMB3 KP9 UA . 28.00 -30.58 -3.60
HMB1 KP9 UA . 29.00 -29.81 -2.49
HMC1 KP9 UA . 25.34 -20.03 -2.18
HMC3 KP9 UA . 23.72 -20.51 -2.24
HMC2 KP9 UA . 24.47 -19.91 -3.62
HMD1 KP9 UA . 25.82 -19.77 -8.90
HMD2 KP9 UA . 25.88 -21.44 -9.01
HMD3 KP9 UA . 24.74 -20.59 -9.89
HNA KP9 UA . 27.94 -30.51 -5.52
CHC PEB VA . -35.50 -0.44 -24.63
NC PEB VA . -35.42 -0.44 -27.35
C1C PEB VA . -36.26 0.01 -28.44
C2C PEB VA . -37.45 0.65 -27.86
C3C PEB VA . -37.35 0.58 -26.41
C4C PEB VA . -36.08 -0.11 -26.10
CMC PEB VA . -38.38 1.13 -25.36
CAC PEB VA . -38.68 1.31 -28.77
CBC PEB VA . -38.69 2.92 -28.65
CGC PEB VA . -37.23 3.51 -29.05
O1C PEB VA . -36.59 3.08 -30.14
O2C PEB VA . -36.65 4.43 -28.28
ND PEB VA . -35.27 1.89 -23.98
C1D PEB VA . -34.53 0.64 -24.23
C2D PEB VA . -33.89 0.31 -22.80
C3D PEB VA . -34.50 1.13 -21.84
C4D PEB VA . -35.27 2.20 -22.56
CMD PEB VA . -32.92 -0.94 -22.48
CAD PEB VA . -34.21 1.05 -20.30
CBD PEB VA . -34.26 2.21 -19.49
OD PEB VA . -35.82 3.21 -22.04
NA PEB VA . -31.38 -4.95 -31.97
C1A PEB VA . -30.48 -6.11 -32.23
C2A PEB VA . -29.51 -6.37 -30.97
C3A PEB VA . -29.85 -5.21 -29.94
C4A PEB VA . -31.08 -4.39 -30.61
CMA PEB VA . -29.68 -7.83 -30.30
CBA PEB VA . -27.58 -5.10 -28.68
OA PEB VA . -30.48 -6.79 -33.30
CHA PEB VA . -31.67 -3.24 -29.97
CAA PEB VA . -28.61 -4.28 -29.60
NB PEB VA . -33.85 -1.67 -29.66
C1B PEB VA . -32.91 -2.35 -30.55
C2B PEB VA . -33.29 -2.04 -31.96
C3B PEB VA . -34.46 -1.18 -31.90
C4B PEB VA . -34.81 -0.96 -30.48
CHB PEB VA . -35.94 -0.13 -30.04
CMB PEB VA . -32.59 -2.52 -33.34
CAB PEB VA . -35.28 -0.58 -33.15
CBB PEB VA . -36.65 -1.41 -33.23
CGB PEB VA . -37.39 -1.06 -34.60
O1B PEB VA . -37.84 0.18 -34.82
O2B PEB VA . -37.54 -2.02 -35.51
HHC1 PEB VA . -35.03 -1.35 -24.65
HHC2 PEB VA . -36.29 -0.46 -23.95
HNC PEB VA . -34.57 -0.89 -27.43
HMC1 PEB VA . -39.05 0.39 -25.13
HMC2 PEB VA . -38.88 1.93 -25.76
HMC3 PEB VA . -37.89 1.41 -24.51
HAC1 PEB VA . -39.58 0.95 -28.44
HAC2 PEB VA . -38.54 1.05 -29.76
HBC1 PEB VA . -38.91 3.18 -27.68
HBC2 PEB VA . -39.40 3.31 -29.29
HND PEB VA . -35.69 2.41 -24.65
H1D1 PEB VA . -33.86 0.65 -25.00
HMD1 PEB VA . -33.50 -1.77 -22.25
HMD2 PEB VA . -32.32 -0.71 -21.67
HMD3 PEB VA . -32.33 -1.14 -23.29
HAD1 PEB VA . -33.98 0.13 -19.86
HBD1 PEB VA . -34.49 3.10 -19.91
HBD2 PEB VA . -34.07 2.15 -18.47
HNA PEB VA . -32.04 -4.60 -32.57
H2A1 PEB VA . -28.53 -6.32 -31.27
H3A1 PEB VA . -30.13 -5.61 -29.03
HMA1 PEB VA . -28.90 -8.01 -29.68
HMA2 PEB VA . -29.70 -8.54 -31.03
HMA3 PEB VA . -30.55 -7.87 -29.78
HBA1 PEB VA . -26.80 -4.48 -28.39
HBA2 PEB VA . -28.07 -5.45 -27.83
HBA3 PEB VA . -27.21 -5.90 -29.21
HHA1 PEB VA . -31.27 -2.96 -29.06
HAA1 PEB VA . -28.93 -3.45 -29.08
HHB1 PEB VA . -36.54 0.35 -30.73
HMB1 PEB VA . -32.67 -1.77 -34.05
HMB2 PEB VA . -33.06 -3.37 -33.68
HMB3 PEB VA . -31.59 -2.72 -33.18
HAB1 PEB VA . -35.48 0.41 -32.99
HAB2 PEB VA . -34.75 -0.69 -34.01
HBB1 PEB VA . -36.44 -2.41 -33.19
HBB2 PEB VA . -37.25 -1.15 -32.44
O2B KPX WA . -9.49 -1.61 0.03
NB KPX WA . -8.17 0.18 -4.61
ND KPX WA . -11.66 5.96 -3.77
OD KPX WA . -13.02 7.77 -3.26
C1A KPX WA . -6.37 -4.13 -7.99
C1B KPX WA . -8.03 -1.14 -5.02
C1C KPX WA . -8.03 2.84 -3.05
C1D KPX WA . -11.25 5.32 -4.96
C2A KPX WA . -7.62 -4.41 -8.78
C2B KPX WA . -7.34 -1.84 -4.03
C2C KPX WA . -7.87 3.98 -2.28
C2D KPX WA . -11.89 6.18 -6.06
C3A KPX WA . -8.63 -3.34 -8.37
C3B KPX WA . -7.05 -0.95 -3.00
C3C KPX WA . -8.49 5.03 -2.95
C3D KPX WA . -12.64 7.14 -5.51
C4A KPX WA . -8.01 -2.74 -7.08
C4B KPX WA . -7.57 0.31 -3.37
C4C KPX WA . -9.04 4.54 -4.09
C4D KPX WA . -12.51 7.04 -4.08
CAA KPX WA . -10.03 -3.86 -8.20
CAB KPX WA . -6.28 -1.28 -1.66
CAC KPX WA . -7.12 4.00 -0.97
CAD KPX WA . -13.27 8.29 -6.31
CBA KPX WA . -11.04 -2.75 -8.26
CBB KPX WA . -7.21 -2.06 -0.71
CBC KPX WA . -7.53 4.75 0.07
CBD KPX WA . -14.24 9.08 -5.77
CGB KPX WA . -8.32 -1.15 -0.13
CGC KPX WA . -6.72 4.72 1.36
CHA KPX WA . -8.59 -1.66 -6.37
CHB KPX WA . -7.46 1.45 -2.62
CHC KPX WA . -9.82 5.37 -5.15
CMA KPX WA . -7.36 -4.41 -10.32
CMB KPX WA . -6.96 -3.32 -4.03
CMC KPX WA . -8.57 6.48 -2.47
CMD KPX WA . -11.73 5.93 -7.59
NA KPX WA . -6.63 -3.14 -7.00
NC KPX WA . -8.75 3.18 -4.18
O1B KPX WA . -8.07 0.06 0.17
O1C KPX WA . -6.87 5.62 2.24
O2C KPX WA . -5.88 3.78 1.54
OA KPX WA . -5.30 -4.69 -8.17
HND KPX WA . -11.42 5.71 -2.91
H1D1 KPX WA . -11.41 4.37 -4.98
H2A1 KPX WA . -7.99 -5.30 -8.58
H3A1 KPX WA . -8.73 -2.66 -9.05
HAA1 KPX WA . -10.21 -4.50 -8.92
HAB2 KPX WA . -5.50 -1.81 -1.86
HAB1 KPX WA . -6.00 -0.45 -1.24
HAC1 KPX WA . -6.31 3.44 -0.87
HAD1 KPX WA . -12.98 8.46 -7.24
HBA3 KPX WA . -10.57 -1.89 -8.37
HBA1 KPX WA . -11.57 -2.74 -7.43
HBA2 KPX WA . -11.64 -2.89 -9.03
HBB1 KPX WA . -7.63 -2.79 -1.21
HBB2 KPX WA . -6.68 -2.42 0.02
HBC1 KPX WA . -8.33 5.31 0.00
HBD1 KPX WA . -14.55 8.93 -4.86
HBD2 KPX WA . -14.63 9.82 -6.30
HHA1 KPX WA . -9.39 -1.24 -6.73
HHB1 KPX WA . -7.00 1.39 -1.75
HHC2 KPX WA . -9.52 6.30 -5.09
HHC1 KPX WA . -9.60 5.02 -6.03
HMA3 KPX WA . -6.78 -3.66 -10.55
HMA1 KPX WA . -8.22 -4.34 -10.80
HMA2 KPX WA . -6.91 -5.25 -10.57
HMB1 KPX WA . -7.05 -3.68 -3.12
HMB2 KPX WA . -6.04 -3.41 -4.32
HMB3 KPX WA . -7.55 -3.81 -4.63
HMC2 KPX WA . -8.51 7.08 -3.24
HMC1 KPX WA . -7.82 6.67 -1.86
HMC3 KPX WA . -9.41 6.63 -2.01
HMD3 KPX WA . -12.52 6.31 -8.05
HMD2 KPX WA . -11.67 4.97 -7.75
HMD1 KPX WA . -10.91 6.38 -7.90
HNA KPX WA . -6.01 -2.82 -6.39
HNC KPX WA . -8.98 2.62 -4.86
NB KQ6 XA . -13.49 -7.79 -25.04
ND KQ6 XA . -14.56 -11.19 -30.83
OD KQ6 XA . -14.77 -12.42 -32.93
C1A KQ6 XA . -9.75 -3.20 -24.21
C1B KQ6 XA . -12.94 -6.64 -24.31
C1C KQ6 XA . -14.51 -10.61 -25.97
C1D KQ6 XA . -14.93 -9.82 -30.39
C2A KQ6 XA . -10.65 -2.04 -24.91
C2B KQ6 XA . -12.38 -7.13 -23.03
C2C KQ6 XA . -15.04 -11.91 -26.28
C2D KQ6 XA . -15.44 -9.13 -31.73
C3A KQ6 XA . -12.13 -2.62 -24.94
C3B KQ6 XA . -12.59 -8.57 -22.99
C3C KQ6 XA . -15.70 -11.84 -27.57
C3D KQ6 XA . -15.60 -10.11 -32.73
C4A KQ6 XA . -11.93 -4.21 -24.67
C4B KQ6 XA . -13.28 -8.96 -24.24
C4C KQ6 XA . -15.55 -10.46 -28.04
C4D KQ6 XA . -14.95 -11.37 -32.24
CAA KQ6 XA . -12.95 -2.39 -26.29
CAB KQ6 XA . -12.19 -9.57 -21.82
CAC KQ6 XA . -14.89 -13.17 -25.30
CAD KQ6 XA . -16.19 -9.86 -34.20
CBA KQ6 XA . -12.38 -3.36 -27.44
CBB KQ6 XA . -10.67 -10.08 -21.99
CBC KQ6 XA . -16.03 -13.95 -24.96
CBD KQ6 XA . -15.03 -10.07 -35.27
CGB KQ6 XA . -10.61 -11.17 -23.20
CGC KQ6 XA . -15.80 -15.16 -23.99
CHA KQ6 XA . -12.99 -5.15 -24.86
CHB KQ6 XA . -13.68 -10.32 -24.58
CHC KQ6 XA . -16.10 -9.87 -29.40
CMA KQ6 XA . -10.55 -0.65 -24.17
CMB KQ6 XA . -11.67 -6.25 -21.86
CMC KQ6 XA . -16.43 -13.06 -28.29
CMD KQ6 XA . -15.83 -7.57 -31.85
NA KQ6 XA . -10.55 -4.46 -24.11
NC KQ6 XA . -14.81 -9.70 -27.05
O1B KQ6 XA . -9.57 -11.15 -24.04
O1C KQ6 XA . -14.66 -15.19 -23.32
O2B KQ6 XA . -11.59 -12.05 -23.35
O2C KQ6 XA . -16.71 -16.09 -23.85
OA KQ6 XA . -8.55 -3.08 -23.81
HND KQ6 XA . -14.12 -11.85 -30.29
H1D1 KQ6 XA . -14.22 -9.32 -29.86
H2A1 KQ6 XA . -10.31 -1.86 -25.86
H3A1 KQ6 XA . -12.68 -2.12 -24.23
HAA1 KQ6 XA . -13.92 -2.61 -26.12
HAB1 KQ6 XA . -12.81 -10.37 -21.84
HAB2 KQ6 XA . -12.27 -9.09 -20.93
HAC1 KQ6 XA . -13.95 -13.42 -24.92
HAD1 KQ6 XA . -16.56 -8.90 -34.28
HBA1 KQ6 XA . -11.38 -3.52 -27.29
HBA3 KQ6 XA . -12.51 -2.90 -28.36
HBA2 KQ6 XA . -12.88 -4.25 -27.42
HBB2 KQ6 XA . -10.36 -10.51 -21.11
HBB1 KQ6 XA . -10.06 -9.29 -22.21
HBC1 KQ6 XA . -16.97 -13.73 -25.34
HBD1 KQ6 XA . -15.14 -10.97 -35.72
HBD2 KQ6 XA . -14.13 -10.04 -34.80
HBD3 KQ6 XA . -15.08 -9.33 -35.97
HHA1 KQ6 XA . -13.83 -4.84 -25.36
HHB1 KQ6 XA . -13.43 -11.10 -23.96
HHC2 KQ6 XA . -16.48 -8.93 -29.25
HHC1 KQ6 XA . -16.84 -10.48 -29.77
HMA2 KQ6 XA . -11.34 -0.55 -23.52
HMA1 KQ6 XA . -10.58 0.10 -24.86
HMA3 KQ6 XA . -9.66 -0.60 -23.65
HMB3 KQ6 XA . -11.74 -5.26 -22.08
HMB1 KQ6 XA . -10.67 -6.52 -21.80
HMB2 KQ6 XA . -12.13 -6.43 -20.96
HMC2 KQ6 XA . -16.95 -12.71 -29.09
HMC1 KQ6 XA . -17.08 -13.51 -27.64
HMC3 KQ6 XA . -15.74 -13.74 -28.59
HMD1 KQ6 XA . -16.67 -7.38 -31.30
HMD2 KQ6 XA . -15.98 -7.33 -32.83
HMD3 KQ6 XA . -15.06 -7.00 -31.47
HNA KQ6 XA . -10.23 -5.30 -23.74
HNC KQ6 XA . -14.57 -8.78 -27.12
C1 GOL YA . -12.22 6.40 -24.25
O1 GOL YA . -12.88 7.35 -25.06
C2 GOL YA . -10.91 5.95 -24.98
O2 GOL YA . -9.91 5.59 -24.08
C3 GOL YA . -11.34 4.74 -25.83
O3 GOL YA . -11.56 3.68 -24.92
H11 GOL YA . -12.76 5.62 -24.07
H12 GOL YA . -11.98 6.76 -23.38
HO1 GOL YA . -12.45 8.09 -24.98
H2 GOL YA . -10.57 6.67 -25.52
HO2 GOL YA . -9.64 4.81 -24.29
H31 GOL YA . -10.66 4.56 -26.49
H32 GOL YA . -12.14 4.98 -26.34
HO3 GOL YA . -12.19 3.20 -25.23
CBB KP9 ZA . -12.92 21.89 -16.71
CBA KP9 ZA . -6.90 16.61 -12.59
CBC KP9 ZA . -18.37 18.23 -13.35
NB KP9 ZA . -11.74 19.22 -13.16
ND KP9 ZA . -15.19 18.94 -7.93
OD KP9 ZA . -16.48 19.55 -5.98
C1A KP9 ZA . -6.42 20.74 -14.92
C1B KP9 ZA . -10.58 19.24 -13.96
C1C KP9 ZA . -14.77 18.95 -12.38
C1D KP9 ZA . -14.05 18.01 -8.18
C2A KP9 ZA . -5.70 19.88 -13.99
C2B KP9 ZA . -10.96 19.67 -15.30
C2C KP9 ZA . -16.15 18.65 -12.13
C2D KP9 ZA . -13.74 17.40 -6.76
C3A KP9 ZA . -6.65 19.10 -13.30
C3B KP9 ZA . -12.36 19.88 -15.29
C3C KP9 ZA . -16.24 17.90 -10.93
C3D KP9 ZA . -14.66 17.88 -5.84
C4A KP9 ZA . -7.96 19.45 -13.78
C4B KP9 ZA . -12.85 19.60 -13.97
C4C KP9 ZA . -14.90 17.71 -10.45
C4D KP9 ZA . -15.55 18.87 -6.52
CAA KP9 ZA . -6.34 18.03 -12.17
CAB KP9 ZA . -13.25 20.36 -16.49
CAC KP9 ZA . -17.35 19.14 -13.01
CAD KP9 ZA . -14.74 17.40 -4.33
CBD KP9 ZA . -15.25 18.27 -3.35
CGB KP9 ZA . -13.11 22.75 -15.38
CGC KP9 ZA . -19.54 18.79 -14.23
CHA KP9 ZA . -9.17 18.87 -13.36
CHB KP9 ZA . -14.34 19.70 -13.50
CHC KP9 ZA . -14.50 16.92 -9.15
CMA KP9 ZA . -4.13 19.85 -13.76
CMB KP9 ZA . -10.08 19.87 -16.61
CMC KP9 ZA . -17.55 17.34 -10.24
CMD KP9 ZA . -12.61 16.32 -6.47
NA KP9 ZA . -7.80 20.46 -14.79
NC KP9 ZA . -14.00 18.37 -11.35
O1B KP9 ZA . -12.08 23.16 -14.68
O1C KP9 ZA . -20.70 18.16 -14.25
O2B KP9 ZA . -14.31 23.08 -14.95
O2C KP9 ZA . -19.33 19.92 -14.90
OA KP9 ZA . -5.93 21.60 -15.73
HBB2 KP9 ZA . -11.95 21.99 -17.02
HBB1 KP9 ZA . -13.55 22.27 -17.43
HBA3 KP9 ZA . -7.56 16.27 -11.87
HBA2 KP9 ZA . -6.13 15.94 -12.69
HBA1 KP9 ZA . -7.40 16.69 -13.49
HBC1 KP9 ZA . -18.35 17.25 -13.05
HNB KP9 ZA . -11.79 18.97 -12.24
HND KP9 ZA . -15.60 19.49 -8.58
H1D1 KP9 ZA . -13.24 18.41 -8.67
HAA1 KP9 ZA . -5.32 17.96 -12.05
HAB1 KP9 ZA . -13.01 19.82 -17.34
HAB2 KP9 ZA . -14.24 20.24 -16.28
HAC1 KP9 ZA . -17.40 20.11 -13.35
HAD1 KP9 ZA . -14.42 16.46 -4.05
HBD1 KP9 ZA . -15.57 19.21 -3.62
HBD2 KP9 ZA . -15.31 17.98 -2.36
HHA1 KP9 ZA . -9.13 18.16 -12.63
HHB1 KP9 ZA . -14.99 20.31 -13.99
HHC2 KP9 ZA . -15.30 16.41 -8.77
HHC1 KP9 ZA . -13.73 16.27 -9.34
HMA3 KP9 ZA . -3.78 18.90 -14.00
HMA2 KP9 ZA . -3.92 20.06 -12.78
HMA1 KP9 ZA . -3.69 20.54 -14.37
HMB2 KP9 ZA . -10.58 19.50 -17.42
HMB3 KP9 ZA . -9.18 19.36 -16.50
HMB1 KP9 ZA . -9.88 20.87 -16.74
HMC1 KP9 ZA . -18.29 17.22 -10.94
HMC3 KP9 ZA . -17.87 18.00 -9.52
HMC2 KP9 ZA . -17.35 16.43 -9.79
HMD1 KP9 ZA . -12.09 16.60 -5.62
HMD2 KP9 ZA . -11.96 16.29 -7.27
HMD3 KP9 ZA . -13.04 15.40 -6.34
HNA KP9 ZA . -8.51 20.87 -15.28
C1 GOL AB . -13.65 -1.43 -30.95
O1 GOL AB . -13.02 -1.09 -32.15
C2 GOL AB . -14.75 -2.51 -31.23
O2 GOL AB . -15.63 -2.09 -32.20
C3 GOL AB . -14.00 -3.79 -31.67
O3 GOL AB . -13.35 -4.30 -30.57
H11 GOL AB . -14.06 -0.68 -30.51
H12 GOL AB . -13.02 -1.80 -30.30
HO1 GOL AB . -12.89 -0.25 -32.12
H2 GOL AB . -15.26 -2.66 -30.42
HO2 GOL AB . -15.21 -1.62 -32.76
H31 GOL AB . -13.41 -3.56 -32.41
H32 GOL AB . -14.66 -4.40 -32.05
HO3 GOL AB . -12.55 -3.99 -30.60
CHC PEB BB . -6.98 20.60 -40.45
NC PEB BB . -8.12 21.63 -38.23
C1C PEB BB . -8.84 22.84 -37.88
C2C PEB BB . -8.96 23.68 -39.08
C3C PEB BB . -8.30 22.99 -40.18
C4C PEB BB . -7.78 21.72 -39.64
CMC PEB BB . -8.16 23.51 -41.65
CAC PEB BB . -9.71 25.15 -39.07
CBC PEB BB . -11.13 25.02 -39.81
CGC PEB BB . -11.97 23.77 -39.19
O1C PEB BB . -12.29 23.73 -37.90
O2C PEB BB . -12.34 22.78 -40.00
ND PEB BB . -8.77 20.04 -42.04
C1D PEB BB . -7.95 19.54 -40.91
C2D PEB BB . -7.09 18.35 -41.56
C3D PEB BB . -7.32 18.33 -42.94
C4D PEB BB . -8.39 19.33 -43.27
CMD PEB BB . -5.87 17.60 -40.84
CAD PEB BB . -6.48 17.49 -43.96
CBD PEB BB . -7.00 17.22 -45.26
OD PEB BB . -8.91 19.52 -44.41
NA PEB BB . -6.64 20.45 -30.89
C1A PEB BB . -5.74 19.91 -29.82
C2A PEB BB . -5.01 18.57 -30.33
C3A PEB BB . -5.63 18.29 -31.76
C4A PEB BB . -6.55 19.58 -32.08
CMA PEB BB . -3.41 18.69 -30.35
CBA PEB BB . -5.38 15.71 -31.87
OA PEB BB . -5.59 20.44 -28.69
CHA PEB BB . -7.26 19.71 -33.32
CAA PEB BB . -6.43 16.92 -31.87
NB PEB BB . -8.22 21.39 -35.16
C1B PEB BB . -8.16 21.00 -33.76
C2B PEB BB . -9.01 21.93 -32.96
C3B PEB BB . -9.59 22.87 -33.89
C4B PEB BB . -9.10 22.54 -35.24
CHB PEB BB . -9.46 23.28 -36.44
CMB PEB BB . -9.31 21.95 -31.38
CAB PEB BB . -10.57 24.12 -33.57
CBB PEB BB . -9.68 25.41 -33.84
CGB PEB BB . -10.31 26.65 -33.05
O1B PEB BB . -9.60 27.78 -32.89
O2B PEB BB . -11.55 26.56 -32.58
HHC1 PEB BB . -6.26 20.17 -39.83
HHC2 PEB BB . -6.51 21.03 -41.27
HNC PEB BB . -7.90 20.91 -37.63
HMC1 PEB BB . -7.40 24.20 -41.71
HMC2 PEB BB . -9.05 23.94 -41.96
HMC3 PEB BB . -7.94 22.71 -42.27
HAC1 PEB BB . -9.13 25.84 -39.56
HAC2 PEB BB . -9.86 25.46 -38.10
HBC1 PEB BB . -10.98 24.86 -40.82
HBC2 PEB BB . -11.66 25.89 -39.68
HND PEB BB . -9.43 20.72 -41.98
H1D1 PEB BB . -8.48 19.32 -40.07
HMD1 PEB BB . -4.97 17.94 -41.24
HMD2 PEB BB . -5.95 16.59 -40.99
HMD3 PEB BB . -5.89 17.81 -39.82
HAD1 PEB BB . -5.56 17.12 -43.69
HBD1 PEB BB . -7.91 17.57 -45.53
HBD2 PEB BB . -6.44 16.66 -45.93
HNA PEB BB . -7.17 21.24 -30.82
H2A1 PEB BB . -5.21 17.80 -29.68
H3A1 PEB BB . -4.88 18.17 -32.45
HMA1 PEB BB . -3.00 17.76 -30.30
HMA2 PEB BB . -3.09 19.24 -29.56
HMA3 PEB BB . -3.11 19.14 -31.22
HBA1 PEB BB . -5.88 14.82 -32.08
HBA2 PEB BB . -4.66 15.89 -32.58
HBA3 PEB BB . -4.94 15.65 -30.93
HHA1 PEB BB . -7.21 18.93 -33.99
HAA1 PEB BB . -6.98 16.89 -32.74
HHB1 PEB BB . -10.11 24.08 -36.38
HMB1 PEB BB . -10.28 22.24 -31.21
HMB2 PEB BB . -8.68 22.63 -30.92
HMB3 PEB BB . -9.15 21.02 -30.98
HAB1 PEB BB . -11.38 24.09 -34.19
HAB2 PEB BB . -10.87 24.08 -32.59
HBB1 PEB BB . -8.72 25.25 -33.51
HBB2 PEB BB . -9.67 25.61 -34.85
O2B KPX CB . 0.71 -13.55 -47.20
NB KPX CB . -2.78 -12.57 -43.84
ND KPX CB . -6.70 -10.29 -48.89
OD KPX CB . -7.87 -9.48 -50.73
C1A KPX CB . -0.81 -11.83 -38.36
C1B KPX CB . -1.87 -12.36 -42.80
C1C KPX CB . -4.29 -13.65 -46.29
C1D KPX CB . -6.79 -10.08 -47.49
C2A KPX CB . -0.91 -10.31 -38.28
C2B KPX CB . -0.91 -13.37 -42.84
C2C KPX CB . -4.87 -14.20 -47.42
C2D KPX CB . -7.95 -9.08 -47.35
C3A KPX CB . -1.38 -9.85 -39.65
C3B KPX CB . -1.23 -14.19 -43.91
C3C KPX CB . -5.99 -13.43 -47.75
C3D KPX CB . -8.43 -8.79 -48.55
C4A KPX CB . -1.49 -11.15 -40.50
C4B KPX CB . -2.39 -13.68 -44.52
C4C KPX CB . -6.08 -12.39 -46.84
C4D KPX CB . -7.69 -9.52 -49.54
CAA KPX CB . -0.47 -8.81 -40.27
CAB KPX CB . -0.44 -15.48 -44.38
CAC KPX CB . -4.32 -15.46 -48.07
CAD KPX CB . -9.74 -8.01 -48.81
CBA KPX CB . -1.21 -7.88 -41.18
CBB KPX CB . 0.74 -15.06 -45.28
CBC KPX CB . -4.71 -15.92 -49.27
CBD KPX CB . -9.97 -7.43 -50.04
CGB KPX CB . 0.24 -14.60 -46.67
CGC KPX CB . -4.06 -17.22 -49.78
CHA KPX CB . -1.99 -11.17 -41.82
CHB KPX CB . -3.01 -14.25 -45.62
CHC KPX CB . -7.16 -11.30 -46.80
CMA KPX CB . -1.84 -9.85 -37.13
CMB KPX CB . 0.29 -13.56 -41.92
CMC KPX CB . -6.97 -13.66 -48.91
CMD KPX CB . -8.51 -8.53 -46.01
NA KPX CB . -1.15 -12.29 -39.67
NC KPX CB . -5.01 -12.53 -45.93
O1B KPX CB . -0.65 -15.26 -47.29
O1C KPX CB . -2.95 -17.57 -49.31
O2C KPX CB . -4.66 -17.92 -50.64
OA KPX CB . -0.47 -12.54 -37.44
HND KPX CB . -6.11 -10.84 -49.31
H1D1 KPX CB . -5.95 -9.85 -47.06
H2A1 KPX CB . -0.04 -9.91 -38.08
H3A1 KPX CB . -2.24 -9.42 -39.61
HAA1 KPX CB . -0.07 -8.29 -39.54
HAB2 KPX CB . -0.10 -15.94 -43.60
HAB1 KPX CB . -1.04 -16.06 -44.87
HAC1 KPX CB . -3.64 -15.97 -47.58
HAD1 KPX CB . -10.41 -7.92 -48.10
HBA3 KPX CB . -1.89 -8.38 -41.68
HBA1 KPX CB . -0.58 -7.47 -41.81
HBA2 KPX CB . -1.65 -7.18 -40.64
HBB1 KPX CB . 1.23 -14.33 -44.86
HBB2 KPX CB . 1.34 -15.82 -45.39
HBC1 KPX CB . -5.38 -15.46 -49.81
HBD1 KPX CB . -9.30 -7.52 -50.75
HBD2 KPX CB . -10.81 -6.94 -50.20
HHA1 KPX CB . -2.45 -10.36 -42.14
HHB1 KPX CB . -2.62 -15.06 -45.99
HHC2 KPX CB . -7.96 -11.66 -47.22
HHC1 KPX CB . -7.35 -11.08 -45.87
HMA3 KPX CB . -2.72 -10.30 -37.21
HMA1 KPX CB . -1.96 -8.87 -37.16
HMA2 KPX CB . -1.43 -10.09 -36.26
HMB1 KPX CB . 1.05 -13.92 -42.43
HMB2 KPX CB . 0.06 -14.20 -41.21
HMB3 KPX CB . 0.54 -12.70 -41.52
HMC2 KPX CB . -7.75 -13.06 -48.80
HMC1 KPX CB . -7.26 -14.58 -48.90
HMC3 KPX CB . -6.52 -13.45 -49.76
HMD3 KPX CB . -7.77 -8.17 -45.46
HMD2 KPX CB . -8.96 -9.25 -45.51
HMD1 KPX CB . -9.16 -7.81 -46.20
HNA KPX CB . -1.15 -13.16 -39.94
HNC KPX CB . -4.83 -11.98 -45.22
NB KQ6 DB . -4.16 1.94 -27.39
ND KQ6 DB . -3.43 5.42 -21.76
OD KQ6 DB . -2.60 6.54 -19.77
C1A KQ6 DB . -8.19 -2.26 -28.57
C1B KQ6 DB . -4.83 0.96 -28.25
C1C KQ6 DB . -2.12 3.58 -25.74
C1D KQ6 DB . -4.64 5.58 -22.61
C2A KQ6 DB . -9.40 -1.27 -29.01
C2B KQ6 DB . -3.85 -0.02 -28.74
C2C KQ6 DB . -1.07 4.41 -25.21
C2D KQ6 DB . -5.53 6.62 -21.81
C3A KQ6 DB . -8.76 0.15 -29.21
C3B KQ6 DB . -2.56 0.36 -28.17
C3C KQ6 DB . -1.67 5.50 -24.49
C3D KQ6 DB . -4.76 7.19 -20.79
C4A KQ6 DB . -7.23 -0.03 -28.71
C4B KQ6 DB . -2.78 1.56 -27.35
C4C KQ6 DB . -3.11 5.31 -24.57
C4D KQ6 DB . -3.49 6.40 -20.67
CAA KQ6 DB . -9.42 1.39 -28.46
CAB KQ6 DB . -1.18 -0.38 -28.39
CAC KQ6 DB . 0.45 4.06 -25.52
CAD KQ6 DB . -5.28 8.27 -19.73
CBA KQ6 DB . -9.08 1.32 -26.88
CBB KQ6 DB . -0.85 -1.40 -27.20
CBC KQ6 DB . 1.31 5.13 -25.84
CBD KQ6 DB . -5.08 7.72 -18.26
CGB KQ6 DB . -0.51 -0.51 -25.89
CGC KQ6 DB . 2.79 4.77 -26.19
CHA KQ6 DB . -6.38 1.10 -28.54
CHB KQ6 DB . -1.76 2.25 -26.60
CHC KQ6 DB . -4.23 6.22 -23.92
CMA KQ6 DB . -10.17 -1.73 -30.32
CMB KQ6 DB . -4.09 -1.29 -29.72
CMC KQ6 DB . -0.87 6.67 -23.75
CMD KQ6 DB . -6.82 7.32 -22.47
NA KQ6 DB . -6.94 -1.47 -28.39
NC KQ6 DB . -3.39 4.12 -25.34
O1B KQ6 DB . -1.38 -0.50 -24.87
O1C KQ6 DB . 3.66 5.74 -26.30
O2B KQ6 DB . 0.60 0.20 -25.85
O2C KQ6 DB . 3.11 3.51 -26.36
OA KQ6 DB . -8.26 -3.52 -28.38
HND KQ6 DB . -2.73 4.80 -21.91
H1D1 KQ6 DB . -5.12 4.70 -22.89
H2A1 KQ6 DB . -10.12 -1.27 -28.27
H3A1 KQ6 DB . -8.87 0.39 -30.22
HAA1 KQ6 DB . -9.05 2.25 -28.85
HAB1 KQ6 DB . -0.43 0.33 -28.42
HAB2 KQ6 DB . -1.20 -0.88 -29.28
HAC1 KQ6 DB . 0.79 3.07 -25.49
HAD1 KQ6 DB . -6.27 8.46 -19.89
HBA1 KQ6 DB . -8.99 0.35 -26.59
HBA3 KQ6 DB . -9.83 1.79 -26.35
HBA2 KQ6 DB . -8.18 1.82 -26.71
HBB2 KQ6 DB . -0.06 -2.00 -27.44
HBB1 KQ6 DB . -1.67 -1.99 -27.02
HBC1 KQ6 DB . 0.98 6.11 -25.86
HBD1 KQ6 DB . -4.53 8.38 -17.71
HBD2 KQ6 DB . -4.60 6.82 -18.30
HBD3 KQ6 DB . -5.99 7.59 -17.82
HHA1 KQ6 DB . -6.79 2.03 -28.61
HHB1 KQ6 DB . -0.79 1.90 -26.61
HHC2 KQ6 DB . -5.02 6.28 -24.56
HHC1 KQ6 DB . -3.85 7.15 -23.76
HMA2 KQ6 DB . -9.50 -2.03 -31.03
HMA1 KQ6 DB . -10.74 -0.96 -30.68
HMA3 KQ6 DB . -10.79 -2.52 -30.09
HMB3 KQ6 DB . -3.44 -1.25 -30.50
HMB1 KQ6 DB . -5.05 -1.26 -30.08
HMB2 KQ6 DB . -3.96 -2.16 -29.20
HMC2 KQ6 DB . -1.09 7.56 -24.19
HMC1 KQ6 DB . 0.13 6.49 -23.81
HMC3 KQ6 DB . -1.15 6.70 -22.77
HMD1 KQ6 DB . -7.20 8.02 -21.82
HMD2 KQ6 DB . -7.54 6.60 -22.65
HMD3 KQ6 DB . -6.56 7.77 -23.34
HNA KQ6 DB . -6.08 -1.83 -28.11
HNC KQ6 DB . -4.25 3.76 -25.53
CBB KP9 EB . -26.23 -5.11 -46.64
CBA KP9 EB . -20.33 -11.83 -44.78
CBC KP9 EB . -20.48 -1.26 -50.03
NB KP9 EB . -22.29 -7.42 -47.69
ND KP9 EB . -19.60 -6.32 -53.47
OD KP9 EB . -19.13 -5.83 -55.81
C1A KP9 EB . -25.07 -11.84 -44.97
C1B KP9 EB . -22.87 -8.18 -46.62
C1C KP9 EB . -21.39 -4.99 -49.47
C1D KP9 EB . -19.09 -7.33 -52.50
C2A KP9 EB . -23.94 -12.73 -44.97
C2B KP9 EB . -23.83 -7.33 -45.93
C2C KP9 EB . -20.77 -3.84 -50.06
C2D KP9 EB . -18.01 -8.14 -53.34
C3A KP9 EB . -22.83 -12.01 -45.48
C3B KP9 EB . -23.84 -6.07 -46.59
C3C KP9 EB . -19.63 -4.27 -50.79
C3D KP9 EB . -17.96 -7.64 -54.64
C4A KP9 EB . -23.25 -10.67 -45.80
C4B KP9 EB . -22.88 -6.12 -47.67
C4C KP9 EB . -19.55 -5.70 -50.65
C4D KP9 EB . -18.94 -6.51 -54.75
CAA KP9 EB . -21.37 -12.60 -45.69
CAB KP9 EB . -24.73 -4.83 -46.22
CAC KP9 EB . -21.33 -2.37 -49.89
CAD KP9 EB . -17.08 -8.17 -55.85
CBD KP9 EB . -15.79 -8.72 -55.63
CGB KP9 EB . -26.28 -5.55 -48.17
CGC KP9 EB . -21.16 0.15 -49.81
CHA KP9 EB . -22.42 -9.67 -46.34
CHB KP9 EB . -22.56 -4.95 -48.67
CHC KP9 EB . -18.45 -6.64 -51.29
CMA KP9 EB . -23.92 -14.25 -44.50
CMB KP9 EB . -24.75 -7.68 -44.68
CMC KP9 EB . -18.63 -3.36 -51.63
CMD KP9 EB . -17.18 -9.36 -52.75
NA KP9 EB . -24.64 -10.58 -45.49
NC KP9 EB . -20.62 -6.14 -49.83
O1B KP9 EB . -26.34 -6.82 -48.52
O1C KP9 EB . -20.62 1.23 -50.36
O2B KP9 EB . -26.25 -4.63 -49.11
O2C KP9 EB . -22.26 0.22 -49.08
OA KP9 EB . -26.24 -12.11 -44.58
HBB2 KP9 EB . -26.80 -4.26 -46.52
HBB1 KP9 EB . -26.62 -5.87 -46.07
HBA3 KP9 EB . -19.44 -12.34 -44.76
HBA2 KP9 EB . -20.17 -10.89 -45.16
HBA1 KP9 EB . -20.71 -11.75 -43.82
HBC1 KP9 EB . -19.49 -1.36 -50.24
HNB KP9 EB . -21.62 -7.72 -48.29
HND KP9 EB . -20.26 -5.66 -53.28
H1D1 KP9 EB . -19.81 -7.90 -52.04
HAA1 KP9 EB . -21.36 -13.60 -45.44
HAB1 KP9 EB . -24.69 -4.67 -45.20
HAB2 KP9 EB . -24.39 -3.99 -46.71
HAC1 KP9 EB . -22.32 -2.24 -49.68
HAD1 KP9 EB . -17.44 -8.11 -56.81
HBD1 KP9 EB . -15.42 -8.79 -54.68
HBD2 KP9 EB . -15.24 -9.05 -56.43
HHA1 KP9 EB . -21.45 -9.92 -46.57
HHB1 KP9 EB . -23.19 -4.14 -48.74
HHC2 KP9 EB . -17.64 -6.09 -51.60
HHC1 KP9 EB . -18.13 -7.34 -50.62
HMA3 KP9 EB . -23.13 -14.40 -43.86
HMA2 KP9 EB . -23.83 -14.87 -45.32
HMA1 KP9 EB . -24.80 -14.46 -44.00
HMB2 KP9 EB . -24.32 -8.45 -44.14
HMB3 KP9 EB . -25.68 -7.97 -45.01
HMB1 KP9 EB . -24.83 -6.85 -44.08
HMC1 KP9 EB . -19.17 -2.64 -52.15
HMC3 KP9 EB . -18.12 -3.94 -52.30
HMC2 KP9 EB . -17.98 -2.89 -50.99
HMD1 KP9 EB . -16.21 -9.05 -52.56
HMD2 KP9 EB . -17.61 -9.69 -51.89
HMD3 KP9 EB . -17.16 -10.12 -53.45
HNA KP9 EB . -25.19 -9.80 -45.60
#